data_1Y4E
#
_entry.id   1Y4E
#
_entity_poly.entity_id   1
_entity_poly.type   'polypeptide(L)'
_entity_poly.pdbx_seq_one_letter_code
;FLQSDVFFLFLLPPIILDAGYFLPLR(HSL)
;
_entity_poly.pdbx_strand_id   A
#
# COMPACT_ATOMS: atom_id res chain seq x y z
N PHE A 1 8.98 8.64 -13.60
CA PHE A 1 8.88 9.90 -12.84
C PHE A 1 9.64 9.80 -11.51
N LEU A 2 9.72 10.92 -10.80
CA LEU A 2 10.41 10.96 -9.51
C LEU A 2 10.04 12.23 -8.74
N GLN A 3 9.11 12.10 -7.80
CA GLN A 3 8.69 13.24 -7.00
C GLN A 3 7.75 12.81 -5.86
N SER A 4 6.97 11.75 -6.11
CA SER A 4 6.05 11.25 -5.11
C SER A 4 6.79 10.53 -3.99
N ASP A 5 7.65 11.27 -3.30
CA ASP A 5 8.45 10.71 -2.20
C ASP A 5 9.55 9.80 -2.74
N VAL A 6 9.16 8.76 -3.46
CA VAL A 6 10.11 7.80 -4.04
C VAL A 6 10.43 6.67 -3.06
N PHE A 7 10.69 7.04 -1.81
CA PHE A 7 11.01 6.05 -0.78
C PHE A 7 9.80 5.19 -0.45
N PHE A 8 8.61 5.78 -0.62
CA PHE A 8 7.36 5.08 -0.35
C PHE A 8 7.14 3.97 -1.37
N LEU A 9 7.07 4.35 -2.64
CA LEU A 9 6.89 3.40 -3.72
C LEU A 9 8.12 2.51 -3.86
N PHE A 10 9.13 2.82 -3.06
CA PHE A 10 10.39 2.11 -3.06
C PHE A 10 10.25 0.77 -2.33
N LEU A 11 10.12 0.82 -1.01
CA LEU A 11 9.98 -0.38 -0.21
C LEU A 11 8.70 -1.12 -0.56
N LEU A 12 7.56 -0.42 -0.43
CA LEU A 12 6.27 -1.02 -0.72
C LEU A 12 5.22 0.06 -0.96
N PRO A 13 4.23 -0.21 -1.83
CA PRO A 13 3.17 0.74 -2.14
C PRO A 13 2.29 1.04 -0.93
N PRO A 14 2.29 2.30 -0.45
CA PRO A 14 1.49 2.71 0.70
C PRO A 14 0.02 3.00 0.35
N ILE A 15 -0.55 2.17 -0.53
CA ILE A 15 -1.93 2.33 -0.94
C ILE A 15 -2.91 1.79 0.09
N ILE A 16 -2.96 0.47 0.22
CA ILE A 16 -3.86 -0.20 1.14
C ILE A 16 -3.40 -0.10 2.60
N LEU A 17 -2.18 -0.53 2.88
CA LEU A 17 -1.67 -0.48 4.25
C LEU A 17 -1.67 0.94 4.77
N ASP A 18 -1.07 1.84 3.99
CA ASP A 18 -1.00 3.25 4.34
C ASP A 18 -2.35 3.95 4.10
N ALA A 19 -3.38 3.17 3.73
CA ALA A 19 -4.69 3.75 3.48
C ALA A 19 -5.32 4.17 4.81
N GLY A 20 -5.70 3.18 5.60
CA GLY A 20 -6.28 3.44 6.90
C GLY A 20 -5.30 3.07 8.01
N TYR A 21 -4.16 2.50 7.62
CA TYR A 21 -3.14 2.07 8.57
C TYR A 21 -3.62 0.87 9.36
N PHE A 22 -4.69 1.08 10.12
CA PHE A 22 -5.27 0.01 10.93
C PHE A 22 -6.52 -0.55 10.26
N LEU A 23 -7.17 0.27 9.44
CA LEU A 23 -8.37 -0.12 8.73
C LEU A 23 -8.11 -1.29 7.78
N PRO A 24 -6.97 -1.26 7.05
CA PRO A 24 -6.61 -2.33 6.11
C PRO A 24 -6.66 -3.72 6.74
N LEU A 25 -6.40 -3.79 8.04
CA LEU A 25 -6.42 -5.06 8.76
C LEU A 25 -7.85 -5.59 8.90
N ARG A 26 -8.82 -4.75 8.60
CA ARG A 26 -10.22 -5.11 8.69
C ARG A 26 -11.02 -4.35 7.64
N HSL A 27 -10.59 -4.55 6.34
CA HSL A 27 -11.22 -3.90 5.20
C HSL A 27 -11.83 -4.90 4.23
O HSL A 27 -12.82 -5.58 4.39
CB HSL A 27 -10.25 -3.10 4.35
CG HSL A 27 -9.98 -4.05 3.19
OD HSL A 27 -11.08 -4.93 3.12
H HSL A 27 -9.80 -5.19 6.21
HA HSL A 27 -12.07 -3.25 5.52
HB2 HSL A 27 -10.72 -2.15 3.99
HB3 HSL A 27 -9.31 -2.89 4.91
HG2 HSL A 27 -9.97 -3.50 2.22
HG3 HSL A 27 -9.05 -4.65 3.31
N PHE A 1 12.16 2.48 -7.66
CA PHE A 1 12.46 2.20 -9.09
C PHE A 1 12.14 0.76 -9.44
N LEU A 2 11.68 0.58 -10.68
CA LEU A 2 11.31 -0.74 -11.18
C LEU A 2 12.55 -1.58 -11.47
N GLN A 3 13.34 -1.86 -10.45
CA GLN A 3 14.55 -2.66 -10.60
C GLN A 3 15.12 -3.05 -9.24
N SER A 4 14.25 -3.52 -8.36
CA SER A 4 14.64 -3.94 -7.02
C SER A 4 13.53 -4.76 -6.39
N ASP A 5 13.14 -5.84 -7.08
CA ASP A 5 12.08 -6.73 -6.62
C ASP A 5 10.70 -6.13 -6.89
N VAL A 6 10.50 -4.88 -6.47
CA VAL A 6 9.21 -4.20 -6.67
C VAL A 6 8.13 -4.80 -5.76
N PHE A 7 7.95 -6.11 -5.84
CA PHE A 7 6.96 -6.82 -5.04
C PHE A 7 7.41 -6.91 -3.58
N PHE A 8 8.53 -6.28 -3.26
CA PHE A 8 9.07 -6.28 -1.91
C PHE A 8 10.06 -5.14 -1.70
N LEU A 9 10.09 -4.20 -2.65
CA LEU A 9 10.97 -3.05 -2.53
C LEU A 9 10.50 -2.20 -1.37
N PHE A 10 9.21 -2.31 -1.07
CA PHE A 10 8.58 -1.58 0.02
C PHE A 10 8.50 -0.08 -0.27
N LEU A 11 8.63 0.29 -1.54
CA LEU A 11 8.55 1.71 -1.91
C LEU A 11 7.14 2.22 -1.63
N LEU A 12 6.17 1.53 -2.20
CA LEU A 12 4.78 1.91 -2.04
C LEU A 12 3.82 0.73 -2.31
N PRO A 13 4.15 -0.49 -1.82
CA PRO A 13 3.30 -1.66 -2.04
C PRO A 13 1.94 -1.54 -1.36
N PRO A 14 1.90 -1.25 -0.05
CA PRO A 14 0.66 -1.12 0.70
C PRO A 14 0.14 0.31 0.73
N ILE A 15 -0.37 0.78 -0.41
CA ILE A 15 -0.91 2.13 -0.49
C ILE A 15 -2.25 2.21 0.21
N ILE A 16 -3.06 1.18 0.02
CA ILE A 16 -4.38 1.09 0.62
C ILE A 16 -4.27 0.78 2.11
N LEU A 17 -3.43 -0.18 2.45
CA LEU A 17 -3.22 -0.56 3.84
C LEU A 17 -2.61 0.61 4.59
N ASP A 18 -1.51 1.12 4.06
CA ASP A 18 -0.82 2.26 4.64
C ASP A 18 -1.59 3.56 4.36
N ALA A 19 -2.73 3.45 3.68
CA ALA A 19 -3.54 4.62 3.37
C ALA A 19 -4.23 5.12 4.63
N GLY A 20 -4.94 4.21 5.29
CA GLY A 20 -5.62 4.54 6.52
C GLY A 20 -4.90 3.96 7.73
N TYR A 21 -4.04 2.96 7.47
CA TYR A 21 -3.27 2.29 8.50
C TYR A 21 -4.12 1.31 9.32
N PHE A 22 -5.42 1.56 9.38
CA PHE A 22 -6.33 0.69 10.13
C PHE A 22 -7.02 -0.32 9.20
N LEU A 23 -6.50 -0.45 7.98
CA LEU A 23 -7.07 -1.38 7.01
C LEU A 23 -6.59 -2.81 7.27
N PRO A 24 -5.27 -3.00 7.47
CA PRO A 24 -4.69 -4.33 7.72
C PRO A 24 -5.45 -5.11 8.80
N LEU A 25 -6.44 -5.88 8.37
CA LEU A 25 -7.24 -6.69 9.29
C LEU A 25 -7.04 -8.17 9.01
N ARG A 26 -7.51 -8.63 7.86
CA ARG A 26 -7.37 -10.02 7.46
C ARG A 26 -6.06 -10.25 6.74
N HSL A 27 -5.07 -9.31 7.00
CA HSL A 27 -3.75 -9.38 6.40
C HSL A 27 -2.65 -9.54 7.44
O HSL A 27 -2.68 -10.22 8.44
CB HSL A 27 -3.35 -8.11 5.66
CG HSL A 27 -1.85 -8.09 5.89
OD HSL A 27 -1.61 -8.78 7.09
H HSL A 27 -5.31 -8.55 7.65
HA HSL A 27 -3.65 -10.25 5.72
HB2 HSL A 27 -3.60 -8.19 4.56
HB3 HSL A 27 -3.83 -7.21 6.11
HG2 HSL A 27 -1.31 -8.67 5.09
HG3 HSL A 27 -1.42 -7.06 5.97
N PHE A 1 9.98 2.71 -16.43
CA PHE A 1 9.88 4.14 -16.05
C PHE A 1 8.92 4.33 -14.86
N LEU A 2 8.88 5.55 -14.34
CA LEU A 2 8.02 5.87 -13.21
C LEU A 2 6.55 5.92 -13.65
N GLN A 3 5.67 6.12 -12.68
CA GLN A 3 4.24 6.20 -12.97
C GLN A 3 3.45 6.66 -11.75
N SER A 4 3.63 5.95 -10.63
CA SER A 4 2.93 6.29 -9.40
C SER A 4 3.57 7.51 -8.73
N ASP A 5 3.57 8.63 -9.45
CA ASP A 5 4.15 9.88 -8.94
C ASP A 5 5.68 9.82 -8.91
N VAL A 6 6.23 8.73 -8.38
CA VAL A 6 7.68 8.53 -8.28
C VAL A 6 8.21 9.06 -6.95
N PHE A 7 7.89 10.31 -6.64
CA PHE A 7 8.33 10.93 -5.39
C PHE A 7 7.46 10.48 -4.21
N PHE A 8 6.99 9.23 -4.28
CA PHE A 8 6.15 8.67 -3.22
C PHE A 8 5.96 7.17 -3.41
N LEU A 9 6.31 6.65 -4.58
CA LEU A 9 6.16 5.23 -4.86
C LEU A 9 7.04 4.45 -3.89
N PHE A 10 8.19 5.04 -3.56
CA PHE A 10 9.12 4.43 -2.61
C PHE A 10 9.35 2.96 -2.92
N LEU A 11 9.44 2.63 -4.22
CA LEU A 11 9.65 1.26 -4.68
C LEU A 11 8.33 0.52 -4.81
N LEU A 12 7.37 0.89 -3.97
CA LEU A 12 6.06 0.25 -3.96
C LEU A 12 5.05 1.14 -3.26
N PRO A 13 3.83 1.30 -3.82
CA PRO A 13 2.81 2.14 -3.24
C PRO A 13 1.90 1.41 -2.26
N PRO A 14 2.12 1.63 -0.95
CA PRO A 14 1.30 0.99 0.10
C PRO A 14 -0.11 1.56 0.14
N ILE A 15 -0.96 1.09 -0.77
CA ILE A 15 -2.34 1.57 -0.83
C ILE A 15 -3.14 1.06 0.37
N ILE A 16 -2.80 -0.14 0.82
CA ILE A 16 -3.46 -0.77 1.95
C ILE A 16 -2.92 -0.23 3.28
N LEU A 17 -1.60 -0.23 3.42
CA LEU A 17 -0.97 0.26 4.64
C LEU A 17 -1.22 1.75 4.79
N ASP A 18 -0.93 2.48 3.73
CA ASP A 18 -1.13 3.92 3.70
C ASP A 18 -2.62 4.27 3.59
N ALA A 19 -3.46 3.25 3.44
CA ALA A 19 -4.90 3.48 3.33
C ALA A 19 -5.43 3.89 4.70
N GLY A 20 -5.43 2.93 5.61
CA GLY A 20 -5.86 3.18 6.97
C GLY A 20 -4.76 2.79 7.95
N TYR A 21 -3.94 1.83 7.53
CA TYR A 21 -2.82 1.33 8.31
C TYR A 21 -3.26 0.35 9.39
N PHE A 22 -4.55 0.37 9.76
CA PHE A 22 -5.08 -0.54 10.76
C PHE A 22 -5.69 -1.75 10.07
N LEU A 23 -4.94 -2.29 9.12
CA LEU A 23 -5.37 -3.45 8.35
C LEU A 23 -6.67 -3.15 7.61
N PRO A 24 -6.73 -2.03 6.88
CA PRO A 24 -7.90 -1.62 6.11
C PRO A 24 -8.55 -2.76 5.35
N LEU A 25 -7.76 -3.77 4.99
CA LEU A 25 -8.26 -4.92 4.25
C LEU A 25 -9.36 -5.62 5.04
N ARG A 26 -9.07 -5.95 6.29
CA ARG A 26 -10.05 -6.62 7.14
C ARG A 26 -10.89 -5.61 7.92
N HSL A 27 -10.99 -4.37 7.34
CA HSL A 27 -11.76 -3.29 7.95
C HSL A 27 -12.91 -2.83 7.07
O HSL A 27 -13.95 -3.42 6.86
CB HSL A 27 -10.96 -2.01 8.17
CG HSL A 27 -11.35 -1.18 6.96
OD HSL A 27 -12.61 -1.64 6.54
H HSL A 27 -10.50 -4.23 6.45
HA HSL A 27 -12.22 -3.62 8.91
HB2 HSL A 27 -11.29 -1.50 9.13
HB3 HSL A 27 -9.86 -2.21 8.20
HG2 HSL A 27 -11.48 -0.10 7.23
HG3 HSL A 27 -10.64 -1.29 6.10
N PHE A 1 1.86 10.09 -9.73
CA PHE A 1 2.27 9.04 -8.77
C PHE A 1 3.79 8.89 -8.72
N LEU A 2 4.29 8.22 -7.69
CA LEU A 2 5.72 8.01 -7.53
C LEU A 2 6.00 6.91 -6.51
N GLN A 3 5.86 7.26 -5.22
CA GLN A 3 6.09 6.32 -4.13
C GLN A 3 7.57 6.18 -3.80
N SER A 4 8.44 6.80 -4.61
CA SER A 4 9.88 6.75 -4.39
C SER A 4 10.47 5.41 -4.84
N ASP A 5 9.85 4.31 -4.44
CA ASP A 5 10.33 2.98 -4.80
C ASP A 5 10.02 2.66 -6.25
N VAL A 6 8.89 3.15 -6.75
CA VAL A 6 8.47 2.93 -8.13
C VAL A 6 8.13 1.46 -8.40
N PHE A 7 9.03 0.55 -8.03
CA PHE A 7 8.79 -0.88 -8.24
C PHE A 7 7.59 -1.33 -7.41
N PHE A 8 7.29 -0.57 -6.35
CA PHE A 8 6.16 -0.87 -5.48
C PHE A 8 4.85 -0.61 -6.19
N LEU A 9 4.63 0.65 -6.57
CA LEU A 9 3.43 1.07 -7.28
C LEU A 9 3.39 0.40 -8.65
N PHE A 10 4.50 -0.24 -8.98
CA PHE A 10 4.64 -0.92 -10.25
C PHE A 10 3.85 -2.23 -10.27
N LEU A 11 4.34 -3.22 -9.52
CA LEU A 11 3.67 -4.51 -9.44
C LEU A 11 2.31 -4.38 -8.76
N LEU A 12 2.32 -3.79 -7.58
CA LEU A 12 1.10 -3.60 -6.81
C LEU A 12 1.28 -2.51 -5.76
N PRO A 13 0.61 -1.35 -5.93
CA PRO A 13 0.73 -0.23 -4.98
C PRO A 13 -0.01 -0.48 -3.68
N PRO A 14 0.75 -0.64 -2.57
CA PRO A 14 0.17 -0.86 -1.24
C PRO A 14 -0.37 0.44 -0.64
N ILE A 15 -1.38 1.01 -1.30
CA ILE A 15 -1.97 2.26 -0.84
C ILE A 15 -2.85 2.04 0.39
N ILE A 16 -3.59 0.95 0.37
CA ILE A 16 -4.49 0.60 1.46
C ILE A 16 -3.73 0.22 2.72
N LEU A 17 -2.55 -0.36 2.53
CA LEU A 17 -1.71 -0.77 3.66
C LEU A 17 -1.12 0.44 4.38
N ASP A 18 -1.38 1.61 3.84
CA ASP A 18 -0.89 2.85 4.42
C ASP A 18 -1.83 4.01 4.07
N ALA A 19 -3.02 3.67 3.59
CA ALA A 19 -4.03 4.66 3.26
C ALA A 19 -4.75 5.06 4.53
N GLY A 20 -4.98 4.06 5.38
CA GLY A 20 -5.65 4.30 6.64
C GLY A 20 -4.91 3.68 7.82
N TYR A 21 -3.96 2.79 7.52
CA TYR A 21 -3.17 2.12 8.56
C TYR A 21 -4.00 1.07 9.29
N PHE A 22 -5.22 1.42 9.69
CA PHE A 22 -6.10 0.51 10.39
C PHE A 22 -7.02 -0.25 9.41
N LEU A 23 -6.93 0.10 8.13
CA LEU A 23 -7.75 -0.55 7.11
C LEU A 23 -7.50 -2.06 7.08
N PRO A 24 -6.22 -2.49 7.12
CA PRO A 24 -5.87 -3.91 7.09
C PRO A 24 -6.29 -4.63 8.37
N LEU A 25 -7.59 -4.65 8.64
CA LEU A 25 -8.13 -5.31 9.82
C LEU A 25 -8.88 -6.57 9.42
N ARG A 26 -9.87 -6.40 8.55
CA ARG A 26 -10.67 -7.53 8.07
C ARG A 26 -10.01 -8.16 6.86
N HSL A 27 -8.62 -8.11 6.84
CA HSL A 27 -7.83 -8.66 5.76
C HSL A 27 -6.92 -9.79 6.23
O HSL A 27 -7.24 -10.91 6.55
CB HSL A 27 -6.86 -7.67 5.14
CG HSL A 27 -5.55 -8.01 5.84
OD HSL A 27 -5.65 -9.34 6.25
H HSL A 27 -8.17 -7.66 7.65
HA HSL A 27 -8.47 -9.12 4.97
HB2 HSL A 27 -6.78 -7.84 4.02
HB3 HSL A 27 -7.17 -6.62 5.35
HG2 HSL A 27 -4.69 -7.96 5.13
HG3 HSL A 27 -5.36 -7.36 6.74
N PHE A 1 5.76 0.18 -8.19
CA PHE A 1 5.26 1.54 -7.87
C PHE A 1 3.80 1.70 -8.25
N LEU A 2 3.09 2.56 -7.51
CA LEU A 2 1.67 2.79 -7.75
C LEU A 2 1.47 3.63 -9.01
N GLN A 3 0.82 3.04 -10.00
CA GLN A 3 0.55 3.73 -11.26
C GLN A 3 -0.40 2.94 -12.14
N SER A 4 -0.23 1.62 -12.16
CA SER A 4 -1.08 0.75 -12.96
C SER A 4 -2.45 0.61 -12.32
N ASP A 5 -3.15 1.73 -12.22
CA ASP A 5 -4.48 1.78 -11.61
C ASP A 5 -4.38 1.76 -10.09
N VAL A 6 -3.83 0.67 -9.56
CA VAL A 6 -3.67 0.52 -8.11
C VAL A 6 -4.97 0.03 -7.47
N PHE A 7 -6.08 0.67 -7.81
CA PHE A 7 -7.39 0.30 -7.28
C PHE A 7 -7.93 -0.96 -7.94
N PHE A 8 -7.09 -1.64 -8.72
CA PHE A 8 -7.49 -2.86 -9.39
C PHE A 8 -6.29 -3.63 -9.93
N LEU A 9 -5.08 -3.19 -9.58
CA LEU A 9 -3.89 -3.88 -10.02
C LEU A 9 -3.91 -5.26 -9.43
N PHE A 10 -4.40 -5.33 -8.19
CA PHE A 10 -4.52 -6.59 -7.46
C PHE A 10 -3.17 -7.29 -7.30
N LEU A 11 -2.11 -6.70 -7.85
CA LEU A 11 -0.78 -7.28 -7.75
C LEU A 11 -0.26 -7.17 -6.32
N LEU A 12 -0.05 -5.93 -5.89
CA LEU A 12 0.46 -5.66 -4.55
C LEU A 12 0.24 -4.20 -4.18
N PRO A 13 -1.01 -3.73 -4.23
CA PRO A 13 -1.34 -2.34 -3.89
C PRO A 13 -0.76 -1.92 -2.54
N PRO A 14 0.30 -1.10 -2.56
CA PRO A 14 0.95 -0.63 -1.33
C PRO A 14 0.14 0.42 -0.59
N ILE A 15 -1.02 0.79 -1.13
CA ILE A 15 -1.86 1.78 -0.49
C ILE A 15 -2.52 1.17 0.75
N ILE A 16 -3.84 0.91 0.71
CA ILE A 16 -4.59 0.31 1.81
C ILE A 16 -3.92 0.52 3.16
N LEU A 17 -2.74 -0.05 3.30
CA LEU A 17 -1.96 0.04 4.53
C LEU A 17 -1.47 1.47 4.75
N ASP A 18 -0.83 2.04 3.73
CA ASP A 18 -0.33 3.40 3.80
C ASP A 18 -1.48 4.40 3.73
N ALA A 19 -2.65 3.92 3.30
CA ALA A 19 -3.82 4.77 3.19
C ALA A 19 -4.47 5.00 4.54
N GLY A 20 -4.87 3.92 5.19
CA GLY A 20 -5.51 4.03 6.49
C GLY A 20 -4.73 3.30 7.58
N TYR A 21 -3.90 2.34 7.19
CA TYR A 21 -3.10 1.57 8.15
C TYR A 21 -3.98 0.61 8.97
N PHE A 22 -5.09 1.13 9.51
CA PHE A 22 -5.99 0.31 10.30
C PHE A 22 -7.09 -0.29 9.42
N LEU A 23 -6.91 -0.21 8.10
CA LEU A 23 -7.87 -0.76 7.15
C LEU A 23 -7.84 -2.28 7.19
N PRO A 24 -6.64 -2.88 7.05
CA PRO A 24 -6.47 -4.34 7.06
C PRO A 24 -7.14 -4.98 8.27
N LEU A 25 -8.43 -5.29 8.14
CA LEU A 25 -9.18 -5.91 9.22
C LEU A 25 -9.18 -7.43 9.08
N ARG A 26 -9.72 -7.90 7.96
CA ARG A 26 -9.78 -9.33 7.69
C ARG A 26 -8.50 -9.80 7.00
N HSL A 27 -7.40 -8.98 7.19
CA HSL A 27 -6.11 -9.26 6.60
C HSL A 27 -5.03 -9.48 7.66
O HSL A 27 -5.13 -10.06 8.71
CB HSL A 27 -5.54 -8.14 5.75
CG HSL A 27 -4.05 -8.29 5.98
OD HSL A 27 -3.89 -8.90 7.24
H HSL A 27 -7.54 -8.15 7.76
HA HSL A 27 -6.11 -10.22 6.01
HB2 HSL A 27 -5.80 -8.28 4.66
HB3 HSL A 27 -5.90 -7.15 6.11
HG2 HSL A 27 -3.59 -9.00 5.24
HG3 HSL A 27 -3.48 -7.32 5.98
N PHE A 1 8.36 0.08 -10.11
CA PHE A 1 7.86 -1.31 -10.39
C PHE A 1 8.83 -2.36 -9.87
N LEU A 2 8.30 -3.50 -9.43
CA LEU A 2 9.11 -4.58 -8.91
C LEU A 2 9.94 -4.11 -7.72
N GLN A 3 9.41 -3.15 -6.97
CA GLN A 3 10.12 -2.61 -5.82
C GLN A 3 10.11 -3.58 -4.65
N SER A 4 8.93 -4.02 -4.25
CA SER A 4 8.82 -4.94 -3.13
C SER A 4 7.45 -5.62 -3.11
N ASP A 5 6.97 -5.95 -4.29
CA ASP A 5 5.68 -6.61 -4.43
C ASP A 5 5.56 -7.25 -5.81
N VAL A 6 5.72 -6.42 -6.84
CA VAL A 6 5.65 -6.88 -8.22
C VAL A 6 4.26 -7.42 -8.56
N PHE A 7 3.90 -8.50 -7.88
CA PHE A 7 2.62 -9.16 -8.07
C PHE A 7 1.48 -8.45 -7.36
N PHE A 8 1.76 -7.29 -6.77
CA PHE A 8 0.73 -6.55 -6.06
C PHE A 8 1.19 -5.15 -5.69
N LEU A 9 2.30 -4.70 -6.25
CA LEU A 9 2.79 -3.37 -5.99
C LEU A 9 1.82 -2.38 -6.59
N PHE A 10 1.29 -2.73 -7.75
CA PHE A 10 0.32 -1.89 -8.44
C PHE A 10 0.81 -0.44 -8.52
N LEU A 11 2.14 -0.28 -8.51
CA LEU A 11 2.79 1.04 -8.58
C LEU A 11 3.01 1.61 -7.19
N LEU A 12 2.19 1.21 -6.23
CA LEU A 12 2.31 1.72 -4.88
C LEU A 12 1.60 0.81 -3.87
N PRO A 13 2.37 0.01 -3.09
CA PRO A 13 1.82 -0.91 -2.11
C PRO A 13 1.23 -0.25 -0.85
N PRO A 14 1.66 0.96 -0.48
CA PRO A 14 1.15 1.63 0.72
C PRO A 14 -0.09 2.47 0.45
N ILE A 15 -0.74 2.24 -0.68
CA ILE A 15 -1.94 2.99 -1.03
C ILE A 15 -3.14 2.50 -0.22
N ILE A 16 -3.23 1.18 -0.06
CA ILE A 16 -4.33 0.56 0.67
C ILE A 16 -4.11 0.55 2.18
N LEU A 17 -3.16 -0.26 2.64
CA LEU A 17 -2.86 -0.38 4.07
C LEU A 17 -2.30 0.92 4.65
N ASP A 18 -1.31 1.48 3.96
CA ASP A 18 -0.68 2.72 4.42
C ASP A 18 -1.59 3.93 4.20
N ALA A 19 -2.79 3.70 3.66
CA ALA A 19 -3.72 4.79 3.42
C ALA A 19 -4.31 5.26 4.75
N GLY A 20 -4.83 4.30 5.51
CA GLY A 20 -5.40 4.61 6.81
C GLY A 20 -4.65 3.90 7.93
N TYR A 21 -3.90 2.86 7.57
CA TYR A 21 -3.12 2.09 8.54
C TYR A 21 -3.99 1.09 9.31
N PHE A 22 -5.24 1.48 9.58
CA PHE A 22 -6.16 0.61 10.30
C PHE A 22 -7.04 -0.19 9.34
N LEU A 23 -6.62 -0.28 8.08
CA LEU A 23 -7.36 -1.02 7.07
C LEU A 23 -7.07 -2.52 7.17
N PRO A 24 -5.78 -2.90 7.30
CA PRO A 24 -5.38 -4.31 7.41
C PRO A 24 -6.09 -5.05 8.54
N LEU A 25 -5.48 -6.12 9.03
CA LEU A 25 -6.07 -6.91 10.11
C LEU A 25 -7.19 -7.79 9.57
N ARG A 26 -6.82 -8.81 8.80
CA ARG A 26 -7.79 -9.73 8.22
C ARG A 26 -8.67 -9.01 7.19
N HSL A 27 -7.99 -8.33 6.19
CA HSL A 27 -8.68 -7.60 5.15
C HSL A 27 -8.38 -8.16 3.77
O HSL A 27 -8.28 -9.32 3.45
CB HSL A 27 -8.25 -6.14 5.03
CG HSL A 27 -8.39 -5.89 3.54
OD HSL A 27 -8.24 -7.14 2.91
H HSL A 27 -6.97 -8.37 6.24
HA HSL A 27 -9.78 -7.65 5.26
HB2 HSL A 27 -8.94 -5.47 5.63
HB3 HSL A 27 -7.18 -6.00 5.36
HG2 HSL A 27 -9.43 -5.56 3.28
HG3 HSL A 27 -7.64 -5.18 3.12
N PHE A 1 3.70 0.16 -11.16
CA PHE A 1 2.86 -0.70 -12.04
C PHE A 1 1.38 -0.30 -11.93
N LEU A 2 0.62 -0.62 -12.98
CA LEU A 2 -0.80 -0.30 -13.01
C LEU A 2 -1.58 -1.24 -12.08
N GLN A 3 -2.89 -1.04 -12.04
CA GLN A 3 -3.76 -1.86 -11.20
C GLN A 3 -5.23 -1.60 -11.52
N SER A 4 -5.76 -0.51 -10.99
CA SER A 4 -7.15 -0.14 -11.23
C SER A 4 -7.40 1.31 -10.86
N ASP A 5 -6.35 2.11 -10.95
CA ASP A 5 -6.42 3.51 -10.61
C ASP A 5 -5.28 4.28 -11.26
N VAL A 6 -4.06 3.81 -11.03
CA VAL A 6 -2.86 4.42 -11.58
C VAL A 6 -2.37 5.59 -10.74
N PHE A 7 -3.28 6.51 -10.40
CA PHE A 7 -2.93 7.68 -9.59
C PHE A 7 -2.60 7.27 -8.16
N PHE A 8 -3.24 6.22 -7.69
CA PHE A 8 -3.02 5.71 -6.34
C PHE A 8 -1.62 5.10 -6.20
N LEU A 9 -1.35 4.10 -7.04
CA LEU A 9 -0.05 3.45 -7.04
C LEU A 9 1.03 4.43 -7.49
N PHE A 10 0.57 5.62 -7.89
CA PHE A 10 1.42 6.68 -8.37
C PHE A 10 2.09 7.40 -7.21
N LEU A 11 1.30 7.81 -6.23
CA LEU A 11 1.82 8.52 -5.06
C LEU A 11 2.74 7.64 -4.24
N LEU A 12 2.26 6.45 -3.90
CA LEU A 12 3.02 5.53 -3.09
C LEU A 12 2.53 4.09 -3.25
N PRO A 13 3.43 3.15 -3.59
CA PRO A 13 3.08 1.74 -3.79
C PRO A 13 2.21 1.17 -2.68
N PRO A 14 2.52 1.48 -1.41
CA PRO A 14 1.76 0.95 -0.28
C PRO A 14 0.55 1.81 0.08
N ILE A 15 -0.40 1.90 -0.85
CA ILE A 15 -1.60 2.69 -0.65
C ILE A 15 -2.62 1.93 0.22
N ILE A 16 -2.64 0.62 0.06
CA ILE A 16 -3.56 -0.24 0.81
C ILE A 16 -3.18 -0.31 2.29
N LEU A 17 -1.89 -0.42 2.58
CA LEU A 17 -1.42 -0.49 3.95
C LEU A 17 -1.68 0.85 4.65
N ASP A 18 -1.10 1.90 4.08
CA ASP A 18 -1.26 3.26 4.61
C ASP A 18 -2.64 3.82 4.27
N ALA A 19 -3.54 2.97 3.76
CA ALA A 19 -4.88 3.43 3.40
C ALA A 19 -5.67 3.70 4.69
N GLY A 20 -5.62 2.74 5.59
CA GLY A 20 -6.28 2.87 6.87
C GLY A 20 -5.27 2.84 7.99
N TYR A 21 -4.16 2.14 7.74
CA TYR A 21 -3.07 2.00 8.69
C TYR A 21 -3.42 1.03 9.82
N PHE A 22 -4.70 0.96 10.19
CA PHE A 22 -5.13 0.06 11.24
C PHE A 22 -5.52 -1.27 10.63
N LEU A 23 -4.61 -1.79 9.81
CA LEU A 23 -4.81 -3.06 9.11
C LEU A 23 -6.01 -2.97 8.18
N PRO A 24 -5.87 -2.16 7.12
CA PRO A 24 -6.93 -1.96 6.11
C PRO A 24 -7.32 -3.26 5.42
N LEU A 25 -7.57 -3.20 4.10
CA LEU A 25 -7.97 -4.37 3.32
C LEU A 25 -9.48 -4.56 3.38
N ARG A 26 -10.19 -3.75 2.61
CA ARG A 26 -11.65 -3.82 2.56
C ARG A 26 -12.25 -3.38 3.90
N HSL A 27 -11.76 -2.19 4.41
CA HSL A 27 -12.21 -1.64 5.67
C HSL A 27 -12.88 -0.29 5.49
O HSL A 27 -13.98 -0.06 5.04
CB HSL A 27 -11.09 -1.34 6.66
CG HSL A 27 -10.82 0.13 6.37
OD HSL A 27 -12.04 0.66 5.91
H HSL A 27 -11.04 -1.71 3.85
HA HSL A 27 -12.98 -2.29 6.16
HB2 HSL A 27 -11.45 -1.50 7.72
HB3 HSL A 27 -10.19 -1.96 6.44
HG2 HSL A 27 -10.58 0.69 7.32
HG3 HSL A 27 -10.03 0.30 5.61
N PHE A 1 18.68 -7.43 -1.98
CA PHE A 1 19.36 -6.11 -2.09
C PHE A 1 18.43 -4.96 -1.73
N LEU A 2 17.53 -4.64 -2.64
CA LEU A 2 16.58 -3.56 -2.41
C LEU A 2 15.45 -3.59 -3.45
N GLN A 3 15.55 -2.77 -4.50
CA GLN A 3 14.53 -2.74 -5.53
C GLN A 3 13.27 -2.04 -5.02
N SER A 4 13.34 -0.72 -4.93
CA SER A 4 12.23 0.08 -4.44
C SER A 4 11.87 -0.31 -3.01
N ASP A 5 12.85 -0.23 -2.13
CA ASP A 5 12.66 -0.57 -0.72
C ASP A 5 12.61 -2.08 -0.52
N VAL A 6 11.66 -2.73 -1.18
CA VAL A 6 11.48 -4.18 -1.08
C VAL A 6 10.65 -4.51 0.16
N PHE A 7 11.06 -3.96 1.31
CA PHE A 7 10.34 -4.19 2.56
C PHE A 7 9.08 -3.34 2.62
N PHE A 8 8.37 -3.23 1.50
CA PHE A 8 7.15 -2.45 1.44
C PHE A 8 6.34 -2.76 0.19
N LEU A 9 6.99 -3.24 -0.88
CA LEU A 9 6.29 -3.58 -2.09
C LEU A 9 5.25 -4.65 -1.77
N PHE A 10 5.64 -5.57 -0.91
CA PHE A 10 4.76 -6.64 -0.45
C PHE A 10 3.97 -7.24 -1.61
N LEU A 11 4.67 -7.52 -2.72
CA LEU A 11 4.06 -8.10 -3.90
C LEU A 11 3.24 -7.06 -4.66
N LEU A 12 2.78 -6.05 -3.94
CA LEU A 12 1.95 -5.02 -4.53
C LEU A 12 1.93 -3.79 -3.63
N PRO A 13 2.09 -2.58 -4.21
CA PRO A 13 2.11 -1.34 -3.44
C PRO A 13 0.97 -1.28 -2.40
N PRO A 14 1.31 -1.38 -1.10
CA PRO A 14 0.32 -1.35 -0.02
C PRO A 14 -0.35 0.02 0.11
N ILE A 15 -1.31 0.30 -0.76
CA ILE A 15 -2.03 1.56 -0.74
C ILE A 15 -3.01 1.60 0.42
N ILE A 16 -3.70 0.48 0.63
CA ILE A 16 -4.67 0.34 1.71
C ILE A 16 -3.99 0.34 3.07
N LEU A 17 -2.81 -0.25 3.13
CA LEU A 17 -2.05 -0.29 4.38
C LEU A 17 -1.65 1.13 4.75
N ASP A 18 -0.93 1.77 3.85
CA ASP A 18 -0.49 3.14 4.03
C ASP A 18 -1.66 4.11 3.84
N ALA A 19 -2.84 3.58 3.49
CA ALA A 19 -4.02 4.40 3.29
C ALA A 19 -4.55 4.89 4.63
N GLY A 20 -5.09 3.95 5.39
CA GLY A 20 -5.62 4.25 6.71
C GLY A 20 -4.81 3.61 7.82
N TYR A 21 -3.97 2.63 7.44
CA TYR A 21 -3.13 1.92 8.40
C TYR A 21 -3.92 0.87 9.18
N PHE A 22 -5.13 1.22 9.61
CA PHE A 22 -5.97 0.31 10.37
C PHE A 22 -6.94 -0.45 9.47
N LEU A 23 -7.11 0.05 8.23
CA LEU A 23 -8.02 -0.59 7.28
C LEU A 23 -7.67 -2.06 7.05
N PRO A 24 -6.37 -2.38 6.89
CA PRO A 24 -5.93 -3.77 6.66
C PRO A 24 -6.53 -4.74 7.67
N LEU A 25 -6.16 -4.59 8.93
CA LEU A 25 -6.66 -5.46 9.99
C LEU A 25 -6.27 -6.90 9.71
N ARG A 26 -4.96 -7.14 9.61
CA ARG A 26 -4.45 -8.48 9.34
C ARG A 26 -4.87 -8.94 7.94
N HSL A 27 -4.56 -8.07 6.92
CA HSL A 27 -4.89 -8.34 5.54
C HSL A 27 -3.65 -8.44 4.66
O HSL A 27 -2.86 -9.34 4.61
CB HSL A 27 -5.71 -7.25 4.87
CG HSL A 27 -4.64 -6.44 4.16
OD HSL A 27 -3.58 -7.33 3.90
H HSL A 27 -4.08 -7.20 7.18
HA HSL A 27 -5.42 -9.32 5.43
HB2 HSL A 27 -6.44 -7.70 4.12
HB3 HSL A 27 -6.26 -6.63 5.61
HG2 HSL A 27 -4.99 -6.10 3.14
HG3 HSL A 27 -4.26 -5.59 4.76
N PHE A 1 5.12 9.01 -10.75
CA PHE A 1 6.53 8.59 -10.94
C PHE A 1 7.15 8.13 -9.62
N LEU A 2 6.43 8.33 -8.53
CA LEU A 2 6.88 7.93 -7.21
C LEU A 2 8.10 8.72 -6.78
N GLN A 3 9.26 8.38 -7.36
CA GLN A 3 10.53 9.03 -7.04
C GLN A 3 11.28 8.21 -6.01
N SER A 4 10.53 7.55 -5.14
CA SER A 4 11.12 6.71 -4.12
C SER A 4 11.48 5.35 -4.70
N ASP A 5 12.41 5.35 -5.65
CA ASP A 5 12.85 4.12 -6.32
C ASP A 5 11.84 3.72 -7.40
N VAL A 6 10.55 3.75 -7.06
CA VAL A 6 9.49 3.40 -7.98
C VAL A 6 9.51 1.93 -8.35
N PHE A 7 10.66 1.43 -8.82
CA PHE A 7 10.77 0.02 -9.20
C PHE A 7 10.49 -0.85 -7.98
N PHE A 8 10.75 -0.31 -6.80
CA PHE A 8 10.53 -1.00 -5.55
C PHE A 8 9.03 -1.10 -5.26
N LEU A 9 8.41 0.06 -5.07
CA LEU A 9 6.98 0.15 -4.81
C LEU A 9 6.18 -0.24 -6.03
N PHE A 10 6.89 -0.51 -7.12
CA PHE A 10 6.29 -0.89 -8.38
C PHE A 10 5.78 -2.33 -8.33
N LEU A 11 6.39 -3.15 -7.47
CA LEU A 11 5.98 -4.54 -7.33
C LEU A 11 4.56 -4.62 -6.79
N LEU A 12 4.32 -3.95 -5.68
CA LEU A 12 3.00 -3.95 -5.05
C LEU A 12 2.87 -2.78 -4.08
N PRO A 13 2.43 -1.61 -4.58
CA PRO A 13 2.27 -0.41 -3.76
C PRO A 13 1.21 -0.57 -2.67
N PRO A 14 1.63 -0.63 -1.40
CA PRO A 14 0.70 -0.76 -0.26
C PRO A 14 -0.02 0.56 0.04
N ILE A 15 -0.83 1.01 -0.90
CA ILE A 15 -1.57 2.25 -0.75
C ILE A 15 -2.73 2.10 0.23
N ILE A 16 -3.39 0.95 0.17
CA ILE A 16 -4.53 0.66 1.04
C ILE A 16 -4.09 0.46 2.49
N LEU A 17 -2.99 -0.25 2.69
CA LEU A 17 -2.49 -0.48 4.04
C LEU A 17 -2.04 0.84 4.65
N ASP A 18 -1.12 1.50 3.95
CA ASP A 18 -0.61 2.80 4.38
C ASP A 18 -1.63 3.91 4.14
N ALA A 19 -2.81 3.54 3.64
CA ALA A 19 -3.85 4.54 3.38
C ALA A 19 -4.44 5.02 4.69
N GLY A 20 -5.04 4.09 5.43
CA GLY A 20 -5.62 4.41 6.71
C GLY A 20 -4.87 3.76 7.84
N TYR A 21 -3.98 2.82 7.50
CA TYR A 21 -3.17 2.10 8.47
C TYR A 21 -4.02 1.09 9.28
N PHE A 22 -5.29 1.39 9.47
CA PHE A 22 -6.19 0.51 10.23
C PHE A 22 -6.97 -0.40 9.29
N LEU A 23 -6.93 -0.11 7.99
CA LEU A 23 -7.63 -0.91 6.99
C LEU A 23 -7.23 -2.39 7.07
N PRO A 24 -5.92 -2.68 7.21
CA PRO A 24 -5.43 -4.06 7.29
C PRO A 24 -6.26 -4.93 8.23
N LEU A 25 -7.25 -5.62 7.66
CA LEU A 25 -8.12 -6.48 8.44
C LEU A 25 -7.46 -7.85 8.66
N ARG A 26 -7.34 -8.61 7.58
CA ARG A 26 -6.73 -9.93 7.64
C ARG A 26 -5.21 -9.84 7.46
N HSL A 27 -4.66 -8.59 7.72
CA HSL A 27 -3.25 -8.34 7.60
C HSL A 27 -2.61 -7.92 8.92
O HSL A 27 -2.87 -8.35 10.02
CB HSL A 27 -2.89 -7.17 6.68
CG HSL A 27 -1.62 -6.65 7.32
OD HSL A 27 -1.70 -6.96 8.69
H HSL A 27 -5.31 -7.86 8.01
HA HSL A 27 -2.68 -9.25 7.28
HB2 HSL A 27 -2.71 -7.53 5.62
HB3 HSL A 27 -3.70 -6.40 6.69
HG2 HSL A 27 -0.72 -7.19 6.94
HG3 HSL A 27 -1.49 -5.54 7.21
N PHE A 1 18.38 8.27 1.78
CA PHE A 1 17.83 7.46 0.67
C PHE A 1 16.97 8.31 -0.27
N LEU A 2 17.04 8.01 -1.57
CA LEU A 2 16.28 8.74 -2.56
C LEU A 2 16.27 8.00 -3.90
N GLN A 3 15.07 7.60 -4.34
CA GLN A 3 14.94 6.89 -5.60
C GLN A 3 13.46 6.73 -5.96
N SER A 4 12.93 7.70 -6.68
CA SER A 4 11.52 7.68 -7.11
C SER A 4 10.59 8.09 -5.98
N ASP A 5 10.73 7.40 -4.87
CA ASP A 5 9.93 7.66 -3.70
C ASP A 5 10.53 6.99 -2.48
N VAL A 6 11.16 5.84 -2.71
CA VAL A 6 11.78 5.07 -1.64
C VAL A 6 10.70 4.26 -0.91
N PHE A 7 9.65 4.94 -0.47
CA PHE A 7 8.54 4.30 0.22
C PHE A 7 7.65 3.54 -0.78
N PHE A 8 8.27 2.93 -1.77
CA PHE A 8 7.54 2.20 -2.81
C PHE A 8 8.51 1.31 -3.59
N LEU A 9 9.63 1.90 -4.02
CA LEU A 9 10.66 1.16 -4.72
C LEU A 9 11.29 0.16 -3.76
N PHE A 10 10.84 0.22 -2.52
CA PHE A 10 11.31 -0.61 -1.45
C PHE A 10 10.79 -2.05 -1.61
N LEU A 11 9.58 -2.17 -2.13
CA LEU A 11 8.98 -3.49 -2.36
C LEU A 11 7.62 -3.33 -3.03
N LEU A 12 6.77 -2.51 -2.44
CA LEU A 12 5.44 -2.29 -2.95
C LEU A 12 4.85 -1.00 -2.36
N PRO A 13 4.04 -0.27 -3.15
CA PRO A 13 3.42 0.97 -2.69
C PRO A 13 2.38 0.73 -1.61
N PRO A 14 2.67 1.14 -0.35
CA PRO A 14 1.74 0.93 0.76
C PRO A 14 0.51 1.83 0.69
N ILE A 15 -0.21 1.76 -0.42
CA ILE A 15 -1.42 2.55 -0.61
C ILE A 15 -2.58 1.95 0.18
N ILE A 16 -2.68 0.63 0.10
CA ILE A 16 -3.73 -0.11 0.78
C ILE A 16 -3.45 -0.20 2.28
N LEU A 17 -2.22 -0.54 2.63
CA LEU A 17 -1.83 -0.66 4.03
C LEU A 17 -1.90 0.71 4.71
N ASP A 18 -1.18 1.66 4.14
CA ASP A 18 -1.15 3.02 4.65
C ASP A 18 -2.44 3.78 4.31
N ALA A 19 -3.47 3.06 3.87
CA ALA A 19 -4.74 3.67 3.53
C ALA A 19 -5.45 4.12 4.79
N GLY A 20 -5.72 3.15 5.66
CA GLY A 20 -6.35 3.42 6.94
C GLY A 20 -5.39 3.14 8.07
N TYR A 21 -4.20 2.64 7.72
CA TYR A 21 -3.16 2.30 8.69
C TYR A 21 -3.57 1.10 9.52
N PHE A 22 -4.66 1.25 10.27
CA PHE A 22 -5.17 0.18 11.11
C PHE A 22 -6.43 -0.45 10.52
N LEU A 23 -6.96 0.17 9.46
CA LEU A 23 -8.17 -0.32 8.82
C LEU A 23 -7.87 -1.47 7.86
N PRO A 24 -6.85 -1.33 7.00
CA PRO A 24 -6.47 -2.36 6.02
C PRO A 24 -5.46 -3.34 6.56
N LEU A 25 -5.37 -3.46 7.89
CA LEU A 25 -4.44 -4.38 8.52
C LEU A 25 -4.71 -5.81 8.08
N ARG A 26 -5.96 -6.24 8.26
CA ARG A 26 -6.35 -7.59 7.88
C ARG A 26 -6.81 -7.64 6.42
N HSL A 27 -6.01 -6.95 5.53
CA HSL A 27 -6.31 -6.91 4.11
C HSL A 27 -5.20 -7.54 3.27
O HSL A 27 -4.95 -8.71 3.15
CB HSL A 27 -6.42 -5.50 3.54
CG HSL A 27 -5.02 -5.28 2.98
OD HSL A 27 -4.52 -6.56 2.66
H HSL A 27 -5.20 -6.47 5.91
HA HSL A 27 -7.23 -7.48 3.85
HB2 HSL A 27 -7.20 -5.45 2.73
HB3 HSL A 27 -6.63 -4.76 4.35
HG2 HSL A 27 -5.06 -4.73 2.00
HG3 HSL A 27 -4.31 -4.79 3.68
N PHE A 1 5.36 -1.26 17.27
CA PHE A 1 5.52 -2.01 15.99
C PHE A 1 5.95 -1.12 14.85
N LEU A 2 5.94 0.19 15.10
CA LEU A 2 6.34 1.16 14.09
C LEU A 2 5.41 1.10 12.89
N GLN A 3 4.13 0.82 13.14
CA GLN A 3 3.13 0.74 12.08
C GLN A 3 3.25 -0.58 11.33
N SER A 4 2.79 -1.65 11.95
CA SER A 4 2.85 -2.98 11.35
C SER A 4 4.29 -3.38 11.04
N ASP A 5 5.17 -3.22 12.02
CA ASP A 5 6.58 -3.56 11.86
C ASP A 5 7.30 -2.51 11.00
N VAL A 6 6.76 -2.28 9.80
CA VAL A 6 7.33 -1.29 8.86
C VAL A 6 8.41 -1.93 7.98
N PHE A 7 9.34 -2.65 8.60
CA PHE A 7 10.41 -3.31 7.86
C PHE A 7 9.85 -4.46 7.03
N PHE A 8 8.80 -5.09 7.55
CA PHE A 8 8.16 -6.20 6.87
C PHE A 8 7.48 -5.73 5.59
N LEU A 9 6.55 -4.78 5.75
CA LEU A 9 5.82 -4.20 4.62
C LEU A 9 6.78 -3.40 3.75
N PHE A 10 8.03 -3.35 4.18
CA PHE A 10 9.07 -2.61 3.50
C PHE A 10 9.54 -3.31 2.22
N LEU A 11 9.18 -4.58 2.05
CA LEU A 11 9.56 -5.31 0.84
C LEU A 11 8.94 -4.66 -0.38
N LEU A 12 7.77 -4.09 -0.18
CA LEU A 12 7.04 -3.45 -1.25
C LEU A 12 6.02 -2.48 -0.66
N PRO A 13 6.36 -1.18 -0.59
CA PRO A 13 5.46 -0.16 -0.04
C PRO A 13 4.06 -0.22 -0.64
N PRO A 14 3.04 -0.46 0.19
CA PRO A 14 1.64 -0.54 -0.25
C PRO A 14 1.02 0.83 -0.48
N ILE A 15 -0.29 0.93 -0.31
CA ILE A 15 -1.01 2.18 -0.49
C ILE A 15 -2.36 2.12 0.21
N ILE A 16 -3.05 1.01 0.01
CA ILE A 16 -4.35 0.79 0.63
C ILE A 16 -4.19 0.46 2.11
N LEU A 17 -3.15 -0.31 2.43
CA LEU A 17 -2.88 -0.68 3.81
C LEU A 17 -2.48 0.56 4.59
N ASP A 18 -1.41 1.21 4.12
CA ASP A 18 -0.91 2.43 4.74
C ASP A 18 -1.80 3.62 4.40
N ALA A 19 -2.92 3.38 3.71
CA ALA A 19 -3.84 4.43 3.34
C ALA A 19 -4.58 4.92 4.58
N GLY A 20 -5.06 3.97 5.37
CA GLY A 20 -5.77 4.29 6.60
C GLY A 20 -5.10 3.66 7.81
N TYR A 21 -4.01 2.93 7.56
CA TYR A 21 -3.23 2.27 8.60
C TYR A 21 -4.03 1.25 9.42
N PHE A 22 -5.32 1.50 9.62
CA PHE A 22 -6.17 0.58 10.39
C PHE A 22 -6.87 -0.41 9.46
N LEU A 23 -6.91 -0.11 8.17
CA LEU A 23 -7.55 -0.98 7.20
C LEU A 23 -6.92 -2.38 7.21
N PRO A 24 -5.58 -2.48 7.30
CA PRO A 24 -4.88 -3.76 7.32
C PRO A 24 -5.41 -4.72 8.38
N LEU A 25 -6.48 -5.43 8.04
CA LEU A 25 -7.09 -6.38 8.95
C LEU A 25 -6.49 -7.77 8.74
N ARG A 26 -6.74 -8.32 7.55
CA ARG A 26 -6.20 -9.63 7.20
C ARG A 26 -4.81 -9.48 6.60
N HSL A 27 -3.99 -8.56 7.24
CA HSL A 27 -2.64 -8.29 6.81
C HSL A 27 -1.61 -8.64 7.87
O HSL A 27 -1.26 -9.75 8.21
CB HSL A 27 -2.36 -6.82 6.53
CG HSL A 27 -1.71 -6.36 7.82
OD HSL A 27 -1.13 -7.50 8.40
H HSL A 27 -4.40 -8.08 8.05
HA HSL A 27 -2.35 -8.90 5.92
HB2 HSL A 27 -1.65 -6.70 5.64
HB3 HSL A 27 -3.31 -6.25 6.34
HG2 HSL A 27 -0.85 -5.66 7.62
HG3 HSL A 27 -2.42 -5.90 8.55
N PHE A 1 2.66 11.96 -10.81
CA PHE A 1 3.54 11.35 -9.79
C PHE A 1 4.89 10.93 -10.40
N LEU A 2 5.66 10.18 -9.63
CA LEU A 2 6.96 9.71 -10.09
C LEU A 2 7.50 8.59 -9.19
N GLN A 3 8.80 8.33 -9.29
CA GLN A 3 9.45 7.30 -8.49
C GLN A 3 9.26 5.92 -9.12
N SER A 4 9.76 5.78 -10.34
CA SER A 4 9.66 4.52 -11.08
C SER A 4 8.20 4.14 -11.30
N ASP A 5 7.40 5.12 -11.73
CA ASP A 5 5.98 4.92 -11.99
C ASP A 5 5.16 4.85 -10.71
N VAL A 6 5.56 3.98 -9.78
CA VAL A 6 4.85 3.81 -8.51
C VAL A 6 3.49 3.14 -8.72
N PHE A 7 2.67 3.72 -9.60
CA PHE A 7 1.35 3.19 -9.90
C PHE A 7 1.42 1.90 -10.73
N PHE A 8 2.64 1.43 -10.96
CA PHE A 8 2.85 0.22 -11.74
C PHE A 8 4.26 -0.33 -11.54
N LEU A 9 4.94 0.16 -10.50
CA LEU A 9 6.27 -0.31 -10.19
C LEU A 9 6.18 -1.75 -9.70
N PHE A 10 5.05 -2.04 -9.06
CA PHE A 10 4.77 -3.38 -8.54
C PHE A 10 5.71 -3.77 -7.41
N LEU A 11 6.51 -2.83 -6.92
CA LEU A 11 7.43 -3.12 -5.83
C LEU A 11 6.65 -3.43 -4.56
N LEU A 12 5.89 -2.45 -4.11
CA LEU A 12 5.12 -2.60 -2.89
C LEU A 12 3.99 -1.57 -2.81
N PRO A 13 3.32 -1.28 -3.95
CA PRO A 13 2.23 -0.30 -3.99
C PRO A 13 1.19 -0.54 -2.90
N PRO A 14 1.25 0.25 -1.83
CA PRO A 14 0.31 0.15 -0.71
C PRO A 14 -1.08 0.71 -1.05
N ILE A 15 -1.34 1.96 -0.67
CA ILE A 15 -2.62 2.61 -0.93
C ILE A 15 -3.67 2.22 0.12
N ILE A 16 -3.66 0.95 0.52
CA ILE A 16 -4.59 0.45 1.52
C ILE A 16 -4.05 0.64 2.93
N LEU A 17 -2.98 -0.09 3.24
CA LEU A 17 -2.34 -0.01 4.54
C LEU A 17 -1.68 1.35 4.73
N ASP A 18 -1.04 1.83 3.67
CA ASP A 18 -0.38 3.13 3.71
C ASP A 18 -1.41 4.26 3.70
N ALA A 19 -2.67 3.91 3.49
CA ALA A 19 -3.74 4.90 3.46
C ALA A 19 -4.06 5.34 4.88
N GLY A 20 -4.56 4.41 5.67
CA GLY A 20 -4.90 4.70 7.06
C GLY A 20 -4.20 3.75 8.03
N TYR A 21 -3.71 2.61 7.50
CA TYR A 21 -3.03 1.61 8.32
C TYR A 21 -4.01 0.76 9.12
N PHE A 22 -5.22 1.27 9.32
CA PHE A 22 -6.24 0.54 10.06
C PHE A 22 -7.20 -0.17 9.10
N LEU A 23 -6.73 -0.39 7.88
CA LEU A 23 -7.53 -1.05 6.86
C LEU A 23 -7.42 -2.57 6.97
N PRO A 24 -6.18 -3.11 7.10
CA PRO A 24 -5.95 -4.55 7.22
C PRO A 24 -6.55 -5.13 8.51
N LEU A 25 -7.89 -5.18 8.56
CA LEU A 25 -8.58 -5.72 9.72
C LEU A 25 -8.79 -7.22 9.57
N ARG A 26 -9.63 -7.61 8.62
CA ARG A 26 -9.91 -9.02 8.38
C ARG A 26 -8.90 -9.61 7.41
N HSL A 27 -7.61 -9.12 7.54
CA HSL A 27 -6.53 -9.59 6.69
C HSL A 27 -5.42 -10.25 7.49
O HSL A 27 -5.44 -11.35 8.00
CB HSL A 27 -5.79 -8.48 5.96
CG HSL A 27 -4.61 -8.22 6.87
OD HSL A 27 -4.37 -9.42 7.55
H HSL A 27 -7.45 -8.41 8.26
HA HSL A 27 -6.86 -10.35 5.96
HB2 HSL A 27 -5.45 -8.82 4.94
HB3 HSL A 27 -6.43 -7.56 5.87
HG2 HSL A 27 -3.67 -8.02 6.28
HG3 HSL A 27 -4.78 -7.42 7.62
N PHE A 1 1.42 11.50 -8.94
CA PHE A 1 2.12 11.27 -10.24
C PHE A 1 3.07 10.07 -10.14
N LEU A 2 4.15 10.25 -9.40
CA LEU A 2 5.14 9.20 -9.22
C LEU A 2 6.08 9.51 -8.07
N GLN A 3 6.18 8.59 -7.12
CA GLN A 3 7.05 8.78 -5.96
C GLN A 3 7.15 7.50 -5.14
N SER A 4 6.05 6.78 -5.02
CA SER A 4 6.02 5.53 -4.28
C SER A 4 6.74 4.43 -5.06
N ASP A 5 8.03 4.63 -5.28
CA ASP A 5 8.86 3.69 -6.02
C ASP A 5 8.59 3.81 -7.51
N VAL A 6 7.35 3.51 -7.90
CA VAL A 6 6.94 3.58 -9.30
C VAL A 6 7.62 2.52 -10.17
N PHE A 7 8.93 2.38 -10.02
CA PHE A 7 9.70 1.41 -10.78
C PHE A 7 9.42 -0.01 -10.32
N PHE A 8 8.63 -0.14 -9.26
CA PHE A 8 8.28 -1.46 -8.74
C PHE A 8 7.12 -1.38 -7.76
N LEU A 9 6.38 -0.27 -7.79
CA LEU A 9 5.20 -0.14 -6.93
C LEU A 9 4.14 -1.12 -7.39
N PHE A 10 4.42 -1.75 -8.52
CA PHE A 10 3.52 -2.72 -9.12
C PHE A 10 3.55 -4.05 -8.37
N LEU A 11 4.66 -4.31 -7.67
CA LEU A 11 4.81 -5.54 -6.91
C LEU A 11 3.77 -5.62 -5.79
N LEU A 12 3.69 -4.55 -5.00
CA LEU A 12 2.75 -4.49 -3.89
C LEU A 12 2.54 -3.04 -3.46
N PRO A 13 1.66 -2.31 -4.15
CA PRO A 13 1.38 -0.90 -3.84
C PRO A 13 0.79 -0.73 -2.44
N PRO A 14 1.55 -0.12 -1.52
CA PRO A 14 1.11 0.11 -0.14
C PRO A 14 0.20 1.34 -0.01
N ILE A 15 -0.69 1.53 -0.98
CA ILE A 15 -1.61 2.67 -0.95
C ILE A 15 -2.73 2.45 0.05
N ILE A 16 -3.25 1.23 0.06
CA ILE A 16 -4.35 0.85 0.94
C ILE A 16 -3.91 0.72 2.39
N LEU A 17 -2.88 -0.10 2.63
CA LEU A 17 -2.38 -0.29 3.99
C LEU A 17 -1.85 1.03 4.54
N ASP A 18 -1.00 1.67 3.76
CA ASP A 18 -0.43 2.95 4.14
C ASP A 18 -1.46 4.08 3.99
N ALA A 19 -2.68 3.74 3.58
CA ALA A 19 -3.72 4.74 3.43
C ALA A 19 -4.19 5.20 4.80
N GLY A 20 -4.89 4.30 5.49
CA GLY A 20 -5.36 4.59 6.82
C GLY A 20 -4.60 3.77 7.86
N TYR A 21 -4.03 2.65 7.40
CA TYR A 21 -3.25 1.75 8.26
C TYR A 21 -4.15 0.91 9.17
N PHE A 22 -5.36 1.39 9.42
CA PHE A 22 -6.30 0.66 10.26
C PHE A 22 -7.23 -0.16 9.38
N LEU A 23 -6.76 -0.45 8.16
CA LEU A 23 -7.53 -1.21 7.20
C LEU A 23 -7.36 -2.72 7.43
N PRO A 24 -6.10 -3.19 7.58
CA PRO A 24 -5.81 -4.60 7.82
C PRO A 24 -6.74 -5.23 8.85
N LEU A 25 -6.84 -4.58 10.01
CA LEU A 25 -7.69 -5.08 11.09
C LEU A 25 -7.21 -6.45 11.56
N ARG A 26 -5.95 -6.52 11.96
CA ARG A 26 -5.37 -7.78 12.43
C ARG A 26 -5.33 -8.80 11.30
N HSL A 27 -4.96 -8.31 10.06
CA HSL A 27 -4.88 -9.16 8.88
C HSL A 27 -3.46 -9.21 8.31
O HSL A 27 -2.43 -9.26 8.93
CB HSL A 27 -5.71 -8.67 7.71
CG HSL A 27 -4.87 -9.13 6.52
OD HSL A 27 -3.54 -9.18 6.97
H HSL A 27 -4.74 -7.31 10.01
HA HSL A 27 -5.14 -10.22 9.11
HB2 HSL A 27 -6.73 -9.16 7.70
HB3 HSL A 27 -5.81 -7.55 7.72
HG2 HSL A 27 -5.14 -10.16 6.21
HG3 HSL A 27 -4.92 -8.43 5.64
N PHE A 1 16.74 5.60 -1.96
CA PHE A 1 17.78 5.56 -3.02
C PHE A 1 17.26 6.11 -4.34
N LEU A 2 15.98 6.40 -4.39
CA LEU A 2 15.36 6.94 -5.59
C LEU A 2 15.41 5.93 -6.73
N GLN A 3 14.25 5.36 -7.07
CA GLN A 3 14.18 4.39 -8.15
C GLN A 3 12.72 4.07 -8.50
N SER A 4 12.14 4.92 -9.33
CA SER A 4 10.75 4.75 -9.76
C SER A 4 9.85 4.57 -8.55
N ASP A 5 9.62 5.68 -7.83
CA ASP A 5 8.77 5.70 -6.64
C ASP A 5 9.24 4.71 -5.56
N VAL A 6 9.43 3.45 -5.95
CA VAL A 6 9.87 2.42 -5.02
C VAL A 6 8.67 1.88 -4.23
N PHE A 7 7.92 2.78 -3.61
CA PHE A 7 6.72 2.38 -2.85
C PHE A 7 5.58 2.06 -3.81
N PHE A 8 5.90 1.37 -4.90
CA PHE A 8 4.89 1.02 -5.90
C PHE A 8 5.46 0.01 -6.90
N LEU A 9 6.55 0.39 -7.55
CA LEU A 9 7.22 -0.49 -8.50
C LEU A 9 7.81 -1.68 -7.76
N PHE A 10 7.68 -1.64 -6.44
CA PHE A 10 8.18 -2.67 -5.55
C PHE A 10 7.23 -3.88 -5.51
N LEU A 11 6.75 -4.30 -6.68
CA LEU A 11 5.85 -5.44 -6.81
C LEU A 11 4.41 -5.08 -6.47
N LEU A 12 4.20 -4.25 -5.46
CA LEU A 12 2.85 -3.88 -5.05
C LEU A 12 2.86 -2.60 -4.21
N PRO A 13 1.98 -1.64 -4.53
CA PRO A 13 1.88 -0.38 -3.81
C PRO A 13 0.92 -0.45 -2.63
N PRO A 14 1.43 -0.50 -1.39
CA PRO A 14 0.61 -0.56 -0.19
C PRO A 14 -0.15 0.75 0.06
N ILE A 15 -1.00 1.12 -0.89
CA ILE A 15 -1.78 2.35 -0.79
C ILE A 15 -2.94 2.21 0.19
N ILE A 16 -3.53 1.03 0.23
CA ILE A 16 -4.67 0.75 1.11
C ILE A 16 -4.22 0.60 2.56
N LEU A 17 -3.21 -0.23 2.79
CA LEU A 17 -2.71 -0.44 4.15
C LEU A 17 -2.11 0.86 4.67
N ASP A 18 -1.20 1.43 3.90
CA ASP A 18 -0.55 2.68 4.26
C ASP A 18 -1.50 3.87 4.07
N ALA A 19 -2.74 3.61 3.67
CA ALA A 19 -3.71 4.68 3.48
C ALA A 19 -4.13 5.25 4.83
N GLY A 20 -4.86 4.42 5.59
CA GLY A 20 -5.30 4.81 6.90
C GLY A 20 -4.58 4.02 7.98
N TYR A 21 -3.91 2.95 7.57
CA TYR A 21 -3.17 2.08 8.47
C TYR A 21 -4.10 1.13 9.24
N PHE A 22 -5.40 1.38 9.19
CA PHE A 22 -6.38 0.54 9.87
C PHE A 22 -7.00 -0.47 8.90
N LEU A 23 -6.71 -0.28 7.61
CA LEU A 23 -7.23 -1.17 6.58
C LEU A 23 -6.83 -2.63 6.82
N PRO A 24 -5.58 -2.88 7.24
CA PRO A 24 -5.09 -4.23 7.50
C PRO A 24 -5.98 -5.00 8.49
N LEU A 25 -5.38 -5.92 9.23
CA LEU A 25 -6.11 -6.72 10.22
C LEU A 25 -7.00 -7.73 9.50
N ARG A 26 -6.37 -8.72 8.87
CA ARG A 26 -7.08 -9.76 8.15
C ARG A 26 -7.79 -9.18 6.93
N HSL A 27 -6.97 -8.47 6.06
CA HSL A 27 -7.48 -7.86 4.85
C HSL A 27 -6.83 -8.42 3.59
O HSL A 27 -6.55 -9.58 3.38
CB HSL A 27 -7.20 -6.37 4.74
CG HSL A 27 -7.01 -6.19 3.24
OD HSL A 27 -6.59 -7.42 2.74
H HSL A 27 -5.99 -8.39 6.32
HA HSL A 27 -8.58 -8.03 4.72
HB2 HSL A 27 -8.07 -5.76 5.12
HB3 HSL A 27 -6.26 -6.09 5.29
HG2 HSL A 27 -8.00 -5.97 2.74
HG3 HSL A 27 -6.26 -5.41 2.97
N PHE A 1 -10.81 -13.51 -5.71
CA PHE A 1 -9.45 -13.10 -5.29
C PHE A 1 -9.48 -11.98 -4.27
N LEU A 2 -8.45 -11.92 -3.42
CA LEU A 2 -8.37 -10.90 -2.38
C LEU A 2 -8.02 -9.54 -2.97
N GLN A 3 -8.87 -9.02 -3.85
CA GLN A 3 -8.65 -7.72 -4.49
C GLN A 3 -7.65 -7.82 -5.63
N SER A 4 -8.11 -8.31 -6.77
CA SER A 4 -7.27 -8.46 -7.95
C SER A 4 -6.01 -9.23 -7.61
N ASP A 5 -6.19 -10.46 -7.12
CA ASP A 5 -5.07 -11.31 -6.73
C ASP A 5 -4.41 -10.78 -5.46
N VAL A 6 -3.93 -9.55 -5.51
CA VAL A 6 -3.28 -8.92 -4.36
C VAL A 6 -1.86 -9.46 -4.15
N PHE A 7 -1.76 -10.79 -4.10
CA PHE A 7 -0.47 -11.45 -3.91
C PHE A 7 0.42 -11.39 -5.15
N PHE A 8 0.02 -10.60 -6.14
CA PHE A 8 0.81 -10.48 -7.36
C PHE A 8 0.35 -9.32 -8.23
N LEU A 9 -0.59 -8.52 -7.75
CA LEU A 9 -1.05 -7.38 -8.51
C LEU A 9 0.07 -6.37 -8.59
N PHE A 10 0.70 -6.14 -7.44
CA PHE A 10 1.81 -5.22 -7.33
C PHE A 10 1.43 -3.82 -7.82
N LEU A 11 0.14 -3.61 -8.10
CA LEU A 11 -0.34 -2.33 -8.56
C LEU A 11 -0.29 -1.30 -7.44
N LEU A 12 -0.71 -1.71 -6.25
CA LEU A 12 -0.72 -0.82 -5.10
C LEU A 12 -0.81 -1.60 -3.79
N PRO A 13 0.05 -2.62 -3.61
CA PRO A 13 0.07 -3.46 -2.40
C PRO A 13 -0.20 -2.67 -1.12
N PRO A 14 0.52 -1.56 -0.90
CA PRO A 14 0.35 -0.75 0.31
C PRO A 14 -0.68 0.37 0.14
N ILE A 15 -1.81 0.06 -0.48
CA ILE A 15 -2.86 1.05 -0.69
C ILE A 15 -3.67 1.23 0.59
N ILE A 16 -4.09 0.10 1.15
CA ILE A 16 -4.89 0.07 2.36
C ILE A 16 -4.05 0.31 3.61
N LEU A 17 -2.88 -0.31 3.66
CA LEU A 17 -1.99 -0.14 4.80
C LEU A 17 -1.54 1.31 4.88
N ASP A 18 -0.97 1.81 3.79
CA ASP A 18 -0.54 3.19 3.73
C ASP A 18 -1.74 4.12 3.60
N ALA A 19 -2.94 3.55 3.47
CA ALA A 19 -4.15 4.35 3.36
C ALA A 19 -4.49 4.94 4.71
N GLY A 20 -4.88 4.06 5.64
CA GLY A 20 -5.23 4.48 6.98
C GLY A 20 -4.51 3.64 8.03
N TYR A 21 -3.66 2.72 7.56
CA TYR A 21 -2.90 1.83 8.45
C TYR A 21 -3.79 0.78 9.10
N PHE A 22 -4.97 1.20 9.59
CA PHE A 22 -5.89 0.27 10.23
C PHE A 22 -6.98 -0.19 9.25
N LEU A 23 -6.80 0.12 7.97
CA LEU A 23 -7.76 -0.26 6.95
C LEU A 23 -7.51 -1.68 6.41
N PRO A 24 -6.24 -2.15 6.40
CA PRO A 24 -5.90 -3.49 5.91
C PRO A 24 -6.78 -4.61 6.48
N LEU A 25 -7.56 -4.30 7.51
CA LEU A 25 -8.44 -5.28 8.13
C LEU A 25 -9.23 -6.06 7.07
N ARG A 26 -9.60 -5.36 6.01
CA ARG A 26 -10.37 -5.96 4.92
C ARG A 26 -9.44 -6.50 3.84
N HSL A 27 -8.21 -6.97 4.28
CA HSL A 27 -7.22 -7.53 3.38
C HSL A 27 -6.90 -8.98 3.70
O HSL A 27 -7.59 -9.95 3.47
CB HSL A 27 -5.86 -6.86 3.47
CG HSL A 27 -5.12 -7.77 4.43
OD HSL A 27 -5.70 -9.05 4.29
H HSL A 27 -8.03 -6.92 5.29
HA HSL A 27 -7.57 -7.52 2.32
HB2 HSL A 27 -5.35 -6.84 2.46
HB3 HSL A 27 -5.94 -5.82 3.88
HG2 HSL A 27 -4.04 -7.89 4.13
HG3 HSL A 27 -5.21 -7.46 5.50
N PHE A 1 7.11 0.09 -12.76
CA PHE A 1 6.93 0.99 -11.58
C PHE A 1 5.66 0.66 -10.83
N LEU A 2 4.51 0.88 -11.46
CA LEU A 2 3.22 0.61 -10.85
C LEU A 2 2.10 0.58 -11.88
N GLN A 3 2.45 0.38 -13.14
CA GLN A 3 1.47 0.33 -14.21
C GLN A 3 0.68 -0.97 -14.19
N SER A 4 1.19 -1.96 -13.46
CA SER A 4 0.53 -3.25 -13.37
C SER A 4 -0.70 -3.17 -12.46
N ASP A 5 -1.64 -2.30 -12.82
CA ASP A 5 -2.86 -2.12 -12.05
C ASP A 5 -2.57 -1.42 -10.73
N VAL A 6 -1.75 -2.06 -9.90
CA VAL A 6 -1.39 -1.52 -8.59
C VAL A 6 -2.45 -1.85 -7.54
N PHE A 7 -3.71 -1.62 -7.90
CA PHE A 7 -4.85 -1.89 -7.02
C PHE A 7 -5.16 -3.38 -6.94
N PHE A 8 -4.31 -4.20 -7.54
CA PHE A 8 -4.51 -5.65 -7.54
C PHE A 8 -3.24 -6.38 -7.99
N LEU A 9 -2.12 -5.66 -8.06
CA LEU A 9 -0.86 -6.27 -8.45
C LEU A 9 -0.44 -7.24 -7.36
N PHE A 10 -0.74 -6.85 -6.12
CA PHE A 10 -0.43 -7.68 -4.96
C PHE A 10 1.07 -7.82 -4.73
N LEU A 11 1.89 -7.18 -5.57
CA LEU A 11 3.33 -7.25 -5.41
C LEU A 11 3.74 -6.56 -4.13
N LEU A 12 3.52 -5.25 -4.09
CA LEU A 12 3.84 -4.45 -2.94
C LEU A 12 3.14 -3.10 -3.04
N PRO A 13 1.79 -3.11 -3.12
CA PRO A 13 1.00 -1.90 -3.24
C PRO A 13 0.42 -1.43 -1.92
N PRO A 14 1.24 -0.77 -1.12
CA PRO A 14 0.86 -0.23 0.20
C PRO A 14 -0.19 0.88 0.10
N ILE A 15 -1.23 0.68 -0.71
CA ILE A 15 -2.28 1.68 -0.87
C ILE A 15 -3.22 1.66 0.33
N ILE A 16 -3.64 0.45 0.72
CA ILE A 16 -4.53 0.26 1.86
C ILE A 16 -3.78 0.38 3.17
N LEU A 17 -2.56 -0.15 3.20
CA LEU A 17 -1.73 -0.08 4.39
C LEU A 17 -1.39 1.37 4.70
N ASP A 18 -0.77 2.02 3.72
CA ASP A 18 -0.41 3.42 3.85
C ASP A 18 -1.65 4.31 3.71
N ALA A 19 -2.81 3.71 3.45
CA ALA A 19 -4.05 4.45 3.32
C ALA A 19 -4.49 4.93 4.69
N GLY A 20 -4.99 3.99 5.48
CA GLY A 20 -5.43 4.28 6.83
C GLY A 20 -4.67 3.47 7.87
N TYR A 21 -3.86 2.53 7.39
CA TYR A 21 -3.06 1.66 8.26
C TYR A 21 -3.93 0.68 9.05
N PHE A 22 -5.01 1.19 9.63
CA PHE A 22 -5.91 0.35 10.41
C PHE A 22 -7.08 -0.13 9.55
N LEU A 23 -6.93 -0.02 8.23
CA LEU A 23 -7.97 -0.45 7.30
C LEU A 23 -7.94 -1.97 7.12
N PRO A 24 -6.73 -2.55 6.94
CA PRO A 24 -6.58 -4.00 6.75
C PRO A 24 -7.20 -4.80 7.88
N LEU A 25 -6.69 -6.03 8.08
CA LEU A 25 -7.20 -6.91 9.14
C LEU A 25 -8.46 -7.62 8.67
N ARG A 26 -8.30 -8.59 7.79
CA ARG A 26 -9.44 -9.34 7.26
C ARG A 26 -10.35 -8.45 6.43
N HSL A 27 -9.71 -7.68 5.47
CA HSL A 27 -10.42 -6.79 4.59
C HSL A 27 -10.28 -7.17 3.13
O HSL A 27 -10.28 -8.28 2.66
CB HSL A 27 -9.92 -5.35 4.63
CG HSL A 27 -10.15 -4.90 3.19
OD HSL A 27 -10.12 -6.05 2.40
H HSL A 27 -8.69 -7.79 5.41
HA HSL A 27 -11.52 -6.79 4.79
HB2 HSL A 27 -10.51 -4.73 5.35
HB3 HSL A 27 -8.83 -5.32 4.89
HG2 HSL A 27 -11.17 -4.46 3.07
HG3 HSL A 27 -9.37 -4.18 2.82
N PHE A 1 -2.64 -0.97 -16.77
CA PHE A 1 -4.01 -1.53 -16.84
C PHE A 1 -4.15 -2.77 -15.94
N LEU A 2 -3.62 -3.90 -16.41
CA LEU A 2 -3.68 -5.13 -15.65
C LEU A 2 -2.73 -6.18 -16.23
N GLN A 3 -2.17 -7.01 -15.35
CA GLN A 3 -1.24 -8.05 -15.79
C GLN A 3 -1.00 -9.09 -14.69
N SER A 4 -1.90 -9.15 -13.71
CA SER A 4 -1.79 -10.10 -12.62
C SER A 4 -3.07 -10.12 -11.79
N ASP A 5 -4.20 -9.89 -12.46
CA ASP A 5 -5.51 -9.86 -11.80
C ASP A 5 -5.68 -8.62 -10.91
N VAL A 6 -4.66 -7.76 -10.87
CA VAL A 6 -4.71 -6.54 -10.06
C VAL A 6 -4.39 -6.85 -8.60
N PHE A 7 -5.08 -7.84 -8.04
CA PHE A 7 -4.86 -8.25 -6.66
C PHE A 7 -3.58 -9.09 -6.54
N PHE A 8 -2.67 -8.90 -7.47
CA PHE A 8 -1.41 -9.62 -7.51
C PHE A 8 -0.40 -8.92 -8.42
N LEU A 9 -0.83 -7.85 -9.09
CA LEU A 9 0.08 -7.11 -9.96
C LEU A 9 1.22 -6.56 -9.12
N PHE A 10 0.94 -6.40 -7.83
CA PHE A 10 1.94 -5.92 -6.89
C PHE A 10 2.43 -4.53 -7.26
N LEU A 11 1.68 -3.83 -8.10
CA LEU A 11 2.04 -2.48 -8.52
C LEU A 11 1.94 -1.52 -7.35
N LEU A 12 0.86 -1.63 -6.58
CA LEU A 12 0.65 -0.76 -5.43
C LEU A 12 -0.37 -1.37 -4.47
N PRO A 13 -0.15 -2.62 -4.05
CA PRO A 13 -1.06 -3.32 -3.13
C PRO A 13 -1.14 -2.74 -1.72
N PRO A 14 -0.10 -2.04 -1.24
CA PRO A 14 -0.11 -1.48 0.11
C PRO A 14 -0.67 -0.06 0.18
N ILE A 15 -1.64 0.23 -0.69
CA ILE A 15 -2.28 1.54 -0.71
C ILE A 15 -3.29 1.66 0.44
N ILE A 16 -3.94 0.55 0.73
CA ILE A 16 -4.95 0.48 1.78
C ILE A 16 -4.29 0.51 3.16
N LEU A 17 -3.24 -0.29 3.34
CA LEU A 17 -2.53 -0.31 4.62
C LEU A 17 -1.89 1.03 4.85
N ASP A 18 -1.17 1.52 3.85
CA ASP A 18 -0.52 2.82 3.92
C ASP A 18 -1.56 3.93 3.77
N ALA A 19 -2.82 3.56 3.52
CA ALA A 19 -3.88 4.54 3.37
C ALA A 19 -4.26 5.11 4.73
N GLY A 20 -4.83 4.24 5.57
CA GLY A 20 -5.23 4.65 6.91
C GLY A 20 -4.51 3.86 7.98
N TYR A 21 -3.82 2.79 7.59
CA TYR A 21 -3.06 1.94 8.51
C TYR A 21 -3.98 0.95 9.24
N PHE A 22 -5.25 1.33 9.44
CA PHE A 22 -6.20 0.45 10.13
C PHE A 22 -7.07 -0.31 9.13
N LEU A 23 -6.77 -0.15 7.83
CA LEU A 23 -7.52 -0.81 6.78
C LEU A 23 -6.98 -2.23 6.48
N PRO A 24 -5.70 -2.52 6.79
CA PRO A 24 -5.11 -3.84 6.52
C PRO A 24 -6.02 -4.99 6.93
N LEU A 25 -6.87 -5.44 6.00
CA LEU A 25 -7.78 -6.55 6.26
C LEU A 25 -7.30 -7.79 5.51
N ARG A 26 -7.34 -7.71 4.19
CA ARG A 26 -6.88 -8.81 3.35
C ARG A 26 -5.40 -8.69 3.08
N HSL A 27 -4.65 -8.21 4.15
CA HSL A 27 -3.21 -8.02 4.07
C HSL A 27 -2.46 -8.91 5.05
O HSL A 27 -2.30 -10.10 4.98
CB HSL A 27 -2.75 -6.62 4.44
CG HSL A 27 -2.31 -6.79 5.87
OD HSL A 27 -1.98 -8.14 6.05
H HSL A 27 -5.16 -8.00 5.00
HA HSL A 27 -2.82 -8.30 3.07
HB2 HSL A 27 -1.90 -6.30 3.78
HB3 HSL A 27 -3.60 -5.88 4.36
HG2 HSL A 27 -1.36 -6.22 6.08
HG3 HSL A 27 -3.10 -6.52 6.63
N PHE A 1 7.48 -5.45 -17.26
CA PHE A 1 8.02 -4.08 -17.38
C PHE A 1 7.74 -3.27 -16.12
N LEU A 2 8.80 -2.70 -15.55
CA LEU A 2 8.69 -1.90 -14.34
C LEU A 2 8.09 -0.53 -14.66
N GLN A 3 6.84 -0.32 -14.23
CA GLN A 3 6.17 0.95 -14.47
C GLN A 3 4.86 1.05 -13.69
N SER A 4 3.99 0.07 -13.89
CA SER A 4 2.70 0.06 -13.20
C SER A 4 2.86 -0.33 -11.74
N ASP A 5 3.66 0.45 -11.01
CA ASP A 5 3.91 0.18 -9.59
C ASP A 5 4.82 -1.02 -9.39
N VAL A 6 4.50 -2.11 -10.08
CA VAL A 6 5.27 -3.36 -10.00
C VAL A 6 4.96 -4.11 -8.71
N PHE A 7 5.22 -3.49 -7.57
CA PHE A 7 4.95 -4.11 -6.28
C PHE A 7 3.45 -4.35 -6.11
N PHE A 8 2.67 -3.56 -6.85
CA PHE A 8 1.22 -3.65 -6.83
C PHE A 8 0.78 -4.98 -7.46
N LEU A 9 1.16 -5.14 -8.72
CA LEU A 9 0.86 -6.35 -9.47
C LEU A 9 1.69 -7.51 -8.90
N PHE A 10 2.58 -7.16 -7.98
CA PHE A 10 3.45 -8.12 -7.34
C PHE A 10 2.71 -8.88 -6.24
N LEU A 11 3.17 -8.79 -5.00
CA LEU A 11 2.51 -9.48 -3.90
C LEU A 11 1.11 -8.92 -3.66
N LEU A 12 1.02 -7.59 -3.58
CA LEU A 12 -0.26 -6.94 -3.35
C LEU A 12 -0.16 -5.44 -3.65
N PRO A 13 -1.30 -4.74 -3.69
CA PRO A 13 -1.32 -3.31 -3.98
C PRO A 13 -1.02 -2.47 -2.74
N PRO A 14 0.11 -1.74 -2.74
CA PRO A 14 0.52 -0.91 -1.62
C PRO A 14 -0.09 0.49 -1.68
N ILE A 15 -1.24 0.64 -1.04
CA ILE A 15 -1.94 1.92 -1.01
C ILE A 15 -2.94 1.97 0.12
N ILE A 16 -3.68 0.88 0.24
CA ILE A 16 -4.72 0.72 1.24
C ILE A 16 -4.13 0.49 2.64
N LEU A 17 -3.01 -0.21 2.70
CA LEU A 17 -2.36 -0.46 3.99
C LEU A 17 -1.94 0.87 4.61
N ASP A 18 -1.02 1.54 3.94
CA ASP A 18 -0.53 2.84 4.37
C ASP A 18 -1.55 3.95 4.11
N ALA A 19 -2.74 3.58 3.62
CA ALA A 19 -3.78 4.56 3.34
C ALA A 19 -4.33 5.09 4.66
N GLY A 20 -4.96 4.18 5.40
CA GLY A 20 -5.51 4.54 6.70
C GLY A 20 -4.74 3.85 7.82
N TYR A 21 -4.00 2.80 7.47
CA TYR A 21 -3.21 2.04 8.42
C TYR A 21 -4.06 1.08 9.24
N PHE A 22 -5.32 1.46 9.49
CA PHE A 22 -6.23 0.62 10.26
C PHE A 22 -7.14 -0.21 9.36
N LEU A 23 -6.79 -0.29 8.08
CA LEU A 23 -7.58 -1.05 7.12
C LEU A 23 -7.21 -2.53 7.15
N PRO A 24 -5.91 -2.86 7.16
CA PRO A 24 -5.44 -4.25 7.20
C PRO A 24 -6.02 -5.03 8.37
N LEU A 25 -7.20 -5.61 8.17
CA LEU A 25 -7.87 -6.38 9.21
C LEU A 25 -7.34 -7.81 9.25
N ARG A 26 -7.67 -8.57 8.21
CA ARG A 26 -7.23 -9.96 8.13
C ARG A 26 -5.85 -10.06 7.47
N HSL A 27 -5.13 -8.89 7.45
CA HSL A 27 -3.81 -8.80 6.87
C HSL A 27 -2.75 -8.41 7.89
O HSL A 27 -2.67 -8.77 9.04
CB HSL A 27 -3.66 -7.73 5.79
CG HSL A 27 -2.21 -7.31 5.96
OD HSL A 27 -1.89 -7.56 7.31
H HSL A 27 -5.58 -8.07 7.86
HA HSL A 27 -3.47 -9.78 6.46
HB2 HSL A 27 -3.84 -8.17 4.76
HB3 HSL A 27 -4.35 -6.88 5.97
HG2 HSL A 27 -1.53 -7.95 5.36
HG3 HSL A 27 -2.03 -6.22 5.75
N PHE A 1 -2.03 -12.29 -11.61
CA PHE A 1 -3.40 -12.49 -12.15
C PHE A 1 -4.41 -11.57 -11.47
N LEU A 2 -5.63 -11.55 -12.00
CA LEU A 2 -6.67 -10.71 -11.44
C LEU A 2 -7.20 -11.31 -10.13
N GLN A 3 -7.48 -10.42 -9.17
CA GLN A 3 -7.99 -10.86 -7.88
C GLN A 3 -8.44 -9.65 -7.05
N SER A 4 -7.49 -9.00 -6.39
CA SER A 4 -7.79 -7.83 -5.57
C SER A 4 -8.02 -6.59 -6.44
N ASP A 5 -9.03 -6.67 -7.31
CA ASP A 5 -9.37 -5.57 -8.20
C ASP A 5 -8.42 -5.50 -9.40
N VAL A 6 -7.14 -5.73 -9.16
CA VAL A 6 -6.10 -5.71 -10.20
C VAL A 6 -5.46 -4.34 -10.33
N PHE A 7 -6.28 -3.29 -10.34
CA PHE A 7 -5.78 -1.92 -10.44
C PHE A 7 -5.02 -1.55 -9.17
N PHE A 8 -5.39 -2.18 -8.07
CA PHE A 8 -4.76 -1.97 -6.78
C PHE A 8 -3.35 -2.54 -6.75
N LEU A 9 -3.27 -3.86 -6.90
CA LEU A 9 -2.00 -4.57 -6.92
C LEU A 9 -1.20 -4.16 -8.16
N PHE A 10 -1.85 -3.40 -9.02
CA PHE A 10 -1.24 -2.93 -10.25
C PHE A 10 -0.30 -1.75 -9.98
N LEU A 11 -0.88 -0.58 -9.72
CA LEU A 11 -0.08 0.61 -9.44
C LEU A 11 0.71 0.45 -8.15
N LEU A 12 -0.01 0.19 -7.06
CA LEU A 12 0.62 0.02 -5.75
C LEU A 12 -0.30 -0.78 -4.83
N PRO A 13 0.06 -2.05 -4.52
CA PRO A 13 -0.76 -2.90 -3.66
C PRO A 13 -0.95 -2.39 -2.22
N PRO A 14 0.00 -1.62 -1.66
CA PRO A 14 -0.12 -1.13 -0.29
C PRO A 14 -0.70 0.28 -0.20
N ILE A 15 -1.73 0.55 -1.00
CA ILE A 15 -2.38 1.85 -0.98
C ILE A 15 -3.33 1.99 0.20
N ILE A 16 -4.06 0.92 0.43
CA ILE A 16 -5.05 0.84 1.49
C ILE A 16 -4.44 0.69 2.87
N LEU A 17 -3.48 -0.21 3.01
CA LEU A 17 -2.83 -0.42 4.30
C LEU A 17 -2.12 0.85 4.74
N ASP A 18 -1.23 1.33 3.89
CA ASP A 18 -0.50 2.55 4.16
C ASP A 18 -1.39 3.78 3.98
N ALA A 19 -2.66 3.57 3.64
CA ALA A 19 -3.60 4.66 3.45
C ALA A 19 -3.97 5.25 4.80
N GLY A 20 -4.72 4.48 5.57
CA GLY A 20 -5.13 4.90 6.90
C GLY A 20 -4.49 4.04 7.98
N TYR A 21 -3.86 2.95 7.56
CA TYR A 21 -3.20 2.02 8.48
C TYR A 21 -4.20 1.10 9.18
N PHE A 22 -5.48 1.40 9.03
CA PHE A 22 -6.53 0.60 9.65
C PHE A 22 -7.10 -0.41 8.66
N LEU A 23 -6.55 -0.43 7.44
CA LEU A 23 -7.00 -1.34 6.40
C LEU A 23 -6.42 -2.75 6.58
N PRO A 24 -5.19 -2.88 7.12
CA PRO A 24 -4.55 -4.19 7.31
C PRO A 24 -5.47 -5.20 7.98
N LEU A 25 -6.25 -5.90 7.17
CA LEU A 25 -7.17 -6.91 7.67
C LEU A 25 -6.70 -8.29 7.24
N ARG A 26 -6.74 -8.54 5.94
CA ARG A 26 -6.29 -9.80 5.37
C ARG A 26 -4.80 -9.74 5.08
N HSL A 27 -4.06 -8.96 5.95
CA HSL A 27 -2.63 -8.79 5.83
C HSL A 27 -1.88 -9.33 7.04
O HSL A 27 -1.71 -10.49 7.33
CB HSL A 27 -2.19 -7.34 5.77
CG HSL A 27 -1.79 -7.06 7.21
OD HSL A 27 -1.43 -8.30 7.76
H HSL A 27 -4.59 -8.51 6.71
HA HSL A 27 -2.22 -9.35 4.96
HB2 HSL A 27 -1.31 -7.21 5.06
HB3 HSL A 27 -3.03 -6.67 5.45
HG2 HSL A 27 -0.85 -6.43 7.24
HG3 HSL A 27 -2.60 -6.60 7.82
N PHE A 1 -1.63 7.92 -13.10
CA PHE A 1 -1.28 8.62 -11.85
C PHE A 1 0.23 8.84 -11.74
N LEU A 2 0.65 9.59 -10.72
CA LEU A 2 2.06 9.87 -10.51
C LEU A 2 2.30 10.42 -9.12
N GLN A 3 2.60 9.53 -8.17
CA GLN A 3 2.86 9.93 -6.79
C GLN A 3 3.42 8.76 -5.98
N SER A 4 2.82 7.59 -6.16
CA SER A 4 3.25 6.39 -5.44
C SER A 4 4.54 5.84 -6.04
N ASP A 5 5.59 6.65 -6.01
CA ASP A 5 6.88 6.26 -6.56
C ASP A 5 6.87 6.30 -8.09
N VAL A 6 5.90 5.60 -8.68
CA VAL A 6 5.75 5.54 -10.13
C VAL A 6 6.55 4.37 -10.70
N PHE A 7 7.81 4.26 -10.27
CA PHE A 7 8.66 3.17 -10.72
C PHE A 7 8.12 1.87 -10.15
N PHE A 8 8.03 1.83 -8.83
CA PHE A 8 7.51 0.66 -8.14
C PHE A 8 5.99 0.57 -8.29
N LEU A 9 5.37 1.67 -8.74
CA LEU A 9 3.93 1.71 -8.97
C LEU A 9 3.58 0.74 -10.09
N PHE A 10 4.62 0.15 -10.66
CA PHE A 10 4.52 -0.79 -11.75
C PHE A 10 3.98 -2.14 -11.26
N LEU A 11 4.69 -2.75 -10.32
CA LEU A 11 4.29 -4.05 -9.78
C LEU A 11 2.94 -3.95 -9.09
N LEU A 12 2.94 -3.29 -7.93
CA LEU A 12 1.72 -3.15 -7.16
C LEU A 12 1.87 -2.01 -6.14
N PRO A 13 1.03 -0.96 -6.25
CA PRO A 13 1.08 0.18 -5.32
C PRO A 13 0.88 -0.27 -3.87
N PRO A 14 1.87 -0.03 -3.00
CA PRO A 14 1.80 -0.42 -1.59
C PRO A 14 1.01 0.56 -0.72
N ILE A 15 -0.01 1.21 -1.31
CA ILE A 15 -0.83 2.15 -0.58
C ILE A 15 -1.79 1.42 0.37
N ILE A 16 -3.06 1.26 -0.03
CA ILE A 16 -4.09 0.57 0.74
C ILE A 16 -3.82 0.60 2.24
N LEU A 17 -2.75 -0.07 2.62
CA LEU A 17 -2.36 -0.14 4.03
C LEU A 17 -1.88 1.21 4.55
N ASP A 18 -1.00 1.84 3.79
CA ASP A 18 -0.46 3.14 4.16
C ASP A 18 -1.52 4.23 4.04
N ALA A 19 -2.69 3.87 3.49
CA ALA A 19 -3.77 4.83 3.34
C ALA A 19 -4.45 5.08 4.68
N GLY A 20 -4.96 4.02 5.28
CA GLY A 20 -5.61 4.14 6.58
C GLY A 20 -4.80 3.48 7.67
N TYR A 21 -4.06 2.42 7.30
CA TYR A 21 -3.23 1.69 8.24
C TYR A 21 -4.06 0.78 9.15
N PHE A 22 -5.24 1.26 9.54
CA PHE A 22 -6.13 0.48 10.40
C PHE A 22 -7.08 -0.35 9.55
N LEU A 23 -6.92 -0.27 8.23
CA LEU A 23 -7.76 -1.02 7.30
C LEU A 23 -7.67 -2.51 7.59
N PRO A 24 -6.45 -3.06 7.63
CA PRO A 24 -6.23 -4.49 7.92
C PRO A 24 -6.89 -4.91 9.23
N LEU A 25 -6.63 -6.15 9.65
CA LEU A 25 -7.20 -6.68 10.90
C LEU A 25 -8.66 -7.07 10.69
N ARG A 26 -8.87 -8.16 9.96
CA ARG A 26 -10.21 -8.65 9.69
C ARG A 26 -10.97 -7.66 8.80
N HSL A 27 -10.38 -7.36 7.59
CA HSL A 27 -10.97 -6.44 6.64
C HSL A 27 -11.28 -7.12 5.31
O HSL A 27 -11.75 -8.21 5.15
CB HSL A 27 -10.04 -5.30 6.23
CG HSL A 27 -10.44 -5.06 4.78
OD HSL A 27 -10.96 -6.28 4.31
H HSL A 27 -9.48 -7.82 7.40
HA HSL A 27 -11.94 -6.03 7.01
HB2 HSL A 27 -10.24 -4.38 6.86
HB3 HSL A 27 -8.97 -5.59 6.32
HG2 HSL A 27 -11.28 -4.33 4.70
HG3 HSL A 27 -9.58 -4.77 4.13
N PHE A 1 -2.58 -6.30 -2.98
CA PHE A 1 -2.47 -7.71 -3.46
C PHE A 1 -3.09 -7.87 -4.84
N LEU A 2 -4.42 -7.92 -4.88
CA LEU A 2 -5.14 -8.08 -6.13
C LEU A 2 -6.62 -7.75 -5.94
N GLN A 3 -6.91 -6.48 -5.66
CA GLN A 3 -8.29 -6.04 -5.45
C GLN A 3 -8.42 -4.53 -5.31
N SER A 4 -7.33 -3.83 -4.99
CA SER A 4 -7.38 -2.38 -4.82
C SER A 4 -7.61 -1.67 -6.14
N ASP A 5 -7.00 -2.18 -7.18
CA ASP A 5 -7.13 -1.63 -8.50
C ASP A 5 -6.54 -2.59 -9.51
N VAL A 6 -5.46 -3.24 -9.11
CA VAL A 6 -4.76 -4.21 -9.95
C VAL A 6 -4.09 -3.54 -11.16
N PHE A 7 -4.86 -2.71 -11.87
CA PHE A 7 -4.35 -1.99 -13.04
C PHE A 7 -3.40 -0.86 -12.60
N PHE A 8 -3.20 -0.73 -11.29
CA PHE A 8 -2.33 0.29 -10.75
C PHE A 8 -1.87 -0.06 -9.34
N LEU A 9 -2.11 -1.31 -8.92
CA LEU A 9 -1.65 -1.77 -7.62
C LEU A 9 -0.13 -1.84 -7.64
N PHE A 10 0.44 -1.63 -8.82
CA PHE A 10 1.87 -1.67 -9.02
C PHE A 10 2.54 -0.40 -8.48
N LEU A 11 1.83 0.72 -8.56
CA LEU A 11 2.36 1.99 -8.08
C LEU A 11 2.61 1.95 -6.57
N LEU A 12 1.73 1.26 -5.86
CA LEU A 12 1.86 1.16 -4.42
C LEU A 12 1.03 -0.02 -3.89
N PRO A 13 1.55 -1.26 -4.03
CA PRO A 13 0.86 -2.46 -3.58
C PRO A 13 0.13 -2.26 -2.26
N PRO A 14 0.80 -1.68 -1.25
CA PRO A 14 0.21 -1.44 0.06
C PRO A 14 -0.48 -0.09 0.15
N ILE A 15 -1.51 0.10 -0.66
CA ILE A 15 -2.25 1.35 -0.67
C ILE A 15 -3.14 1.46 0.56
N ILE A 16 -3.77 0.34 0.89
CA ILE A 16 -4.66 0.26 2.05
C ILE A 16 -3.88 0.37 3.35
N LEU A 17 -2.68 -0.21 3.36
CA LEU A 17 -1.83 -0.14 4.54
C LEU A 17 -1.42 1.30 4.77
N ASP A 18 -0.86 1.90 3.72
CA ASP A 18 -0.46 3.29 3.76
C ASP A 18 -1.67 4.21 3.65
N ALA A 19 -2.85 3.62 3.43
CA ALA A 19 -4.08 4.40 3.31
C ALA A 19 -4.52 4.87 4.68
N GLY A 20 -5.04 3.94 5.47
CA GLY A 20 -5.49 4.25 6.81
C GLY A 20 -4.67 3.49 7.85
N TYR A 21 -3.93 2.48 7.41
CA TYR A 21 -3.11 1.66 8.29
C TYR A 21 -3.94 0.70 9.14
N PHE A 22 -5.01 1.21 9.74
CA PHE A 22 -5.88 0.38 10.56
C PHE A 22 -7.07 -0.16 9.75
N LEU A 23 -6.95 -0.11 8.43
CA LEU A 23 -8.01 -0.59 7.55
C LEU A 23 -7.79 -2.05 7.14
N PRO A 24 -6.57 -2.42 6.74
CA PRO A 24 -6.24 -3.79 6.32
C PRO A 24 -6.36 -4.81 7.46
N LEU A 25 -6.62 -4.34 8.67
CA LEU A 25 -6.76 -5.22 9.82
C LEU A 25 -7.84 -6.27 9.59
N ARG A 26 -8.72 -6.02 8.64
CA ARG A 26 -9.80 -6.94 8.33
C ARG A 26 -10.10 -6.90 6.83
N HSL A 27 -8.99 -7.01 6.02
CA HSL A 27 -9.08 -6.98 4.58
C HSL A 27 -8.57 -8.27 3.95
O HSL A 27 -8.74 -9.40 4.34
CB HSL A 27 -8.21 -5.91 3.93
CG HSL A 27 -7.81 -6.58 2.62
OD HSL A 27 -7.86 -7.97 2.85
H HSL A 27 -8.09 -7.10 6.49
HA HSL A 27 -10.13 -6.88 4.23
HB2 HSL A 27 -8.81 -4.98 3.75
HB3 HSL A 27 -7.32 -5.70 4.55
HG2 HSL A 27 -8.58 -6.39 1.82
HG3 HSL A 27 -6.79 -6.31 2.26
N PHE A 1 4.73 -6.55 -5.65
CA PHE A 1 4.50 -7.68 -4.70
C PHE A 1 4.37 -9.01 -5.42
N LEU A 2 4.33 -8.96 -6.74
CA LEU A 2 4.22 -10.16 -7.56
C LEU A 2 2.87 -10.84 -7.35
N GLN A 3 1.78 -10.08 -7.56
CA GLN A 3 0.44 -10.63 -7.40
C GLN A 3 -0.62 -9.66 -7.91
N SER A 4 -0.65 -8.46 -7.34
CA SER A 4 -1.61 -7.45 -7.75
C SER A 4 -1.22 -6.83 -9.10
N ASP A 5 -1.13 -7.67 -10.12
CA ASP A 5 -0.77 -7.22 -11.46
C ASP A 5 0.73 -6.92 -11.57
N VAL A 6 1.25 -6.16 -10.61
CA VAL A 6 2.66 -5.78 -10.59
C VAL A 6 2.90 -4.58 -11.49
N PHE A 7 2.68 -4.77 -12.78
CA PHE A 7 2.84 -3.70 -13.76
C PHE A 7 1.65 -2.74 -13.69
N PHE A 8 1.28 -2.36 -12.46
CA PHE A 8 0.15 -1.47 -12.26
C PHE A 8 0.07 -1.04 -10.79
N LEU A 9 0.07 -2.03 -9.91
CA LEU A 9 0.04 -1.79 -8.46
C LEU A 9 1.36 -1.17 -8.02
N PHE A 10 2.23 -0.99 -8.99
CA PHE A 10 3.57 -0.44 -8.77
C PHE A 10 3.55 1.05 -8.44
N LEU A 11 2.44 1.74 -8.77
CA LEU A 11 2.34 3.17 -8.48
C LEU A 11 2.30 3.40 -6.98
N LEU A 12 1.63 2.50 -6.27
CA LEU A 12 1.50 2.61 -4.83
C LEU A 12 1.09 1.26 -4.22
N PRO A 13 1.99 0.26 -4.27
CA PRO A 13 1.73 -1.07 -3.74
C PRO A 13 0.95 -1.05 -2.43
N PRO A 14 1.40 -0.25 -1.45
CA PRO A 14 0.75 -0.14 -0.15
C PRO A 14 -0.31 0.96 -0.12
N ILE A 15 -1.38 0.78 -0.88
CA ILE A 15 -2.45 1.76 -0.93
C ILE A 15 -3.35 1.64 0.30
N ILE A 16 -3.56 0.39 0.72
CA ILE A 16 -4.41 0.08 1.88
C ILE A 16 -3.67 0.33 3.20
N LEU A 17 -2.44 -0.19 3.28
CA LEU A 17 -1.64 -0.02 4.49
C LEU A 17 -1.35 1.45 4.72
N ASP A 18 -0.80 2.10 3.71
CA ASP A 18 -0.49 3.52 3.79
C ASP A 18 -1.76 4.35 3.65
N ALA A 19 -2.91 3.68 3.45
CA ALA A 19 -4.17 4.39 3.33
C ALA A 19 -4.59 4.90 4.70
N GLY A 20 -4.91 3.95 5.57
CA GLY A 20 -5.29 4.27 6.93
C GLY A 20 -4.53 3.43 7.94
N TYR A 21 -3.72 2.49 7.45
CA TYR A 21 -2.93 1.60 8.31
C TYR A 21 -3.83 0.60 9.04
N PHE A 22 -4.91 1.09 9.63
CA PHE A 22 -5.85 0.23 10.35
C PHE A 22 -6.98 -0.23 9.43
N LEU A 23 -6.97 0.25 8.19
CA LEU A 23 -7.98 -0.11 7.20
C LEU A 23 -8.03 -1.62 6.99
N PRO A 24 -6.85 -2.27 6.89
CA PRO A 24 -6.76 -3.74 6.69
C PRO A 24 -7.60 -4.53 7.68
N LEU A 25 -7.29 -5.81 7.82
CA LEU A 25 -8.02 -6.71 8.72
C LEU A 25 -9.31 -7.20 8.07
N ARG A 26 -9.59 -6.71 6.86
CA ARG A 26 -10.77 -7.08 6.11
C ARG A 26 -10.47 -6.92 4.63
N HSL A 27 -9.17 -7.22 4.28
CA HSL A 27 -8.68 -7.12 2.93
C HSL A 27 -8.20 -8.45 2.38
O HSL A 27 -8.89 -9.41 2.06
CB HSL A 27 -7.46 -6.23 2.80
CG HSL A 27 -6.32 -7.23 2.72
OD HSL A 27 -6.87 -8.45 2.29
H HSL A 27 -8.55 -7.51 5.04
HA HSL A 27 -9.47 -6.78 2.22
HB2 HSL A 27 -7.51 -5.60 1.86
HB3 HSL A 27 -7.35 -5.57 3.70
HG2 HSL A 27 -5.57 -6.93 1.94
HG3 HSL A 27 -5.81 -7.39 3.71
N PHE A 1 9.23 8.82 2.28
CA PHE A 1 8.50 7.56 1.96
C PHE A 1 9.42 6.54 1.32
N LEU A 2 9.45 5.34 1.87
CA LEU A 2 10.29 4.26 1.35
C LEU A 2 11.75 4.66 1.33
N GLN A 3 12.18 5.35 2.38
CA GLN A 3 13.57 5.79 2.50
C GLN A 3 14.49 4.61 2.84
N SER A 4 13.90 3.42 3.00
CA SER A 4 14.67 2.23 3.33
C SER A 4 15.46 1.73 2.13
N ASP A 5 14.77 1.59 1.03
CA ASP A 5 15.36 1.13 -0.20
C ASP A 5 14.43 1.43 -1.35
N VAL A 6 13.14 1.27 -1.09
CA VAL A 6 12.08 1.52 -2.08
C VAL A 6 11.89 0.34 -3.04
N PHE A 7 12.97 -0.31 -3.44
CA PHE A 7 12.88 -1.46 -4.35
C PHE A 7 12.24 -2.65 -3.65
N PHE A 8 12.41 -2.70 -2.33
CA PHE A 8 11.85 -3.77 -1.52
C PHE A 8 10.34 -3.67 -1.49
N LEU A 9 9.84 -2.54 -1.01
CA LEU A 9 8.40 -2.28 -0.94
C LEU A 9 7.83 -2.15 -2.34
N PHE A 10 8.71 -2.23 -3.32
CA PHE A 10 8.36 -2.12 -4.72
C PHE A 10 7.64 -3.38 -5.21
N LEU A 11 7.83 -4.48 -4.49
CA LEU A 11 7.18 -5.74 -4.85
C LEU A 11 5.67 -5.60 -4.75
N LEU A 12 5.25 -4.82 -3.77
CA LEU A 12 3.84 -4.59 -3.52
C LEU A 12 3.65 -3.31 -2.71
N PRO A 13 3.29 -2.20 -3.37
CA PRO A 13 3.10 -0.90 -2.70
C PRO A 13 1.92 -0.91 -1.73
N PRO A 14 2.20 -0.78 -0.42
CA PRO A 14 1.16 -0.76 0.61
C PRO A 14 0.49 0.59 0.75
N ILE A 15 0.01 1.14 -0.38
CA ILE A 15 -0.65 2.44 -0.39
C ILE A 15 -2.04 2.35 0.21
N ILE A 16 -2.73 1.26 -0.08
CA ILE A 16 -4.09 1.04 0.41
C ILE A 16 -4.10 0.72 1.90
N LEU A 17 -3.26 -0.22 2.32
CA LEU A 17 -3.18 -0.59 3.72
C LEU A 17 -2.66 0.58 4.54
N ASP A 18 -1.55 1.15 4.09
CA ASP A 18 -0.95 2.30 4.74
C ASP A 18 -1.74 3.58 4.44
N ALA A 19 -2.83 3.45 3.68
CA ALA A 19 -3.64 4.60 3.34
C ALA A 19 -4.42 5.06 4.57
N GLY A 20 -4.95 4.09 5.30
CA GLY A 20 -5.70 4.38 6.50
C GLY A 20 -5.06 3.74 7.72
N TYR A 21 -3.96 3.00 7.50
CA TYR A 21 -3.21 2.31 8.55
C TYR A 21 -4.04 1.31 9.37
N PHE A 22 -5.31 1.63 9.63
CA PHE A 22 -6.17 0.74 10.40
C PHE A 22 -6.99 -0.16 9.47
N LEU A 23 -6.51 -0.35 8.25
CA LEU A 23 -7.20 -1.19 7.28
C LEU A 23 -6.82 -2.65 7.45
N PRO A 24 -5.50 -2.96 7.50
CA PRO A 24 -5.01 -4.33 7.66
C PRO A 24 -5.51 -4.97 8.94
N LEU A 25 -5.10 -4.41 10.08
CA LEU A 25 -5.51 -4.93 11.39
C LEU A 25 -5.01 -6.36 11.57
N ARG A 26 -3.70 -6.55 11.42
CA ARG A 26 -3.10 -7.87 11.58
C ARG A 26 -3.66 -8.84 10.54
N HSL A 27 -3.67 -8.38 9.25
CA HSL A 27 -4.18 -9.18 8.15
C HSL A 27 -3.10 -9.47 7.10
O HSL A 27 -1.93 -9.74 7.31
CB HSL A 27 -5.26 -8.51 7.33
CG HSL A 27 -5.01 -9.07 5.94
OD HSL A 27 -3.64 -9.39 5.88
H HSL A 27 -3.30 -7.43 9.08
HA HSL A 27 -4.52 -10.18 8.48
HB2 HSL A 27 -6.29 -8.79 7.70
HB3 HSL A 27 -5.14 -7.39 7.34
HG2 HSL A 27 -5.55 -10.03 5.79
HG3 HSL A 27 -5.25 -8.35 5.11
N PHE A 1 8.06 -6.66 -6.80
CA PHE A 1 8.86 -5.93 -7.82
C PHE A 1 7.97 -5.29 -8.87
N LEU A 2 8.52 -4.35 -9.62
CA LEU A 2 7.78 -3.66 -10.66
C LEU A 2 7.56 -4.57 -11.87
N GLN A 3 6.49 -5.35 -11.84
CA GLN A 3 6.18 -6.26 -12.93
C GLN A 3 5.74 -5.50 -14.18
N SER A 4 4.46 -5.13 -14.22
CA SER A 4 3.92 -4.38 -15.34
C SER A 4 2.60 -3.75 -14.97
N ASP A 5 2.47 -3.42 -13.69
CA ASP A 5 1.26 -2.79 -13.19
C ASP A 5 1.53 -2.12 -11.85
N VAL A 6 2.06 -2.89 -10.91
CA VAL A 6 2.39 -2.38 -9.58
C VAL A 6 1.13 -2.00 -8.80
N PHE A 7 0.31 -1.13 -9.38
CA PHE A 7 -0.94 -0.69 -8.77
C PHE A 7 -2.00 -1.78 -8.82
N PHE A 8 -1.59 -2.99 -9.20
CA PHE A 8 -2.50 -4.12 -9.29
C PHE A 8 -1.73 -5.43 -9.29
N LEU A 9 -0.43 -5.37 -8.96
CA LEU A 9 0.40 -6.55 -8.89
C LEU A 9 -0.07 -7.39 -7.72
N PHE A 10 -0.61 -6.69 -6.72
CA PHE A 10 -1.12 -7.33 -5.51
C PHE A 10 0.00 -7.96 -4.68
N LEU A 11 1.25 -7.64 -5.01
CA LEU A 11 2.38 -8.17 -4.28
C LEU A 11 2.39 -7.63 -2.86
N LEU A 12 2.38 -6.31 -2.74
CA LEU A 12 2.39 -5.64 -1.45
C LEU A 12 1.91 -4.20 -1.59
N PRO A 13 0.71 -4.01 -2.19
CA PRO A 13 0.14 -2.68 -2.40
C PRO A 13 0.09 -1.85 -1.12
N PRO A 14 0.95 -0.84 -1.02
CA PRO A 14 1.03 0.05 0.15
C PRO A 14 -0.05 1.14 0.13
N ILE A 15 -0.96 1.06 -0.83
CA ILE A 15 -2.02 2.06 -0.95
C ILE A 15 -3.10 1.87 0.10
N ILE A 16 -3.41 0.61 0.40
CA ILE A 16 -4.44 0.28 1.39
C ILE A 16 -3.91 0.36 2.82
N LEU A 17 -2.78 -0.30 3.07
CA LEU A 17 -2.19 -0.31 4.40
C LEU A 17 -1.80 1.12 4.78
N ASP A 18 -1.03 1.76 3.91
CA ASP A 18 -0.60 3.13 4.13
C ASP A 18 -1.75 4.11 3.91
N ALA A 19 -2.93 3.58 3.54
CA ALA A 19 -4.10 4.41 3.31
C ALA A 19 -4.64 4.92 4.64
N GLY A 20 -4.96 3.98 5.51
CA GLY A 20 -5.47 4.32 6.83
C GLY A 20 -4.72 3.60 7.94
N TYR A 21 -3.79 2.72 7.56
CA TYR A 21 -2.99 1.96 8.52
C TYR A 21 -3.84 0.92 9.23
N PHE A 22 -4.93 1.36 9.86
CA PHE A 22 -5.82 0.43 10.57
C PHE A 22 -6.94 -0.04 9.65
N LEU A 23 -6.68 -0.01 8.34
CA LEU A 23 -7.67 -0.44 7.36
C LEU A 23 -7.55 -1.94 7.09
N PRO A 24 -6.34 -2.43 6.78
CA PRO A 24 -6.11 -3.86 6.51
C PRO A 24 -6.82 -4.77 7.51
N LEU A 25 -6.20 -5.02 8.66
CA LEU A 25 -6.79 -5.88 9.68
C LEU A 25 -7.15 -7.24 9.09
N ARG A 26 -6.14 -7.89 8.50
CA ARG A 26 -6.34 -9.20 7.89
C ARG A 26 -7.29 -9.10 6.71
N HSL A 27 -6.97 -8.15 5.75
CA HSL A 27 -7.77 -7.93 4.58
C HSL A 27 -6.99 -8.21 3.29
O HSL A 27 -6.69 -9.30 2.84
CB HSL A 27 -8.21 -6.48 4.40
CG HSL A 27 -7.17 -5.94 3.43
OD HSL A 27 -6.69 -7.05 2.70
H HSL A 27 -6.11 -7.61 5.94
HA HSL A 27 -8.65 -8.60 4.54
HB2 HSL A 27 -9.24 -6.43 3.95
HB3 HSL A 27 -8.18 -5.93 5.37
HG2 HSL A 27 -7.63 -5.26 2.67
HG3 HSL A 27 -6.31 -5.45 3.93
N PHE A 1 17.17 -3.33 -9.24
CA PHE A 1 16.48 -2.11 -9.74
C PHE A 1 15.75 -1.38 -8.62
N LEU A 2 15.52 -0.09 -8.82
CA LEU A 2 14.83 0.72 -7.82
C LEU A 2 13.34 0.40 -7.79
N GLN A 3 12.77 0.42 -6.59
CA GLN A 3 11.35 0.13 -6.42
C GLN A 3 10.90 0.44 -5.00
N SER A 4 10.80 1.74 -4.69
CA SER A 4 10.38 2.23 -3.37
C SER A 4 11.33 1.77 -2.28
N ASP A 5 11.44 0.48 -2.14
CA ASP A 5 12.29 -0.14 -1.15
C ASP A 5 12.64 -1.58 -1.57
N VAL A 6 11.72 -2.21 -2.28
CA VAL A 6 11.92 -3.59 -2.76
C VAL A 6 11.63 -4.59 -1.64
N PHE A 7 12.25 -4.39 -0.48
CA PHE A 7 12.06 -5.27 0.67
C PHE A 7 10.72 -5.00 1.37
N PHE A 8 9.78 -4.38 0.66
CA PHE A 8 8.47 -4.07 1.22
C PHE A 8 7.46 -3.72 0.14
N LEU A 9 7.91 -3.64 -1.12
CA LEU A 9 7.01 -3.34 -2.22
C LEU A 9 5.99 -4.46 -2.36
N PHE A 10 6.48 -5.68 -2.20
CA PHE A 10 5.64 -6.87 -2.26
C PHE A 10 4.87 -6.93 -3.58
N LEU A 11 5.53 -6.56 -4.68
CA LEU A 11 4.91 -6.57 -6.01
C LEU A 11 4.14 -5.29 -6.27
N LEU A 12 3.65 -4.67 -5.22
CA LEU A 12 2.87 -3.45 -5.34
C LEU A 12 2.84 -2.69 -4.01
N PRO A 13 3.12 -1.38 -4.04
CA PRO A 13 3.14 -0.56 -2.82
C PRO A 13 1.79 -0.55 -2.10
N PRO A 14 1.74 -1.05 -0.85
CA PRO A 14 0.51 -1.09 -0.07
C PRO A 14 -0.04 0.30 0.20
N ILE A 15 -0.74 0.84 -0.79
CA ILE A 15 -1.32 2.17 -0.67
C ILE A 15 -2.55 2.14 0.24
N ILE A 16 -3.28 1.03 0.16
CA ILE A 16 -4.49 0.84 0.97
C ILE A 16 -4.14 0.62 2.43
N LEU A 17 -3.11 -0.18 2.69
CA LEU A 17 -2.68 -0.44 4.05
C LEU A 17 -2.13 0.85 4.65
N ASP A 18 -1.19 1.45 3.94
CA ASP A 18 -0.59 2.71 4.36
C ASP A 18 -1.54 3.88 4.13
N ALA A 19 -2.73 3.59 3.58
CA ALA A 19 -3.71 4.63 3.33
C ALA A 19 -4.31 5.11 4.64
N GLY A 20 -4.96 4.19 5.35
CA GLY A 20 -5.56 4.51 6.62
C GLY A 20 -4.81 3.86 7.77
N TYR A 21 -4.02 2.84 7.44
CA TYR A 21 -3.22 2.12 8.43
C TYR A 21 -4.06 1.11 9.23
N PHE A 22 -5.34 1.41 9.40
CA PHE A 22 -6.23 0.52 10.14
C PHE A 22 -6.98 -0.42 9.18
N LEU A 23 -6.72 -0.26 7.88
CA LEU A 23 -7.36 -1.09 6.87
C LEU A 23 -7.06 -2.57 7.10
N PRO A 24 -5.78 -2.92 7.33
CA PRO A 24 -5.36 -4.31 7.56
C PRO A 24 -5.95 -4.89 8.83
N LEU A 25 -7.26 -5.09 8.84
CA LEU A 25 -7.95 -5.65 10.00
C LEU A 25 -8.35 -7.10 9.74
N ARG A 26 -9.01 -7.34 8.62
CA ARG A 26 -9.44 -8.69 8.25
C ARG A 26 -8.34 -9.42 7.50
N HSL A 27 -7.11 -8.79 7.47
CA HSL A 27 -5.96 -9.35 6.79
C HSL A 27 -4.82 -9.65 7.74
O HSL A 27 -4.89 -10.10 8.86
CB HSL A 27 -5.34 -8.43 5.76
CG HSL A 27 -3.87 -8.82 5.84
OD HSL A 27 -3.66 -9.32 7.14
H HSL A 27 -7.05 -7.89 7.95
HA HSL A 27 -6.21 -10.34 6.31
HB2 HSL A 27 -5.75 -8.62 4.73
HB3 HSL A 27 -5.48 -7.36 6.04
HG2 HSL A 27 -3.64 -9.67 5.15
HG3 HSL A 27 -3.17 -7.97 5.66
N PHE A 1 11.54 8.27 -15.48
CA PHE A 1 10.44 8.63 -14.53
C PHE A 1 10.03 7.42 -13.69
N LEU A 2 9.48 7.70 -12.52
CA LEU A 2 9.03 6.63 -11.62
C LEU A 2 7.77 5.98 -12.15
N GLN A 3 7.23 5.01 -11.41
CA GLN A 3 6.03 4.31 -11.82
C GLN A 3 5.45 3.47 -10.67
N SER A 4 5.72 3.90 -9.45
CA SER A 4 5.23 3.20 -8.27
C SER A 4 5.46 4.06 -7.02
N ASP A 5 5.31 5.36 -7.20
CA ASP A 5 5.48 6.33 -6.10
C ASP A 5 6.95 6.69 -5.89
N VAL A 6 7.85 5.75 -6.18
CA VAL A 6 9.29 5.98 -5.99
C VAL A 6 9.68 5.78 -4.53
N PHE A 7 8.89 6.35 -3.62
CA PHE A 7 9.12 6.20 -2.20
C PHE A 7 8.70 4.81 -1.75
N PHE A 8 8.49 3.93 -2.73
CA PHE A 8 8.08 2.56 -2.47
C PHE A 8 8.36 1.68 -3.69
N LEU A 9 9.06 2.23 -4.68
CA LEU A 9 9.46 1.48 -5.86
C LEU A 9 10.49 0.45 -5.45
N PHE A 10 10.87 0.53 -4.18
CA PHE A 10 11.86 -0.36 -3.60
C PHE A 10 11.34 -1.78 -3.46
N LEU A 11 10.05 -1.98 -3.67
CA LEU A 11 9.45 -3.31 -3.56
C LEU A 11 7.97 -3.28 -3.94
N LEU A 12 7.18 -2.59 -3.13
CA LEU A 12 5.74 -2.48 -3.37
C LEU A 12 5.17 -1.30 -2.59
N PRO A 13 4.47 -0.37 -3.27
CA PRO A 13 3.88 0.79 -2.62
C PRO A 13 2.62 0.44 -1.83
N PRO A 14 2.68 0.51 -0.49
CA PRO A 14 1.53 0.21 0.38
C PRO A 14 0.50 1.33 0.39
N ILE A 15 -0.30 1.40 -0.67
CA ILE A 15 -1.33 2.43 -0.78
C ILE A 15 -2.51 2.12 0.12
N ILE A 16 -2.94 0.86 0.08
CA ILE A 16 -4.06 0.40 0.89
C ILE A 16 -3.69 0.26 2.36
N LEU A 17 -2.49 -0.27 2.61
CA LEU A 17 -2.02 -0.43 3.98
C LEU A 17 -1.83 0.94 4.63
N ASP A 18 -1.00 1.76 4.00
CA ASP A 18 -0.75 3.10 4.49
C ASP A 18 -1.93 4.03 4.18
N ALA A 19 -3.01 3.48 3.63
CA ALA A 19 -4.19 4.26 3.31
C ALA A 19 -4.92 4.65 4.59
N GLY A 20 -5.28 3.62 5.36
CA GLY A 20 -5.96 3.85 6.62
C GLY A 20 -5.18 3.25 7.79
N TYR A 21 -4.03 2.64 7.47
CA TYR A 21 -3.15 2.01 8.46
C TYR A 21 -3.87 0.97 9.30
N PHE A 22 -4.89 1.40 10.02
CA PHE A 22 -5.66 0.50 10.86
C PHE A 22 -6.91 -0.01 10.14
N LEU A 23 -6.87 0.01 8.82
CA LEU A 23 -8.00 -0.45 8.01
C LEU A 23 -7.85 -1.94 7.68
N PRO A 24 -6.67 -2.38 7.19
CA PRO A 24 -6.44 -3.78 6.85
C PRO A 24 -6.58 -4.70 8.06
N LEU A 25 -6.29 -4.16 9.24
CA LEU A 25 -6.40 -4.92 10.47
C LEU A 25 -7.85 -5.31 10.75
N ARG A 26 -8.71 -4.31 10.84
CA ARG A 26 -10.13 -4.54 11.11
C ARG A 26 -10.90 -4.79 9.81
N HSL A 27 -10.27 -5.64 8.92
CA HSL A 27 -10.87 -5.98 7.64
C HSL A 27 -11.15 -7.47 7.51
O HSL A 27 -12.03 -8.09 8.05
CB HSL A 27 -9.97 -5.70 6.44
CG HSL A 27 -9.34 -7.06 6.21
OD HSL A 27 -10.25 -8.01 6.68
H HSL A 27 -9.37 -6.02 9.19
HA HSL A 27 -11.86 -5.47 7.49
HB2 HSL A 27 -10.58 -5.38 5.55
HB3 HSL A 27 -9.20 -4.93 6.69
HG2 HSL A 27 -9.23 -7.27 5.11
HG3 HSL A 27 -8.36 -7.19 6.72
N PHE A 1 12.43 11.66 -4.78
CA PHE A 1 13.07 11.87 -3.45
C PHE A 1 14.23 10.91 -3.24
N LEU A 2 14.72 10.84 -2.00
CA LEU A 2 15.82 9.97 -1.67
C LEU A 2 15.95 9.80 -0.15
N GLN A 3 15.93 8.56 0.29
CA GLN A 3 16.02 8.25 1.72
C GLN A 3 16.14 6.74 1.95
N SER A 4 17.34 6.22 1.79
CA SER A 4 17.60 4.80 1.99
C SER A 4 16.82 3.95 0.98
N ASP A 5 17.21 4.05 -0.29
CA ASP A 5 16.57 3.29 -1.36
C ASP A 5 15.22 3.89 -1.74
N VAL A 6 14.30 3.93 -0.79
CA VAL A 6 12.96 4.47 -1.02
C VAL A 6 12.09 3.47 -1.80
N PHE A 7 12.66 2.90 -2.86
CA PHE A 7 11.95 1.92 -3.68
C PHE A 7 11.79 0.59 -2.94
N PHE A 8 12.33 0.53 -1.72
CA PHE A 8 12.25 -0.69 -0.92
C PHE A 8 12.54 -0.38 0.56
N LEU A 9 12.53 0.91 0.91
CA LEU A 9 12.75 1.30 2.30
C LEU A 9 11.58 0.81 3.14
N PHE A 10 10.48 0.49 2.47
CA PHE A 10 9.28 0.00 3.13
C PHE A 10 8.62 1.09 3.97
N LEU A 11 8.93 2.35 3.66
CA LEU A 11 8.37 3.48 4.38
C LEU A 11 6.86 3.59 4.12
N LEU A 12 6.48 3.53 2.85
CA LEU A 12 5.08 3.64 2.47
C LEU A 12 4.82 3.06 1.07
N PRO A 13 5.39 1.88 0.76
CA PRO A 13 5.20 1.25 -0.55
C PRO A 13 3.74 0.89 -0.87
N PRO A 14 2.89 0.62 0.14
CA PRO A 14 1.50 0.27 -0.08
C PRO A 14 0.58 1.47 0.13
N ILE A 15 -0.12 1.83 -0.93
CA ILE A 15 -1.05 2.95 -0.89
C ILE A 15 -2.27 2.62 -0.05
N ILE A 16 -2.75 1.41 -0.23
CA ILE A 16 -3.93 0.91 0.45
C ILE A 16 -3.67 0.60 1.92
N LEU A 17 -2.56 -0.06 2.21
CA LEU A 17 -2.21 -0.40 3.58
C LEU A 17 -1.97 0.88 4.38
N ASP A 18 -1.00 1.67 3.92
CA ASP A 18 -0.66 2.92 4.55
C ASP A 18 -1.70 4.01 4.26
N ALA A 19 -2.80 3.63 3.60
CA ALA A 19 -3.85 4.59 3.30
C ALA A 19 -4.58 4.95 4.59
N GLY A 20 -5.08 3.93 5.25
CA GLY A 20 -5.76 4.11 6.52
C GLY A 20 -4.95 3.52 7.65
N TYR A 21 -4.14 2.51 7.31
CA TYR A 21 -3.29 1.83 8.29
C TYR A 21 -4.10 0.94 9.23
N PHE A 22 -5.25 1.43 9.67
CA PHE A 22 -6.11 0.67 10.56
C PHE A 22 -7.09 -0.18 9.75
N LEU A 23 -6.92 -0.20 8.44
CA LEU A 23 -7.78 -0.99 7.57
C LEU A 23 -7.67 -2.47 7.90
N PRO A 24 -6.44 -3.04 7.79
CA PRO A 24 -6.21 -4.45 8.10
C PRO A 24 -6.70 -4.82 9.49
N LEU A 25 -6.43 -6.06 9.91
CA LEU A 25 -6.84 -6.53 11.22
C LEU A 25 -8.36 -6.68 11.27
N ARG A 26 -8.85 -7.70 10.58
CA ARG A 26 -10.29 -7.96 10.53
C ARG A 26 -11.00 -6.88 9.71
N HSL A 27 -10.63 -6.83 8.38
CA HSL A 27 -11.20 -5.87 7.46
C HSL A 27 -11.96 -6.54 6.32
O HSL A 27 -13.04 -7.07 6.38
CB HSL A 27 -10.16 -5.03 6.73
CG HSL A 27 -10.02 -5.78 5.41
OD HSL A 27 -11.23 -6.44 5.20
H HSL A 27 -9.93 -7.51 8.07
HA HSL A 27 -11.94 -5.20 7.96
HB2 HSL A 27 -10.54 -3.98 6.57
HB3 HSL A 27 -9.19 -5.02 7.30
HG2 HSL A 27 -9.90 -5.06 4.55
HG3 HSL A 27 -9.18 -6.52 5.40
N PHE A 1 4.72 0.25 -16.36
CA PHE A 1 5.64 -0.92 -16.40
C PHE A 1 6.12 -1.30 -15.01
N LEU A 2 5.80 -0.47 -14.03
CA LEU A 2 6.19 -0.72 -12.66
C LEU A 2 7.71 -0.73 -12.51
N GLN A 3 8.41 -0.19 -13.51
CA GLN A 3 9.87 -0.14 -13.49
C GLN A 3 10.38 0.94 -12.54
N SER A 4 9.46 1.69 -11.92
CA SER A 4 9.85 2.75 -11.01
C SER A 4 10.36 2.17 -9.67
N ASP A 5 11.36 1.29 -9.77
CA ASP A 5 11.94 0.65 -8.59
C ASP A 5 10.95 -0.32 -7.97
N VAL A 6 9.84 0.22 -7.49
CA VAL A 6 8.79 -0.57 -6.87
C VAL A 6 9.24 -1.18 -5.53
N PHE A 7 10.37 -1.88 -5.55
CA PHE A 7 10.92 -2.52 -4.36
C PHE A 7 11.61 -1.51 -3.44
N PHE A 8 11.56 -0.23 -3.80
CA PHE A 8 12.20 0.79 -2.98
C PHE A 8 11.79 2.19 -3.43
N LEU A 9 10.74 2.30 -4.23
CA LEU A 9 10.27 3.59 -4.66
C LEU A 9 9.76 4.32 -3.43
N PHE A 10 9.16 3.54 -2.54
CA PHE A 10 8.64 4.06 -1.28
C PHE A 10 7.68 5.23 -1.50
N LEU A 11 7.32 5.48 -2.76
CA LEU A 11 6.41 6.57 -3.07
C LEU A 11 5.01 6.21 -2.60
N LEU A 12 4.51 5.08 -3.06
CA LEU A 12 3.18 4.63 -2.69
C LEU A 12 2.98 3.13 -2.93
N PRO A 13 3.92 2.27 -2.48
CA PRO A 13 3.80 0.83 -2.65
C PRO A 13 2.54 0.30 -1.98
N PRO A 14 2.32 0.65 -0.70
CA PRO A 14 1.15 0.20 0.06
C PRO A 14 0.01 1.21 0.01
N ILE A 15 -0.94 0.98 -0.88
CA ILE A 15 -2.08 1.88 -1.02
C ILE A 15 -3.09 1.68 0.11
N ILE A 16 -3.36 0.41 0.40
CA ILE A 16 -4.32 0.03 1.41
C ILE A 16 -3.76 0.12 2.84
N LEU A 17 -2.54 -0.35 3.03
CA LEU A 17 -1.93 -0.31 4.36
C LEU A 17 -1.72 1.14 4.77
N ASP A 18 -0.96 1.88 3.97
CA ASP A 18 -0.70 3.28 4.23
C ASP A 18 -1.93 4.14 3.93
N ALA A 19 -3.05 3.50 3.59
CA ALA A 19 -4.27 4.23 3.31
C ALA A 19 -4.84 4.78 4.61
N GLY A 20 -5.07 3.86 5.54
CA GLY A 20 -5.58 4.23 6.85
C GLY A 20 -4.81 3.54 7.97
N TYR A 21 -3.79 2.76 7.58
CA TYR A 21 -2.96 2.03 8.55
C TYR A 21 -3.73 0.89 9.20
N PHE A 22 -4.85 1.20 9.84
CA PHE A 22 -5.66 0.18 10.50
C PHE A 22 -6.78 -0.33 9.61
N LEU A 23 -7.00 0.35 8.48
CA LEU A 23 -8.05 -0.04 7.54
C LEU A 23 -7.91 -1.52 7.13
N PRO A 24 -6.67 -1.98 6.87
CA PRO A 24 -6.42 -3.38 6.47
C PRO A 24 -6.84 -4.38 7.55
N LEU A 25 -8.15 -4.48 7.77
CA LEU A 25 -8.69 -5.40 8.77
C LEU A 25 -9.79 -6.26 8.14
N ARG A 26 -10.89 -5.62 7.76
CA ARG A 26 -12.01 -6.32 7.15
C ARG A 26 -11.81 -6.40 5.64
N HSL A 27 -10.50 -6.28 5.21
CA HSL A 27 -10.14 -6.32 3.81
C HSL A 27 -9.20 -7.49 3.50
O HSL A 27 -9.27 -8.62 3.95
CB HSL A 27 -9.34 -5.13 3.33
CG HSL A 27 -8.45 -5.74 2.25
OD HSL A 27 -8.28 -7.09 2.62
H HSL A 27 -9.80 -6.15 5.93
HA HSL A 27 -11.03 -6.48 3.15
HB2 HSL A 27 -10.03 -4.34 2.88
HB3 HSL A 27 -8.73 -4.69 4.15
HG2 HSL A 27 -8.96 -5.75 1.26
HG3 HSL A 27 -7.44 -5.26 2.19
N PHE A 1 3.57 -8.26 -7.33
CA PHE A 1 5.00 -8.17 -7.74
C PHE A 1 5.12 -7.65 -9.17
N LEU A 2 5.92 -6.59 -9.34
CA LEU A 2 6.15 -5.97 -10.64
C LEU A 2 4.88 -5.93 -11.47
N GLN A 3 4.01 -4.97 -11.17
CA GLN A 3 2.75 -4.82 -11.89
C GLN A 3 2.07 -3.49 -11.55
N SER A 4 2.86 -2.42 -11.51
CA SER A 4 2.33 -1.10 -11.18
C SER A 4 3.33 -0.01 -11.54
N ASP A 5 4.58 -0.29 -11.25
CA ASP A 5 5.66 0.63 -11.52
C ASP A 5 6.99 -0.09 -11.38
N VAL A 6 7.04 -1.01 -10.42
CA VAL A 6 8.24 -1.80 -10.15
C VAL A 6 9.26 -0.98 -9.34
N PHE A 7 9.54 0.24 -9.80
CA PHE A 7 10.49 1.12 -9.14
C PHE A 7 9.88 1.77 -7.90
N PHE A 8 8.75 1.24 -7.44
CA PHE A 8 8.07 1.77 -6.26
C PHE A 8 7.02 0.81 -5.72
N LEU A 9 6.90 -0.37 -6.33
CA LEU A 9 5.94 -1.35 -5.87
C LEU A 9 6.38 -1.86 -4.50
N PHE A 10 7.69 -1.86 -4.28
CA PHE A 10 8.26 -2.30 -3.02
C PHE A 10 7.73 -3.68 -2.64
N LEU A 11 7.54 -4.53 -3.67
CA LEU A 11 7.03 -5.88 -3.49
C LEU A 11 5.50 -5.88 -3.44
N LEU A 12 4.94 -4.81 -2.89
CA LEU A 12 3.50 -4.69 -2.76
C LEU A 12 3.12 -3.24 -2.48
N PRO A 13 2.24 -2.64 -3.30
CA PRO A 13 1.83 -1.25 -3.11
C PRO A 13 0.99 -1.06 -1.85
N PRO A 14 1.54 -0.35 -0.85
CA PRO A 14 0.85 -0.09 0.41
C PRO A 14 -0.13 1.07 0.32
N ILE A 15 -1.01 1.04 -0.67
CA ILE A 15 -2.00 2.09 -0.85
C ILE A 15 -3.13 1.96 0.16
N ILE A 16 -3.59 0.73 0.30
CA ILE A 16 -4.69 0.40 1.21
C ILE A 16 -4.20 0.30 2.65
N LEU A 17 -3.06 -0.37 2.84
CA LEU A 17 -2.49 -0.53 4.17
C LEU A 17 -2.07 0.83 4.72
N ASP A 18 -1.16 1.48 3.99
CA ASP A 18 -0.67 2.79 4.39
C ASP A 18 -1.71 3.88 4.13
N ALA A 19 -2.92 3.48 3.72
CA ALA A 19 -3.99 4.44 3.48
C ALA A 19 -4.47 5.01 4.80
N GLY A 20 -5.04 4.14 5.62
CA GLY A 20 -5.52 4.54 6.93
C GLY A 20 -4.68 3.89 8.02
N TYR A 21 -3.95 2.84 7.66
CA TYR A 21 -3.09 2.11 8.58
C TYR A 21 -3.92 1.19 9.50
N PHE A 22 -5.23 1.36 9.50
CA PHE A 22 -6.12 0.57 10.32
C PHE A 22 -7.05 -0.29 9.46
N LEU A 23 -6.94 -0.11 8.14
CA LEU A 23 -7.77 -0.85 7.19
C LEU A 23 -7.16 -2.21 6.83
N PRO A 24 -5.84 -2.43 7.03
CA PRO A 24 -5.20 -3.71 6.70
C PRO A 24 -5.97 -4.92 7.22
N LEU A 25 -6.86 -4.71 8.18
CA LEU A 25 -7.65 -5.80 8.74
C LEU A 25 -8.31 -6.62 7.63
N ARG A 26 -8.90 -5.91 6.67
CA ARG A 26 -9.56 -6.57 5.55
C ARG A 26 -8.60 -6.77 4.38
N HSL A 27 -7.27 -6.95 4.71
CA HSL A 27 -6.24 -7.14 3.71
C HSL A 27 -5.56 -8.50 3.84
O HSL A 27 -6.01 -9.57 3.55
CB HSL A 27 -5.08 -6.16 3.81
CG HSL A 27 -4.05 -6.97 4.58
OD HSL A 27 -4.32 -8.32 4.33
H HSL A 27 -7.04 -6.95 5.71
HA HSL A 27 -6.66 -7.12 2.68
HB2 HSL A 27 -4.70 -5.87 2.79
HB3 HSL A 27 -5.38 -5.24 4.38
HG2 HSL A 27 -3.01 -6.79 4.18
HG3 HSL A 27 -4.07 -6.79 5.69
N PHE A 1 16.58 9.99 2.35
CA PHE A 1 15.44 10.47 1.54
C PHE A 1 14.43 9.37 1.26
N LEU A 2 14.78 8.15 1.63
CA LEU A 2 13.91 7.00 1.44
C LEU A 2 13.37 6.96 0.01
N GLN A 3 12.30 6.20 -0.20
CA GLN A 3 11.69 6.08 -1.52
C GLN A 3 10.34 5.36 -1.44
N SER A 4 9.28 6.15 -1.32
CA SER A 4 7.93 5.60 -1.23
C SER A 4 7.86 4.46 -0.22
N ASP A 5 7.87 4.82 1.07
CA ASP A 5 7.80 3.84 2.14
C ASP A 5 9.14 3.12 2.31
N VAL A 6 9.60 2.45 1.26
CA VAL A 6 10.86 1.71 1.27
C VAL A 6 10.67 0.30 1.83
N PHE A 7 10.00 0.21 2.98
CA PHE A 7 9.73 -1.08 3.61
C PHE A 7 8.60 -1.84 2.91
N PHE A 8 8.38 -1.55 1.63
CA PHE A 8 7.33 -2.21 0.85
C PHE A 8 7.48 -1.96 -0.64
N LEU A 9 8.17 -0.88 -1.02
CA LEU A 9 8.42 -0.57 -2.42
C LEU A 9 9.24 -1.67 -3.06
N PHE A 10 9.57 -2.65 -2.23
CA PHE A 10 10.38 -3.80 -2.62
C PHE A 10 9.59 -4.80 -3.48
N LEU A 11 8.39 -4.41 -3.90
CA LEU A 11 7.56 -5.29 -4.73
C LEU A 11 6.31 -4.56 -5.22
N LEU A 12 5.66 -3.86 -4.31
CA LEU A 12 4.44 -3.13 -4.64
C LEU A 12 4.14 -2.05 -3.59
N PRO A 13 3.70 -0.86 -4.03
CA PRO A 13 3.39 0.25 -3.12
C PRO A 13 2.11 -0.01 -2.32
N PRO A 14 2.22 -0.12 -0.98
CA PRO A 14 1.08 -0.36 -0.12
C PRO A 14 0.22 0.88 0.08
N ILE A 15 -0.65 1.16 -0.87
CA ILE A 15 -1.53 2.32 -0.80
C ILE A 15 -2.67 2.08 0.17
N ILE A 16 -3.14 0.85 0.20
CA ILE A 16 -4.25 0.45 1.06
C ILE A 16 -3.82 0.36 2.52
N LEU A 17 -2.68 -0.26 2.76
CA LEU A 17 -2.16 -0.39 4.12
C LEU A 17 -1.83 0.98 4.67
N ASP A 18 -1.02 1.72 3.93
CA ASP A 18 -0.63 3.07 4.30
C ASP A 18 -1.79 4.05 4.07
N ALA A 19 -2.92 3.55 3.56
CA ALA A 19 -4.08 4.40 3.31
C ALA A 19 -4.71 4.80 4.63
N GLY A 20 -5.19 3.80 5.37
CA GLY A 20 -5.81 4.05 6.65
C GLY A 20 -4.98 3.46 7.79
N TYR A 21 -4.03 2.59 7.43
CA TYR A 21 -3.17 1.94 8.41
C TYR A 21 -3.93 0.91 9.24
N PHE A 22 -5.06 1.32 9.81
CA PHE A 22 -5.87 0.43 10.63
C PHE A 22 -6.99 -0.20 9.81
N LEU A 23 -6.98 0.04 8.49
CA LEU A 23 -7.99 -0.51 7.60
C LEU A 23 -7.73 -1.99 7.30
N PRO A 24 -6.45 -2.43 7.29
CA PRO A 24 -6.10 -3.83 7.00
C PRO A 24 -6.82 -4.82 7.92
N LEU A 25 -6.15 -5.92 8.26
CA LEU A 25 -6.73 -6.95 9.12
C LEU A 25 -7.58 -7.90 8.30
N ARG A 26 -6.92 -8.80 7.58
CA ARG A 26 -7.60 -9.77 6.73
C ARG A 26 -8.28 -9.09 5.55
N HSL A 27 -7.43 -8.34 4.75
CA HSL A 27 -7.89 -7.62 3.58
C HSL A 27 -7.22 -8.12 2.30
O HSL A 27 -6.97 -9.27 2.01
CB HSL A 27 -7.55 -6.14 3.58
CG HSL A 27 -7.33 -5.85 2.11
OD HSL A 27 -6.93 -7.06 1.52
H HSL A 27 -6.44 -8.31 5.03
HA HSL A 27 -8.98 -7.76 3.42
HB2 HSL A 27 -8.41 -5.53 4.00
HB3 HSL A 27 -6.62 -5.94 4.18
HG2 HSL A 27 -8.29 -5.57 1.60
HG3 HSL A 27 -6.54 -5.09 1.92
N PHE A 1 14.17 -3.31 9.17
CA PHE A 1 12.97 -2.49 8.86
C PHE A 1 13.00 -1.97 7.44
N LEU A 2 14.10 -2.22 6.74
CA LEU A 2 14.26 -1.79 5.36
C LEU A 2 14.30 -0.27 5.25
N GLN A 3 15.50 0.27 5.13
CA GLN A 3 15.69 1.71 5.01
C GLN A 3 15.25 2.18 3.62
N SER A 4 15.15 1.24 2.68
CA SER A 4 14.74 1.58 1.34
C SER A 4 13.24 1.86 1.30
N ASP A 5 12.86 2.92 2.02
CA ASP A 5 11.46 3.35 2.14
C ASP A 5 10.60 2.30 2.81
N VAL A 6 10.55 1.11 2.22
CA VAL A 6 9.76 0.01 2.75
C VAL A 6 8.30 0.16 2.35
N PHE A 7 7.78 1.38 2.39
CA PHE A 7 6.41 1.67 2.00
C PHE A 7 6.28 1.70 0.49
N PHE A 8 7.06 0.87 -0.20
CA PHE A 8 7.04 0.85 -1.66
C PHE A 8 7.83 -0.31 -2.23
N LEU A 9 9.10 -0.40 -1.84
CA LEU A 9 9.98 -1.47 -2.28
C LEU A 9 9.51 -2.80 -1.71
N PHE A 10 8.45 -2.73 -0.92
CA PHE A 10 7.87 -3.88 -0.27
C PHE A 10 7.03 -4.71 -1.25
N LEU A 11 7.63 -5.05 -2.40
CA LEU A 11 6.95 -5.83 -3.43
C LEU A 11 6.02 -4.97 -4.27
N LEU A 12 5.31 -4.05 -3.61
CA LEU A 12 4.36 -3.20 -4.30
C LEU A 12 4.02 -1.96 -3.46
N PRO A 13 3.29 -0.99 -4.04
CA PRO A 13 2.91 0.23 -3.33
C PRO A 13 1.81 0.00 -2.30
N PRO A 14 2.15 0.05 -1.00
CA PRO A 14 1.17 -0.15 0.08
C PRO A 14 0.15 0.98 0.16
N ILE A 15 -0.78 0.99 -0.80
CA ILE A 15 -1.82 2.02 -0.84
C ILE A 15 -2.88 1.78 0.22
N ILE A 16 -3.34 0.54 0.31
CA ILE A 16 -4.36 0.15 1.27
C ILE A 16 -3.80 0.09 2.69
N LEU A 17 -2.57 -0.36 2.82
CA LEU A 17 -1.93 -0.45 4.12
C LEU A 17 -1.76 0.94 4.71
N ASP A 18 -0.98 1.77 4.03
CA ASP A 18 -0.75 3.14 4.46
C ASP A 18 -1.93 4.05 4.13
N ALA A 19 -3.04 3.45 3.67
CA ALA A 19 -4.23 4.23 3.34
C ALA A 19 -4.86 4.74 4.63
N GLY A 20 -5.23 3.79 5.49
CA GLY A 20 -5.80 4.11 6.78
C GLY A 20 -5.00 3.49 7.91
N TYR A 21 -3.95 2.75 7.54
CA TYR A 21 -3.07 2.10 8.49
C TYR A 21 -3.80 0.99 9.26
N PHE A 22 -4.88 1.36 9.94
CA PHE A 22 -5.67 0.40 10.70
C PHE A 22 -6.87 -0.09 9.89
N LEU A 23 -6.83 0.15 8.58
CA LEU A 23 -7.92 -0.26 7.70
C LEU A 23 -7.75 -1.72 7.25
N PRO A 24 -6.52 -2.13 6.89
CA PRO A 24 -6.25 -3.51 6.42
C PRO A 24 -6.98 -4.55 7.26
N LEU A 25 -7.24 -4.23 8.53
CA LEU A 25 -7.95 -5.14 9.42
C LEU A 25 -9.26 -5.62 8.79
N ARG A 26 -9.99 -4.67 8.20
CA ARG A 26 -11.27 -4.98 7.55
C ARG A 26 -11.05 -5.38 6.10
N HSL A 27 -9.88 -6.06 5.83
CA HSL A 27 -9.54 -6.51 4.50
C HSL A 27 -9.40 -8.02 4.41
O HSL A 27 -10.30 -8.84 4.43
CB HSL A 27 -8.19 -6.01 4.00
CG HSL A 27 -7.29 -7.19 4.31
OD HSL A 27 -8.11 -8.34 4.31
H HSL A 27 -9.26 -6.23 6.62
HA HSL A 27 -10.33 -6.24 3.75
HB2 HSL A 27 -8.22 -5.80 2.89
HB3 HSL A 27 -7.86 -5.10 4.56
HG2 HSL A 27 -6.54 -7.36 3.49
HG3 HSL A 27 -6.77 -7.11 5.30
N PHE A 1 14.44 0.04 -5.60
CA PHE A 1 13.67 -1.23 -5.55
C PHE A 1 12.55 -1.24 -6.59
N LEU A 2 11.73 -2.29 -6.56
CA LEU A 2 10.63 -2.43 -7.49
C LEU A 2 9.61 -3.46 -6.98
N GLN A 3 8.70 -3.00 -6.13
CA GLN A 3 7.69 -3.88 -5.56
C GLN A 3 6.62 -4.21 -6.60
N SER A 4 6.48 -3.33 -7.57
CA SER A 4 5.49 -3.52 -8.63
C SER A 4 5.80 -2.62 -9.81
N ASP A 5 6.96 -2.84 -10.42
CA ASP A 5 7.40 -2.04 -11.58
C ASP A 5 8.02 -0.72 -11.16
N VAL A 6 7.61 -0.19 -10.01
CA VAL A 6 8.12 1.08 -9.51
C VAL A 6 7.42 2.22 -10.24
N PHE A 7 7.44 2.17 -11.57
CA PHE A 7 6.78 3.17 -12.39
C PHE A 7 5.27 2.98 -12.39
N PHE A 8 4.71 2.60 -11.24
CA PHE A 8 3.27 2.40 -11.12
C PHE A 8 2.80 2.39 -9.67
N LEU A 9 3.71 2.11 -8.73
CA LEU A 9 3.33 2.12 -7.33
C LEU A 9 2.85 3.52 -6.98
N PHE A 10 3.47 4.49 -7.63
CA PHE A 10 3.11 5.88 -7.46
C PHE A 10 3.25 6.35 -6.02
N LEU A 11 4.43 6.89 -5.71
CA LEU A 11 4.74 7.42 -4.38
C LEU A 11 5.28 6.35 -3.43
N LEU A 12 4.60 5.20 -3.37
CA LEU A 12 5.02 4.14 -2.47
C LEU A 12 4.41 2.79 -2.86
N PRO A 13 5.15 1.69 -2.62
CA PRO A 13 4.69 0.34 -2.96
C PRO A 13 3.22 0.10 -2.66
N PRO A 14 2.76 0.40 -1.44
CA PRO A 14 1.37 0.22 -1.05
C PRO A 14 0.53 1.46 -1.27
N ILE A 15 -0.66 1.46 -0.71
CA ILE A 15 -1.58 2.58 -0.84
C ILE A 15 -2.78 2.43 0.10
N ILE A 16 -3.31 1.20 0.14
CA ILE A 16 -4.47 0.89 0.97
C ILE A 16 -4.07 0.75 2.44
N LEU A 17 -3.07 -0.09 2.71
CA LEU A 17 -2.60 -0.27 4.07
C LEU A 17 -1.99 1.02 4.58
N ASP A 18 -1.10 1.59 3.78
CA ASP A 18 -0.44 2.84 4.12
C ASP A 18 -1.40 4.03 3.98
N ALA A 19 -2.64 3.76 3.57
CA ALA A 19 -3.63 4.81 3.42
C ALA A 19 -4.08 5.29 4.79
N GLY A 20 -4.73 4.40 5.52
CA GLY A 20 -5.19 4.71 6.85
C GLY A 20 -4.51 3.86 7.91
N TYR A 21 -3.89 2.77 7.47
CA TYR A 21 -3.18 1.85 8.36
C TYR A 21 -4.16 0.96 9.15
N PHE A 22 -5.45 1.29 9.09
CA PHE A 22 -6.47 0.53 9.80
C PHE A 22 -7.10 -0.51 8.88
N LEU A 23 -6.71 -0.50 7.61
CA LEU A 23 -7.23 -1.44 6.62
C LEU A 23 -7.00 -2.89 7.08
N PRO A 24 -5.81 -3.20 7.63
CA PRO A 24 -5.47 -4.55 8.10
C PRO A 24 -6.51 -5.11 9.08
N LEU A 25 -6.03 -5.77 10.15
CA LEU A 25 -6.91 -6.36 11.16
C LEU A 25 -7.37 -7.75 10.72
N ARG A 26 -6.46 -8.71 10.82
CA ARG A 26 -6.75 -10.09 10.44
C ARG A 26 -7.05 -10.18 8.95
N HSL A 27 -6.15 -9.55 8.12
CA HSL A 27 -6.28 -9.55 6.68
C HSL A 27 -5.11 -10.22 5.99
O HSL A 27 -4.53 -11.22 6.33
CB HSL A 27 -6.30 -8.16 6.06
CG HSL A 27 -5.63 -8.41 4.72
OD HSL A 27 -4.79 -9.53 4.88
H HSL A 27 -5.36 -9.07 8.58
HA HSL A 27 -7.18 -10.11 6.34
HB2 HSL A 27 -7.35 -7.78 5.93
HB3 HSL A 27 -5.70 -7.44 6.67
HG2 HSL A 27 -6.38 -8.71 3.94
HG3 HSL A 27 -5.02 -7.55 4.35
N PHE A 1 -0.71 -14.89 -10.95
CA PHE A 1 -1.37 -13.62 -11.35
C PHE A 1 -2.50 -13.25 -10.39
N LEU A 2 -2.46 -12.02 -9.90
CA LEU A 2 -3.48 -11.54 -8.98
C LEU A 2 -3.43 -10.02 -8.83
N GLN A 3 -4.55 -9.44 -8.43
CA GLN A 3 -4.64 -7.99 -8.25
C GLN A 3 -4.46 -7.26 -9.58
N SER A 4 -4.72 -7.97 -10.67
CA SER A 4 -4.59 -7.41 -12.01
C SER A 4 -3.23 -6.75 -12.19
N ASP A 5 -2.22 -7.32 -11.54
CA ASP A 5 -0.86 -6.81 -11.63
C ASP A 5 0.12 -7.86 -11.12
N VAL A 6 -0.11 -8.30 -9.89
CA VAL A 6 0.72 -9.32 -9.25
C VAL A 6 2.08 -8.77 -8.79
N PHE A 7 2.76 -8.04 -9.66
CA PHE A 7 4.07 -7.48 -9.32
C PHE A 7 3.95 -6.50 -8.15
N PHE A 8 2.74 -6.01 -7.92
CA PHE A 8 2.47 -5.09 -6.83
C PHE A 8 2.56 -5.82 -5.50
N LEU A 9 1.70 -6.82 -5.34
CA LEU A 9 1.67 -7.64 -4.14
C LEU A 9 2.95 -8.48 -4.05
N PHE A 10 3.75 -8.36 -5.10
CA PHE A 10 5.00 -9.10 -5.22
C PHE A 10 6.14 -8.41 -4.47
N LEU A 11 5.81 -7.58 -3.50
CA LEU A 11 6.82 -6.88 -2.71
C LEU A 11 6.21 -6.15 -1.52
N LEU A 12 5.54 -5.04 -1.80
CA LEU A 12 4.92 -4.25 -0.75
C LEU A 12 3.85 -3.35 -1.34
N PRO A 13 2.63 -3.87 -1.55
CA PRO A 13 1.54 -3.11 -2.13
C PRO A 13 1.07 -1.99 -1.21
N PRO A 14 1.30 -0.74 -1.60
CA PRO A 14 0.90 0.42 -0.83
C PRO A 14 -0.52 0.85 -1.16
N ILE A 15 -0.87 2.06 -0.71
CA ILE A 15 -2.19 2.63 -0.96
C ILE A 15 -3.23 2.07 0.04
N ILE A 16 -3.13 0.78 0.34
CA ILE A 16 -4.05 0.12 1.26
C ILE A 16 -3.64 0.34 2.71
N LEU A 17 -2.49 -0.21 3.08
CA LEU A 17 -1.97 -0.07 4.43
C LEU A 17 -1.62 1.38 4.72
N ASP A 18 -0.96 2.00 3.76
CA ASP A 18 -0.56 3.40 3.88
C ASP A 18 -1.77 4.32 3.77
N ALA A 19 -2.94 3.75 3.49
CA ALA A 19 -4.16 4.54 3.37
C ALA A 19 -4.66 4.93 4.76
N GLY A 20 -5.00 3.93 5.55
CA GLY A 20 -5.48 4.18 6.89
C GLY A 20 -4.77 3.33 7.94
N TYR A 21 -3.80 2.51 7.49
CA TYR A 21 -3.02 1.65 8.35
C TYR A 21 -3.88 0.67 9.16
N PHE A 22 -4.87 1.19 9.87
CA PHE A 22 -5.74 0.33 10.68
C PHE A 22 -6.98 -0.09 9.88
N LEU A 23 -6.90 0.03 8.56
CA LEU A 23 -8.00 -0.35 7.68
C LEU A 23 -8.02 -1.86 7.45
N PRO A 24 -6.87 -2.46 7.10
CA PRO A 24 -6.76 -3.89 6.86
C PRO A 24 -7.52 -4.73 7.89
N LEU A 25 -7.44 -4.32 9.15
CA LEU A 25 -8.11 -5.04 10.23
C LEU A 25 -7.52 -6.43 10.36
N ARG A 26 -6.23 -6.50 10.68
CA ARG A 26 -5.55 -7.77 10.84
C ARG A 26 -5.47 -8.50 9.50
N HSL A 27 -5.22 -7.70 8.40
CA HSL A 27 -5.11 -8.23 7.06
C HSL A 27 -3.73 -7.98 6.45
O HSL A 27 -2.67 -8.07 7.01
CB HSL A 27 -6.04 -7.56 6.06
CG HSL A 27 -5.23 -7.66 4.77
OD HSL A 27 -3.88 -7.67 5.16
H HSL A 27 -5.11 -6.70 8.59
HA HSL A 27 -5.26 -9.33 7.03
HB2 HSL A 27 -7.01 -8.13 5.96
HB3 HSL A 27 -6.24 -6.49 6.32
HG2 HSL A 27 -5.41 -8.63 4.24
HG3 HSL A 27 -5.40 -6.80 4.07
N PHE A 1 0.00 4.90 -9.36
CA PHE A 1 0.51 5.78 -10.43
C PHE A 1 -0.28 7.07 -10.53
N LEU A 2 0.42 8.19 -10.49
CA LEU A 2 -0.20 9.51 -10.59
C LEU A 2 -1.19 9.72 -9.44
N GLN A 3 -0.93 10.76 -8.64
CA GLN A 3 -1.79 11.08 -7.51
C GLN A 3 -1.41 12.43 -6.91
N SER A 4 -1.15 13.40 -7.78
CA SER A 4 -0.76 14.75 -7.37
C SER A 4 0.68 14.77 -6.87
N ASP A 5 0.96 13.99 -5.84
CA ASP A 5 2.31 13.92 -5.29
C ASP A 5 3.20 13.06 -6.16
N VAL A 6 2.70 11.87 -6.52
CA VAL A 6 3.43 10.93 -7.36
C VAL A 6 4.63 10.34 -6.62
N PHE A 7 5.51 11.20 -6.10
CA PHE A 7 6.68 10.73 -5.39
C PHE A 7 6.27 9.94 -4.14
N PHE A 8 5.06 10.20 -3.67
CA PHE A 8 4.51 9.50 -2.52
C PHE A 8 4.24 8.04 -2.84
N LEU A 9 3.34 7.83 -3.82
CA LEU A 9 2.99 6.49 -4.27
C LEU A 9 4.19 5.86 -4.97
N PHE A 10 5.23 6.66 -5.14
CA PHE A 10 6.45 6.22 -5.79
C PHE A 10 7.33 5.41 -4.84
N LEU A 11 7.51 5.93 -3.62
CA LEU A 11 8.32 5.23 -2.63
C LEU A 11 7.70 3.89 -2.29
N LEU A 12 6.67 3.94 -1.46
CA LEU A 12 5.98 2.75 -1.01
C LEU A 12 4.84 2.39 -1.98
N PRO A 13 5.04 1.33 -2.79
CA PRO A 13 4.03 0.91 -3.78
C PRO A 13 2.75 0.35 -3.14
N PRO A 14 2.79 -0.19 -1.92
CA PRO A 14 1.62 -0.74 -1.27
C PRO A 14 0.87 0.27 -0.42
N ILE A 15 -0.04 1.00 -1.06
CA ILE A 15 -0.84 1.99 -0.35
C ILE A 15 -1.86 1.25 0.52
N ILE A 16 -3.12 1.17 0.08
CA ILE A 16 -4.18 0.47 0.81
C ILE A 16 -3.93 0.39 2.31
N LEU A 17 -2.84 -0.28 2.66
CA LEU A 17 -2.45 -0.43 4.06
C LEU A 17 -2.05 0.91 4.66
N ASP A 18 -1.15 1.61 3.97
CA ASP A 18 -0.68 2.91 4.41
C ASP A 18 -1.75 3.98 4.23
N ALA A 19 -2.87 3.61 3.60
CA ALA A 19 -3.95 4.55 3.38
C ALA A 19 -4.73 4.76 4.67
N GLY A 20 -5.29 3.68 5.21
CA GLY A 20 -6.04 3.77 6.45
C GLY A 20 -5.20 3.33 7.64
N TYR A 21 -4.15 2.56 7.37
CA TYR A 21 -3.25 2.05 8.41
C TYR A 21 -3.96 1.02 9.28
N PHE A 22 -5.07 1.42 9.89
CA PHE A 22 -5.84 0.53 10.75
C PHE A 22 -6.96 -0.14 9.94
N LEU A 23 -6.82 -0.14 8.62
CA LEU A 23 -7.81 -0.74 7.74
C LEU A 23 -7.54 -2.23 7.53
N PRO A 24 -6.28 -2.61 7.25
CA PRO A 24 -5.89 -4.00 7.03
C PRO A 24 -5.91 -4.84 8.31
N LEU A 25 -6.17 -4.19 9.44
CA LEU A 25 -6.22 -4.89 10.72
C LEU A 25 -7.44 -5.80 10.80
N ARG A 26 -8.61 -5.18 10.80
CA ARG A 26 -9.87 -5.93 10.88
C ARG A 26 -10.37 -6.29 9.49
N HSL A 27 -9.38 -6.60 8.56
CA HSL A 27 -9.70 -6.96 7.19
C HSL A 27 -9.21 -8.36 6.86
O HSL A 27 -9.70 -9.41 7.21
CB HSL A 27 -9.01 -6.10 6.15
CG HSL A 27 -7.77 -6.93 5.82
OD HSL A 27 -8.13 -8.27 6.06
H HSL A 27 -8.42 -6.54 8.88
HA HSL A 27 -10.80 -6.97 7.00
HB2 HSL A 27 -9.66 -5.96 5.24
HB3 HSL A 27 -8.71 -5.11 6.57
HG2 HSL A 27 -7.54 -6.89 4.72
HG3 HSL A 27 -6.88 -6.68 6.43
N PHE A 1 20.45 0.91 2.29
CA PHE A 1 19.75 -0.16 3.06
C PHE A 1 18.68 -0.84 2.21
N LEU A 2 17.51 -0.21 2.11
CA LEU A 2 16.42 -0.77 1.34
C LEU A 2 15.31 0.27 1.14
N GLN A 3 14.59 0.57 2.22
CA GLN A 3 13.51 1.54 2.18
C GLN A 3 12.27 0.95 1.51
N SER A 4 11.80 -0.17 2.05
CA SER A 4 10.62 -0.85 1.51
C SER A 4 10.88 -1.29 0.07
N ASP A 5 11.89 -2.14 -0.11
CA ASP A 5 12.24 -2.65 -1.43
C ASP A 5 12.99 -1.60 -2.25
N VAL A 6 12.34 -0.46 -2.48
CA VAL A 6 12.93 0.64 -3.27
C VAL A 6 12.69 0.42 -4.76
N PHE A 7 12.94 -0.80 -5.22
CA PHE A 7 12.76 -1.15 -6.63
C PHE A 7 11.28 -1.33 -6.97
N PHE A 8 10.41 -0.98 -6.02
CA PHE A 8 8.97 -1.10 -6.21
C PHE A 8 8.22 -0.28 -5.16
N LEU A 9 8.95 0.57 -4.44
CA LEU A 9 8.35 1.42 -3.44
C LEU A 9 7.51 2.48 -4.13
N PHE A 10 8.02 2.97 -5.25
CA PHE A 10 7.32 3.98 -6.03
C PHE A 10 6.86 5.12 -5.13
N LEU A 11 7.62 5.34 -4.06
CA LEU A 11 7.31 6.38 -3.07
C LEU A 11 6.40 5.85 -1.97
N LEU A 12 5.55 4.89 -2.31
CA LEU A 12 4.62 4.33 -1.34
C LEU A 12 4.01 3.02 -1.83
N PRO A 13 4.71 1.89 -1.63
CA PRO A 13 4.21 0.59 -2.05
C PRO A 13 2.87 0.21 -1.41
N PRO A 14 2.64 0.57 -0.14
CA PRO A 14 1.41 0.25 0.55
C PRO A 14 0.36 1.36 0.47
N ILE A 15 -0.38 1.36 -0.64
CA ILE A 15 -1.42 2.37 -0.83
C ILE A 15 -2.63 2.10 0.04
N ILE A 16 -3.06 0.84 0.08
CA ILE A 16 -4.22 0.44 0.87
C ILE A 16 -3.86 0.31 2.35
N LEU A 17 -2.72 -0.31 2.62
CA LEU A 17 -2.27 -0.50 4.00
C LEU A 17 -2.01 0.86 4.64
N ASP A 18 -1.10 1.61 4.05
CA ASP A 18 -0.75 2.94 4.53
C ASP A 18 -1.85 3.95 4.20
N ALA A 19 -2.97 3.49 3.63
CA ALA A 19 -4.08 4.37 3.30
C ALA A 19 -4.77 4.82 4.57
N GLY A 20 -5.15 3.83 5.38
CA GLY A 20 -5.80 4.12 6.64
C GLY A 20 -5.03 3.54 7.82
N TYR A 21 -3.97 2.79 7.52
CA TYR A 21 -3.13 2.17 8.54
C TYR A 21 -3.87 1.05 9.28
N PHE A 22 -5.04 1.37 9.82
CA PHE A 22 -5.84 0.40 10.55
C PHE A 22 -6.85 -0.30 9.63
N LEU A 23 -6.95 0.18 8.39
CA LEU A 23 -7.87 -0.41 7.43
C LEU A 23 -7.62 -1.92 7.26
N PRO A 24 -6.34 -2.34 7.20
CA PRO A 24 -5.98 -3.75 7.04
C PRO A 24 -6.56 -4.64 8.14
N LEU A 25 -7.83 -4.98 7.99
CA LEU A 25 -8.50 -5.83 8.96
C LEU A 25 -8.21 -7.29 8.69
N ARG A 26 -8.73 -7.81 7.58
CA ARG A 26 -8.51 -9.18 7.19
C ARG A 26 -7.24 -9.29 6.35
N HSL A 27 -6.15 -8.59 6.83
CA HSL A 27 -4.87 -8.58 6.16
C HSL A 27 -3.76 -9.19 7.02
O HSL A 27 -3.59 -10.36 7.28
CB HSL A 27 -4.33 -7.18 5.88
CG HSL A 27 -3.38 -6.95 7.03
OD HSL A 27 -2.96 -8.21 7.48
H HSL A 27 -6.29 -8.07 7.72
HA HSL A 27 -4.87 -9.19 5.23
HB2 HSL A 27 -3.77 -7.17 4.88
HB3 HSL A 27 -5.16 -6.42 5.86
HG2 HSL A 27 -2.45 -6.42 6.70
HG3 HSL A 27 -3.85 -6.40 7.89
N PHE A 1 3.86 11.03 -8.87
CA PHE A 1 4.45 11.09 -7.51
C PHE A 1 5.24 9.82 -7.19
N LEU A 2 6.10 9.91 -6.18
CA LEU A 2 6.93 8.77 -5.78
C LEU A 2 7.43 8.97 -4.35
N GLN A 3 7.29 7.92 -3.53
CA GLN A 3 7.73 7.98 -2.15
C GLN A 3 7.67 6.61 -1.48
N SER A 4 6.71 5.79 -1.91
CA SER A 4 6.53 4.46 -1.35
C SER A 4 7.64 3.52 -1.84
N ASP A 5 8.88 3.86 -1.47
CA ASP A 5 10.04 3.07 -1.87
C ASP A 5 10.42 3.35 -3.32
N VAL A 6 9.51 2.99 -4.22
CA VAL A 6 9.72 3.20 -5.65
C VAL A 6 10.77 2.25 -6.23
N PHE A 7 11.90 2.13 -5.52
CA PHE A 7 12.99 1.27 -5.95
C PHE A 7 12.65 -0.20 -5.76
N PHE A 8 11.48 -0.47 -5.17
CA PHE A 8 11.05 -1.84 -4.94
C PHE A 8 9.56 -1.91 -4.62
N LEU A 9 8.83 -0.82 -4.89
CA LEU A 9 7.39 -0.81 -4.67
C LEU A 9 6.73 -1.75 -5.68
N PHE A 10 7.55 -2.26 -6.59
CA PHE A 10 7.11 -3.17 -7.64
C PHE A 10 6.86 -4.58 -7.10
N LEU A 11 7.44 -4.88 -5.94
CA LEU A 11 7.27 -6.20 -5.34
C LEU A 11 5.81 -6.43 -4.98
N LEU A 12 5.25 -5.47 -4.26
CA LEU A 12 3.89 -5.55 -3.81
C LEU A 12 3.38 -4.17 -3.43
N PRO A 13 3.02 -3.33 -4.42
CA PRO A 13 2.54 -1.99 -4.18
C PRO A 13 1.22 -1.98 -3.41
N PRO A 14 1.25 -1.51 -2.16
CA PRO A 14 0.07 -1.46 -1.30
C PRO A 14 -0.77 -0.22 -1.56
N ILE A 15 -1.68 0.04 -0.65
CA ILE A 15 -2.57 1.20 -0.73
C ILE A 15 -3.37 1.35 0.56
N ILE A 16 -3.87 0.22 1.01
CA ILE A 16 -4.70 0.13 2.20
C ILE A 16 -3.88 0.35 3.47
N LEU A 17 -2.71 -0.27 3.53
CA LEU A 17 -1.83 -0.12 4.69
C LEU A 17 -1.42 1.34 4.81
N ASP A 18 -0.91 1.87 3.70
CA ASP A 18 -0.51 3.26 3.64
C ASP A 18 -1.73 4.18 3.57
N ALA A 19 -2.91 3.57 3.39
CA ALA A 19 -4.15 4.34 3.31
C ALA A 19 -4.56 4.82 4.70
N GLY A 20 -5.09 3.91 5.49
CA GLY A 20 -5.51 4.23 6.84
C GLY A 20 -4.69 3.49 7.88
N TYR A 21 -3.94 2.48 7.44
CA TYR A 21 -3.09 1.68 8.32
C TYR A 21 -3.89 0.66 9.14
N PHE A 22 -5.03 1.08 9.68
CA PHE A 22 -5.87 0.20 10.47
C PHE A 22 -6.99 -0.42 9.64
N LEU A 23 -7.15 0.06 8.41
CA LEU A 23 -8.18 -0.45 7.52
C LEU A 23 -7.85 -1.84 6.97
N PRO A 24 -6.55 -2.12 6.71
CA PRO A 24 -6.11 -3.43 6.18
C PRO A 24 -6.56 -4.60 7.05
N LEU A 25 -5.81 -5.70 6.98
CA LEU A 25 -6.13 -6.91 7.75
C LEU A 25 -7.29 -7.65 7.10
N ARG A 26 -7.04 -8.22 5.93
CA ARG A 26 -8.04 -8.96 5.19
C ARG A 26 -9.22 -8.05 4.84
N HSL A 27 -8.89 -6.96 4.04
CA HSL A 27 -9.89 -5.99 3.61
C HSL A 27 -10.03 -5.96 2.10
O HSL A 27 -10.57 -6.78 1.39
CB HSL A 27 -9.53 -4.55 3.96
CG HSL A 27 -8.91 -4.06 2.67
OD HSL A 27 -9.45 -4.84 1.64
H HSL A 27 -7.91 -6.87 3.76
HA HSL A 27 -10.90 -6.23 4.00
HB2 HSL A 27 -10.46 -3.97 4.22
HB3 HSL A 27 -8.80 -4.52 4.80
HG2 HSL A 27 -9.22 -3.00 2.45
HG3 HSL A 27 -7.80 -4.16 2.64
N PHE A 1 8.14 6.03 2.06
CA PHE A 1 9.21 5.15 1.51
C PHE A 1 9.03 4.95 0.01
N LEU A 2 9.76 3.99 -0.54
CA LEU A 2 9.69 3.68 -1.96
C LEU A 2 10.25 2.30 -2.25
N GLN A 3 10.26 1.92 -3.52
CA GLN A 3 10.77 0.62 -3.93
C GLN A 3 10.88 0.53 -5.46
N SER A 4 12.01 0.97 -5.98
CA SER A 4 12.27 0.95 -7.42
C SER A 4 11.58 2.11 -8.12
N ASP A 5 10.29 2.18 -7.93
CA ASP A 5 9.47 3.23 -8.53
C ASP A 5 8.09 3.23 -7.90
N VAL A 6 7.64 2.04 -7.49
CA VAL A 6 6.31 1.86 -6.87
C VAL A 6 5.23 1.76 -7.93
N PHE A 7 5.16 2.76 -8.80
CA PHE A 7 4.17 2.78 -9.88
C PHE A 7 4.56 1.81 -11.00
N PHE A 8 5.20 0.70 -10.64
CA PHE A 8 5.60 -0.31 -11.61
C PHE A 8 6.10 -1.58 -10.93
N LEU A 9 6.42 -1.49 -9.64
CA LEU A 9 6.88 -2.65 -8.90
C LEU A 9 5.82 -3.74 -8.98
N PHE A 10 4.57 -3.33 -8.79
CA PHE A 10 3.44 -4.25 -8.90
C PHE A 10 3.48 -5.38 -7.85
N LEU A 11 4.63 -5.56 -7.20
CA LEU A 11 4.76 -6.61 -6.19
C LEU A 11 3.89 -6.33 -4.98
N LEU A 12 3.83 -5.07 -4.59
CA LEU A 12 3.03 -4.67 -3.43
C LEU A 12 2.75 -3.17 -3.48
N PRO A 13 1.57 -2.77 -4.01
CA PRO A 13 1.20 -1.37 -4.12
C PRO A 13 1.00 -0.70 -2.76
N PRO A 14 1.86 0.27 -2.42
CA PRO A 14 1.79 1.00 -1.16
C PRO A 14 0.80 2.16 -1.26
N ILE A 15 -0.44 1.90 -0.85
CA ILE A 15 -1.47 2.93 -0.90
C ILE A 15 -2.61 2.60 0.04
N ILE A 16 -3.03 1.35 0.03
CA ILE A 16 -4.14 0.89 0.84
C ILE A 16 -3.74 0.71 2.31
N LEU A 17 -2.64 0.00 2.55
CA LEU A 17 -2.17 -0.20 3.91
C LEU A 17 -1.70 1.13 4.49
N ASP A 18 -0.89 1.83 3.70
CA ASP A 18 -0.37 3.14 4.07
C ASP A 18 -1.46 4.20 3.96
N ALA A 19 -2.65 3.80 3.52
CA ALA A 19 -3.77 4.74 3.38
C ALA A 19 -4.27 5.11 4.77
N GLY A 20 -4.92 4.16 5.42
CA GLY A 20 -5.41 4.38 6.77
C GLY A 20 -4.63 3.56 7.78
N TYR A 21 -4.02 2.47 7.30
CA TYR A 21 -3.25 1.57 8.15
C TYR A 21 -4.15 0.77 9.08
N PHE A 22 -5.41 1.19 9.19
CA PHE A 22 -6.38 0.49 10.03
C PHE A 22 -7.18 -0.50 9.22
N LEU A 23 -7.03 -0.45 7.89
CA LEU A 23 -7.73 -1.34 6.99
C LEU A 23 -7.64 -2.79 7.50
N PRO A 24 -6.43 -3.22 7.91
CA PRO A 24 -6.20 -4.58 8.43
C PRO A 24 -6.85 -4.79 9.79
N LEU A 25 -8.18 -4.63 9.85
CA LEU A 25 -8.90 -4.81 11.09
C LEU A 25 -9.42 -6.24 11.22
N ARG A 26 -9.22 -7.03 10.18
CA ARG A 26 -9.65 -8.42 10.17
C ARG A 26 -8.70 -9.25 9.29
N HSL A 27 -7.36 -9.02 9.53
CA HSL A 27 -6.32 -9.70 8.79
C HSL A 27 -5.43 -10.55 9.68
O HSL A 27 -5.71 -11.60 10.21
CB HSL A 27 -5.34 -8.74 8.12
CG HSL A 27 -4.17 -8.73 9.09
OD HSL A 27 -4.24 -9.94 9.81
H HSL A 27 -7.14 -8.34 10.25
HA HSL A 27 -6.74 -10.40 8.02
HB2 HSL A 27 -5.02 -9.13 7.11
HB3 HSL A 27 -5.78 -7.71 8.02
HG2 HSL A 27 -3.19 -8.76 8.55
HG3 HSL A 27 -4.20 -7.89 9.82
N PHE A 1 -0.85 -9.76 -6.01
CA PHE A 1 -2.14 -9.20 -5.52
C PHE A 1 -3.18 -9.15 -6.63
N LEU A 2 -4.36 -8.63 -6.32
CA LEU A 2 -5.44 -8.52 -7.29
C LEU A 2 -6.53 -7.59 -6.79
N GLN A 3 -6.27 -6.28 -6.88
CA GLN A 3 -7.24 -5.28 -6.45
C GLN A 3 -8.29 -5.02 -7.52
N SER A 4 -8.52 -6.02 -8.37
CA SER A 4 -9.49 -5.90 -9.45
C SER A 4 -8.94 -5.06 -10.59
N ASP A 5 -7.62 -5.06 -10.72
CA ASP A 5 -6.94 -4.31 -11.77
C ASP A 5 -5.55 -4.87 -11.99
N VAL A 6 -4.79 -5.01 -10.90
CA VAL A 6 -3.44 -5.55 -10.94
C VAL A 6 -2.44 -4.53 -11.47
N PHE A 7 -2.66 -4.06 -12.69
CA PHE A 7 -1.79 -3.07 -13.30
C PHE A 7 -1.84 -1.76 -12.54
N PHE A 8 -3.00 -1.49 -11.94
CA PHE A 8 -3.20 -0.28 -11.16
C PHE A 8 -2.46 -0.38 -9.81
N LEU A 9 -2.85 -1.37 -9.03
CA LEU A 9 -2.25 -1.63 -7.72
C LEU A 9 -0.80 -2.08 -7.89
N PHE A 10 -0.40 -2.24 -9.14
CA PHE A 10 0.93 -2.69 -9.49
C PHE A 10 1.98 -1.59 -9.27
N LEU A 11 1.59 -0.34 -9.50
CA LEU A 11 2.51 0.78 -9.32
C LEU A 11 2.94 0.89 -7.86
N LEU A 12 1.99 0.71 -6.96
CA LEU A 12 2.26 0.81 -5.55
C LEU A 12 1.16 0.11 -4.73
N PRO A 13 1.42 -1.13 -4.30
CA PRO A 13 0.44 -1.93 -3.54
C PRO A 13 0.23 -1.52 -2.07
N PRO A 14 1.17 -0.81 -1.44
CA PRO A 14 1.03 -0.42 -0.04
C PRO A 14 0.37 0.95 0.14
N ILE A 15 -0.40 1.40 -0.85
CA ILE A 15 -1.07 2.68 -0.77
C ILE A 15 -2.34 2.57 0.08
N ILE A 16 -3.03 1.45 -0.05
CA ILE A 16 -4.27 1.21 0.68
C ILE A 16 -4.02 0.90 2.15
N LEU A 17 -3.10 -0.02 2.43
CA LEU A 17 -2.79 -0.37 3.81
C LEU A 17 -2.18 0.84 4.50
N ASP A 18 -1.22 1.43 3.83
CA ASP A 18 -0.54 2.63 4.34
C ASP A 18 -1.42 3.87 4.16
N ALA A 19 -2.61 3.69 3.57
CA ALA A 19 -3.53 4.80 3.34
C ALA A 19 -4.15 5.22 4.67
N GLY A 20 -4.79 4.28 5.34
CA GLY A 20 -5.40 4.55 6.63
C GLY A 20 -4.74 3.77 7.74
N TYR A 21 -3.96 2.74 7.36
CA TYR A 21 -3.27 1.89 8.32
C TYR A 21 -4.25 1.03 9.12
N PHE A 22 -5.55 1.32 8.99
CA PHE A 22 -6.56 0.56 9.69
C PHE A 22 -7.06 -0.59 8.82
N LEU A 23 -6.52 -0.70 7.60
CA LEU A 23 -6.89 -1.76 6.69
C LEU A 23 -6.74 -3.13 7.37
N PRO A 24 -5.55 -3.38 7.96
CA PRO A 24 -5.28 -4.64 8.66
C PRO A 24 -6.22 -4.85 9.84
N LEU A 25 -7.42 -5.35 9.55
CA LEU A 25 -8.43 -5.58 10.57
C LEU A 25 -8.36 -7.01 11.10
N ARG A 26 -8.87 -7.96 10.31
CA ARG A 26 -8.87 -9.36 10.70
C ARG A 26 -7.56 -10.04 10.30
N HSL A 27 -6.45 -9.21 10.29
CA HSL A 27 -5.13 -9.70 9.94
C HSL A 27 -4.14 -9.56 11.09
O HSL A 27 -4.35 -9.76 12.26
CB HSL A 27 -4.47 -8.91 8.81
CG HSL A 27 -3.00 -8.99 9.19
OD HSL A 27 -2.96 -9.16 10.59
H HSL A 27 -6.60 -8.23 10.55
HA HSL A 27 -5.14 -10.78 9.68
HB2 HSL A 27 -4.65 -9.41 7.81
HB3 HSL A 27 -4.82 -7.86 8.80
HG2 HSL A 27 -2.51 -9.90 8.78
HG3 HSL A 27 -2.42 -8.07 8.93
N PHE A 1 -7.32 -1.65 -10.91
CA PHE A 1 -6.70 -0.48 -11.59
C PHE A 1 -5.32 -0.81 -12.13
N LEU A 2 -4.77 -1.92 -11.67
CA LEU A 2 -3.46 -2.36 -12.10
C LEU A 2 -2.38 -1.38 -11.63
N GLN A 3 -1.14 -1.66 -11.98
CA GLN A 3 -0.02 -0.81 -11.60
C GLN A 3 1.26 -1.22 -12.32
N SER A 4 1.14 -1.55 -13.60
CA SER A 4 2.27 -1.97 -14.43
C SER A 4 2.80 -3.32 -13.99
N ASP A 5 3.21 -3.38 -12.74
CA ASP A 5 3.75 -4.60 -12.16
C ASP A 5 3.45 -4.70 -10.66
N VAL A 6 3.20 -3.55 -10.02
CA VAL A 6 2.88 -3.47 -8.58
C VAL A 6 3.98 -4.09 -7.71
N PHE A 7 4.39 -5.31 -8.03
CA PHE A 7 5.43 -5.99 -7.28
C PHE A 7 6.80 -5.34 -7.54
N PHE A 8 6.83 -4.33 -8.40
CA PHE A 8 8.08 -3.65 -8.71
C PHE A 8 7.85 -2.31 -9.41
N LEU A 9 6.61 -1.82 -9.39
CA LEU A 9 6.32 -0.54 -10.00
C LEU A 9 6.97 0.57 -9.18
N PHE A 10 7.03 0.33 -7.87
CA PHE A 10 7.64 1.27 -6.93
C PHE A 10 6.85 2.58 -6.83
N LEU A 11 5.73 2.67 -7.55
CA LEU A 11 4.91 3.88 -7.52
C LEU A 11 4.26 4.04 -6.15
N LEU A 12 3.34 3.13 -5.83
CA LEU A 12 2.64 3.18 -4.55
C LEU A 12 2.02 1.82 -4.21
N PRO A 13 2.86 0.78 -4.08
CA PRO A 13 2.39 -0.57 -3.76
C PRO A 13 1.59 -0.63 -2.45
N PRO A 14 2.12 -0.02 -1.37
CA PRO A 14 1.47 -0.03 -0.08
C PRO A 14 0.58 1.20 0.12
N ILE A 15 -0.22 1.52 -0.89
CA ILE A 15 -1.12 2.66 -0.81
C ILE A 15 -2.33 2.36 0.05
N ILE A 16 -2.80 1.12 -0.05
CA ILE A 16 -3.96 0.66 0.70
C ILE A 16 -3.63 0.46 2.17
N LEU A 17 -2.47 -0.13 2.45
CA LEU A 17 -2.05 -0.35 3.82
C LEU A 17 -1.82 0.98 4.51
N ASP A 18 -0.95 1.79 3.92
CA ASP A 18 -0.64 3.11 4.45
C ASP A 18 -1.79 4.08 4.18
N ALA A 19 -2.86 3.61 3.54
CA ALA A 19 -4.01 4.45 3.24
C ALA A 19 -4.76 4.76 4.53
N GLY A 20 -5.18 3.70 5.21
CA GLY A 20 -5.88 3.85 6.47
C GLY A 20 -5.05 3.32 7.62
N TYR A 21 -4.11 2.43 7.30
CA TYR A 21 -3.24 1.83 8.30
C TYR A 21 -3.99 0.86 9.21
N PHE A 22 -5.09 1.33 9.80
CA PHE A 22 -5.89 0.49 10.68
C PHE A 22 -7.00 -0.21 9.89
N LEU A 23 -7.03 0.02 8.57
CA LEU A 23 -8.02 -0.60 7.70
C LEU A 23 -7.92 -2.12 7.77
N PRO A 24 -6.70 -2.67 7.60
CA PRO A 24 -6.45 -4.12 7.64
C PRO A 24 -7.02 -4.77 8.90
N LEU A 25 -8.32 -5.08 8.86
CA LEU A 25 -8.98 -5.71 10.00
C LEU A 25 -9.79 -6.93 9.54
N ARG A 26 -10.86 -6.66 8.80
CA ARG A 26 -11.69 -7.74 8.28
C ARG A 26 -11.16 -8.24 6.94
N HSL A 27 -9.80 -8.04 6.76
CA HSL A 27 -9.12 -8.46 5.55
C HSL A 27 -8.04 -9.50 5.83
O HSL A 27 -8.09 -10.42 6.59
CB HSL A 27 -8.33 -7.34 4.87
CG HSL A 27 -7.17 -8.10 4.24
OD HSL A 27 -6.97 -9.24 5.05
H HSL A 27 -9.29 -7.59 7.52
HA HSL A 27 -9.80 -8.93 4.81
HB2 HSL A 27 -8.96 -6.83 4.07
HB3 HSL A 27 -7.96 -6.59 5.61
HG2 HSL A 27 -7.45 -8.50 3.23
HG3 HSL A 27 -6.22 -7.52 4.20
N PHE A 1 9.57 3.80 9.12
CA PHE A 1 8.27 4.00 8.45
C PHE A 1 8.45 4.32 6.96
N LEU A 2 8.56 5.60 6.63
CA LEU A 2 8.74 6.02 5.25
C LEU A 2 9.20 7.47 5.18
N GLN A 3 10.04 7.77 4.19
CA GLN A 3 10.54 9.13 4.01
C GLN A 3 11.23 9.28 2.66
N SER A 4 10.46 9.08 1.61
CA SER A 4 10.94 9.19 0.24
C SER A 4 9.74 9.26 -0.69
N ASP A 5 8.77 10.09 -0.32
CA ASP A 5 7.55 10.26 -1.09
C ASP A 5 6.60 9.08 -0.83
N VAL A 6 7.09 7.87 -1.07
CA VAL A 6 6.31 6.65 -0.88
C VAL A 6 5.13 6.57 -1.84
N PHE A 7 4.27 7.59 -1.82
CA PHE A 7 3.12 7.65 -2.70
C PHE A 7 3.51 8.11 -4.10
N PHE A 8 4.80 8.02 -4.40
CA PHE A 8 5.31 8.42 -5.71
C PHE A 8 6.76 7.99 -5.91
N LEU A 9 7.33 7.31 -4.92
CA LEU A 9 8.70 6.83 -5.04
C LEU A 9 8.78 5.83 -6.18
N PHE A 10 7.63 5.28 -6.53
CA PHE A 10 7.54 4.32 -7.62
C PHE A 10 8.39 3.09 -7.34
N LEU A 11 7.84 2.18 -6.55
CA LEU A 11 8.55 0.95 -6.19
C LEU A 11 7.62 -0.02 -5.47
N LEU A 12 6.95 0.46 -4.43
CA LEU A 12 6.04 -0.38 -3.66
C LEU A 12 5.09 0.50 -2.85
N PRO A 13 4.39 1.42 -3.51
CA PRO A 13 3.45 2.33 -2.87
C PRO A 13 2.39 1.60 -2.03
N PRO A 14 2.55 1.62 -0.69
CA PRO A 14 1.60 0.99 0.22
C PRO A 14 0.28 1.72 0.27
N ILE A 15 -0.58 1.47 -0.70
CA ILE A 15 -1.88 2.12 -0.78
C ILE A 15 -2.86 1.56 0.24
N ILE A 16 -2.77 0.25 0.45
CA ILE A 16 -3.65 -0.44 1.40
C ILE A 16 -3.22 -0.21 2.84
N LEU A 17 -1.94 -0.42 3.12
CA LEU A 17 -1.43 -0.22 4.47
C LEU A 17 -1.56 1.25 4.85
N ASP A 18 -1.05 2.10 3.98
CA ASP A 18 -1.12 3.55 4.18
C ASP A 18 -2.54 4.07 3.90
N ALA A 19 -3.46 3.16 3.55
CA ALA A 19 -4.83 3.54 3.29
C ALA A 19 -5.53 3.90 4.60
N GLY A 20 -5.43 2.99 5.55
CA GLY A 20 -6.02 3.20 6.86
C GLY A 20 -5.00 3.00 7.96
N TYR A 21 -3.97 2.20 7.68
CA TYR A 21 -2.90 1.91 8.62
C TYR A 21 -3.31 0.85 9.64
N PHE A 22 -4.60 0.67 9.86
CA PHE A 22 -5.10 -0.31 10.80
C PHE A 22 -5.42 -1.60 10.06
N LEU A 23 -4.43 -2.09 9.32
CA LEU A 23 -4.58 -3.30 8.51
C LEU A 23 -5.85 -3.25 7.68
N PRO A 24 -6.04 -2.15 6.93
CA PRO A 24 -7.23 -1.95 6.08
C PRO A 24 -7.19 -2.79 4.81
N LEU A 25 -7.39 -4.09 4.95
CA LEU A 25 -7.38 -4.99 3.81
C LEU A 25 -8.81 -5.23 3.35
N ARG A 26 -9.69 -5.47 4.31
CA ARG A 26 -11.11 -5.69 4.04
C ARG A 26 -11.86 -4.37 4.06
N HSL A 27 -11.07 -3.25 3.88
CA HSL A 27 -11.62 -1.91 3.89
C HSL A 27 -11.42 -1.19 2.55
O HSL A 27 -12.01 -1.40 1.52
CB HSL A 27 -10.96 -0.97 4.88
CG HSL A 27 -9.95 -0.25 4.00
OD HSL A 27 -10.46 -0.28 2.70
H HSL A 27 -10.07 -3.40 3.75
HA HSL A 27 -12.72 -1.90 4.05
HB2 HSL A 27 -11.70 -0.24 5.32
HB3 HSL A 27 -10.43 -1.54 5.69
HG2 HSL A 27 -9.87 0.84 4.28
HG3 HSL A 27 -8.92 -0.71 4.00
N PHE A 1 6.95 -0.73 -9.63
CA PHE A 1 8.04 -0.40 -10.56
C PHE A 1 9.02 0.60 -9.95
N LEU A 2 10.28 0.51 -10.37
CA LEU A 2 11.32 1.40 -9.87
C LEU A 2 11.14 2.81 -10.42
N GLN A 3 10.31 3.59 -9.76
CA GLN A 3 10.04 4.97 -10.17
C GLN A 3 9.23 5.70 -9.10
N SER A 4 8.30 4.99 -8.48
CA SER A 4 7.48 5.56 -7.42
C SER A 4 8.29 5.68 -6.15
N ASP A 5 9.29 6.55 -6.20
CA ASP A 5 10.20 6.79 -5.08
C ASP A 5 11.37 5.81 -5.11
N VAL A 6 11.08 4.52 -5.24
CA VAL A 6 12.11 3.49 -5.28
C VAL A 6 12.72 3.25 -3.90
N PHE A 7 13.08 4.34 -3.22
CA PHE A 7 13.66 4.24 -1.88
C PHE A 7 12.61 3.83 -0.84
N PHE A 8 11.45 3.38 -1.32
CA PHE A 8 10.37 2.96 -0.43
C PHE A 8 9.30 2.16 -1.19
N LEU A 9 9.54 1.91 -2.47
CA LEU A 9 8.60 1.11 -3.24
C LEU A 9 8.55 -0.27 -2.60
N PHE A 10 9.69 -0.66 -2.03
CA PHE A 10 9.81 -1.92 -1.34
C PHE A 10 9.16 -3.06 -2.11
N LEU A 11 9.31 -3.01 -3.43
CA LEU A 11 8.74 -4.02 -4.34
C LEU A 11 7.30 -3.67 -4.71
N LEU A 12 6.60 -3.03 -3.79
CA LEU A 12 5.22 -2.65 -4.03
C LEU A 12 4.80 -1.56 -3.04
N PRO A 13 4.18 -0.47 -3.54
CA PRO A 13 3.73 0.64 -2.68
C PRO A 13 2.52 0.27 -1.83
N PRO A 14 2.70 0.20 -0.50
CA PRO A 14 1.61 -0.14 0.42
C PRO A 14 0.55 0.95 0.51
N ILE A 15 -0.30 1.03 -0.51
CA ILE A 15 -1.36 2.03 -0.54
C ILE A 15 -2.50 1.65 0.40
N ILE A 16 -2.83 0.36 0.38
CA ILE A 16 -3.91 -0.17 1.22
C ILE A 16 -3.49 -0.19 2.68
N LEU A 17 -2.23 -0.51 2.94
CA LEU A 17 -1.72 -0.53 4.29
C LEU A 17 -1.76 0.89 4.87
N ASP A 18 -1.12 1.80 4.16
CA ASP A 18 -1.09 3.20 4.55
C ASP A 18 -2.42 3.89 4.21
N ALA A 19 -3.37 3.13 3.66
CA ALA A 19 -4.67 3.69 3.30
C ALA A 19 -5.50 3.96 4.55
N GLY A 20 -5.51 2.98 5.45
CA GLY A 20 -6.23 3.11 6.70
C GLY A 20 -5.28 3.03 7.89
N TYR A 21 -4.11 2.45 7.63
CA TYR A 21 -3.07 2.29 8.64
C TYR A 21 -3.43 1.29 9.73
N PHE A 22 -4.69 0.90 9.81
CA PHE A 22 -5.13 -0.09 10.80
C PHE A 22 -5.11 -1.47 10.19
N LEU A 23 -4.10 -1.70 9.35
CA LEU A 23 -3.92 -2.97 8.65
C LEU A 23 -5.11 -3.24 7.72
N PRO A 24 -5.56 -2.21 6.98
CA PRO A 24 -6.68 -2.34 6.03
C PRO A 24 -6.66 -3.65 5.25
N LEU A 25 -5.84 -3.72 4.20
CA LEU A 25 -5.75 -4.92 3.38
C LEU A 25 -7.14 -5.35 2.90
N ARG A 26 -7.89 -4.40 2.36
CA ARG A 26 -9.23 -4.68 1.86
C ARG A 26 -10.13 -5.14 2.99
N HSL A 27 -10.09 -4.38 4.15
CA HSL A 27 -10.89 -4.69 5.31
C HSL A 27 -11.86 -3.58 5.66
O HSL A 27 -12.50 -2.89 4.90
CB HSL A 27 -10.09 -4.87 6.59
CG HSL A 27 -11.06 -4.37 7.65
OD HSL A 27 -11.90 -3.45 7.00
H HSL A 27 -9.45 -3.58 4.14
HA HSL A 27 -11.53 -5.60 5.16
HB2 HSL A 27 -9.82 -5.95 6.76
HB3 HSL A 27 -9.16 -4.24 6.58
HG2 HSL A 27 -11.73 -5.20 8.00
HG3 HSL A 27 -10.56 -3.85 8.51
N PHE A 1 0.76 -2.28 -12.92
CA PHE A 1 -0.25 -1.28 -13.36
C PHE A 1 -0.12 0.01 -12.57
N LEU A 2 -0.30 1.14 -13.27
CA LEU A 2 -0.21 2.45 -12.64
C LEU A 2 -1.43 2.72 -11.76
N GLN A 3 -1.47 3.92 -11.18
CA GLN A 3 -2.56 4.33 -10.31
C GLN A 3 -2.39 3.76 -8.91
N SER A 4 -1.12 3.68 -8.50
CA SER A 4 -0.78 3.17 -7.18
C SER A 4 0.66 3.54 -6.84
N ASP A 5 0.86 4.81 -6.49
CA ASP A 5 2.18 5.33 -6.16
C ASP A 5 3.00 5.56 -7.43
N VAL A 6 3.17 4.51 -8.23
CA VAL A 6 3.92 4.62 -9.48
C VAL A 6 5.42 4.79 -9.23
N PHE A 7 5.77 5.68 -8.30
CA PHE A 7 7.15 5.94 -7.95
C PHE A 7 7.75 4.78 -7.16
N PHE A 8 6.91 3.78 -6.88
CA PHE A 8 7.31 2.59 -6.15
C PHE A 8 6.29 1.48 -6.34
N LEU A 9 5.49 1.59 -7.40
CA LEU A 9 4.51 0.58 -7.73
C LEU A 9 5.22 -0.68 -8.19
N PHE A 10 6.53 -0.55 -8.29
CA PHE A 10 7.40 -1.63 -8.72
C PHE A 10 7.50 -2.71 -7.65
N LEU A 11 8.12 -2.38 -6.52
CA LEU A 11 8.27 -3.32 -5.43
C LEU A 11 6.92 -3.69 -4.84
N LEU A 12 6.34 -2.77 -4.08
CA LEU A 12 5.05 -2.99 -3.44
C LEU A 12 4.45 -1.68 -2.95
N PRO A 13 3.48 -1.12 -3.69
CA PRO A 13 2.83 0.14 -3.31
C PRO A 13 1.98 0.00 -2.04
N PRO A 14 2.40 0.62 -0.94
CA PRO A 14 1.67 0.57 0.33
C PRO A 14 0.46 1.49 0.37
N ILE A 15 -0.37 1.43 -0.67
CA ILE A 15 -1.56 2.25 -0.74
C ILE A 15 -2.65 1.72 0.18
N ILE A 16 -2.72 0.40 0.28
CA ILE A 16 -3.71 -0.27 1.10
C ILE A 16 -3.32 -0.22 2.58
N LEU A 17 -2.04 -0.44 2.86
CA LEU A 17 -1.56 -0.41 4.24
C LEU A 17 -1.69 1.00 4.79
N ASP A 18 -1.07 1.94 4.10
CA ASP A 18 -1.13 3.35 4.48
C ASP A 18 -2.49 3.96 4.15
N ALA A 19 -3.42 3.14 3.65
CA ALA A 19 -4.75 3.62 3.30
C ALA A 19 -5.53 3.93 4.57
N GLY A 20 -5.47 3.00 5.51
CA GLY A 20 -6.14 3.18 6.79
C GLY A 20 -5.15 3.09 7.92
N TYR A 21 -4.07 2.33 7.69
CA TYR A 21 -2.99 2.14 8.65
C TYR A 21 -3.38 1.15 9.76
N PHE A 22 -4.65 0.83 9.88
CA PHE A 22 -5.12 -0.12 10.88
C PHE A 22 -5.21 -1.50 10.26
N LEU A 23 -4.25 -1.80 9.39
CA LEU A 23 -4.20 -3.06 8.67
C LEU A 23 -5.43 -3.24 7.78
N PRO A 24 -5.85 -2.18 7.06
CA PRO A 24 -7.00 -2.23 6.16
C PRO A 24 -7.06 -3.52 5.34
N LEU A 25 -6.13 -3.66 4.39
CA LEU A 25 -6.09 -4.86 3.54
C LEU A 25 -7.42 -5.04 2.83
N ARG A 26 -7.85 -4.00 2.12
CA ARG A 26 -9.12 -4.03 1.40
C ARG A 26 -10.27 -4.21 2.37
N HSL A 27 -10.37 -3.24 3.36
CA HSL A 27 -11.40 -3.27 4.37
C HSL A 27 -12.29 -2.04 4.30
O HSL A 27 -13.13 -1.78 3.47
CB HSL A 27 -10.88 -3.24 5.79
CG HSL A 27 -11.01 -1.77 6.16
OD HSL A 27 -12.01 -1.24 5.35
H HSL A 27 -9.66 -2.51 3.34
HA HSL A 27 -12.10 -4.13 4.23
HB2 HSL A 27 -11.51 -3.89 6.47
HB3 HSL A 27 -9.81 -3.57 5.83
HG2 HSL A 27 -11.36 -1.65 7.21
HG3 HSL A 27 -10.07 -1.19 6.00
N PHE A 1 15.72 -5.76 -5.74
CA PHE A 1 14.78 -5.01 -6.62
C PHE A 1 14.52 -3.61 -6.09
N LEU A 2 14.73 -2.61 -6.95
CA LEU A 2 14.53 -1.22 -6.57
C LEU A 2 13.05 -0.88 -6.51
N GLN A 3 12.28 -1.39 -7.47
CA GLN A 3 10.84 -1.13 -7.53
C GLN A 3 10.56 0.34 -7.82
N SER A 4 11.56 1.03 -8.35
CA SER A 4 11.44 2.45 -8.69
C SER A 4 10.80 3.24 -7.55
N ASP A 5 11.38 3.11 -6.38
CA ASP A 5 10.90 3.82 -5.20
C ASP A 5 11.99 3.81 -4.13
N VAL A 6 12.25 2.63 -3.60
CA VAL A 6 13.27 2.45 -2.57
C VAL A 6 12.83 3.09 -1.25
N PHE A 7 12.58 4.40 -1.29
CA PHE A 7 12.15 5.14 -0.12
C PHE A 7 10.69 4.85 0.26
N PHE A 8 10.13 3.77 -0.29
CA PHE A 8 8.74 3.41 0.02
C PHE A 8 8.36 2.05 -0.55
N LEU A 9 9.24 1.45 -1.35
CA LEU A 9 8.97 0.15 -1.91
C LEU A 9 8.79 -0.83 -0.76
N PHE A 10 9.66 -0.70 0.25
CA PHE A 10 9.58 -1.52 1.45
C PHE A 10 9.26 -2.97 1.12
N LEU A 11 9.82 -3.45 0.00
CA LEU A 11 9.60 -4.82 -0.47
C LEU A 11 8.36 -4.89 -1.35
N LEU A 12 7.38 -4.06 -1.05
CA LEU A 12 6.14 -4.04 -1.79
C LEU A 12 5.34 -2.78 -1.46
N PRO A 13 5.40 -1.74 -2.31
CA PRO A 13 4.67 -0.49 -2.07
C PRO A 13 3.16 -0.69 -2.04
N PRO A 14 2.54 -0.42 -0.88
CA PRO A 14 1.10 -0.57 -0.70
C PRO A 14 0.33 0.70 -1.05
N ILE A 15 -0.89 0.80 -0.54
CA ILE A 15 -1.74 1.96 -0.78
C ILE A 15 -2.93 1.96 0.17
N ILE A 16 -3.58 0.80 0.29
CA ILE A 16 -4.74 0.65 1.17
C ILE A 16 -4.30 0.49 2.62
N LEU A 17 -3.25 -0.30 2.83
CA LEU A 17 -2.73 -0.53 4.17
C LEU A 17 -2.18 0.78 4.73
N ASP A 18 -1.24 1.37 3.99
CA ASP A 18 -0.65 2.63 4.37
C ASP A 18 -1.61 3.80 4.12
N ALA A 19 -2.83 3.49 3.66
CA ALA A 19 -3.82 4.52 3.40
C ALA A 19 -4.36 5.07 4.71
N GLY A 20 -4.96 4.19 5.50
CA GLY A 20 -5.48 4.57 6.80
C GLY A 20 -4.75 3.87 7.93
N TYR A 21 -3.94 2.86 7.57
CA TYR A 21 -3.16 2.09 8.54
C TYR A 21 -4.05 1.15 9.36
N PHE A 22 -5.36 1.38 9.37
CA PHE A 22 -6.28 0.54 10.11
C PHE A 22 -6.98 -0.47 9.19
N LEU A 23 -6.93 -0.19 7.89
CA LEU A 23 -7.54 -1.07 6.90
C LEU A 23 -6.91 -2.46 6.90
N PRO A 24 -5.57 -2.56 7.07
CA PRO A 24 -4.87 -3.86 7.07
C PRO A 24 -5.55 -4.89 7.97
N LEU A 25 -4.96 -6.08 8.02
CA LEU A 25 -5.50 -7.19 8.82
C LEU A 25 -6.73 -7.78 8.13
N ARG A 26 -6.49 -8.49 7.03
CA ARG A 26 -7.55 -9.11 6.26
C ARG A 26 -8.39 -8.05 5.55
N HSL A 27 -7.69 -7.22 4.70
CA HSL A 27 -8.32 -6.15 3.95
C HSL A 27 -8.19 -6.37 2.45
O HSL A 27 -8.30 -7.41 1.84
CB HSL A 27 -7.70 -4.79 4.16
CG HSL A 27 -7.85 -4.14 2.79
OD HSL A 27 -7.92 -5.19 1.86
H HSL A 27 -6.68 -7.39 4.63
HA HSL A 27 -9.42 -6.10 4.14
HB2 HSL A 27 -8.26 -4.21 4.95
HB3 HSL A 27 -6.61 -4.88 4.44
HG2 HSL A 27 -8.82 -3.60 2.71
HG3 HSL A 27 -7.00 -3.47 2.51
N PHE A 1 6.06 18.05 -10.98
CA PHE A 1 7.08 17.08 -11.45
C PHE A 1 6.88 15.70 -10.81
N LEU A 2 7.80 14.79 -11.09
CA LEU A 2 7.74 13.44 -10.55
C LEU A 2 9.10 12.75 -10.65
N GLN A 3 9.14 11.45 -10.37
CA GLN A 3 10.37 10.69 -10.44
C GLN A 3 10.09 9.19 -10.37
N SER A 4 9.73 8.61 -11.51
CA SER A 4 9.44 7.19 -11.59
C SER A 4 8.30 6.83 -10.64
N ASP A 5 7.12 7.38 -10.90
CA ASP A 5 5.95 7.13 -10.07
C ASP A 5 6.08 7.82 -8.72
N VAL A 6 7.12 7.46 -7.98
CA VAL A 6 7.38 8.05 -6.65
C VAL A 6 6.38 7.53 -5.62
N PHE A 7 5.09 7.58 -5.95
CA PHE A 7 4.05 7.11 -5.04
C PHE A 7 4.01 5.59 -4.99
N PHE A 8 4.93 4.95 -5.72
CA PHE A 8 5.02 3.50 -5.76
C PHE A 8 6.40 3.04 -6.20
N LEU A 9 7.35 3.98 -6.29
CA LEU A 9 8.72 3.63 -6.66
C LEU A 9 9.37 2.84 -5.53
N PHE A 10 8.63 2.72 -4.43
CA PHE A 10 9.08 2.02 -3.24
C PHE A 10 9.00 0.49 -3.39
N LEU A 11 8.88 0.00 -4.63
CA LEU A 11 8.81 -1.44 -4.90
C LEU A 11 7.38 -1.97 -4.79
N LEU A 12 6.54 -1.26 -4.05
CA LEU A 12 5.17 -1.70 -3.85
C LEU A 12 4.28 -0.53 -3.43
N PRO A 13 3.01 -0.53 -3.85
CA PRO A 13 2.07 0.55 -3.54
C PRO A 13 1.57 0.50 -2.10
N PRO A 14 1.87 1.54 -1.31
CA PRO A 14 1.45 1.64 0.09
C PRO A 14 0.08 2.30 0.24
N ILE A 15 -0.75 2.16 -0.79
CA ILE A 15 -2.09 2.75 -0.78
C ILE A 15 -3.03 1.97 0.13
N ILE A 16 -2.87 0.66 0.14
CA ILE A 16 -3.71 -0.22 0.95
C ILE A 16 -3.33 -0.15 2.43
N LEU A 17 -2.08 -0.43 2.73
CA LEU A 17 -1.61 -0.41 4.12
C LEU A 17 -1.66 1.00 4.68
N ASP A 18 -1.03 1.93 3.97
CA ASP A 18 -1.00 3.33 4.39
C ASP A 18 -2.33 4.03 4.14
N ALA A 19 -3.36 3.28 3.76
CA ALA A 19 -4.67 3.86 3.52
C ALA A 19 -5.30 4.27 4.84
N GLY A 20 -5.62 3.26 5.64
CA GLY A 20 -6.19 3.51 6.95
C GLY A 20 -5.29 2.97 8.05
N TYR A 21 -4.09 2.53 7.65
CA TYR A 21 -3.09 1.98 8.55
C TYR A 21 -3.65 0.84 9.38
N PHE A 22 -4.63 1.16 10.21
CA PHE A 22 -5.26 0.16 11.07
C PHE A 22 -6.61 -0.27 10.51
N LEU A 23 -7.01 0.29 9.37
CA LEU A 23 -8.28 -0.04 8.75
C LEU A 23 -8.18 -1.30 7.90
N PRO A 24 -7.11 -1.45 7.10
CA PRO A 24 -6.92 -2.63 6.25
C PRO A 24 -6.91 -3.93 7.05
N LEU A 25 -6.25 -4.95 6.51
CA LEU A 25 -6.17 -6.26 7.17
C LEU A 25 -7.52 -6.96 7.12
N ARG A 26 -7.94 -7.34 5.92
CA ARG A 26 -9.22 -8.02 5.74
C ARG A 26 -10.38 -7.10 6.14
N HSL A 27 -10.46 -5.92 5.42
CA HSL A 27 -11.49 -4.93 5.67
C HSL A 27 -12.37 -4.70 4.46
O HSL A 27 -13.22 -5.44 4.02
CB HSL A 27 -10.95 -3.54 5.98
CG HSL A 27 -11.05 -2.85 4.63
OD HSL A 27 -12.08 -3.52 3.92
H HSL A 27 -9.74 -5.77 4.70
HA HSL A 27 -12.18 -5.25 6.49
HB2 HSL A 27 -11.59 -3.03 6.75
HB3 HSL A 27 -9.89 -3.58 6.33
HG2 HSL A 27 -11.40 -1.79 4.74
HG3 HSL A 27 -10.12 -2.91 4.03
N PHE A 1 -2.28 -2.31 -5.99
CA PHE A 1 -0.79 -2.36 -6.04
C PHE A 1 -0.23 -1.18 -6.83
N LEU A 2 0.70 -0.47 -6.20
CA LEU A 2 1.35 0.70 -6.82
C LEU A 2 0.36 1.59 -7.56
N GLN A 3 0.88 2.65 -8.17
CA GLN A 3 0.04 3.58 -8.91
C GLN A 3 0.89 4.60 -9.68
N SER A 4 1.27 5.67 -9.03
CA SER A 4 2.09 6.70 -9.66
C SER A 4 3.53 6.23 -9.78
N ASP A 5 3.73 5.14 -10.52
CA ASP A 5 5.06 4.57 -10.73
C ASP A 5 5.49 3.72 -9.53
N VAL A 6 5.32 4.27 -8.33
CA VAL A 6 5.70 3.57 -7.10
C VAL A 6 7.19 3.76 -6.80
N PHE A 7 8.02 3.48 -7.80
CA PHE A 7 9.46 3.64 -7.67
C PHE A 7 9.87 5.11 -7.76
N PHE A 8 9.03 6.00 -7.23
CA PHE A 8 9.32 7.43 -7.26
C PHE A 8 8.31 8.22 -6.44
N LEU A 9 7.15 7.63 -6.15
CA LEU A 9 6.15 8.31 -5.36
C LEU A 9 6.75 8.68 -4.01
N PHE A 10 7.52 7.75 -3.45
CA PHE A 10 8.21 7.97 -2.19
C PHE A 10 7.28 8.64 -1.19
N LEU A 11 6.13 8.04 -0.94
CA LEU A 11 5.16 8.61 0.00
C LEU A 11 4.00 7.67 0.26
N LEU A 12 3.66 6.83 -0.71
CA LEU A 12 2.54 5.93 -0.57
C LEU A 12 2.67 4.73 -1.50
N PRO A 13 3.80 4.01 -1.42
CA PRO A 13 4.07 2.84 -2.25
C PRO A 13 2.85 1.94 -2.42
N PRO A 14 2.18 1.58 -1.32
CA PRO A 14 1.01 0.72 -1.38
C PRO A 14 -0.29 1.48 -1.59
N ILE A 15 -0.50 2.55 -0.81
CA ILE A 15 -1.70 3.37 -0.90
C ILE A 15 -2.88 2.74 -0.15
N ILE A 16 -2.95 1.41 -0.15
CA ILE A 16 -4.02 0.70 0.53
C ILE A 16 -3.77 0.56 2.03
N LEU A 17 -2.68 -0.11 2.38
CA LEU A 17 -2.33 -0.32 3.78
C LEU A 17 -1.94 1.00 4.44
N ASP A 18 -1.02 1.71 3.80
CA ASP A 18 -0.55 3.00 4.30
C ASP A 18 -1.58 4.10 4.13
N ALA A 19 -2.78 3.76 3.65
CA ALA A 19 -3.82 4.75 3.47
C ALA A 19 -4.38 5.15 4.83
N GLY A 20 -5.02 4.19 5.49
CA GLY A 20 -5.55 4.43 6.81
C GLY A 20 -4.74 3.69 7.86
N TYR A 21 -4.07 2.62 7.44
CA TYR A 21 -3.24 1.81 8.31
C TYR A 21 -4.09 0.91 9.22
N PHE A 22 -5.33 1.32 9.47
CA PHE A 22 -6.23 0.54 10.32
C PHE A 22 -7.13 -0.35 9.47
N LEU A 23 -7.00 -0.26 8.15
CA LEU A 23 -7.79 -1.08 7.24
C LEU A 23 -7.61 -2.56 7.55
N PRO A 24 -6.36 -3.00 7.81
CA PRO A 24 -6.05 -4.41 8.11
C PRO A 24 -6.88 -4.94 9.28
N LEU A 25 -6.37 -5.97 9.96
CA LEU A 25 -7.04 -6.60 11.09
C LEU A 25 -7.97 -7.70 10.60
N ARG A 26 -7.37 -8.86 10.33
CA ARG A 26 -8.11 -10.02 9.83
C ARG A 26 -8.56 -9.80 8.39
N HSL A 27 -7.77 -8.96 7.64
CA HSL A 27 -8.07 -8.66 6.25
C HSL A 27 -6.96 -9.12 5.32
O HSL A 27 -6.33 -10.15 5.38
CB HSL A 27 -8.16 -7.17 5.95
CG HSL A 27 -7.64 -7.10 4.52
OD HSL A 27 -6.78 -8.19 4.37
H HSL A 27 -6.95 -8.56 8.10
HA HSL A 27 -9.00 -9.18 5.90
HB2 HSL A 27 -9.24 -6.81 6.01
HB3 HSL A 27 -7.52 -6.58 6.63
HG2 HSL A 27 -8.47 -7.26 3.78
HG3 HSL A 27 -7.08 -6.17 4.30
N PHE A 1 17.74 8.46 -6.48
CA PHE A 1 17.42 7.53 -5.37
C PHE A 1 17.02 6.16 -5.90
N LEU A 2 16.52 5.30 -5.02
CA LEU A 2 16.09 3.96 -5.40
C LEU A 2 15.21 3.35 -4.32
N GLN A 3 14.25 2.52 -4.74
CA GLN A 3 13.34 1.88 -3.81
C GLN A 3 12.47 0.85 -4.53
N SER A 4 12.96 -0.38 -4.60
CA SER A 4 12.25 -1.48 -5.25
C SER A 4 12.40 -1.42 -6.76
N ASP A 5 12.08 -0.28 -7.32
CA ASP A 5 12.17 -0.07 -8.76
C ASP A 5 12.08 1.42 -9.09
N VAL A 6 11.36 2.16 -8.25
CA VAL A 6 11.17 3.60 -8.43
C VAL A 6 10.04 3.88 -9.41
N PHE A 7 10.12 3.28 -10.59
CA PHE A 7 9.10 3.43 -11.62
C PHE A 7 7.85 2.62 -11.27
N PHE A 8 7.57 2.50 -9.98
CA PHE A 8 6.40 1.75 -9.51
C PHE A 8 6.14 2.02 -8.02
N LEU A 9 7.10 2.63 -7.34
CA LEU A 9 6.93 2.95 -5.93
C LEU A 9 5.75 3.88 -5.78
N PHE A 10 5.52 4.68 -6.82
CA PHE A 10 4.40 5.62 -6.84
C PHE A 10 4.39 6.48 -5.59
N LEU A 11 5.56 6.61 -4.95
CA LEU A 11 5.70 7.41 -3.73
C LEU A 11 5.30 6.62 -2.49
N LEU A 12 4.53 5.54 -2.68
CA LEU A 12 4.08 4.74 -1.56
C LEU A 12 3.48 3.41 -2.03
N PRO A 13 4.34 2.40 -2.26
CA PRO A 13 3.90 1.08 -2.71
C PRO A 13 2.62 0.62 -2.02
N PRO A 14 2.55 0.76 -0.68
CA PRO A 14 1.39 0.34 0.09
C PRO A 14 0.34 1.45 0.24
N ILE A 15 -0.47 1.64 -0.79
CA ILE A 15 -1.51 2.66 -0.77
C ILE A 15 -2.69 2.25 0.09
N ILE A 16 -3.00 0.96 0.09
CA ILE A 16 -4.11 0.41 0.85
C ILE A 16 -3.79 0.33 2.35
N LEU A 17 -2.67 -0.31 2.68
CA LEU A 17 -2.26 -0.45 4.07
C LEU A 17 -1.94 0.93 4.66
N ASP A 18 -1.09 1.67 3.95
CA ASP A 18 -0.70 3.01 4.37
C ASP A 18 -1.81 4.02 4.12
N ALA A 19 -2.97 3.56 3.66
CA ALA A 19 -4.10 4.45 3.40
C ALA A 19 -4.68 4.91 4.72
N GLY A 20 -5.22 3.95 5.47
CA GLY A 20 -5.79 4.25 6.77
C GLY A 20 -4.97 3.62 7.89
N TYR A 21 -4.04 2.74 7.51
CA TYR A 21 -3.16 2.07 8.47
C TYR A 21 -3.91 1.01 9.28
N PHE A 22 -4.99 1.43 9.95
CA PHE A 22 -5.77 0.50 10.77
C PHE A 22 -6.95 -0.09 9.99
N LEU A 23 -6.86 -0.07 8.66
CA LEU A 23 -7.92 -0.62 7.83
C LEU A 23 -7.71 -2.12 7.57
N PRO A 24 -6.49 -2.52 7.17
CA PRO A 24 -6.17 -3.92 6.90
C PRO A 24 -6.45 -4.82 8.10
N LEU A 25 -6.51 -4.23 9.29
CA LEU A 25 -6.77 -4.98 10.51
C LEU A 25 -8.24 -5.42 10.60
N ARG A 26 -9.06 -4.95 9.67
CA ARG A 26 -10.47 -5.30 9.64
C ARG A 26 -10.99 -5.29 8.21
N HSL A 27 -10.18 -5.91 7.29
CA HSL A 27 -10.52 -6.00 5.88
C HSL A 27 -10.67 -7.43 5.41
O HSL A 27 -11.18 -8.35 6.01
CB HSL A 27 -9.45 -5.43 4.96
CG HSL A 27 -9.59 -6.33 3.73
OD HSL A 27 -10.13 -7.55 4.19
H HSL A 27 -9.31 -6.31 7.64
HA HSL A 27 -11.50 -5.50 5.66
HB2 HSL A 27 -9.66 -4.35 4.70
HB3 HSL A 27 -8.44 -5.54 5.41
HG2 HSL A 27 -10.36 -5.92 3.02
HG3 HSL A 27 -8.64 -6.53 3.21
N PHE A 1 -1.17 -13.65 -5.36
CA PHE A 1 -1.44 -12.19 -5.27
C PHE A 1 -2.17 -11.68 -6.50
N LEU A 2 -3.14 -10.81 -6.28
CA LEU A 2 -3.92 -10.24 -7.37
C LEU A 2 -4.74 -9.04 -6.89
N GLN A 3 -5.26 -9.12 -5.67
CA GLN A 3 -6.05 -8.05 -5.08
C GLN A 3 -5.19 -6.87 -4.65
N SER A 4 -3.89 -6.92 -4.98
CA SER A 4 -2.97 -5.85 -4.61
C SER A 4 -3.19 -4.61 -5.47
N ASP A 5 -4.40 -4.05 -5.38
CA ASP A 5 -4.77 -2.87 -6.13
C ASP A 5 -4.87 -3.17 -7.61
N VAL A 6 -3.75 -3.52 -8.20
CA VAL A 6 -3.69 -3.85 -9.63
C VAL A 6 -3.91 -2.61 -10.51
N PHE A 7 -4.88 -1.78 -10.14
CA PHE A 7 -5.19 -0.57 -10.88
C PHE A 7 -4.11 0.49 -10.69
N PHE A 8 -3.16 0.18 -9.81
CA PHE A 8 -2.06 1.09 -9.53
C PHE A 8 -0.91 0.35 -8.86
N LEU A 9 -0.89 -0.97 -9.06
CA LEU A 9 0.19 -1.79 -8.52
C LEU A 9 1.48 -1.40 -9.23
N PHE A 10 1.32 -0.62 -10.29
CA PHE A 10 2.42 -0.13 -11.11
C PHE A 10 3.09 1.10 -10.50
N LEU A 11 3.11 1.19 -9.17
CA LEU A 11 3.72 2.34 -8.51
C LEU A 11 3.82 2.16 -7.01
N LEU A 12 2.74 1.72 -6.39
CA LEU A 12 2.72 1.55 -4.95
C LEU A 12 1.62 0.58 -4.53
N PRO A 13 1.95 -0.72 -4.43
CA PRO A 13 0.98 -1.76 -4.04
C PRO A 13 0.44 -1.59 -2.61
N PRO A 14 1.22 -1.06 -1.67
CA PRO A 14 0.77 -0.90 -0.29
C PRO A 14 0.08 0.43 -0.04
N ILE A 15 -0.84 0.80 -0.93
CA ILE A 15 -1.58 2.04 -0.79
C ILE A 15 -2.67 1.90 0.26
N ILE A 16 -3.29 0.73 0.28
CA ILE A 16 -4.37 0.43 1.20
C ILE A 16 -3.86 0.33 2.64
N LEU A 17 -2.67 -0.25 2.81
CA LEU A 17 -2.09 -0.38 4.14
C LEU A 17 -1.79 1.01 4.69
N ASP A 18 -0.96 1.74 3.96
CA ASP A 18 -0.60 3.10 4.33
C ASP A 18 -1.75 4.07 4.05
N ALA A 19 -2.87 3.56 3.54
CA ALA A 19 -4.02 4.41 3.25
C ALA A 19 -4.70 4.82 4.56
N GLY A 20 -5.18 3.82 5.28
CA GLY A 20 -5.83 4.08 6.55
C GLY A 20 -5.02 3.51 7.72
N TYR A 21 -4.03 2.67 7.39
CA TYR A 21 -3.18 2.05 8.40
C TYR A 21 -3.91 0.96 9.17
N PHE A 22 -5.07 1.29 9.73
CA PHE A 22 -5.85 0.32 10.49
C PHE A 22 -6.88 -0.37 9.58
N LEU A 23 -7.00 0.11 8.35
CA LEU A 23 -7.94 -0.47 7.40
C LEU A 23 -7.73 -1.97 7.26
N PRO A 24 -6.47 -2.43 7.15
CA PRO A 24 -6.15 -3.85 7.01
C PRO A 24 -6.76 -4.69 8.13
N LEU A 25 -6.25 -5.91 8.31
CA LEU A 25 -6.74 -6.81 9.35
C LEU A 25 -8.13 -7.32 8.98
N ARG A 26 -8.18 -8.15 7.94
CA ARG A 26 -9.45 -8.72 7.48
C ARG A 26 -10.34 -7.63 6.91
N HSL A 27 -9.80 -6.90 5.86
CA HSL A 27 -10.52 -5.83 5.21
C HSL A 27 -10.77 -6.12 3.74
O HSL A 27 -11.56 -6.90 3.26
CB HSL A 27 -9.77 -4.51 5.17
CG HSL A 27 -9.13 -4.54 3.79
OD HSL A 27 -9.94 -5.36 2.99
H HSL A 27 -8.86 -7.17 5.56
HA HSL A 27 -11.53 -5.68 5.65
HB2 HSL A 27 -10.48 -3.64 5.27
HB3 HSL A 27 -8.98 -4.47 5.98
HG2 HSL A 27 -9.14 -3.53 3.32
HG3 HSL A 27 -8.09 -4.95 3.80
N PHE A 1 5.95 4.25 -5.14
CA PHE A 1 6.43 5.59 -4.70
C PHE A 1 6.59 5.63 -3.18
N LEU A 2 7.69 6.22 -2.73
CA LEU A 2 7.97 6.33 -1.30
C LEU A 2 7.92 4.96 -0.63
N GLN A 3 6.76 4.59 -0.09
CA GLN A 3 6.60 3.30 0.57
C GLN A 3 7.67 3.08 1.63
N SER A 4 8.24 4.17 2.13
CA SER A 4 9.28 4.13 3.16
C SER A 4 10.64 3.75 2.59
N ASP A 5 10.65 3.31 1.34
CA ASP A 5 11.88 2.92 0.67
C ASP A 5 11.60 2.77 -0.82
N VAL A 6 10.43 2.21 -1.11
CA VAL A 6 9.98 2.00 -2.48
C VAL A 6 10.53 0.70 -3.06
N PHE A 7 11.85 0.50 -2.98
CA PHE A 7 12.47 -0.71 -3.49
C PHE A 7 12.10 -1.91 -2.63
N PHE A 8 12.00 -1.68 -1.33
CA PHE A 8 11.64 -2.72 -0.37
C PHE A 8 10.16 -3.06 -0.48
N LEU A 9 9.32 -2.07 -0.18
CA LEU A 9 7.87 -2.23 -0.23
C LEU A 9 7.39 -2.46 -1.66
N PHE A 10 8.34 -2.48 -2.58
CA PHE A 10 8.07 -2.67 -3.99
C PHE A 10 7.59 -4.10 -4.27
N LEU A 11 7.76 -4.99 -3.31
CA LEU A 11 7.31 -6.37 -3.46
C LEU A 11 5.80 -6.42 -3.59
N LEU A 12 5.15 -5.57 -2.80
CA LEU A 12 3.71 -5.50 -2.78
C LEU A 12 3.26 -4.17 -2.15
N PRO A 13 2.94 -3.16 -2.98
CA PRO A 13 2.53 -1.84 -2.50
C PRO A 13 1.27 -1.89 -1.64
N PRO A 14 1.38 -1.50 -0.36
CA PRO A 14 0.26 -1.49 0.58
C PRO A 14 -0.54 -0.19 0.52
N ILE A 15 -1.55 -0.16 -0.34
CA ILE A 15 -2.40 1.02 -0.49
C ILE A 15 -3.31 1.19 0.71
N ILE A 16 -3.86 0.06 1.16
CA ILE A 16 -4.76 0.02 2.30
C ILE A 16 -4.00 0.28 3.60
N LEU A 17 -2.81 -0.30 3.72
CA LEU A 17 -1.99 -0.10 4.90
C LEU A 17 -1.55 1.36 4.95
N ASP A 18 -1.01 1.82 3.85
CA ASP A 18 -0.58 3.21 3.72
C ASP A 18 -1.80 4.11 3.59
N ALA A 19 -2.98 3.52 3.43
CA ALA A 19 -4.21 4.28 3.32
C ALA A 19 -4.62 4.85 4.67
N GLY A 20 -4.94 3.95 5.60
CA GLY A 20 -5.33 4.35 6.93
C GLY A 20 -4.46 3.71 8.01
N TYR A 21 -3.70 2.69 7.63
CA TYR A 21 -2.81 2.00 8.56
C TYR A 21 -3.56 1.02 9.46
N PHE A 22 -4.89 1.09 9.45
CA PHE A 22 -5.72 0.20 10.27
C PHE A 22 -6.92 -0.32 9.48
N LEU A 23 -6.93 -0.06 8.17
CA LEU A 23 -8.02 -0.50 7.31
C LEU A 23 -7.77 -1.89 6.73
N PRO A 24 -6.52 -2.22 6.35
CA PRO A 24 -6.20 -3.53 5.76
C PRO A 24 -6.87 -4.70 6.48
N LEU A 25 -6.34 -5.10 7.63
CA LEU A 25 -6.91 -6.20 8.39
C LEU A 25 -7.03 -7.45 7.50
N ARG A 26 -5.93 -7.78 6.83
CA ARG A 26 -5.90 -8.94 5.94
C ARG A 26 -6.86 -8.75 4.77
N HSL A 27 -6.77 -7.52 4.13
CA HSL A 27 -7.61 -7.16 3.00
C HSL A 27 -6.79 -6.90 1.74
O HSL A 27 -5.82 -7.51 1.35
CB HSL A 27 -8.38 -5.87 3.19
CG HSL A 27 -8.43 -5.33 1.77
OD HSL A 27 -7.32 -5.84 1.10
H HSL A 27 -6.06 -6.87 4.49
HA HSL A 27 -8.30 -7.99 2.73
HB2 HSL A 27 -9.42 -6.08 3.59
HB3 HSL A 27 -7.83 -5.17 3.87
HG2 HSL A 27 -9.33 -5.72 1.21
HG3 HSL A 27 -8.40 -4.21 1.71
N PHE A 1 13.72 -7.53 -5.26
CA PHE A 1 13.42 -6.87 -6.56
C PHE A 1 13.56 -5.36 -6.45
N LEU A 2 13.10 -4.65 -7.48
CA LEU A 2 13.17 -3.20 -7.51
C LEU A 2 12.24 -2.61 -8.57
N GLN A 3 11.23 -3.37 -8.95
CA GLN A 3 10.26 -2.91 -9.94
C GLN A 3 9.28 -1.95 -9.32
N SER A 4 8.95 -2.18 -8.05
CA SER A 4 8.01 -1.34 -7.33
C SER A 4 8.65 -0.06 -6.80
N ASP A 5 9.58 0.52 -7.58
CA ASP A 5 10.25 1.76 -7.18
C ASP A 5 11.30 1.53 -6.08
N VAL A 6 11.25 0.35 -5.44
CA VAL A 6 12.19 -0.01 -4.38
C VAL A 6 11.71 0.47 -3.01
N PHE A 7 11.33 1.74 -2.92
CA PHE A 7 10.87 2.32 -1.66
C PHE A 7 9.57 1.67 -1.20
N PHE A 8 8.74 1.29 -2.16
CA PHE A 8 7.46 0.66 -1.86
C PHE A 8 7.67 -0.72 -1.25
N LEU A 9 8.36 -1.57 -1.98
CA LEU A 9 8.67 -2.93 -1.51
C LEU A 9 9.61 -2.86 -0.31
N PHE A 10 10.01 -1.63 0.01
CA PHE A 10 10.90 -1.35 1.11
C PHE A 10 10.19 -1.43 2.46
N LEU A 11 8.90 -1.78 2.44
CA LEU A 11 8.12 -1.88 3.66
C LEU A 11 6.73 -2.44 3.38
N LEU A 12 6.15 -2.02 2.26
CA LEU A 12 4.82 -2.47 1.91
C LEU A 12 4.54 -2.29 0.42
N PRO A 13 4.17 -3.39 -0.28
CA PRO A 13 3.88 -3.35 -1.72
C PRO A 13 2.60 -2.60 -2.09
N PRO A 14 1.62 -2.49 -1.18
CA PRO A 14 0.37 -1.80 -1.49
C PRO A 14 0.44 -0.29 -1.21
N ILE A 15 -0.71 0.30 -0.92
CA ILE A 15 -0.81 1.72 -0.65
C ILE A 15 -2.07 2.00 0.17
N ILE A 16 -3.14 1.31 -0.20
CA ILE A 16 -4.42 1.45 0.49
C ILE A 16 -4.31 0.87 1.90
N LEU A 17 -3.34 -0.03 2.08
CA LEU A 17 -3.12 -0.62 3.40
C LEU A 17 -2.66 0.47 4.36
N ASP A 18 -1.47 1.00 4.08
CA ASP A 18 -0.90 2.09 4.88
C ASP A 18 -1.56 3.42 4.54
N ALA A 19 -2.62 3.37 3.72
CA ALA A 19 -3.32 4.58 3.33
C ALA A 19 -4.09 5.12 4.52
N GLY A 20 -4.86 4.24 5.14
CA GLY A 20 -5.61 4.60 6.33
C GLY A 20 -4.97 4.03 7.57
N TYR A 21 -4.13 3.01 7.36
CA TYR A 21 -3.42 2.34 8.44
C TYR A 21 -4.32 1.40 9.24
N PHE A 22 -5.62 1.49 8.99
CA PHE A 22 -6.59 0.65 9.68
C PHE A 22 -6.94 -0.58 8.83
N LEU A 23 -6.33 -0.67 7.65
CA LEU A 23 -6.58 -1.78 6.74
C LEU A 23 -6.18 -3.11 7.39
N PRO A 24 -4.98 -3.20 7.97
CA PRO A 24 -4.49 -4.42 8.61
C PRO A 24 -5.54 -5.07 9.52
N LEU A 25 -5.93 -4.35 10.57
CA LEU A 25 -6.93 -4.86 11.51
C LEU A 25 -6.39 -6.07 12.26
N ARG A 26 -5.31 -5.85 13.01
CA ARG A 26 -4.69 -6.92 13.78
C ARG A 26 -4.15 -8.01 12.86
N HSL A 27 -3.39 -7.56 11.80
CA HSL A 27 -2.82 -8.46 10.83
C HSL A 27 -1.28 -8.38 10.80
O HSL A 27 -0.55 -8.26 11.75
CB HSL A 27 -3.20 -8.16 9.38
CG HSL A 27 -1.94 -8.58 8.62
OD HSL A 27 -0.87 -8.44 9.53
H HSL A 27 -3.27 -6.55 11.72
HA HSL A 27 -3.04 -9.53 11.05
HB2 HSL A 27 -4.09 -8.78 9.06
HB3 HSL A 27 -3.40 -7.07 9.24
HG2 HSL A 27 -1.98 -9.67 8.35
HG3 HSL A 27 -1.73 -7.95 7.73
N PHE A 1 5.38 3.58 -3.46
CA PHE A 1 4.98 4.14 -2.14
C PHE A 1 3.66 4.89 -2.24
N LEU A 2 3.66 6.00 -2.95
CA LEU A 2 2.47 6.81 -3.11
C LEU A 2 2.62 7.80 -4.26
N GLN A 3 3.15 7.32 -5.38
CA GLN A 3 3.35 8.17 -6.55
C GLN A 3 3.73 7.36 -7.78
N SER A 4 4.48 6.29 -7.58
CA SER A 4 4.90 5.43 -8.69
C SER A 4 3.72 4.60 -9.17
N ASP A 5 2.68 5.28 -9.65
CA ASP A 5 1.46 4.63 -10.14
C ASP A 5 0.65 4.08 -8.97
N VAL A 6 1.25 3.16 -8.22
CA VAL A 6 0.60 2.55 -7.07
C VAL A 6 -0.54 1.62 -7.51
N PHE A 7 -1.51 2.19 -8.21
CA PHE A 7 -2.66 1.44 -8.71
C PHE A 7 -2.31 0.57 -9.91
N PHE A 8 -1.02 0.46 -10.22
CA PHE A 8 -0.59 -0.35 -11.35
C PHE A 8 0.93 -0.58 -11.34
N LEU A 9 1.59 -0.18 -10.25
CA LEU A 9 3.02 -0.39 -10.13
C LEU A 9 3.27 -1.89 -10.12
N PHE A 10 2.28 -2.61 -9.59
CA PHE A 10 2.33 -4.07 -9.51
C PHE A 10 3.48 -4.57 -8.63
N LEU A 11 4.38 -3.67 -8.22
CA LEU A 11 5.50 -4.06 -7.37
C LEU A 11 5.01 -4.42 -5.98
N LEU A 12 4.69 -3.39 -5.19
CA LEU A 12 4.22 -3.56 -3.84
C LEU A 12 3.55 -2.28 -3.34
N PRO A 13 2.57 -1.77 -4.11
CA PRO A 13 1.87 -0.54 -3.76
C PRO A 13 1.28 -0.56 -2.36
N PRO A 14 1.88 0.19 -1.43
CA PRO A 14 1.41 0.29 -0.05
C PRO A 14 0.22 1.23 0.09
N ILE A 15 -0.78 1.04 -0.77
CA ILE A 15 -1.97 1.88 -0.76
C ILE A 15 -2.92 1.48 0.35
N ILE A 16 -3.09 0.17 0.49
CA ILE A 16 -3.99 -0.40 1.48
C ILE A 16 -3.47 -0.25 2.90
N LEU A 17 -2.20 -0.54 3.11
CA LEU A 17 -1.61 -0.41 4.44
C LEU A 17 -1.65 1.05 4.88
N ASP A 18 -1.08 1.91 4.06
CA ASP A 18 -1.06 3.34 4.32
C ASP A 18 -2.42 3.98 4.03
N ALA A 19 -3.41 3.17 3.66
CA ALA A 19 -4.74 3.68 3.37
C ALA A 19 -5.44 4.08 4.67
N GLY A 20 -5.47 3.15 5.61
CA GLY A 20 -6.08 3.41 6.90
C GLY A 20 -5.08 3.20 8.03
N TYR A 21 -4.02 2.45 7.72
CA TYR A 21 -2.95 2.16 8.67
C TYR A 21 -3.37 1.12 9.72
N PHE A 22 -4.68 0.84 9.79
CA PHE A 22 -5.18 -0.16 10.72
C PHE A 22 -5.29 -1.50 10.02
N LEU A 23 -4.23 -1.83 9.29
CA LEU A 23 -4.17 -3.07 8.53
C LEU A 23 -5.37 -3.19 7.60
N PRO A 24 -5.61 -2.17 6.77
CA PRO A 24 -6.73 -2.15 5.81
C PRO A 24 -6.57 -3.21 4.73
N LEU A 25 -6.61 -4.47 5.14
CA LEU A 25 -6.48 -5.58 4.20
C LEU A 25 -7.80 -5.86 3.49
N ARG A 26 -8.80 -6.29 4.25
CA ARG A 26 -10.10 -6.59 3.69
C ARG A 26 -10.97 -5.34 3.65
N HSL A 27 -10.32 -4.18 3.28
CA HSL A 27 -10.99 -2.90 3.18
C HSL A 27 -10.96 -2.33 1.78
O HSL A 27 -11.59 -2.70 0.82
CB HSL A 27 -10.35 -1.80 4.02
CG HSL A 27 -9.48 -1.09 2.99
OD HSL A 27 -10.08 -1.31 1.73
H HSL A 27 -9.31 -4.26 3.06
HA HSL A 27 -12.07 -2.97 3.45
HB2 HSL A 27 -11.13 -1.10 4.44
HB3 HSL A 27 -9.72 -2.22 4.84
HG2 HSL A 27 -9.49 0.02 3.14
HG3 HSL A 27 -8.43 -1.47 2.95
N PHE A 1 21.01 -3.05 -1.90
CA PHE A 1 19.54 -3.30 -1.82
C PHE A 1 18.85 -2.20 -1.02
N LEU A 2 17.63 -1.87 -1.41
CA LEU A 2 16.85 -0.84 -0.72
C LEU A 2 17.60 0.49 -0.69
N GLN A 3 17.35 1.34 -1.68
CA GLN A 3 18.01 2.64 -1.75
C GLN A 3 17.38 3.52 -2.81
N SER A 4 16.06 3.55 -2.83
CA SER A 4 15.32 4.36 -3.78
C SER A 4 13.85 4.42 -3.38
N ASP A 5 13.22 3.26 -3.38
CA ASP A 5 11.83 3.14 -2.99
C ASP A 5 11.70 2.92 -1.50
N VAL A 6 12.55 2.03 -0.99
CA VAL A 6 12.59 1.64 0.44
C VAL A 6 11.19 1.39 0.99
N PHE A 7 10.32 2.37 0.87
CA PHE A 7 8.95 2.25 1.34
C PHE A 7 8.15 1.34 0.40
N PHE A 8 8.77 0.93 -0.71
CA PHE A 8 8.11 0.07 -1.66
C PHE A 8 9.08 -0.59 -2.64
N LEU A 9 10.38 -0.60 -2.30
CA LEU A 9 11.37 -1.26 -3.14
C LEU A 9 11.20 -2.76 -3.03
N PHE A 10 10.32 -3.18 -2.12
CA PHE A 10 10.08 -4.59 -1.86
C PHE A 10 9.30 -5.24 -3.00
N LEU A 11 8.27 -4.56 -3.49
CA LEU A 11 7.46 -5.09 -4.58
C LEU A 11 6.40 -4.10 -5.03
N LEU A 12 5.75 -3.46 -4.07
CA LEU A 12 4.71 -2.50 -4.37
C LEU A 12 4.45 -1.59 -3.16
N PRO A 13 4.20 -0.29 -3.40
CA PRO A 13 3.94 0.66 -2.32
C PRO A 13 2.58 0.43 -1.66
N PRO A 14 2.57 0.09 -0.36
CA PRO A 14 1.33 -0.16 0.38
C PRO A 14 0.45 1.07 0.44
N ILE A 15 -0.30 1.30 -0.65
CA ILE A 15 -1.19 2.44 -0.73
C ILE A 15 -2.42 2.23 0.14
N ILE A 16 -2.95 1.03 0.05
CA ILE A 16 -4.13 0.62 0.78
C ILE A 16 -3.83 0.40 2.26
N LEU A 17 -2.72 -0.26 2.54
CA LEU A 17 -2.31 -0.52 3.91
C LEU A 17 -2.01 0.81 4.61
N ASP A 18 -1.11 1.57 3.99
CA ASP A 18 -0.73 2.88 4.51
C ASP A 18 -1.83 3.92 4.25
N ALA A 19 -2.94 3.48 3.64
CA ALA A 19 -4.04 4.38 3.34
C ALA A 19 -4.79 4.73 4.63
N GLY A 20 -5.30 3.70 5.29
CA GLY A 20 -6.01 3.90 6.54
C GLY A 20 -5.24 3.31 7.71
N TYR A 21 -4.11 2.66 7.42
CA TYR A 21 -3.24 2.04 8.41
C TYR A 21 -3.98 1.03 9.30
N PHE A 22 -5.07 1.46 9.92
CA PHE A 22 -5.85 0.59 10.78
C PHE A 22 -6.97 -0.09 10.00
N LEU A 23 -6.88 -0.06 8.67
CA LEU A 23 -7.88 -0.68 7.82
C LEU A 23 -7.60 -2.18 7.64
N PRO A 24 -6.35 -2.54 7.29
CA PRO A 24 -5.94 -3.93 7.09
C PRO A 24 -5.60 -4.63 8.39
N LEU A 25 -6.51 -4.53 9.37
CA LEU A 25 -6.29 -5.16 10.66
C LEU A 25 -6.75 -6.62 10.65
N ARG A 26 -8.06 -6.83 10.62
CA ARG A 26 -8.62 -8.17 10.60
C ARG A 26 -8.73 -8.68 9.17
N HSL A 27 -7.61 -8.49 8.38
CA HSL A 27 -7.55 -8.92 7.00
C HSL A 27 -6.46 -9.95 6.76
O HSL A 27 -6.47 -11.12 7.09
CB HSL A 27 -7.20 -7.82 6.01
CG HSL A 27 -5.69 -8.01 5.86
OD HSL A 27 -5.44 -9.37 6.12
H HSL A 27 -6.82 -8.02 8.81
HA HSL A 27 -8.50 -9.41 6.67
HB2 HSL A 27 -7.72 -7.96 5.03
HB3 HSL A 27 -7.43 -6.81 6.43
HG2 HSL A 27 -5.37 -7.83 4.80
HG3 HSL A 27 -5.09 -7.39 6.57
N PHE A 1 -5.34 -1.27 -13.82
CA PHE A 1 -6.57 -1.28 -12.99
C PHE A 1 -6.68 -0.03 -12.13
N LEU A 2 -7.76 0.06 -11.35
CA LEU A 2 -7.97 1.20 -10.49
C LEU A 2 -7.04 1.15 -9.27
N GLN A 3 -7.41 0.35 -8.27
CA GLN A 3 -6.62 0.20 -7.06
C GLN A 3 -6.72 1.44 -6.19
N SER A 4 -6.29 2.56 -6.76
CA SER A 4 -6.33 3.83 -6.05
C SER A 4 -6.19 4.98 -7.03
N ASP A 5 -6.92 4.88 -8.15
CA ASP A 5 -6.90 5.90 -9.19
C ASP A 5 -5.70 5.72 -10.14
N VAL A 6 -4.81 4.77 -9.81
CA VAL A 6 -3.63 4.49 -10.62
C VAL A 6 -2.44 5.36 -10.24
N PHE A 7 -2.66 6.66 -10.10
CA PHE A 7 -1.59 7.58 -9.74
C PHE A 7 -1.11 7.34 -8.31
N PHE A 8 -2.04 6.95 -7.45
CA PHE A 8 -1.73 6.68 -6.05
C PHE A 8 -0.90 5.41 -5.92
N LEU A 9 -1.43 4.31 -6.46
CA LEU A 9 -0.72 3.03 -6.43
C LEU A 9 0.55 3.13 -7.27
N PHE A 10 0.70 4.27 -7.90
CA PHE A 10 1.84 4.56 -8.75
C PHE A 10 3.08 4.84 -7.91
N LEU A 11 2.93 5.69 -6.89
CA LEU A 11 4.04 6.02 -6.01
C LEU A 11 4.47 4.80 -5.21
N LEU A 12 3.50 3.97 -4.84
CA LEU A 12 3.77 2.78 -4.05
C LEU A 12 2.62 1.78 -4.17
N PRO A 13 2.93 0.48 -4.30
CA PRO A 13 1.90 -0.56 -4.44
C PRO A 13 1.02 -0.73 -3.20
N PRO A 14 1.53 -0.52 -1.99
CA PRO A 14 0.74 -0.69 -0.77
C PRO A 14 0.00 0.59 -0.40
N ILE A 15 -1.07 0.87 -1.12
CA ILE A 15 -1.90 2.05 -0.88
C ILE A 15 -2.81 1.86 0.32
N ILE A 16 -3.53 0.75 0.30
CA ILE A 16 -4.49 0.43 1.35
C ILE A 16 -3.80 0.26 2.70
N LEU A 17 -2.56 -0.19 2.69
CA LEU A 17 -1.81 -0.36 3.93
C LEU A 17 -1.59 1.00 4.57
N ASP A 18 -0.82 1.83 3.89
CA ASP A 18 -0.53 3.18 4.36
C ASP A 18 -1.71 4.13 4.11
N ALA A 19 -2.82 3.60 3.60
CA ALA A 19 -3.99 4.42 3.32
C ALA A 19 -4.64 4.82 4.64
N GLY A 20 -5.24 3.84 5.29
CA GLY A 20 -5.87 4.08 6.58
C GLY A 20 -5.06 3.47 7.70
N TYR A 21 -4.08 2.63 7.33
CA TYR A 21 -3.21 1.97 8.30
C TYR A 21 -3.98 0.92 9.11
N PHE A 22 -5.14 1.31 9.64
CA PHE A 22 -5.96 0.40 10.43
C PHE A 22 -6.98 -0.32 9.52
N LEU A 23 -7.04 0.10 8.26
CA LEU A 23 -7.96 -0.50 7.30
C LEU A 23 -7.80 -2.02 7.25
N PRO A 24 -6.54 -2.52 7.19
CA PRO A 24 -6.26 -3.97 7.14
C PRO A 24 -6.69 -4.67 8.43
N LEU A 25 -7.99 -4.68 8.70
CA LEU A 25 -8.53 -5.32 9.89
C LEU A 25 -9.05 -6.71 9.56
N ARG A 26 -10.09 -6.77 8.74
CA ARG A 26 -10.69 -8.04 8.34
C ARG A 26 -9.97 -8.60 7.11
N HSL A 27 -8.61 -8.36 7.05
CA HSL A 27 -7.78 -8.83 5.96
C HSL A 27 -6.72 -9.81 6.42
O HSL A 27 -6.87 -10.96 6.75
CB HSL A 27 -6.98 -7.73 5.28
CG HSL A 27 -5.63 -7.86 5.98
OD HSL A 27 -5.52 -9.19 6.40
H HSL A 27 -8.21 -7.84 7.84
HA HSL A 27 -8.38 -9.38 5.19
HB2 HSL A 27 -6.89 -7.92 4.17
HB3 HSL A 27 -7.43 -6.73 5.47
HG2 HSL A 27 -4.79 -7.70 5.25
HG3 HSL A 27 -5.51 -7.19 6.85
N PHE A 1 1.09 8.44 -9.33
CA PHE A 1 0.28 8.21 -10.55
C PHE A 1 0.71 6.93 -11.27
N LEU A 2 -0.26 6.18 -11.79
CA LEU A 2 0.02 4.95 -12.50
C LEU A 2 0.62 5.23 -13.88
N GLN A 3 1.76 4.61 -14.17
CA GLN A 3 2.42 4.80 -15.44
C GLN A 3 1.64 4.12 -16.57
N SER A 4 1.68 2.79 -16.56
CA SER A 4 0.97 2.01 -17.57
C SER A 4 0.85 0.56 -17.12
N ASP A 5 0.72 0.38 -15.82
CA ASP A 5 0.60 -0.95 -15.24
C ASP A 5 0.02 -0.86 -13.82
N VAL A 6 0.68 -0.07 -12.98
CA VAL A 6 0.25 0.11 -11.59
C VAL A 6 0.65 -1.09 -10.73
N PHE A 7 0.40 -2.29 -11.24
CA PHE A 7 0.72 -3.54 -10.54
C PHE A 7 2.22 -3.84 -10.57
N PHE A 8 3.01 -2.86 -11.00
CA PHE A 8 4.45 -3.02 -11.08
C PHE A 8 5.16 -1.68 -11.20
N LEU A 9 4.42 -0.59 -11.03
CA LEU A 9 5.01 0.74 -11.09
C LEU A 9 5.95 0.88 -9.90
N PHE A 10 5.53 0.27 -8.80
CA PHE A 10 6.31 0.28 -7.56
C PHE A 10 6.33 1.66 -6.90
N LEU A 11 5.61 2.62 -7.47
CA LEU A 11 5.57 3.96 -6.91
C LEU A 11 4.82 3.94 -5.57
N LEU A 12 3.59 3.44 -5.61
CA LEU A 12 2.75 3.36 -4.42
C LEU A 12 1.61 2.37 -4.61
N PRO A 13 1.90 1.16 -5.12
CA PRO A 13 0.88 0.14 -5.36
C PRO A 13 0.21 -0.39 -4.08
N PRO A 14 0.90 -0.42 -2.93
CA PRO A 14 0.32 -0.91 -1.69
C PRO A 14 -0.32 0.19 -0.86
N ILE A 15 -1.54 0.55 -1.21
CA ILE A 15 -2.26 1.58 -0.47
C ILE A 15 -2.72 1.02 0.87
N ILE A 16 -4.03 0.81 1.04
CA ILE A 16 -4.61 0.24 2.27
C ILE A 16 -3.76 0.53 3.50
N LEU A 17 -2.55 -0.01 3.48
CA LEU A 17 -1.62 0.17 4.58
C LEU A 17 -1.17 1.62 4.69
N ASP A 18 -0.71 2.17 3.58
CA ASP A 18 -0.26 3.56 3.53
C ASP A 18 -1.45 4.51 3.56
N ALA A 19 -2.63 3.99 3.23
CA ALA A 19 -3.84 4.80 3.21
C ALA A 19 -4.38 5.01 4.62
N GLY A 20 -4.96 3.95 5.20
CA GLY A 20 -5.50 4.05 6.54
C GLY A 20 -4.68 3.28 7.55
N TYR A 21 -3.97 2.25 7.09
CA TYR A 21 -3.15 1.41 7.96
C TYR A 21 -3.99 0.47 8.82
N PHE A 22 -5.12 0.96 9.30
CA PHE A 22 -6.01 0.14 10.13
C PHE A 22 -7.10 -0.52 9.27
N LEU A 23 -7.19 -0.10 8.01
CA LEU A 23 -8.18 -0.67 7.09
C LEU A 23 -8.14 -2.20 7.12
N PRO A 24 -6.93 -2.79 7.12
CA PRO A 24 -6.77 -4.26 7.15
C PRO A 24 -7.39 -4.91 8.38
N LEU A 25 -7.79 -4.09 9.36
CA LEU A 25 -8.39 -4.59 10.59
C LEU A 25 -9.64 -5.42 10.27
N ARG A 26 -10.57 -4.80 9.55
CA ARG A 26 -11.80 -5.47 9.17
C ARG A 26 -11.65 -6.18 7.83
N HSL A 27 -10.47 -6.89 7.67
CA HSL A 27 -10.18 -7.62 6.45
C HSL A 27 -10.02 -9.11 6.70
O HSL A 27 -10.67 -9.81 7.44
CB HSL A 27 -8.85 -7.24 5.81
CG HSL A 27 -8.41 -8.55 5.18
OD HSL A 27 -9.00 -9.57 5.94
H HSL A 27 -9.82 -6.87 8.45
HA HSL A 27 -10.99 -7.54 5.69
HB2 HSL A 27 -8.99 -6.44 5.02
HB3 HSL A 27 -8.11 -6.89 6.56
HG2 HSL A 27 -8.83 -8.67 4.14
HG3 HSL A 27 -7.30 -8.69 5.17
N PHE A 1 1.31 -5.45 -6.61
CA PHE A 1 0.35 -6.08 -7.56
C PHE A 1 0.96 -7.30 -8.25
N LEU A 2 2.24 -7.51 -8.04
CA LEU A 2 2.94 -8.63 -8.64
C LEU A 2 2.87 -8.58 -10.16
N GLN A 3 2.80 -7.37 -10.70
CA GLN A 3 2.72 -7.18 -12.14
C GLN A 3 2.88 -5.71 -12.52
N SER A 4 2.41 -4.82 -11.65
CA SER A 4 2.51 -3.38 -11.88
C SER A 4 3.94 -2.90 -11.71
N ASP A 5 4.84 -3.45 -12.53
CA ASP A 5 6.25 -3.08 -12.49
C ASP A 5 6.95 -3.72 -11.29
N VAL A 6 6.49 -3.38 -10.09
CA VAL A 6 7.06 -3.91 -8.85
C VAL A 6 8.41 -3.28 -8.56
N PHE A 7 9.30 -3.26 -9.57
CA PHE A 7 10.62 -2.68 -9.42
C PHE A 7 10.54 -1.15 -9.39
N PHE A 8 9.33 -0.61 -9.38
CA PHE A 8 9.12 0.83 -9.35
C PHE A 8 7.71 1.15 -8.85
N LEU A 9 6.99 0.12 -8.38
CA LEU A 9 5.66 0.28 -7.82
C LEU A 9 5.76 0.97 -6.46
N PHE A 10 7.00 1.21 -6.05
CA PHE A 10 7.30 1.84 -4.78
C PHE A 10 6.74 3.26 -4.70
N LEU A 11 6.21 3.76 -5.81
CA LEU A 11 5.61 5.08 -5.84
C LEU A 11 4.39 5.10 -4.94
N LEU A 12 3.63 4.00 -4.97
CA LEU A 12 2.42 3.88 -4.17
C LEU A 12 1.95 2.42 -4.09
N PRO A 13 2.82 1.50 -3.61
CA PRO A 13 2.47 0.09 -3.51
C PRO A 13 1.35 -0.18 -2.51
N PRO A 14 1.48 0.32 -1.27
CA PRO A 14 0.47 0.12 -0.23
C PRO A 14 -0.58 1.21 -0.17
N ILE A 15 -1.64 1.04 -0.94
CA ILE A 15 -2.73 2.01 -0.98
C ILE A 15 -3.66 1.85 0.22
N ILE A 16 -3.86 0.60 0.61
CA ILE A 16 -4.74 0.24 1.73
C ILE A 16 -4.07 0.43 3.09
N LEU A 17 -2.98 -0.28 3.33
CA LEU A 17 -2.28 -0.19 4.60
C LEU A 17 -1.73 1.22 4.80
N ASP A 18 -1.06 1.74 3.78
CA ASP A 18 -0.50 3.07 3.85
C ASP A 18 -1.60 4.13 3.74
N ALA A 19 -2.84 3.68 3.55
CA ALA A 19 -3.97 4.60 3.45
C ALA A 19 -4.31 5.15 4.83
N GLY A 20 -4.78 4.25 5.68
CA GLY A 20 -5.12 4.63 7.05
C GLY A 20 -4.38 3.79 8.07
N TYR A 21 -3.73 2.71 7.61
CA TYR A 21 -2.97 1.81 8.47
C TYR A 21 -3.89 0.86 9.24
N PHE A 22 -5.11 1.31 9.54
CA PHE A 22 -6.06 0.49 10.28
C PHE A 22 -7.08 -0.15 9.33
N LEU A 23 -6.79 -0.12 8.03
CA LEU A 23 -7.67 -0.69 7.03
C LEU A 23 -7.39 -2.18 6.82
N PRO A 24 -6.11 -2.57 6.67
CA PRO A 24 -5.73 -3.97 6.46
C PRO A 24 -6.35 -4.90 7.50
N LEU A 25 -6.73 -4.34 8.64
CA LEU A 25 -7.34 -5.11 9.72
C LEU A 25 -8.73 -5.62 9.34
N ARG A 26 -9.26 -5.15 8.21
CA ARG A 26 -10.57 -5.57 7.75
C ARG A 26 -10.63 -5.58 6.24
N HSL A 27 -9.57 -6.21 5.62
CA HSL A 27 -9.46 -6.31 4.17
C HSL A 27 -9.46 -7.76 3.70
O HSL A 27 -10.13 -8.67 4.12
CB HSL A 27 -8.15 -5.77 3.61
CG HSL A 27 -7.91 -6.69 2.42
OD HSL A 27 -8.56 -7.90 2.71
H HSL A 27 -8.85 -6.61 6.23
HA HSL A 27 -10.33 -5.84 3.65
HB2 HSL A 27 -8.28 -4.70 3.28
HB3 HSL A 27 -7.33 -5.86 4.36
HG2 HSL A 27 -8.41 -6.29 1.50
HG3 HSL A 27 -6.83 -6.89 2.23
N PHE A 1 -2.39 7.37 -5.39
CA PHE A 1 -1.83 8.05 -4.20
C PHE A 1 -0.42 8.56 -4.45
N LEU A 2 0.11 8.24 -5.61
CA LEU A 2 1.45 8.66 -5.98
C LEU A 2 2.49 8.13 -5.00
N GLN A 3 3.20 7.08 -5.40
CA GLN A 3 4.22 6.49 -4.56
C GLN A 3 5.05 5.47 -5.33
N SER A 4 6.13 5.94 -5.95
CA SER A 4 7.01 5.09 -6.74
C SER A 4 6.29 4.55 -7.98
N ASP A 5 5.88 5.48 -8.85
CA ASP A 5 5.19 5.11 -10.08
C ASP A 5 3.78 4.60 -9.79
N VAL A 6 3.67 3.56 -8.97
CA VAL A 6 2.40 2.95 -8.62
C VAL A 6 1.98 1.95 -9.69
N PHE A 7 1.71 2.47 -10.89
CA PHE A 7 1.34 1.65 -12.02
C PHE A 7 2.57 0.93 -12.58
N PHE A 8 3.33 0.32 -11.70
CA PHE A 8 4.53 -0.40 -12.10
C PHE A 8 5.09 -1.21 -10.95
N LEU A 9 4.88 -0.74 -9.72
CA LEU A 9 5.34 -1.49 -8.56
C LEU A 9 4.72 -2.85 -8.66
N PHE A 10 3.39 -2.86 -8.65
CA PHE A 10 2.63 -4.09 -8.82
C PHE A 10 2.95 -5.15 -7.76
N LEU A 11 4.21 -5.20 -7.33
CA LEU A 11 4.63 -6.19 -6.35
C LEU A 11 3.91 -6.01 -5.01
N LEU A 12 3.77 -4.76 -4.56
CA LEU A 12 3.12 -4.51 -3.29
C LEU A 12 2.69 -3.06 -3.15
N PRO A 13 1.58 -2.67 -3.79
CA PRO A 13 1.07 -1.30 -3.71
C PRO A 13 0.59 -0.94 -2.32
N PRO A 14 1.38 -0.13 -1.59
CA PRO A 14 1.04 0.28 -0.22
C PRO A 14 -0.09 1.31 -0.16
N ILE A 15 -1.15 1.08 -0.93
CA ILE A 15 -2.28 2.00 -0.96
C ILE A 15 -3.20 1.79 0.24
N ILE A 16 -3.48 0.54 0.57
CA ILE A 16 -4.35 0.19 1.69
C ILE A 16 -3.66 0.36 3.04
N LEU A 17 -2.44 -0.16 3.14
CA LEU A 17 -1.69 -0.06 4.39
C LEU A 17 -1.38 1.40 4.67
N ASP A 18 -0.78 2.06 3.70
CA ASP A 18 -0.44 3.47 3.82
C ASP A 18 -1.70 4.34 3.70
N ALA A 19 -2.85 3.71 3.45
CA ALA A 19 -4.10 4.43 3.33
C ALA A 19 -4.55 4.90 4.71
N GLY A 20 -5.03 3.96 5.50
CA GLY A 20 -5.47 4.25 6.85
C GLY A 20 -4.66 3.49 7.88
N TYR A 21 -3.90 2.50 7.41
CA TYR A 21 -3.06 1.67 8.28
C TYR A 21 -3.89 0.65 9.05
N PHE A 22 -5.01 1.09 9.61
CA PHE A 22 -5.88 0.20 10.38
C PHE A 22 -6.99 -0.35 9.51
N LEU A 23 -7.12 0.18 8.29
CA LEU A 23 -8.15 -0.27 7.35
C LEU A 23 -8.10 -1.80 7.19
N PRO A 24 -6.90 -2.39 7.10
CA PRO A 24 -6.74 -3.84 6.94
C PRO A 24 -7.45 -4.62 8.04
N LEU A 25 -6.96 -5.81 8.36
CA LEU A 25 -7.55 -6.66 9.39
C LEU A 25 -8.85 -7.28 8.88
N ARG A 26 -8.70 -8.24 7.96
CA ARG A 26 -9.85 -8.91 7.37
C ARG A 26 -10.64 -7.98 6.46
N HSL A 27 -9.88 -7.33 5.49
CA HSL A 27 -10.47 -6.42 4.54
C HSL A 27 -10.32 -6.90 3.10
O HSL A 27 -10.44 -8.03 2.69
CB HSL A 27 -9.81 -5.05 4.52
CG HSL A 27 -9.95 -4.66 3.05
OD HSL A 27 -10.02 -5.85 2.32
H HSL A 27 -8.88 -7.55 5.47
HA HSL A 27 -11.58 -6.30 4.70
HB2 HSL A 27 -10.36 -4.33 5.18
HB3 HSL A 27 -8.74 -5.11 4.81
HG2 HSL A 27 -10.92 -4.12 2.86
HG3 HSL A 27 -9.10 -4.05 2.66
N PHE A 1 2.18 10.31 -16.76
CA PHE A 1 1.23 11.04 -15.89
C PHE A 1 1.54 10.83 -14.43
N LEU A 2 1.20 9.65 -13.90
CA LEU A 2 1.44 9.33 -12.52
C LEU A 2 1.21 7.85 -12.24
N GLN A 3 1.61 7.41 -11.04
CA GLN A 3 1.45 6.01 -10.66
C GLN A 3 1.77 5.83 -9.17
N SER A 4 0.80 6.17 -8.32
CA SER A 4 0.97 6.04 -6.88
C SER A 4 2.26 6.71 -6.40
N ASP A 5 2.29 8.04 -6.48
CA ASP A 5 3.46 8.80 -6.06
C ASP A 5 4.62 8.63 -7.04
N VAL A 6 5.04 7.38 -7.25
CA VAL A 6 6.14 7.06 -8.15
C VAL A 6 7.47 7.18 -7.41
N PHE A 7 7.76 8.38 -6.91
CA PHE A 7 9.00 8.63 -6.18
C PHE A 7 8.93 8.02 -4.77
N PHE A 8 8.37 6.82 -4.68
CA PHE A 8 8.26 6.12 -3.41
C PHE A 8 7.74 4.71 -3.62
N LEU A 9 7.09 4.48 -4.76
CA LEU A 9 6.58 3.16 -5.08
C LEU A 9 7.75 2.20 -4.97
N PHE A 10 8.82 2.55 -5.68
CA PHE A 10 10.08 1.79 -5.63
C PHE A 10 9.91 0.33 -6.08
N LEU A 11 8.74 -0.24 -5.86
CA LEU A 11 8.48 -1.63 -6.23
C LEU A 11 7.03 -2.00 -5.90
N LEU A 12 6.51 -1.39 -4.85
CA LEU A 12 5.15 -1.65 -4.40
C LEU A 12 4.66 -0.47 -3.56
N PRO A 13 3.64 0.26 -4.04
CA PRO A 13 3.11 1.42 -3.33
C PRO A 13 2.09 1.04 -2.26
N PRO A 14 2.46 1.12 -0.97
CA PRO A 14 1.56 0.79 0.13
C PRO A 14 0.43 1.81 0.25
N ILE A 15 -0.39 1.89 -0.78
CA ILE A 15 -1.51 2.82 -0.80
C ILE A 15 -2.66 2.36 0.09
N ILE A 16 -2.96 1.07 0.00
CA ILE A 16 -4.04 0.47 0.78
C ILE A 16 -3.66 0.33 2.26
N LEU A 17 -2.47 -0.21 2.51
CA LEU A 17 -2.00 -0.39 3.88
C LEU A 17 -1.79 0.97 4.54
N ASP A 18 -0.95 1.78 3.91
CA ASP A 18 -0.66 3.12 4.41
C ASP A 18 -1.81 4.09 4.15
N ALA A 19 -2.93 3.59 3.63
CA ALA A 19 -4.08 4.43 3.37
C ALA A 19 -4.73 4.83 4.68
N GLY A 20 -5.24 3.82 5.38
CA GLY A 20 -5.87 4.05 6.66
C GLY A 20 -5.05 3.45 7.78
N TYR A 21 -4.07 2.62 7.42
CA TYR A 21 -3.19 1.96 8.38
C TYR A 21 -3.95 0.92 9.20
N PHE A 22 -5.07 1.32 9.77
CA PHE A 22 -5.89 0.42 10.58
C PHE A 22 -6.94 -0.28 9.72
N LEU A 23 -7.05 0.14 8.45
CA LEU A 23 -8.02 -0.45 7.53
C LEU A 23 -7.89 -1.98 7.53
N PRO A 24 -6.66 -2.50 7.43
CA PRO A 24 -6.41 -3.95 7.43
C PRO A 24 -7.10 -4.65 8.60
N LEU A 25 -6.83 -5.95 8.75
CA LEU A 25 -7.43 -6.74 9.83
C LEU A 25 -8.85 -7.15 9.46
N ARG A 26 -8.95 -8.10 8.54
CA ARG A 26 -10.25 -8.59 8.09
C ARG A 26 -10.98 -7.53 7.27
N HSL A 27 -10.27 -7.04 6.18
CA HSL A 27 -10.81 -6.03 5.30
C HSL A 27 -10.98 -6.52 3.87
O HSL A 27 -11.36 -7.62 3.52
CB HSL A 27 -9.92 -4.80 5.13
CG HSL A 27 -10.22 -4.39 3.71
OD HSL A 27 -10.62 -5.55 3.02
H HSL A 27 -9.35 -7.44 6.01
HA HSL A 27 -11.84 -5.69 5.62
HB2 HSL A 27 -10.21 -3.99 5.86
HB3 HSL A 27 -8.85 -5.07 5.27
HG2 HSL A 27 -11.10 -3.69 3.66
HG3 HSL A 27 -9.33 -3.95 3.18
N PHE A 1 -14.98 -9.57 -9.56
CA PHE A 1 -14.19 -10.48 -8.69
C PHE A 1 -12.70 -10.18 -8.80
N LEU A 2 -11.99 -10.36 -7.69
CA LEU A 2 -10.56 -10.09 -7.64
C LEU A 2 -9.93 -10.71 -6.40
N GLN A 3 -8.67 -10.37 -6.15
CA GLN A 3 -7.95 -10.90 -5.00
C GLN A 3 -6.63 -10.16 -4.81
N SER A 4 -6.65 -9.09 -4.03
CA SER A 4 -5.47 -8.29 -3.77
C SER A 4 -4.98 -7.66 -5.07
N ASP A 5 -5.92 -7.34 -5.95
CA ASP A 5 -5.60 -6.72 -7.25
C ASP A 5 -5.11 -7.77 -8.24
N VAL A 6 -4.11 -8.56 -7.83
CA VAL A 6 -3.55 -9.60 -8.69
C VAL A 6 -2.76 -8.98 -9.85
N PHE A 7 -3.44 -8.20 -10.66
CA PHE A 7 -2.84 -7.50 -11.79
C PHE A 7 -2.02 -6.30 -11.34
N PHE A 8 -1.83 -6.18 -10.02
CA PHE A 8 -1.09 -5.07 -9.44
C PHE A 8 -0.72 -5.40 -7.99
N LEU A 9 -0.85 -6.68 -7.62
CA LEU A 9 -0.50 -7.13 -6.30
C LEU A 9 1.01 -7.03 -6.15
N PHE A 10 1.70 -7.37 -7.23
CA PHE A 10 3.16 -7.33 -7.25
C PHE A 10 3.73 -7.99 -6.01
N LEU A 11 2.99 -8.97 -5.48
CA LEU A 11 3.38 -9.70 -4.28
C LEU A 11 2.86 -9.02 -3.02
N LEU A 12 2.73 -7.71 -3.07
CA LEU A 12 2.25 -6.96 -1.92
C LEU A 12 1.78 -5.56 -2.33
N PRO A 13 0.53 -5.45 -2.80
CA PRO A 13 -0.04 -4.17 -3.24
C PRO A 13 -0.18 -3.18 -2.10
N PRO A 14 0.65 -2.13 -2.09
CA PRO A 14 0.60 -1.10 -1.05
C PRO A 14 -0.61 -0.18 -1.23
N ILE A 15 -0.52 1.00 -0.64
CA ILE A 15 -1.60 1.99 -0.71
C ILE A 15 -2.71 1.69 0.31
N ILE A 16 -3.05 0.41 0.44
CA ILE A 16 -4.07 -0.03 1.37
C ILE A 16 -3.57 0.02 2.80
N LEU A 17 -2.33 -0.43 3.01
CA LEU A 17 -1.73 -0.40 4.34
C LEU A 17 -1.61 1.03 4.82
N ASP A 18 -0.96 1.86 3.99
CA ASP A 18 -0.78 3.26 4.29
C ASP A 18 -2.09 4.03 4.06
N ALA A 19 -3.15 3.32 3.66
CA ALA A 19 -4.44 3.96 3.41
C ALA A 19 -5.09 4.33 4.74
N GLY A 20 -5.66 3.34 5.41
CA GLY A 20 -6.27 3.58 6.70
C GLY A 20 -5.35 3.20 7.84
N TYR A 21 -4.18 2.67 7.48
CA TYR A 21 -3.18 2.27 8.47
C TYR A 21 -3.63 1.01 9.20
N PHE A 22 -4.75 1.12 9.91
CA PHE A 22 -5.29 0.00 10.67
C PHE A 22 -6.55 -0.56 10.00
N LEU A 23 -7.15 0.23 9.12
CA LEU A 23 -8.36 -0.19 8.41
C LEU A 23 -8.18 -1.53 7.70
N PRO A 24 -7.03 -1.73 7.02
CA PRO A 24 -6.76 -2.98 6.28
C PRO A 24 -6.61 -4.18 7.22
N LEU A 25 -7.72 -4.59 7.82
CA LEU A 25 -7.72 -5.74 8.73
C LEU A 25 -8.61 -6.86 8.19
N ARG A 26 -9.47 -6.51 7.24
CA ARG A 26 -10.37 -7.47 6.63
C ARG A 26 -10.63 -7.06 5.19
N HSL A 27 -9.49 -6.85 4.44
CA HSL A 27 -9.53 -6.44 3.05
C HSL A 27 -8.90 -7.46 2.12
O HSL A 27 -9.33 -8.54 1.82
CB HSL A 27 -8.75 -5.16 2.78
CG HSL A 27 -7.45 -5.69 2.17
OD HSL A 27 -7.73 -6.98 1.67
H HSL A 27 -8.60 -7.00 4.92
HA HSL A 27 -10.58 -6.31 2.68
HB2 HSL A 27 -9.29 -4.50 2.07
HB3 HSL A 27 -8.53 -4.62 3.74
HG2 HSL A 27 -7.15 -5.08 1.29
HG3 HSL A 27 -6.62 -5.77 2.91
N PHE A 1 -0.34 5.00 -12.03
CA PHE A 1 -1.15 3.91 -11.42
C PHE A 1 -2.13 3.32 -12.44
N LEU A 2 -2.71 2.18 -12.09
CA LEU A 2 -3.66 1.51 -12.96
C LEU A 2 -3.01 1.13 -14.29
N GLN A 3 -3.79 0.49 -15.17
CA GLN A 3 -3.30 0.05 -16.47
C GLN A 3 -2.63 -1.30 -16.36
N SER A 4 -3.30 -2.23 -15.70
CA SER A 4 -2.78 -3.57 -15.51
C SER A 4 -3.90 -4.50 -15.07
N ASP A 5 -5.10 -4.27 -15.60
CA ASP A 5 -6.28 -5.07 -15.27
C ASP A 5 -6.87 -4.65 -13.93
N VAL A 6 -6.00 -4.40 -12.96
CA VAL A 6 -6.41 -3.98 -11.61
C VAL A 6 -6.65 -5.20 -10.71
N PHE A 7 -7.30 -6.23 -11.26
CA PHE A 7 -7.57 -7.45 -10.51
C PHE A 7 -6.28 -8.20 -10.19
N PHE A 8 -5.28 -8.01 -11.05
CA PHE A 8 -3.99 -8.65 -10.88
C PHE A 8 -3.27 -8.10 -9.66
N LEU A 9 -3.03 -6.79 -9.67
CA LEU A 9 -2.38 -6.11 -8.56
C LEU A 9 -3.28 -6.14 -7.33
N PHE A 10 -4.49 -6.68 -7.54
CA PHE A 10 -5.48 -6.78 -6.51
C PHE A 10 -5.14 -7.90 -5.51
N LEU A 11 -4.12 -8.68 -5.84
CA LEU A 11 -3.69 -9.76 -4.96
C LEU A 11 -3.15 -9.21 -3.66
N LEU A 12 -2.51 -8.04 -3.75
CA LEU A 12 -1.93 -7.40 -2.57
C LEU A 12 -1.67 -5.93 -2.87
N PRO A 13 -2.73 -5.15 -3.14
CA PRO A 13 -2.62 -3.73 -3.47
C PRO A 13 -2.00 -2.91 -2.35
N PRO A 14 -0.74 -2.48 -2.52
CA PRO A 14 -0.03 -1.67 -1.53
C PRO A 14 -0.51 -0.21 -1.56
N ILE A 15 -1.57 0.07 -0.83
CA ILE A 15 -2.15 1.42 -0.78
C ILE A 15 -3.04 1.58 0.43
N ILE A 16 -3.83 0.55 0.66
CA ILE A 16 -4.79 0.51 1.74
C ILE A 16 -4.10 0.46 3.10
N LEU A 17 -3.00 -0.28 3.17
CA LEU A 17 -2.25 -0.38 4.41
C LEU A 17 -1.76 1.00 4.81
N ASP A 18 -1.01 1.63 3.91
CA ASP A 18 -0.51 2.97 4.14
C ASP A 18 -1.61 4.02 3.92
N ALA A 19 -2.80 3.56 3.53
CA ALA A 19 -3.91 4.47 3.29
C ALA A 19 -4.45 4.99 4.62
N GLY A 20 -5.04 4.08 5.39
CA GLY A 20 -5.58 4.44 6.69
C GLY A 20 -4.75 3.85 7.82
N TYR A 21 -3.92 2.86 7.49
CA TYR A 21 -3.06 2.19 8.46
C TYR A 21 -3.84 1.19 9.32
N PHE A 22 -5.17 1.25 9.26
CA PHE A 22 -6.00 0.33 10.03
C PHE A 22 -6.91 -0.49 9.12
N LEU A 23 -7.00 -0.10 7.85
CA LEU A 23 -7.84 -0.81 6.88
C LEU A 23 -7.49 -2.29 6.81
N PRO A 24 -6.19 -2.64 6.82
CA PRO A 24 -5.74 -4.05 6.75
C PRO A 24 -6.34 -4.92 7.85
N LEU A 25 -7.61 -5.29 7.69
CA LEU A 25 -8.28 -6.14 8.66
C LEU A 25 -8.65 -7.49 8.05
N ARG A 26 -8.44 -7.61 6.74
CA ARG A 26 -8.73 -8.84 6.01
C ARG A 26 -7.78 -8.95 4.84
N HSL A 27 -6.47 -8.63 5.12
CA HSL A 27 -5.43 -8.67 4.12
C HSL A 27 -4.34 -9.67 4.47
O HSL A 27 -4.41 -10.87 4.43
CB HSL A 27 -4.67 -7.35 4.00
CG HSL A 27 -3.40 -7.61 4.79
OD HSL A 27 -3.23 -9.00 4.83
H HSL A 27 -6.27 -8.35 6.08
HA HSL A 27 -5.81 -8.98 3.13
HB2 HSL A 27 -4.43 -7.12 2.91
HB3 HSL A 27 -5.26 -6.50 4.45
HG2 HSL A 27 -2.50 -7.21 4.26
HG3 HSL A 27 -3.45 -7.22 5.83
N PHE A 1 13.26 2.25 -16.36
CA PHE A 1 12.10 1.39 -16.02
C PHE A 1 10.87 1.79 -16.84
N LEU A 2 9.69 1.42 -16.34
CA LEU A 2 8.44 1.74 -17.04
C LEU A 2 7.25 1.54 -16.11
N GLN A 3 6.05 1.57 -16.68
CA GLN A 3 4.81 1.40 -15.92
C GLN A 3 4.43 2.70 -15.22
N SER A 4 3.79 3.59 -15.96
CA SER A 4 3.35 4.88 -15.41
C SER A 4 4.51 5.60 -14.70
N ASP A 5 5.64 5.71 -15.40
CA ASP A 5 6.82 6.38 -14.84
C ASP A 5 7.51 5.51 -13.80
N VAL A 6 6.74 5.04 -12.82
CA VAL A 6 7.25 4.18 -11.73
C VAL A 6 7.64 5.03 -10.51
N PHE A 7 8.25 6.18 -10.75
CA PHE A 7 8.64 7.08 -9.67
C PHE A 7 7.42 7.71 -9.02
N PHE A 8 6.37 7.89 -9.81
CA PHE A 8 5.12 8.48 -9.33
C PHE A 8 4.44 7.54 -8.35
N LEU A 9 4.12 6.33 -8.82
CA LEU A 9 3.48 5.33 -7.98
C LEU A 9 4.44 4.89 -6.87
N PHE A 10 5.64 5.45 -6.93
CA PHE A 10 6.69 5.17 -5.96
C PHE A 10 6.40 5.84 -4.63
N LEU A 11 5.54 6.85 -4.65
CA LEU A 11 5.18 7.57 -3.42
C LEU A 11 4.45 6.66 -2.46
N LEU A 12 3.64 5.76 -3.01
CA LEU A 12 2.86 4.84 -2.21
C LEU A 12 2.38 3.67 -3.08
N PRO A 13 3.31 2.77 -3.46
CA PRO A 13 3.02 1.60 -4.27
C PRO A 13 1.67 0.96 -3.97
N PRO A 14 1.37 0.71 -2.69
CA PRO A 14 0.13 0.09 -2.28
C PRO A 14 -0.99 1.10 -2.03
N ILE A 15 -0.72 2.11 -1.21
CA ILE A 15 -1.69 3.14 -0.89
C ILE A 15 -2.68 2.70 0.19
N ILE A 16 -3.20 1.49 0.05
CA ILE A 16 -4.17 0.94 0.99
C ILE A 16 -3.53 0.57 2.33
N LEU A 17 -2.41 -0.15 2.24
CA LEU A 17 -1.68 -0.58 3.44
C LEU A 17 -1.05 0.58 4.18
N ASP A 18 -1.24 1.78 3.64
CA ASP A 18 -0.69 2.99 4.24
C ASP A 18 -1.62 4.16 4.00
N ALA A 19 -2.86 3.87 3.60
CA ALA A 19 -3.86 4.90 3.38
C ALA A 19 -4.43 5.31 4.73
N GLY A 20 -4.77 4.29 5.52
CA GLY A 20 -5.30 4.53 6.85
C GLY A 20 -4.57 3.71 7.90
N TYR A 21 -3.95 2.60 7.47
CA TYR A 21 -3.23 1.71 8.36
C TYR A 21 -4.19 0.91 9.24
N PHE A 22 -5.45 1.31 9.26
CA PHE A 22 -6.46 0.62 10.05
C PHE A 22 -7.22 -0.37 9.18
N LEU A 23 -6.93 -0.34 7.87
CA LEU A 23 -7.57 -1.24 6.92
C LEU A 23 -7.53 -2.68 7.45
N PRO A 24 -6.34 -3.16 7.83
CA PRO A 24 -6.17 -4.52 8.37
C PRO A 24 -7.03 -4.76 9.61
N LEU A 25 -6.64 -5.74 10.42
CA LEU A 25 -7.38 -6.08 11.64
C LEU A 25 -8.57 -6.99 11.35
N ARG A 26 -8.87 -7.17 10.07
CA ARG A 26 -9.98 -8.01 9.65
C ARG A 26 -9.71 -8.55 8.26
N HSL A 27 -8.36 -8.74 7.98
CA HSL A 27 -7.89 -9.22 6.71
C HSL A 27 -7.14 -10.54 6.84
O HSL A 27 -7.42 -11.47 7.55
CB HSL A 27 -6.87 -8.31 6.05
CG HSL A 27 -5.97 -9.30 5.34
OD HSL A 27 -6.06 -10.51 6.04
H HSL A 27 -7.71 -8.50 8.73
HA HSL A 27 -8.73 -9.43 6.01
HB2 HSL A 27 -7.37 -7.61 5.31
HB3 HSL A 27 -6.30 -7.72 6.82
HG2 HSL A 27 -6.35 -9.52 4.30
HG3 HSL A 27 -4.90 -8.98 5.29
N PHE A 1 7.51 1.48 0.72
CA PHE A 1 7.77 2.88 1.12
C PHE A 1 6.87 3.85 0.37
N LEU A 2 7.24 5.13 0.36
CA LEU A 2 6.47 6.15 -0.32
C LEU A 2 7.30 7.41 -0.57
N GLN A 3 8.62 7.25 -0.62
CA GLN A 3 9.51 8.37 -0.87
C GLN A 3 9.47 8.76 -2.34
N SER A 4 9.16 7.77 -3.19
CA SER A 4 9.09 7.99 -4.63
C SER A 4 7.79 8.68 -5.03
N ASP A 5 7.00 9.13 -4.05
CA ASP A 5 5.74 9.80 -4.31
C ASP A 5 4.61 8.82 -4.63
N VAL A 6 4.95 7.53 -4.76
CA VAL A 6 3.97 6.49 -5.07
C VAL A 6 3.71 6.43 -6.56
N PHE A 7 3.33 7.57 -7.14
CA PHE A 7 3.06 7.65 -8.58
C PHE A 7 4.36 7.72 -9.38
N PHE A 8 5.40 7.04 -8.89
CA PHE A 8 6.69 7.04 -9.57
C PHE A 8 7.61 5.95 -9.02
N LEU A 9 7.30 5.44 -7.83
CA LEU A 9 8.11 4.39 -7.25
C LEU A 9 8.12 3.20 -8.20
N PHE A 10 6.95 2.93 -8.76
CA PHE A 10 6.78 1.85 -9.72
C PHE A 10 7.05 0.46 -9.11
N LEU A 11 7.84 0.42 -8.04
CA LEU A 11 8.15 -0.84 -7.39
C LEU A 11 6.92 -1.42 -6.71
N LEU A 12 6.45 -0.75 -5.67
CA LEU A 12 5.29 -1.20 -4.92
C LEU A 12 4.72 -0.07 -4.08
N PRO A 13 3.62 0.56 -4.52
CA PRO A 13 3.01 1.67 -3.80
C PRO A 13 2.02 1.23 -2.73
N PRO A 14 2.46 1.18 -1.46
CA PRO A 14 1.60 0.78 -0.34
C PRO A 14 0.47 1.79 -0.12
N ILE A 15 -0.50 1.78 -1.02
CA ILE A 15 -1.63 2.69 -0.95
C ILE A 15 -2.64 2.25 0.10
N ILE A 16 -2.84 0.94 0.20
CA ILE A 16 -3.79 0.36 1.14
C ILE A 16 -3.30 0.43 2.58
N LEU A 17 -2.09 -0.06 2.83
CA LEU A 17 -1.53 -0.03 4.17
C LEU A 17 -1.36 1.42 4.62
N ASP A 18 -0.74 2.20 3.74
CA ASP A 18 -0.53 3.62 4.00
C ASP A 18 -1.82 4.41 3.84
N ALA A 19 -2.90 3.73 3.41
CA ALA A 19 -4.18 4.38 3.23
C ALA A 19 -4.81 4.68 4.59
N GLY A 20 -5.19 3.62 5.28
CA GLY A 20 -5.78 3.76 6.60
C GLY A 20 -4.99 3.01 7.65
N TYR A 21 -4.02 2.21 7.20
CA TYR A 21 -3.15 1.40 8.07
C TYR A 21 -3.94 0.48 9.00
N PHE A 22 -4.88 1.04 9.75
CA PHE A 22 -5.71 0.26 10.66
C PHE A 22 -6.98 -0.24 9.95
N LEU A 23 -7.17 0.20 8.71
CA LEU A 23 -8.35 -0.21 7.94
C LEU A 23 -8.48 -1.74 7.92
N PRO A 24 -7.38 -2.47 7.60
CA PRO A 24 -7.37 -3.93 7.56
C PRO A 24 -8.03 -4.56 8.78
N LEU A 25 -9.36 -4.65 8.74
CA LEU A 25 -10.13 -5.24 9.83
C LEU A 25 -10.39 -6.71 9.56
N ARG A 26 -11.10 -6.97 8.46
CA ARG A 26 -11.40 -8.34 8.07
C ARG A 26 -10.27 -8.90 7.20
N HSL A 27 -9.00 -8.51 7.60
CA HSL A 27 -7.81 -8.95 6.89
C HSL A 27 -6.89 -9.77 7.78
O HSL A 27 -7.06 -10.92 8.14
CB HSL A 27 -6.92 -7.80 6.45
CG HSL A 27 -5.88 -7.75 7.56
OD HSL A 27 -5.82 -9.04 8.12
H HSL A 27 -8.94 -7.91 8.42
HA HSL A 27 -8.06 -9.59 6.02
HB2 HSL A 27 -6.44 -8.03 5.46
HB3 HSL A 27 -7.49 -6.83 6.39
HG2 HSL A 27 -4.86 -7.55 7.15
HG3 HSL A 27 -6.13 -7.03 8.37
N PHE A 1 -3.81 6.34 -12.47
CA PHE A 1 -2.57 6.30 -11.65
C PHE A 1 -2.34 7.62 -10.94
N LEU A 2 -1.84 7.55 -9.71
CA LEU A 2 -1.56 8.73 -8.91
C LEU A 2 -0.64 8.40 -7.74
N GLN A 3 -0.35 9.41 -6.92
CA GLN A 3 0.54 9.24 -5.76
C GLN A 3 1.99 9.23 -6.19
N SER A 4 2.46 10.37 -6.70
CA SER A 4 3.83 10.50 -7.16
C SER A 4 4.14 9.48 -8.24
N ASP A 5 3.38 9.55 -9.33
CA ASP A 5 3.56 8.64 -10.45
C ASP A 5 3.03 7.25 -10.11
N VAL A 6 3.58 6.65 -9.06
CA VAL A 6 3.18 5.31 -8.61
C VAL A 6 3.91 4.22 -9.40
N PHE A 7 3.93 4.36 -10.72
CA PHE A 7 4.59 3.41 -11.60
C PHE A 7 6.11 3.59 -11.60
N PHE A 8 6.64 4.18 -10.52
CA PHE A 8 8.08 4.41 -10.42
C PHE A 8 8.50 4.83 -9.02
N LEU A 9 7.53 5.13 -8.14
CA LEU A 9 7.86 5.53 -6.78
C LEU A 9 8.57 4.36 -6.12
N PHE A 10 7.98 3.19 -6.25
CA PHE A 10 8.54 1.98 -5.69
C PHE A 10 8.76 2.08 -4.17
N LEU A 11 8.42 3.23 -3.59
CA LEU A 11 8.57 3.44 -2.16
C LEU A 11 7.57 2.64 -1.36
N LEU A 12 6.36 2.52 -1.90
CA LEU A 12 5.31 1.82 -1.18
C LEU A 12 4.19 1.34 -2.11
N PRO A 13 4.27 0.06 -2.56
CA PRO A 13 3.26 -0.52 -3.44
C PRO A 13 1.88 -0.67 -2.81
N PRO A 14 1.79 -0.85 -1.47
CA PRO A 14 0.51 -1.02 -0.80
C PRO A 14 -0.06 0.31 -0.29
N ILE A 15 -0.90 0.93 -1.10
CA ILE A 15 -1.53 2.20 -0.75
C ILE A 15 -2.64 2.00 0.27
N ILE A 16 -3.32 0.87 0.17
CA ILE A 16 -4.42 0.54 1.07
C ILE A 16 -3.93 0.31 2.49
N LEU A 17 -2.74 -0.27 2.63
CA LEU A 17 -2.18 -0.51 3.95
C LEU A 17 -1.89 0.82 4.62
N ASP A 18 -1.02 1.61 3.98
CA ASP A 18 -0.64 2.92 4.47
C ASP A 18 -1.74 3.94 4.20
N ALA A 19 -2.88 3.49 3.66
CA ALA A 19 -3.98 4.39 3.37
C ALA A 19 -4.63 4.83 4.67
N GLY A 20 -5.29 3.89 5.32
CA GLY A 20 -5.92 4.16 6.60
C GLY A 20 -5.10 3.61 7.75
N TYR A 21 -4.14 2.74 7.42
CA TYR A 21 -3.26 2.13 8.40
C TYR A 21 -3.99 1.08 9.24
N PHE A 22 -5.12 1.47 9.84
CA PHE A 22 -5.89 0.55 10.67
C PHE A 22 -7.00 -0.13 9.87
N LEU A 23 -6.88 -0.14 8.55
CA LEU A 23 -7.87 -0.76 7.68
C LEU A 23 -7.55 -2.24 7.47
N PRO A 24 -6.29 -2.57 7.13
CA PRO A 24 -5.88 -3.96 6.89
C PRO A 24 -6.12 -4.85 8.11
N LEU A 25 -6.22 -4.25 9.29
CA LEU A 25 -6.46 -4.99 10.51
C LEU A 25 -7.83 -5.64 10.49
N ARG A 26 -8.86 -4.83 10.34
CA ARG A 26 -10.23 -5.34 10.30
C ARG A 26 -10.64 -5.71 8.88
N HSL A 27 -9.61 -6.10 8.06
CA HSL A 27 -9.82 -6.49 6.67
C HSL A 27 -9.44 -7.94 6.41
O HSL A 27 -10.04 -8.93 6.74
CB HSL A 27 -8.97 -5.73 5.68
CG HSL A 27 -7.80 -6.67 5.47
OD HSL A 27 -8.29 -7.96 5.73
H HSL A 27 -8.68 -6.13 8.47
HA HSL A 27 -10.90 -6.41 6.38
HB2 HSL A 27 -9.53 -5.55 4.71
HB3 HSL A 27 -8.62 -4.75 6.10
HG2 HSL A 27 -7.47 -6.68 4.39
HG3 HSL A 27 -6.93 -6.47 6.13
N PHE A 1 -15.94 2.99 -5.75
CA PHE A 1 -15.48 3.80 -6.92
C PHE A 1 -14.52 2.99 -7.79
N LEU A 2 -14.04 3.62 -8.85
CA LEU A 2 -13.11 2.96 -9.78
C LEU A 2 -12.42 3.99 -10.67
N GLN A 3 -11.14 3.75 -10.94
CA GLN A 3 -10.37 4.66 -11.80
C GLN A 3 -9.01 4.05 -12.13
N SER A 4 -9.00 3.13 -13.09
CA SER A 4 -7.77 2.47 -13.50
C SER A 4 -7.02 1.87 -12.31
N ASP A 5 -7.59 0.83 -11.72
CA ASP A 5 -6.99 0.17 -10.57
C ASP A 5 -7.13 1.03 -9.32
N VAL A 6 -6.57 2.24 -9.38
CA VAL A 6 -6.61 3.19 -8.27
C VAL A 6 -5.42 3.02 -7.34
N PHE A 7 -5.11 1.78 -6.98
CA PHE A 7 -3.98 1.48 -6.10
C PHE A 7 -2.66 1.73 -6.80
N PHE A 8 -2.63 1.47 -8.09
CA PHE A 8 -1.44 1.67 -8.92
C PHE A 8 -1.11 3.15 -9.06
N LEU A 9 -2.05 3.90 -9.62
CA LEU A 9 -1.89 5.33 -9.80
C LEU A 9 -1.85 6.03 -8.45
N PHE A 10 -2.03 5.23 -7.40
CA PHE A 10 -2.04 5.71 -6.03
C PHE A 10 -0.62 5.98 -5.51
N LEU A 11 0.37 5.98 -6.42
CA LEU A 11 1.77 6.23 -6.07
C LEU A 11 2.50 4.95 -5.71
N LEU A 12 1.77 3.94 -5.26
CA LEU A 12 2.40 2.70 -4.87
C LEU A 12 1.39 1.55 -4.80
N PRO A 13 1.70 0.40 -5.44
CA PRO A 13 0.83 -0.77 -5.45
C PRO A 13 0.32 -1.17 -4.07
N PRO A 14 1.18 -1.14 -3.05
CA PRO A 14 0.79 -1.54 -1.70
C PRO A 14 0.19 -0.39 -0.89
N ILE A 15 -1.06 -0.06 -1.18
CA ILE A 15 -1.75 0.99 -0.47
C ILE A 15 -2.09 0.48 0.95
N ILE A 16 -3.27 -0.13 1.09
CA ILE A 16 -3.71 -0.72 2.37
C ILE A 16 -3.07 -0.07 3.58
N LEU A 17 -1.76 -0.20 3.65
CA LEU A 17 -0.98 0.35 4.76
C LEU A 17 -1.01 1.88 4.72
N ASP A 18 -0.85 2.46 3.55
CA ASP A 18 -0.85 3.90 3.38
C ASP A 18 -2.26 4.46 3.49
N ALA A 19 -3.27 3.60 3.37
CA ALA A 19 -4.64 4.04 3.47
C ALA A 19 -5.02 4.32 4.93
N GLY A 20 -5.52 3.30 5.62
CA GLY A 20 -5.88 3.47 7.01
C GLY A 20 -4.88 2.80 7.93
N TYR A 21 -3.98 2.00 7.34
CA TYR A 21 -2.96 1.29 8.11
C TYR A 21 -3.60 0.21 8.97
N PHE A 22 -4.45 0.63 9.89
CA PHE A 22 -5.15 -0.29 10.77
C PHE A 22 -6.62 -0.41 10.39
N LEU A 23 -6.99 0.15 9.23
CA LEU A 23 -8.38 0.11 8.77
C LEU A 23 -8.64 -1.12 7.90
N PRO A 24 -7.79 -1.38 6.88
CA PRO A 24 -7.96 -2.51 5.98
C PRO A 24 -7.53 -3.83 6.62
N LEU A 25 -6.22 -3.97 6.87
CA LEU A 25 -5.69 -5.17 7.47
C LEU A 25 -5.77 -6.35 6.51
N ARG A 26 -5.06 -6.24 5.40
CA ARG A 26 -5.05 -7.29 4.38
C ARG A 26 -6.46 -7.51 3.83
N HSL A 27 -7.13 -6.36 3.46
CA HSL A 27 -8.48 -6.40 2.91
C HSL A 27 -8.53 -5.83 1.50
O HSL A 27 -7.73 -6.00 0.62
CB HSL A 27 -9.47 -5.53 3.66
CG HSL A 27 -10.40 -5.08 2.55
OD HSL A 27 -9.65 -5.11 1.36
H HSL A 27 -6.64 -5.47 3.59
HA HSL A 27 -8.87 -7.43 2.83
HB2 HSL A 27 -10.02 -6.12 4.44
HB3 HSL A 27 -8.97 -4.64 4.13
HG2 HSL A 27 -11.23 -5.82 2.39
HG3 HSL A 27 -10.81 -4.05 2.69
N PHE A 1 1.77 -9.26 1.43
CA PHE A 1 2.18 -8.06 0.65
C PHE A 1 3.69 -8.02 0.45
N LEU A 2 4.11 -7.30 -0.59
CA LEU A 2 5.52 -7.17 -0.91
C LEU A 2 6.20 -8.52 -1.07
N GLN A 3 7.50 -8.50 -1.31
CA GLN A 3 8.27 -9.73 -1.48
C GLN A 3 9.77 -9.42 -1.51
N SER A 4 10.20 -8.59 -2.45
CA SER A 4 11.59 -8.22 -2.56
C SER A 4 11.77 -6.98 -3.43
N ASP A 5 10.76 -6.13 -3.42
CA ASP A 5 10.80 -4.89 -4.20
C ASP A 5 9.69 -3.97 -3.74
N VAL A 6 8.47 -4.49 -3.74
CA VAL A 6 7.29 -3.73 -3.33
C VAL A 6 6.98 -2.58 -4.29
N PHE A 7 7.97 -1.73 -4.55
CA PHE A 7 7.80 -0.59 -5.44
C PHE A 7 7.78 -1.01 -6.91
N PHE A 8 7.83 -2.32 -7.18
CA PHE A 8 7.81 -2.80 -8.55
C PHE A 8 7.57 -4.31 -8.62
N LEU A 9 7.23 -4.93 -7.49
CA LEU A 9 6.93 -6.35 -7.48
C LEU A 9 5.70 -6.58 -8.35
N PHE A 10 4.81 -5.60 -8.32
CA PHE A 10 3.59 -5.62 -9.11
C PHE A 10 2.72 -6.85 -8.82
N LEU A 11 3.11 -7.64 -7.82
CA LEU A 11 2.33 -8.83 -7.46
C LEU A 11 1.01 -8.43 -6.82
N LEU A 12 1.07 -7.43 -5.95
CA LEU A 12 -0.11 -6.96 -5.25
C LEU A 12 0.13 -5.55 -4.69
N PRO A 13 -0.78 -4.60 -4.97
CA PRO A 13 -0.64 -3.22 -4.48
C PRO A 13 -0.53 -3.15 -2.95
N PRO A 14 0.58 -2.62 -2.43
CA PRO A 14 0.82 -2.51 -1.00
C PRO A 14 0.23 -1.23 -0.39
N ILE A 15 -0.85 -0.72 -0.98
CA ILE A 15 -1.49 0.48 -0.47
C ILE A 15 -2.28 0.15 0.79
N ILE A 16 -3.62 0.22 0.71
CA ILE A 16 -4.52 -0.09 1.83
C ILE A 16 -3.94 0.27 3.19
N LEU A 17 -2.83 -0.33 3.52
CA LEU A 17 -2.16 -0.09 4.80
C LEU A 17 -1.69 1.36 4.90
N ASP A 18 -1.09 1.85 3.82
CA ASP A 18 -0.59 3.22 3.79
C ASP A 18 -1.75 4.22 3.72
N ALA A 19 -2.95 3.71 3.49
CA ALA A 19 -4.13 4.56 3.41
C ALA A 19 -4.60 4.97 4.80
N GLY A 20 -5.00 3.98 5.60
CA GLY A 20 -5.47 4.25 6.94
C GLY A 20 -4.56 3.66 8.00
N TYR A 21 -3.79 2.64 7.61
CA TYR A 21 -2.86 1.97 8.53
C TYR A 21 -3.60 1.01 9.47
N PHE A 22 -4.92 1.08 9.49
CA PHE A 22 -5.73 0.22 10.33
C PHE A 22 -6.94 -0.33 9.56
N LEU A 23 -6.97 -0.09 8.26
CA LEU A 23 -8.06 -0.56 7.41
C LEU A 23 -7.83 -2.01 6.97
N PRO A 24 -6.58 -2.36 6.59
CA PRO A 24 -6.26 -3.72 6.14
C PRO A 24 -6.67 -4.78 7.15
N LEU A 25 -6.21 -6.02 6.93
CA LEU A 25 -6.52 -7.14 7.81
C LEU A 25 -7.89 -7.73 7.47
N ARG A 26 -8.65 -7.05 6.63
CA ARG A 26 -9.96 -7.51 6.22
C ARG A 26 -10.26 -7.03 4.81
N HSL A 27 -9.13 -6.88 4.02
CA HSL A 27 -9.20 -6.42 2.64
C HSL A 27 -8.67 -7.45 1.66
O HSL A 27 -8.84 -8.65 1.69
CB HSL A 27 -8.33 -5.21 2.37
CG HSL A 27 -7.90 -5.44 0.93
OD HSL A 27 -7.95 -6.83 0.72
H HSL A 27 -8.24 -7.10 4.45
HA HSL A 27 -10.25 -6.22 2.33
HB2 HSL A 27 -8.93 -4.26 2.46
HB3 HSL A 27 -7.45 -5.17 3.06
HG2 HSL A 27 -8.64 -5.01 0.20
HG3 HSL A 27 -6.87 -5.08 0.70
N PHE A 1 9.35 4.36 0.42
CA PHE A 1 10.47 3.94 -0.48
C PHE A 1 9.95 3.63 -1.88
N LEU A 2 10.82 3.80 -2.87
CA LEU A 2 10.46 3.56 -4.26
C LEU A 2 11.70 3.46 -5.13
N GLN A 3 11.49 3.33 -6.44
CA GLN A 3 12.59 3.24 -7.40
C GLN A 3 12.09 3.36 -8.83
N SER A 4 11.64 2.25 -9.41
CA SER A 4 11.12 2.27 -10.77
C SER A 4 9.72 2.85 -10.82
N ASP A 5 9.59 4.11 -10.39
CA ASP A 5 8.31 4.80 -10.37
C ASP A 5 7.47 4.40 -9.16
N VAL A 6 7.42 3.11 -8.86
CA VAL A 6 6.64 2.59 -7.73
C VAL A 6 5.16 2.44 -8.10
N PHE A 7 4.59 3.49 -8.68
CA PHE A 7 3.20 3.51 -9.11
C PHE A 7 3.01 2.70 -10.40
N PHE A 8 3.89 1.75 -10.63
CA PHE A 8 3.83 0.91 -11.82
C PHE A 8 4.67 -0.35 -11.65
N LEU A 9 5.34 -0.49 -10.50
CA LEU A 9 6.12 -1.67 -10.23
C LEU A 9 5.19 -2.85 -10.16
N PHE A 10 4.02 -2.60 -9.60
CA PHE A 10 2.97 -3.60 -9.48
C PHE A 10 3.38 -4.71 -8.51
N LEU A 11 4.47 -4.51 -7.79
CA LEU A 11 4.93 -5.49 -6.83
C LEU A 11 3.95 -5.59 -5.66
N LEU A 12 3.71 -4.46 -5.02
CA LEU A 12 2.80 -4.41 -3.89
C LEU A 12 2.38 -2.96 -3.62
N PRO A 13 1.14 -2.59 -3.95
CA PRO A 13 0.66 -1.23 -3.76
C PRO A 13 0.25 -0.94 -2.31
N PRO A 14 1.03 -0.08 -1.63
CA PRO A 14 0.77 0.30 -0.24
C PRO A 14 -0.27 1.42 -0.12
N ILE A 15 -1.27 1.40 -0.99
CA ILE A 15 -2.30 2.44 -0.99
C ILE A 15 -3.29 2.24 0.16
N ILE A 16 -3.69 0.99 0.36
CA ILE A 16 -4.65 0.64 1.41
C ILE A 16 -4.01 0.61 2.79
N LEU A 17 -2.92 -0.12 2.93
CA LEU A 17 -2.23 -0.21 4.22
C LEU A 17 -1.68 1.16 4.62
N ASP A 18 -0.93 1.77 3.72
CA ASP A 18 -0.36 3.08 3.96
C ASP A 18 -1.42 4.18 3.86
N ALA A 19 -2.67 3.79 3.57
CA ALA A 19 -3.75 4.75 3.47
C ALA A 19 -4.12 5.26 4.86
N GLY A 20 -4.71 4.37 5.64
CA GLY A 20 -5.08 4.70 6.99
C GLY A 20 -4.41 3.77 8.00
N TYR A 21 -3.80 2.70 7.49
CA TYR A 21 -3.10 1.72 8.32
C TYR A 21 -4.09 0.87 9.14
N PHE A 22 -5.32 1.36 9.30
CA PHE A 22 -6.33 0.64 10.07
C PHE A 22 -7.25 -0.14 9.14
N LEU A 23 -6.77 -0.41 7.92
CA LEU A 23 -7.55 -1.15 6.94
C LEU A 23 -7.36 -2.66 7.09
N PRO A 24 -6.12 -3.13 7.24
CA PRO A 24 -5.83 -4.56 7.40
C PRO A 24 -6.55 -5.18 8.61
N LEU A 25 -6.03 -4.93 9.80
CA LEU A 25 -6.64 -5.46 11.02
C LEU A 25 -6.84 -6.96 10.91
N ARG A 26 -5.76 -7.67 10.55
CA ARG A 26 -5.81 -9.11 10.40
C ARG A 26 -6.74 -9.52 9.26
N HSL A 27 -6.62 -8.78 8.09
CA HSL A 27 -7.43 -9.03 6.92
C HSL A 27 -6.59 -9.43 5.72
O HSL A 27 -5.61 -10.15 5.71
CB HSL A 27 -8.19 -7.82 6.41
CG HSL A 27 -8.24 -8.09 4.91
OD HSL A 27 -7.10 -8.86 4.62
H HSL A 27 -5.92 -8.03 8.10
HA HSL A 27 -8.14 -9.88 7.08
HB2 HSL A 27 -9.23 -7.79 6.86
HB3 HSL A 27 -7.64 -6.88 6.64
HG2 HSL A 27 -9.12 -8.72 4.63
HG3 HSL A 27 -8.20 -7.15 4.29
N PHE A 1 4.51 5.69 -17.67
CA PHE A 1 3.40 4.74 -17.91
C PHE A 1 2.20 5.07 -17.03
N LEU A 2 1.00 4.88 -17.57
CA LEU A 2 -0.22 5.16 -16.83
C LEU A 2 -0.50 4.07 -15.79
N GLN A 3 -1.74 4.02 -15.30
CA GLN A 3 -2.14 3.02 -14.31
C GLN A 3 -1.78 3.49 -12.90
N SER A 4 -2.58 4.40 -12.35
CA SER A 4 -2.36 4.93 -11.02
C SER A 4 -1.08 5.77 -10.96
N ASP A 5 -0.77 6.44 -12.07
CA ASP A 5 0.42 7.29 -12.14
C ASP A 5 1.69 6.46 -12.29
N VAL A 6 1.81 5.39 -11.48
CA VAL A 6 2.97 4.51 -11.50
C VAL A 6 4.06 5.01 -10.55
N PHE A 7 4.37 6.29 -10.63
CA PHE A 7 5.38 6.90 -9.77
C PHE A 7 4.90 6.92 -8.32
N PHE A 8 3.59 7.02 -8.15
CA PHE A 8 2.97 7.05 -6.82
C PHE A 8 3.09 5.67 -6.16
N LEU A 9 2.51 4.67 -6.81
CA LEU A 9 2.56 3.30 -6.32
C LEU A 9 3.99 2.78 -6.34
N PHE A 10 4.88 3.62 -6.87
CA PHE A 10 6.28 3.30 -6.98
C PHE A 10 6.98 3.42 -5.63
N LEU A 11 6.62 4.46 -4.88
CA LEU A 11 7.22 4.68 -3.56
C LEU A 11 6.82 3.58 -2.61
N LEU A 12 5.61 3.08 -2.76
CA LEU A 12 5.10 2.03 -1.88
C LEU A 12 3.94 1.28 -2.54
N PRO A 13 4.09 -0.05 -2.74
CA PRO A 13 3.03 -0.86 -3.36
C PRO A 13 1.74 -0.93 -2.55
N PRO A 14 1.79 -0.83 -1.21
CA PRO A 14 0.60 -0.91 -0.38
C PRO A 14 -0.05 0.45 -0.14
N ILE A 15 -0.98 0.82 -1.00
CA ILE A 15 -1.71 2.08 -0.89
C ILE A 15 -2.73 2.01 0.23
N ILE A 16 -3.41 0.88 0.25
CA ILE A 16 -4.48 0.61 1.19
C ILE A 16 -3.96 0.43 2.61
N LEU A 17 -2.85 -0.27 2.75
CA LEU A 17 -2.26 -0.49 4.07
C LEU A 17 -1.86 0.86 4.66
N ASP A 18 -1.01 1.58 3.94
CA ASP A 18 -0.57 2.90 4.36
C ASP A 18 -1.67 3.94 4.15
N ALA A 19 -2.81 3.51 3.61
CA ALA A 19 -3.93 4.43 3.37
C ALA A 19 -4.62 4.77 4.69
N GLY A 20 -5.36 3.81 5.21
CA GLY A 20 -6.05 4.02 6.47
C GLY A 20 -5.30 3.42 7.64
N TYR A 21 -4.15 2.79 7.35
CA TYR A 21 -3.29 2.16 8.35
C TYR A 21 -4.02 1.09 9.16
N PHE A 22 -5.15 1.44 9.76
CA PHE A 22 -5.92 0.49 10.56
C PHE A 22 -7.00 -0.19 9.72
N LEU A 23 -6.83 -0.15 8.39
CA LEU A 23 -7.78 -0.76 7.48
C LEU A 23 -7.50 -2.26 7.32
N PRO A 24 -6.22 -2.64 7.10
CA PRO A 24 -5.82 -4.04 6.93
C PRO A 24 -6.06 -4.88 8.19
N LEU A 25 -7.32 -5.00 8.58
CA LEU A 25 -7.68 -5.79 9.76
C LEU A 25 -7.96 -7.24 9.39
N ARG A 26 -7.89 -7.54 8.09
CA ARG A 26 -8.12 -8.88 7.59
C ARG A 26 -7.32 -9.09 6.31
N HSL A 27 -6.01 -8.62 6.37
CA HSL A 27 -5.10 -8.73 5.25
C HSL A 27 -3.89 -9.58 5.58
O HSL A 27 -3.85 -10.78 5.70
CB HSL A 27 -4.49 -7.39 4.84
CG HSL A 27 -3.13 -7.43 5.51
OD HSL A 27 -2.81 -8.79 5.70
H HSL A 27 -5.72 -8.20 7.25
HA HSL A 27 -5.57 -9.22 4.36
HB2 HSL A 27 -4.41 -7.32 3.71
HB3 HSL A 27 -5.10 -6.54 5.23
HG2 HSL A 27 -2.34 -7.04 4.81
HG3 HSL A 27 -3.09 -6.90 6.48
N PHE A 1 7.50 -9.15 -9.99
CA PHE A 1 8.79 -9.44 -10.67
C PHE A 1 9.85 -8.39 -10.35
N LEU A 2 9.42 -7.32 -9.70
CA LEU A 2 10.31 -6.24 -9.33
C LEU A 2 10.95 -5.60 -10.56
N GLN A 3 11.08 -4.28 -10.54
CA GLN A 3 11.67 -3.55 -11.66
C GLN A 3 11.91 -2.09 -11.30
N SER A 4 12.91 -1.87 -10.44
CA SER A 4 13.28 -0.53 -10.00
C SER A 4 12.37 -0.02 -8.89
N ASP A 5 11.06 -0.11 -9.09
CA ASP A 5 10.11 0.35 -8.09
C ASP A 5 10.08 -0.61 -6.91
N VAL A 6 9.83 -1.88 -7.20
CA VAL A 6 9.78 -2.90 -6.18
C VAL A 6 8.49 -2.76 -5.37
N PHE A 7 8.30 -1.60 -4.75
CA PHE A 7 7.09 -1.33 -4.00
C PHE A 7 5.92 -1.10 -4.97
N PHE A 8 5.77 -2.01 -5.92
CA PHE A 8 4.73 -1.90 -6.92
C PHE A 8 4.59 -3.19 -7.70
N LEU A 9 5.68 -3.58 -8.34
CA LEU A 9 5.72 -4.82 -9.10
C LEU A 9 5.63 -6.01 -8.16
N PHE A 10 5.64 -5.70 -6.87
CA PHE A 10 5.56 -6.69 -5.82
C PHE A 10 4.12 -7.18 -5.65
N LEU A 11 3.52 -7.61 -6.77
CA LEU A 11 2.14 -8.09 -6.77
C LEU A 11 1.15 -6.94 -6.84
N LEU A 12 1.32 -5.96 -5.97
CA LEU A 12 0.41 -4.81 -5.93
C LEU A 12 0.97 -3.70 -5.05
N PRO A 13 0.46 -2.46 -5.22
CA PRO A 13 0.89 -1.31 -4.44
C PRO A 13 0.10 -1.19 -3.13
N PRO A 14 0.77 -1.39 -1.98
CA PRO A 14 0.12 -1.29 -0.67
C PRO A 14 -0.27 0.14 -0.30
N ILE A 15 -1.11 0.74 -1.14
CA ILE A 15 -1.57 2.11 -0.92
C ILE A 15 -2.66 2.16 0.15
N ILE A 16 -3.58 1.20 0.08
CA ILE A 16 -4.69 1.11 1.02
C ILE A 16 -4.21 0.73 2.41
N LEU A 17 -3.13 -0.04 2.48
CA LEU A 17 -2.58 -0.44 3.76
C LEU A 17 -2.06 0.79 4.49
N ASP A 18 -1.07 1.43 3.90
CA ASP A 18 -0.48 2.64 4.46
C ASP A 18 -1.40 3.85 4.21
N ALA A 19 -2.58 3.61 3.62
CA ALA A 19 -3.52 4.69 3.35
C ALA A 19 -4.13 5.17 4.66
N GLY A 20 -4.87 4.29 5.31
CA GLY A 20 -5.47 4.62 6.58
C GLY A 20 -4.80 3.88 7.72
N TYR A 21 -4.02 2.85 7.36
CA TYR A 21 -3.29 2.03 8.33
C TYR A 21 -4.24 1.15 9.14
N PHE A 22 -5.54 1.44 9.09
CA PHE A 22 -6.53 0.66 9.82
C PHE A 22 -7.18 -0.39 8.92
N LEU A 23 -6.59 -0.59 7.73
CA LEU A 23 -7.11 -1.57 6.78
C LEU A 23 -6.82 -2.99 7.27
N PRO A 24 -5.56 -3.29 7.62
CA PRO A 24 -5.16 -4.62 8.09
C PRO A 24 -5.88 -5.03 9.37
N LEU A 25 -5.89 -4.14 10.36
CA LEU A 25 -6.53 -4.42 11.64
C LEU A 25 -8.06 -4.48 11.50
N ARG A 26 -8.56 -4.08 10.34
CA ARG A 26 -10.00 -4.09 10.07
C ARG A 26 -10.25 -4.37 8.59
N HSL A 27 -9.76 -5.57 8.15
CA HSL A 27 -9.89 -6.01 6.78
C HSL A 27 -10.70 -7.29 6.64
O HSL A 27 -11.89 -7.43 6.79
CB HSL A 27 -8.57 -6.37 6.12
CG HSL A 27 -8.54 -7.88 6.24
OD HSL A 27 -9.87 -8.31 6.35
H HSL A 27 -9.28 -6.16 8.84
HA HSL A 27 -10.43 -5.26 6.15
HB2 HSL A 27 -8.55 -6.05 5.04
HB3 HSL A 27 -7.71 -5.91 6.67
HG2 HSL A 27 -8.14 -8.36 5.29
HG3 HSL A 27 -7.97 -8.25 7.12
N PHE A 1 -0.18 2.78 -18.81
CA PHE A 1 -0.36 3.34 -17.45
C PHE A 1 0.98 3.56 -16.77
N LEU A 2 1.09 4.67 -16.03
CA LEU A 2 2.32 4.99 -15.32
C LEU A 2 2.07 6.08 -14.26
N GLN A 3 0.84 6.19 -13.78
CA GLN A 3 0.49 7.17 -12.78
C GLN A 3 0.94 6.69 -11.41
N SER A 4 0.66 5.42 -11.13
CA SER A 4 1.02 4.83 -9.85
C SER A 4 2.48 4.38 -9.80
N ASP A 5 3.38 5.17 -10.39
CA ASP A 5 4.81 4.84 -10.41
C ASP A 5 5.15 3.75 -11.43
N VAL A 6 4.13 3.00 -11.87
CA VAL A 6 4.29 1.93 -12.84
C VAL A 6 4.65 0.61 -12.17
N PHE A 7 5.72 0.60 -11.37
CA PHE A 7 6.17 -0.61 -10.68
C PHE A 7 5.16 -1.02 -9.62
N PHE A 8 4.54 -0.05 -8.98
CA PHE A 8 3.54 -0.29 -7.94
C PHE A 8 2.28 -0.90 -8.53
N LEU A 9 1.69 -0.19 -9.49
CA LEU A 9 0.49 -0.65 -10.17
C LEU A 9 0.81 -1.89 -11.00
N PHE A 10 2.08 -2.25 -10.99
CA PHE A 10 2.57 -3.41 -11.72
C PHE A 10 2.11 -4.71 -11.06
N LEU A 11 2.79 -5.13 -10.01
CA LEU A 11 2.42 -6.36 -9.31
C LEU A 11 1.11 -6.16 -8.57
N LEU A 12 1.15 -5.30 -7.56
CA LEU A 12 -0.01 -5.02 -6.74
C LEU A 12 0.21 -3.75 -5.93
N PRO A 13 -0.80 -2.86 -5.87
CA PRO A 13 -0.68 -1.60 -5.12
C PRO A 13 -0.62 -1.85 -3.61
N PRO A 14 0.52 -1.49 -2.99
CA PRO A 14 0.73 -1.69 -1.55
C PRO A 14 0.16 -0.55 -0.70
N ILE A 15 -0.78 0.20 -1.26
CA ILE A 15 -1.39 1.31 -0.54
C ILE A 15 -2.33 0.75 0.55
N ILE A 16 -3.66 0.87 0.35
CA ILE A 16 -4.66 0.37 1.31
C ILE A 16 -4.19 0.45 2.76
N LEU A 17 -3.13 -0.27 3.04
CA LEU A 17 -2.55 -0.30 4.39
C LEU A 17 -2.00 1.06 4.78
N ASP A 18 -1.15 1.61 3.92
CA ASP A 18 -0.55 2.92 4.19
C ASP A 18 -1.58 4.04 4.02
N ALA A 19 -2.75 3.69 3.50
CA ALA A 19 -3.81 4.68 3.29
C ALA A 19 -4.51 5.00 4.61
N GLY A 20 -5.00 3.96 5.28
CA GLY A 20 -5.68 4.14 6.54
C GLY A 20 -4.94 3.53 7.72
N TYR A 21 -3.97 2.67 7.41
CA TYR A 21 -3.17 2.00 8.44
C TYR A 21 -3.97 0.96 9.21
N PHE A 22 -5.19 1.31 9.60
CA PHE A 22 -6.05 0.40 10.36
C PHE A 22 -6.97 -0.38 9.43
N LEU A 23 -6.85 -0.16 8.12
CA LEU A 23 -7.68 -0.85 7.14
C LEU A 23 -7.29 -2.33 7.03
N PRO A 24 -5.97 -2.62 6.97
CA PRO A 24 -5.48 -4.01 6.86
C PRO A 24 -6.10 -4.95 7.88
N LEU A 25 -6.58 -4.38 9.00
CA LEU A 25 -7.19 -5.18 10.06
C LEU A 25 -8.49 -5.80 9.57
N ARG A 26 -9.45 -4.95 9.21
CA ARG A 26 -10.74 -5.41 8.71
C ARG A 26 -10.72 -5.59 7.20
N HSL A 27 -9.74 -6.44 6.72
CA HSL A 27 -9.58 -6.72 5.31
C HSL A 27 -9.78 -8.19 4.99
O HSL A 27 -10.83 -8.80 4.94
CB HSL A 27 -8.19 -6.44 4.77
CG HSL A 27 -7.54 -7.81 4.87
OD HSL A 27 -8.58 -8.75 4.75
H HSL A 27 -9.12 -6.87 7.42
HA HSL A 27 -10.33 -6.17 4.69
HB2 HSL A 27 -8.22 -6.09 3.69
HB3 HSL A 27 -7.64 -5.70 5.41
HG2 HSL A 27 -6.86 -8.01 4.00
HG3 HSL A 27 -7.01 -7.99 5.83
N PHE A 1 8.37 -2.34 12.65
CA PHE A 1 9.86 -2.37 12.59
C PHE A 1 10.35 -2.13 11.18
N LEU A 2 11.62 -1.75 11.06
CA LEU A 2 12.23 -1.48 9.76
C LEU A 2 11.53 -0.32 9.06
N GLN A 3 10.40 -0.61 8.43
CA GLN A 3 9.64 0.40 7.73
C GLN A 3 8.27 -0.15 7.32
N SER A 4 7.32 -0.08 8.24
CA SER A 4 5.97 -0.58 7.99
C SER A 4 6.02 -2.05 7.56
N ASP A 5 6.35 -2.92 8.50
CA ASP A 5 6.45 -4.36 8.23
C ASP A 5 7.74 -4.69 7.47
N VAL A 6 7.88 -4.08 6.28
CA VAL A 6 9.04 -4.28 5.43
C VAL A 6 8.81 -5.44 4.46
N PHE A 7 8.32 -6.56 4.98
CA PHE A 7 8.05 -7.73 4.14
C PHE A 7 6.85 -7.47 3.24
N PHE A 8 5.92 -6.67 3.75
CA PHE A 8 4.70 -6.32 3.01
C PHE A 8 5.05 -5.44 1.82
N LEU A 9 5.67 -4.31 2.09
CA LEU A 9 6.09 -3.37 1.05
C LEU A 9 7.16 -4.02 0.18
N PHE A 10 7.56 -5.22 0.59
CA PHE A 10 8.58 -5.99 -0.10
C PHE A 10 8.01 -6.62 -1.37
N LEU A 11 6.95 -7.40 -1.22
CA LEU A 11 6.31 -8.05 -2.36
C LEU A 11 5.70 -7.03 -3.30
N LEU A 12 4.90 -6.14 -2.73
CA LEU A 12 4.23 -5.10 -3.50
C LEU A 12 3.78 -3.95 -2.59
N PRO A 13 3.86 -2.71 -3.07
CA PRO A 13 3.48 -1.54 -2.27
C PRO A 13 2.00 -1.55 -1.89
N PRO A 14 1.70 -1.58 -0.58
CA PRO A 14 0.34 -1.60 -0.06
C PRO A 14 -0.21 -0.20 0.19
N ILE A 15 -0.93 0.33 -0.79
CA ILE A 15 -1.50 1.67 -0.68
C ILE A 15 -2.67 1.68 0.29
N ILE A 16 -3.45 0.61 0.26
CA ILE A 16 -4.61 0.45 1.13
C ILE A 16 -4.19 0.24 2.58
N LEU A 17 -3.04 -0.38 2.77
CA LEU A 17 -2.53 -0.61 4.12
C LEU A 17 -2.19 0.72 4.76
N ASP A 18 -1.23 1.42 4.16
CA ASP A 18 -0.82 2.72 4.64
C ASP A 18 -1.85 3.80 4.26
N ALA A 19 -2.96 3.38 3.65
CA ALA A 19 -4.01 4.31 3.26
C ALA A 19 -4.73 4.80 4.51
N GLY A 20 -5.10 3.85 5.36
CA GLY A 20 -5.76 4.16 6.59
C GLY A 20 -5.03 3.60 7.80
N TYR A 21 -3.96 2.84 7.54
CA TYR A 21 -3.15 2.23 8.58
C TYR A 21 -3.90 1.14 9.34
N PHE A 22 -5.11 1.46 9.81
CA PHE A 22 -5.93 0.49 10.54
C PHE A 22 -6.91 -0.21 9.60
N LEU A 23 -6.76 0.03 8.30
CA LEU A 23 -7.63 -0.58 7.30
C LEU A 23 -7.11 -1.96 6.84
N PRO A 24 -5.80 -2.25 6.99
CA PRO A 24 -5.23 -3.54 6.57
C PRO A 24 -6.07 -4.74 6.99
N LEU A 25 -6.92 -4.55 7.99
CA LEU A 25 -7.78 -5.63 8.49
C LEU A 25 -8.42 -6.39 7.34
N ARG A 26 -8.66 -5.70 6.26
CA ARG A 26 -9.26 -6.30 5.08
C ARG A 26 -8.63 -5.72 3.81
N HSL A 27 -7.27 -5.89 3.75
CA HSL A 27 -6.48 -5.40 2.63
C HSL A 27 -5.77 -6.53 1.90
O HSL A 27 -6.23 -7.62 1.61
CB HSL A 27 -5.34 -4.49 3.06
CG HSL A 27 -4.25 -4.83 2.04
OD HSL A 27 -4.52 -6.14 1.60
H HSL A 27 -6.82 -6.38 4.53
HA HSL A 27 -7.11 -4.89 1.86
HB2 HSL A 27 -5.64 -3.41 2.97
HB3 HSL A 27 -5.01 -4.73 4.10
HG2 HSL A 27 -4.32 -4.18 1.13
HG3 HSL A 27 -3.23 -4.81 2.47
N PHE A 1 6.78 -6.75 -7.98
CA PHE A 1 7.48 -7.06 -9.26
C PHE A 1 8.78 -6.27 -9.37
N LEU A 2 8.66 -5.01 -9.77
CA LEU A 2 9.83 -4.16 -9.94
C LEU A 2 9.43 -2.69 -10.02
N GLN A 3 8.29 -2.40 -10.65
CA GLN A 3 7.82 -1.03 -10.79
C GLN A 3 8.89 -0.16 -11.45
N SER A 4 9.76 -0.79 -12.24
CA SER A 4 10.83 -0.08 -12.93
C SER A 4 11.58 0.84 -11.97
N ASP A 5 11.73 0.37 -10.74
CA ASP A 5 12.43 1.12 -9.71
C ASP A 5 12.81 0.19 -8.57
N VAL A 6 11.80 -0.45 -8.00
CA VAL A 6 12.01 -1.37 -6.89
C VAL A 6 12.35 -0.57 -5.63
N PHE A 7 13.42 0.22 -5.69
CA PHE A 7 13.80 1.05 -4.56
C PHE A 7 12.78 2.19 -4.43
N PHE A 8 11.52 1.80 -4.41
CA PHE A 8 10.41 2.74 -4.34
C PHE A 8 9.12 2.00 -4.02
N LEU A 9 8.66 1.20 -4.97
CA LEU A 9 7.46 0.41 -4.80
C LEU A 9 7.71 -0.67 -3.76
N PHE A 10 8.98 -0.89 -3.47
CA PHE A 10 9.41 -1.89 -2.52
C PHE A 10 9.33 -1.36 -1.09
N LEU A 11 9.61 -0.07 -0.92
CA LEU A 11 9.57 0.55 0.40
C LEU A 11 8.16 0.53 0.97
N LEU A 12 7.30 1.39 0.42
CA LEU A 12 5.92 1.49 0.86
C LEU A 12 4.97 0.85 -0.15
N PRO A 13 5.04 -0.48 -0.33
CA PRO A 13 4.16 -1.20 -1.28
C PRO A 13 2.68 -1.13 -0.94
N PRO A 14 2.31 -0.99 0.35
CA PRO A 14 0.90 -0.94 0.75
C PRO A 14 0.36 0.48 0.81
N ILE A 15 -0.13 0.97 -0.32
CA ILE A 15 -0.71 2.31 -0.40
C ILE A 15 -2.10 2.34 0.21
N ILE A 16 -2.89 1.32 -0.12
CA ILE A 16 -4.26 1.21 0.39
C ILE A 16 -4.26 0.82 1.86
N LEU A 17 -3.42 -0.15 2.21
CA LEU A 17 -3.33 -0.61 3.59
C LEU A 17 -2.77 0.51 4.46
N ASP A 18 -1.60 1.01 4.07
CA ASP A 18 -0.94 2.10 4.78
C ASP A 18 -1.62 3.44 4.48
N ALA A 19 -2.75 3.41 3.75
CA ALA A 19 -3.46 4.63 3.43
C ALA A 19 -4.15 5.17 4.68
N GLY A 20 -4.91 4.30 5.34
CA GLY A 20 -5.57 4.69 6.57
C GLY A 20 -4.87 4.06 7.77
N TYR A 21 -4.08 3.03 7.50
CA TYR A 21 -3.33 2.32 8.52
C TYR A 21 -4.21 1.38 9.35
N PHE A 22 -5.54 1.52 9.19
CA PHE A 22 -6.47 0.66 9.91
C PHE A 22 -6.94 -0.50 9.02
N LEU A 23 -6.47 -0.50 7.77
CA LEU A 23 -6.83 -1.55 6.83
C LEU A 23 -6.33 -2.91 7.29
N PRO A 24 -5.06 -2.99 7.74
CA PRO A 24 -4.46 -4.26 8.21
C PRO A 24 -5.22 -4.85 9.40
N LEU A 25 -6.35 -5.49 9.12
CA LEU A 25 -7.16 -6.11 10.16
C LEU A 25 -6.83 -7.59 10.29
N ARG A 26 -6.87 -8.30 9.17
CA ARG A 26 -6.57 -9.72 9.14
C ARG A 26 -5.07 -9.95 8.97
N HSL A 27 -4.27 -8.82 9.08
CA HSL A 27 -2.84 -8.86 8.94
C HSL A 27 -2.12 -8.42 10.20
O HSL A 27 -2.43 -8.69 11.35
CB HSL A 27 -2.30 -7.91 7.89
CG HSL A 27 -0.94 -7.53 8.47
OD HSL A 27 -1.05 -7.67 9.86
H HSL A 27 -4.76 -7.93 9.27
HA HSL A 27 -2.47 -9.89 8.73
HB2 HSL A 27 -2.17 -8.44 6.89
HB3 HSL A 27 -2.95 -7.01 7.78
HG2 HSL A 27 -0.15 -8.26 8.16
HG3 HSL A 27 -0.63 -6.49 8.24
N PHE A 1 16.40 -1.43 -3.89
CA PHE A 1 17.21 -1.10 -2.70
C PHE A 1 16.34 -0.63 -1.54
N LEU A 2 15.66 0.50 -1.75
CA LEU A 2 14.80 1.06 -0.73
C LEU A 2 13.84 2.09 -1.34
N GLN A 3 12.56 1.76 -1.35
CA GLN A 3 11.53 2.66 -1.88
C GLN A 3 11.17 3.74 -0.86
N SER A 4 12.09 4.01 0.06
CA SER A 4 11.89 5.01 1.09
C SER A 4 11.01 4.46 2.21
N ASP A 5 11.33 3.24 2.64
CA ASP A 5 10.59 2.58 3.71
C ASP A 5 11.44 1.49 4.33
N VAL A 6 11.78 0.49 3.51
CA VAL A 6 12.58 -0.67 3.93
C VAL A 6 11.98 -1.38 5.15
N PHE A 7 11.67 -0.62 6.19
CA PHE A 7 11.07 -1.18 7.39
C PHE A 7 9.60 -1.53 7.16
N PHE A 8 9.11 -1.29 5.95
CA PHE A 8 7.72 -1.60 5.63
C PHE A 8 7.45 -1.53 4.13
N LEU A 9 8.52 -1.51 3.33
CA LEU A 9 8.38 -1.50 1.89
C LEU A 9 7.78 -2.82 1.44
N PHE A 10 8.13 -3.88 2.16
CA PHE A 10 7.64 -5.22 1.87
C PHE A 10 7.81 -5.55 0.39
N LEU A 11 8.84 -4.97 -0.23
CA LEU A 11 9.12 -5.18 -1.65
C LEU A 11 8.36 -4.20 -2.52
N LEU A 12 7.25 -3.70 -1.98
CA LEU A 12 6.40 -2.77 -2.71
C LEU A 12 5.55 -1.98 -1.73
N PRO A 13 5.48 -0.64 -1.87
CA PRO A 13 4.71 0.21 -0.97
C PRO A 13 3.20 -0.02 -1.08
N PRO A 14 2.55 -0.42 0.02
CA PRO A 14 1.12 -0.66 0.05
C PRO A 14 0.35 0.62 0.34
N ILE A 15 -0.11 1.26 -0.72
CA ILE A 15 -0.86 2.52 -0.60
C ILE A 15 -2.18 2.32 0.12
N ILE A 16 -2.76 1.16 -0.08
CA ILE A 16 -4.04 0.81 0.54
C ILE A 16 -3.86 0.53 2.02
N LEU A 17 -2.79 -0.18 2.37
CA LEU A 17 -2.51 -0.49 3.76
C LEU A 17 -2.18 0.79 4.51
N ASP A 18 -1.19 1.52 4.02
CA ASP A 18 -0.78 2.79 4.60
C ASP A 18 -1.80 3.89 4.29
N ALA A 19 -2.86 3.54 3.57
CA ALA A 19 -3.87 4.53 3.23
C ALA A 19 -4.66 4.91 4.48
N GLY A 20 -5.00 3.89 5.27
CA GLY A 20 -5.71 4.10 6.50
C GLY A 20 -4.92 3.58 7.69
N TYR A 21 -4.03 2.63 7.44
CA TYR A 21 -3.19 2.03 8.47
C TYR A 21 -3.97 1.06 9.33
N PHE A 22 -5.20 1.41 9.67
CA PHE A 22 -6.05 0.55 10.49
C PHE A 22 -6.95 -0.32 9.61
N LEU A 23 -6.93 -0.07 8.30
CA LEU A 23 -7.73 -0.83 7.35
C LEU A 23 -7.47 -2.33 7.49
N PRO A 24 -6.19 -2.75 7.60
CA PRO A 24 -5.82 -4.16 7.73
C PRO A 24 -6.44 -4.82 8.97
N LEU A 25 -7.75 -5.00 8.93
CA LEU A 25 -8.47 -5.63 10.04
C LEU A 25 -9.04 -6.98 9.60
N ARG A 26 -8.90 -7.29 8.32
CA ARG A 26 -9.38 -8.54 7.76
C ARG A 26 -8.46 -8.98 6.63
N HSL A 27 -7.11 -8.81 6.90
CA HSL A 27 -6.08 -9.16 5.94
C HSL A 27 -5.15 -10.23 6.48
O HSL A 27 -5.40 -11.41 6.61
CB HSL A 27 -5.13 -8.01 5.62
CG HSL A 27 -3.93 -8.31 6.51
OD HSL A 27 -3.96 -9.69 6.77
H HSL A 27 -6.88 -8.41 7.81
HA HSL A 27 -6.50 -9.58 5.00
HB2 HSL A 27 -4.84 -8.02 4.53
HB3 HSL A 27 -5.60 -7.02 5.90
HG2 HSL A 27 -2.98 -8.11 5.97
HG3 HSL A 27 -3.96 -7.75 7.48
N PHE A 1 0.58 5.14 -14.96
CA PHE A 1 0.55 6.43 -14.21
C PHE A 1 1.31 6.31 -12.89
N LEU A 2 1.58 7.45 -12.27
CA LEU A 2 2.30 7.49 -11.00
C LEU A 2 1.40 7.02 -9.86
N GLN A 3 2.00 6.76 -8.71
CA GLN A 3 1.28 6.31 -7.54
C GLN A 3 2.18 6.29 -6.30
N SER A 4 2.14 7.37 -5.54
CA SER A 4 2.96 7.48 -4.34
C SER A 4 4.44 7.45 -4.71
N ASP A 5 4.95 8.59 -5.18
CA ASP A 5 6.34 8.76 -5.58
C ASP A 5 6.72 7.82 -6.73
N VAL A 6 6.54 6.53 -6.52
CA VAL A 6 6.89 5.53 -7.53
C VAL A 6 8.41 5.37 -7.56
N PHE A 7 9.09 6.45 -7.94
CA PHE A 7 10.54 6.45 -7.98
C PHE A 7 11.10 6.48 -6.56
N PHE A 8 10.63 5.56 -5.73
CA PHE A 8 11.07 5.49 -4.34
C PHE A 8 10.62 4.19 -3.68
N LEU A 9 9.36 3.79 -3.91
CA LEU A 9 8.86 2.56 -3.34
C LEU A 9 9.76 1.44 -3.83
N PHE A 10 9.95 1.42 -5.14
CA PHE A 10 10.85 0.46 -5.76
C PHE A 10 10.63 -0.95 -5.24
N LEU A 11 9.37 -1.33 -5.04
CA LEU A 11 9.04 -2.65 -4.55
C LEU A 11 7.53 -2.86 -4.52
N LEU A 12 6.84 -2.04 -3.74
CA LEU A 12 5.39 -2.14 -3.61
C LEU A 12 4.82 -0.84 -3.04
N PRO A 13 3.93 -0.17 -3.80
CA PRO A 13 3.32 1.09 -3.35
C PRO A 13 2.38 0.88 -2.16
N PRO A 14 2.74 1.38 -0.97
CA PRO A 14 1.94 1.24 0.24
C PRO A 14 0.75 2.21 0.27
N ILE A 15 -0.07 2.16 -0.77
CA ILE A 15 -1.23 3.05 -0.88
C ILE A 15 -2.41 2.54 -0.06
N ILE A 16 -2.65 1.24 -0.16
CA ILE A 16 -3.77 0.60 0.50
C ILE A 16 -3.58 0.40 2.01
N LEU A 17 -2.48 -0.23 2.42
CA LEU A 17 -2.23 -0.45 3.84
C LEU A 17 -2.00 0.88 4.54
N ASP A 18 -1.11 1.67 3.96
CA ASP A 18 -0.78 2.98 4.49
C ASP A 18 -1.90 3.99 4.22
N ALA A 19 -2.99 3.54 3.60
CA ALA A 19 -4.11 4.42 3.30
C ALA A 19 -4.85 4.74 4.59
N GLY A 20 -5.26 3.69 5.30
CA GLY A 20 -5.94 3.85 6.56
C GLY A 20 -5.11 3.36 7.72
N TYR A 21 -4.10 2.52 7.41
CA TYR A 21 -3.21 1.97 8.42
C TYR A 21 -3.92 0.95 9.31
N PHE A 22 -5.01 1.37 9.94
CA PHE A 22 -5.79 0.49 10.80
C PHE A 22 -6.92 -0.19 10.02
N LEU A 23 -6.99 0.09 8.73
CA LEU A 23 -8.03 -0.49 7.89
C LEU A 23 -7.87 -2.01 7.80
N PRO A 24 -6.64 -2.50 7.56
CA PRO A 24 -6.36 -3.93 7.46
C PRO A 24 -6.94 -4.73 8.64
N LEU A 25 -8.19 -5.16 8.50
CA LEU A 25 -8.85 -5.92 9.54
C LEU A 25 -8.99 -7.38 9.12
N ARG A 26 -9.97 -7.67 8.27
CA ARG A 26 -10.19 -9.02 7.78
C ARG A 26 -9.36 -9.28 6.54
N HSL A 27 -8.11 -8.69 6.53
CA HSL A 27 -7.18 -8.83 5.42
C HSL A 27 -5.89 -9.50 5.84
O HSL A 27 -5.76 -10.43 6.61
CB HSL A 27 -6.71 -7.51 4.84
CG HSL A 27 -5.29 -7.85 4.39
OD HSL A 27 -4.86 -8.90 5.21
H HSL A 27 -7.87 -8.13 7.35
HA HSL A 27 -7.60 -9.47 4.61
HB2 HSL A 27 -7.35 -7.20 3.95
HB3 HSL A 27 -6.70 -6.70 5.61
HG2 HSL A 27 -5.28 -8.26 3.35
HG3 HSL A 27 -4.58 -7.00 4.49
N PHE A 1 14.00 0.18 -15.15
CA PHE A 1 13.57 -0.55 -13.93
C PHE A 1 12.49 0.21 -13.18
N LEU A 2 11.43 -0.50 -12.79
CA LEU A 2 10.32 0.11 -12.07
C LEU A 2 9.81 1.37 -12.77
N GLN A 3 10.04 1.44 -14.09
CA GLN A 3 9.59 2.58 -14.87
C GLN A 3 8.08 2.54 -15.10
N SER A 4 7.44 1.46 -14.70
CA SER A 4 5.99 1.31 -14.88
C SER A 4 5.23 2.19 -13.91
N ASP A 5 5.67 2.19 -12.68
CA ASP A 5 5.04 2.97 -11.63
C ASP A 5 5.94 2.97 -10.40
N VAL A 6 6.59 1.84 -10.18
CA VAL A 6 7.51 1.63 -9.05
C VAL A 6 6.77 1.07 -7.83
N PHE A 7 5.57 1.58 -7.55
CA PHE A 7 4.78 1.12 -6.42
C PHE A 7 4.20 -0.27 -6.69
N PHE A 8 3.79 -0.49 -7.93
CA PHE A 8 3.21 -1.75 -8.35
C PHE A 8 4.29 -2.83 -8.43
N LEU A 9 5.33 -2.52 -9.19
CA LEU A 9 6.46 -3.42 -9.35
C LEU A 9 7.19 -3.56 -8.03
N PHE A 10 6.72 -2.80 -7.05
CA PHE A 10 7.27 -2.79 -5.71
C PHE A 10 6.76 -3.99 -4.91
N LEU A 11 6.26 -5.01 -5.61
CA LEU A 11 5.73 -6.23 -4.99
C LEU A 11 4.24 -6.11 -4.73
N LEU A 12 3.80 -4.93 -4.30
CA LEU A 12 2.41 -4.71 -3.99
C LEU A 12 2.09 -3.22 -3.89
N PRO A 13 0.80 -2.86 -3.83
CA PRO A 13 0.37 -1.47 -3.73
C PRO A 13 0.37 -0.97 -2.28
N PRO A 14 1.20 0.03 -1.97
CA PRO A 14 1.31 0.59 -0.61
C PRO A 14 0.17 1.54 -0.26
N ILE A 15 -0.86 1.59 -1.11
CA ILE A 15 -2.00 2.47 -0.89
C ILE A 15 -2.95 1.92 0.17
N ILE A 16 -2.98 0.60 0.28
CA ILE A 16 -3.86 -0.10 1.22
C ILE A 16 -3.42 0.08 2.68
N LEU A 17 -2.20 -0.35 3.01
CA LEU A 17 -1.72 -0.22 4.39
C LEU A 17 -1.60 1.24 4.75
N ASP A 18 -0.98 2.00 3.87
CA ASP A 18 -0.80 3.43 4.06
C ASP A 18 -2.12 4.19 3.89
N ALA A 19 -3.20 3.46 3.58
CA ALA A 19 -4.49 4.10 3.40
C ALA A 19 -5.05 4.51 4.76
N GLY A 20 -5.35 3.51 5.58
CA GLY A 20 -5.86 3.77 6.91
C GLY A 20 -4.95 3.20 7.98
N TYR A 21 -3.97 2.40 7.56
CA TYR A 21 -3.02 1.77 8.46
C TYR A 21 -3.70 0.70 9.32
N PHE A 22 -4.67 1.14 10.12
CA PHE A 22 -5.40 0.23 10.98
C PHE A 22 -6.76 -0.13 10.38
N LEU A 23 -6.92 0.14 9.08
CA LEU A 23 -8.17 -0.14 8.39
C LEU A 23 -8.15 -1.51 7.73
N PRO A 24 -7.07 -1.85 6.99
CA PRO A 24 -6.96 -3.15 6.31
C PRO A 24 -6.72 -4.29 7.29
N LEU A 25 -5.46 -4.55 7.63
CA LEU A 25 -5.11 -5.62 8.57
C LEU A 25 -5.76 -6.92 8.14
N ARG A 26 -5.60 -7.26 6.87
CA ARG A 26 -6.16 -8.49 6.33
C ARG A 26 -7.69 -8.45 6.35
N HSL A 27 -8.25 -7.27 5.90
CA HSL A 27 -9.69 -7.07 5.86
C HSL A 27 -10.20 -6.84 4.45
O HSL A 27 -9.85 -7.39 3.43
CB HSL A 27 -10.16 -5.83 6.61
CG HSL A 27 -11.37 -5.41 5.79
OD HSL A 27 -11.15 -5.88 4.49
H HSL A 27 -7.61 -6.54 5.59
HA HSL A 27 -10.25 -7.96 6.23
HB2 HSL A 27 -10.46 -6.09 7.67
HB3 HSL A 27 -9.37 -5.04 6.60
HG2 HSL A 27 -12.30 -5.94 6.14
HG3 HSL A 27 -11.53 -4.31 5.76
N PHE A 1 8.87 -8.33 1.39
CA PHE A 1 9.98 -7.34 1.58
C PHE A 1 9.61 -5.98 0.99
N LEU A 2 10.10 -4.92 1.62
CA LEU A 2 9.83 -3.56 1.18
C LEU A 2 10.83 -2.58 1.77
N GLN A 3 12.00 -2.50 1.15
CA GLN A 3 13.05 -1.59 1.62
C GLN A 3 14.17 -1.38 0.59
N SER A 4 13.94 -1.80 -0.66
CA SER A 4 14.94 -1.61 -1.71
C SER A 4 14.86 -0.19 -2.26
N ASP A 5 13.65 0.31 -2.28
CA ASP A 5 13.36 1.65 -2.76
C ASP A 5 11.95 2.02 -2.37
N VAL A 6 11.05 1.03 -2.45
CA VAL A 6 9.64 1.19 -2.12
C VAL A 6 8.93 2.16 -3.07
N PHE A 7 9.48 3.35 -3.25
CA PHE A 7 8.89 4.35 -4.14
C PHE A 7 9.09 3.97 -5.60
N PHE A 8 9.77 2.85 -5.85
CA PHE A 8 10.02 2.37 -7.20
C PHE A 8 10.38 0.89 -7.20
N LEU A 9 10.12 0.22 -6.09
CA LEU A 9 10.41 -1.20 -5.98
C LEU A 9 9.45 -1.98 -6.87
N PHE A 10 8.21 -1.50 -6.91
CA PHE A 10 7.16 -2.12 -7.71
C PHE A 10 6.80 -3.52 -7.20
N LEU A 11 7.32 -3.89 -6.04
CA LEU A 11 7.03 -5.20 -5.46
C LEU A 11 5.57 -5.28 -5.05
N LEU A 12 5.13 -4.26 -4.33
CA LEU A 12 3.78 -4.22 -3.82
C LEU A 12 3.38 -2.79 -3.45
N PRO A 13 2.24 -2.29 -3.96
CA PRO A 13 1.78 -0.94 -3.66
C PRO A 13 1.28 -0.79 -2.22
N PRO A 14 1.95 0.04 -1.41
CA PRO A 14 1.56 0.25 -0.01
C PRO A 14 0.39 1.22 0.15
N ILE A 15 -0.59 1.13 -0.75
CA ILE A 15 -1.76 1.98 -0.71
C ILE A 15 -2.75 1.50 0.36
N ILE A 16 -2.80 0.18 0.51
CA ILE A 16 -3.68 -0.45 1.47
C ILE A 16 -3.22 -0.23 2.90
N LEU A 17 -1.93 -0.40 3.14
CA LEU A 17 -1.38 -0.18 4.47
C LEU A 17 -1.51 1.29 4.84
N ASP A 18 -1.01 2.14 3.95
CA ASP A 18 -1.08 3.58 4.13
C ASP A 18 -2.50 4.10 3.87
N ALA A 19 -3.42 3.19 3.56
CA ALA A 19 -4.81 3.58 3.31
C ALA A 19 -5.49 3.94 4.63
N GLY A 20 -5.44 3.00 5.56
CA GLY A 20 -6.01 3.22 6.88
C GLY A 20 -4.97 3.01 7.96
N TYR A 21 -3.99 2.17 7.66
CA TYR A 21 -2.90 1.85 8.57
C TYR A 21 -3.32 0.86 9.66
N PHE A 22 -4.63 0.66 9.81
CA PHE A 22 -5.13 -0.29 10.80
C PHE A 22 -5.40 -1.61 10.11
N LEU A 23 -4.46 -2.02 9.27
CA LEU A 23 -4.56 -3.26 8.51
C LEU A 23 -5.83 -3.26 7.66
N PRO A 24 -6.10 -2.15 6.94
CA PRO A 24 -7.27 -2.02 6.08
C PRO A 24 -7.55 -3.28 5.27
N LEU A 25 -6.64 -3.64 4.38
CA LEU A 25 -6.81 -4.83 3.54
C LEU A 25 -8.13 -4.75 2.78
N ARG A 26 -8.32 -3.64 2.06
CA ARG A 26 -9.53 -3.43 1.29
C ARG A 26 -10.74 -3.35 2.23
N HSL A 27 -10.65 -2.39 3.22
CA HSL A 27 -11.70 -2.19 4.19
C HSL A 27 -12.31 -0.80 4.11
O HSL A 27 -13.05 -0.38 3.25
CB HSL A 27 -11.21 -2.28 5.64
CG HSL A 27 -11.04 -0.81 6.00
OD HSL A 27 -11.89 -0.08 5.16
H HSL A 27 -9.80 -1.82 3.22
HA HSL A 27 -12.55 -2.90 4.05
HB2 HSL A 27 -11.99 -2.76 6.29
HB3 HSL A 27 -10.24 -2.82 5.71
HG2 HSL A 27 -11.40 -0.60 7.04
HG3 HSL A 27 -10.00 -0.43 5.86
N PHE A 1 4.58 10.93 4.20
CA PHE A 1 5.18 9.64 4.62
C PHE A 1 6.42 9.85 5.50
N LEU A 2 6.47 9.15 6.63
CA LEU A 2 7.59 9.26 7.54
C LEU A 2 7.58 8.13 8.57
N GLN A 3 6.38 7.78 9.04
CA GLN A 3 6.24 6.70 10.02
C GLN A 3 6.49 5.35 9.38
N SER A 4 6.48 5.32 8.04
CA SER A 4 6.70 4.09 7.31
C SER A 4 8.18 3.72 7.28
N ASP A 5 9.02 4.52 7.94
CA ASP A 5 10.47 4.27 7.99
C ASP A 5 11.16 4.77 6.73
N VAL A 6 10.39 4.96 5.65
CA VAL A 6 10.92 5.43 4.37
C VAL A 6 11.46 4.28 3.53
N PHE A 7 12.31 3.44 4.13
CA PHE A 7 12.89 2.30 3.43
C PHE A 7 11.82 1.25 3.12
N PHE A 8 10.86 1.16 4.03
CA PHE A 8 9.75 0.22 3.89
C PHE A 8 8.86 0.60 2.72
N LEU A 9 8.31 1.81 2.80
CA LEU A 9 7.45 2.34 1.75
C LEU A 9 8.26 2.57 0.48
N PHE A 10 9.56 2.34 0.59
CA PHE A 10 10.49 2.52 -0.51
C PHE A 10 10.43 1.36 -1.49
N LEU A 11 10.36 0.14 -0.97
CA LEU A 11 10.30 -1.05 -1.83
C LEU A 11 9.01 -1.08 -2.62
N LEU A 12 7.90 -0.92 -1.93
CA LEU A 12 6.58 -0.95 -2.55
C LEU A 12 5.55 -0.27 -1.66
N PRO A 13 5.13 0.95 -2.00
CA PRO A 13 4.15 1.71 -1.21
C PRO A 13 2.75 1.09 -1.24
N PRO A 14 2.28 0.59 -0.10
CA PRO A 14 0.95 0.00 0.03
C PRO A 14 -0.12 1.07 0.21
N ILE A 15 -0.69 1.53 -0.88
CA ILE A 15 -1.71 2.59 -0.84
C ILE A 15 -2.86 2.20 0.07
N ILE A 16 -3.13 0.91 0.16
CA ILE A 16 -4.20 0.40 1.00
C ILE A 16 -3.79 0.39 2.46
N LEU A 17 -2.60 -0.15 2.74
CA LEU A 17 -2.09 -0.20 4.10
C LEU A 17 -1.75 1.21 4.60
N ASP A 18 -0.93 1.91 3.84
CA ASP A 18 -0.53 3.27 4.21
C ASP A 18 -1.68 4.25 4.00
N ALA A 19 -2.83 3.76 3.53
CA ALA A 19 -3.97 4.63 3.32
C ALA A 19 -4.50 5.07 4.68
N GLY A 20 -4.84 4.09 5.49
CA GLY A 20 -5.34 4.34 6.83
C GLY A 20 -4.53 3.60 7.87
N TYR A 21 -3.87 2.51 7.46
CA TYR A 21 -3.05 1.69 8.35
C TYR A 21 -3.91 0.78 9.23
N PHE A 22 -5.13 1.24 9.54
CA PHE A 22 -6.04 0.46 10.36
C PHE A 22 -7.04 -0.30 9.50
N LEU A 23 -7.04 -0.02 8.20
CA LEU A 23 -7.96 -0.68 7.27
C LEU A 23 -7.84 -2.20 7.36
N PRO A 24 -6.60 -2.74 7.41
CA PRO A 24 -6.38 -4.19 7.49
C PRO A 24 -7.23 -4.85 8.58
N LEU A 25 -8.44 -5.23 8.21
CA LEU A 25 -9.36 -5.89 9.13
C LEU A 25 -10.07 -7.02 8.43
N ARG A 26 -10.76 -6.68 7.34
CA ARG A 26 -11.50 -7.65 6.56
C ARG A 26 -10.75 -7.95 5.26
N HSL A 27 -9.38 -7.79 5.32
CA HSL A 27 -8.52 -8.04 4.18
C HSL A 27 -7.54 -9.17 4.44
O HSL A 27 -7.74 -10.20 5.04
CB HSL A 27 -7.62 -6.87 3.82
CG HSL A 27 -6.40 -7.60 3.26
OD HSL A 27 -6.35 -8.84 3.89
H HSL A 27 -9.00 -7.50 6.21
HA HSL A 27 -9.09 -8.36 3.28
HB2 HSL A 27 -8.10 -6.22 3.04
HB3 HSL A 27 -7.35 -6.27 4.72
HG2 HSL A 27 -6.52 -7.81 2.17
HG3 HSL A 27 -5.44 -7.05 3.45
N PHE A 1 1.54 -4.74 -10.31
CA PHE A 1 1.38 -5.30 -11.68
C PHE A 1 1.82 -4.31 -12.75
N LEU A 2 2.13 -3.10 -12.32
CA LEU A 2 2.58 -2.06 -13.24
C LEU A 2 1.48 -1.70 -14.24
N GLN A 3 0.46 -0.99 -13.76
CA GLN A 3 -0.64 -0.58 -14.61
C GLN A 3 -1.54 0.41 -13.88
N SER A 4 -0.93 1.27 -13.08
CA SER A 4 -1.66 2.27 -12.33
C SER A 4 -0.70 3.34 -11.81
N ASP A 5 -0.49 4.39 -12.60
CA ASP A 5 0.41 5.47 -12.23
C ASP A 5 1.87 5.01 -12.32
N VAL A 6 2.19 3.96 -11.57
CA VAL A 6 3.54 3.38 -11.54
C VAL A 6 4.39 4.01 -10.44
N PHE A 7 4.44 5.34 -10.39
CA PHE A 7 5.24 6.03 -9.38
C PHE A 7 4.60 5.85 -8.00
N PHE A 8 3.29 5.72 -7.98
CA PHE A 8 2.53 5.54 -6.75
C PHE A 8 2.76 4.16 -6.17
N LEU A 9 2.37 3.14 -6.93
CA LEU A 9 2.54 1.75 -6.52
C LEU A 9 4.03 1.40 -6.45
N PHE A 10 4.85 2.36 -6.87
CA PHE A 10 6.28 2.19 -6.87
C PHE A 10 6.85 2.36 -5.46
N LEU A 11 6.37 3.36 -4.74
CA LEU A 11 6.83 3.61 -3.38
C LEU A 11 6.44 2.46 -2.46
N LEU A 12 5.21 1.98 -2.63
CA LEU A 12 4.70 0.89 -1.80
C LEU A 12 3.50 0.21 -2.45
N PRO A 13 3.55 -1.12 -2.63
CA PRO A 13 2.45 -1.88 -3.26
C PRO A 13 1.14 -1.87 -2.46
N PRO A 14 1.17 -1.70 -1.13
CA PRO A 14 -0.04 -1.70 -0.32
C PRO A 14 -0.60 -0.30 -0.10
N ILE A 15 -1.63 0.01 -0.86
CA ILE A 15 -2.29 1.32 -0.79
C ILE A 15 -3.13 1.46 0.47
N ILE A 16 -3.86 0.41 0.77
CA ILE A 16 -4.76 0.37 1.91
C ILE A 16 -4.01 0.37 3.24
N LEU A 17 -2.82 -0.23 3.26
CA LEU A 17 -2.02 -0.24 4.48
C LEU A 17 -1.59 1.18 4.79
N ASP A 18 -0.91 1.78 3.83
CA ASP A 18 -0.45 3.16 3.93
C ASP A 18 -1.63 4.13 3.77
N ALA A 19 -2.81 3.59 3.47
CA ALA A 19 -3.99 4.42 3.28
C ALA A 19 -4.49 4.93 4.63
N GLY A 20 -4.99 4.01 5.45
CA GLY A 20 -5.48 4.36 6.76
C GLY A 20 -4.75 3.61 7.86
N TYR A 21 -3.82 2.73 7.47
CA TYR A 21 -3.05 1.92 8.41
C TYR A 21 -3.92 0.89 9.12
N PHE A 22 -5.03 1.32 9.70
CA PHE A 22 -5.93 0.42 10.41
C PHE A 22 -7.04 -0.09 9.49
N LEU A 23 -6.75 -0.13 8.18
CA LEU A 23 -7.72 -0.60 7.20
C LEU A 23 -7.55 -2.11 6.95
N PRO A 24 -6.32 -2.56 6.66
CA PRO A 24 -6.03 -3.99 6.40
C PRO A 24 -6.49 -4.89 7.54
N LEU A 25 -6.69 -4.32 8.72
CA LEU A 25 -7.11 -5.08 9.89
C LEU A 25 -8.56 -5.55 9.76
N ARG A 26 -9.24 -5.12 8.70
CA ARG A 26 -10.63 -5.49 8.47
C ARG A 26 -10.90 -5.56 6.97
N HSL A 27 -10.10 -6.43 6.28
CA HSL A 27 -10.21 -6.63 4.85
C HSL A 27 -10.59 -8.06 4.49
O HSL A 27 -11.67 -8.60 4.63
CB HSL A 27 -8.92 -6.40 4.09
CG HSL A 27 -8.40 -7.83 3.92
OD HSL A 27 -9.51 -8.68 3.97
H HSL A 27 -9.40 -6.95 6.82
HA HSL A 27 -11.02 -6.00 4.41
HB2 HSL A 27 -9.11 -5.92 3.09
HB3 HSL A 27 -8.20 -5.80 4.70
HG2 HSL A 27 -7.95 -7.97 2.89
HG3 HSL A 27 -7.67 -8.14 4.71
N PHE A 1 15.93 11.24 -2.22
CA PHE A 1 16.07 11.79 -3.59
C PHE A 1 14.70 12.00 -4.24
N LEU A 2 14.08 10.92 -4.67
CA LEU A 2 12.77 10.97 -5.31
C LEU A 2 12.17 9.57 -5.42
N GLN A 3 11.16 9.42 -6.30
CA GLN A 3 10.49 8.15 -6.51
C GLN A 3 9.28 8.00 -5.60
N SER A 4 8.15 8.57 -6.05
CA SER A 4 6.90 8.52 -5.31
C SER A 4 6.88 9.51 -4.16
N ASP A 5 7.77 9.30 -3.22
CA ASP A 5 7.88 10.16 -2.06
C ASP A 5 9.21 9.96 -1.33
N VAL A 6 9.85 8.80 -1.53
CA VAL A 6 11.12 8.48 -0.88
C VAL A 6 10.96 8.39 0.64
N PHE A 7 10.45 9.45 1.26
CA PHE A 7 10.25 9.49 2.71
C PHE A 7 9.11 8.55 3.13
N PHE A 8 8.54 7.83 2.18
CA PHE A 8 7.44 6.91 2.47
C PHE A 8 7.19 5.97 1.29
N LEU A 9 8.11 5.96 0.33
CA LEU A 9 7.98 5.08 -0.83
C LEU A 9 8.17 3.64 -0.39
N PHE A 10 9.02 3.45 0.62
CA PHE A 10 9.29 2.12 1.17
C PHE A 10 9.59 1.13 0.04
N LEU A 11 10.19 1.63 -1.03
CA LEU A 11 10.54 0.82 -2.21
C LEU A 11 9.35 0.72 -3.16
N LEU A 12 8.15 0.80 -2.60
CA LEU A 12 6.93 0.69 -3.38
C LEU A 12 5.75 1.25 -2.58
N PRO A 13 4.96 2.17 -3.17
CA PRO A 13 3.81 2.76 -2.48
C PRO A 13 2.62 1.81 -2.40
N PRO A 14 2.31 1.29 -1.21
CA PRO A 14 1.19 0.36 -1.01
C PRO A 14 -0.16 1.03 -1.31
N ILE A 15 -0.44 2.12 -0.60
CA ILE A 15 -1.70 2.86 -0.77
C ILE A 15 -2.84 2.23 0.04
N ILE A 16 -2.84 0.90 0.14
CA ILE A 16 -3.87 0.18 0.87
C ILE A 16 -3.59 0.23 2.38
N LEU A 17 -2.44 -0.29 2.78
CA LEU A 17 -2.04 -0.31 4.18
C LEU A 17 -1.79 1.11 4.67
N ASP A 18 -1.04 1.86 3.88
CA ASP A 18 -0.71 3.24 4.20
C ASP A 18 -1.91 4.16 4.00
N ALA A 19 -3.04 3.60 3.59
CA ALA A 19 -4.24 4.40 3.38
C ALA A 19 -4.84 4.80 4.72
N GLY A 20 -5.26 3.79 5.48
CA GLY A 20 -5.82 4.03 6.79
C GLY A 20 -4.96 3.42 7.89
N TYR A 21 -4.01 2.58 7.49
CA TYR A 21 -3.11 1.91 8.44
C TYR A 21 -3.83 0.83 9.24
N PHE A 22 -4.90 1.20 9.92
CA PHE A 22 -5.67 0.24 10.73
C PHE A 22 -6.83 -0.35 9.94
N LEU A 23 -7.15 0.25 8.79
CA LEU A 23 -8.24 -0.24 7.96
C LEU A 23 -8.10 -1.73 7.66
N PRO A 24 -6.87 -2.20 7.34
CA PRO A 24 -6.63 -3.62 7.04
C PRO A 24 -7.03 -4.53 8.19
N LEU A 25 -6.44 -5.73 8.23
CA LEU A 25 -6.74 -6.70 9.28
C LEU A 25 -8.10 -7.34 9.02
N ARG A 26 -8.16 -8.17 7.99
CA ARG A 26 -9.40 -8.85 7.63
C ARG A 26 -10.46 -7.86 7.17
N HSL A 27 -10.03 -6.92 6.25
CA HSL A 27 -10.91 -5.91 5.72
C HSL A 27 -11.07 -6.03 4.20
O HSL A 27 -11.17 -7.04 3.56
CB HSL A 27 -10.41 -4.48 5.90
CG HSL A 27 -10.94 -3.79 4.66
OD HSL A 27 -11.08 -4.79 3.68
H HSL A 27 -9.05 -6.97 5.97
HA HSL A 27 -11.94 -5.99 6.13
HB2 HSL A 27 -10.83 -4.02 6.84
HB3 HSL A 27 -9.29 -4.45 5.92
HG2 HSL A 27 -11.98 -3.39 4.83
HG3 HSL A 27 -10.27 -2.99 4.26
N PHE A 1 1.31 -1.00 -9.13
CA PHE A 1 0.38 0.16 -9.24
C PHE A 1 0.56 0.91 -10.54
N LEU A 2 1.59 0.54 -11.30
CA LEU A 2 1.87 1.17 -12.57
C LEU A 2 2.18 2.65 -12.39
N GLN A 3 3.10 2.95 -11.48
CA GLN A 3 3.52 4.33 -11.22
C GLN A 3 4.47 4.82 -12.29
N SER A 4 4.51 4.14 -13.43
CA SER A 4 5.38 4.51 -14.54
C SER A 4 6.81 4.04 -14.26
N ASP A 5 7.40 4.55 -13.19
CA ASP A 5 8.75 4.17 -12.80
C ASP A 5 8.73 2.82 -12.10
N VAL A 6 7.83 2.69 -11.13
CA VAL A 6 7.66 1.45 -10.36
C VAL A 6 8.67 1.38 -9.20
N PHE A 7 9.94 1.64 -9.48
CA PHE A 7 10.98 1.60 -8.45
C PHE A 7 10.75 2.70 -7.42
N PHE A 8 10.11 3.77 -7.84
CA PHE A 8 9.80 4.90 -6.97
C PHE A 8 8.67 4.52 -6.01
N LEU A 9 7.51 4.25 -6.59
CA LEU A 9 6.34 3.87 -5.81
C LEU A 9 6.55 2.50 -5.17
N PHE A 10 7.68 1.90 -5.48
CA PHE A 10 8.04 0.59 -4.97
C PHE A 10 8.40 0.68 -3.49
N LEU A 11 8.63 1.89 -3.00
CA LEU A 11 8.95 2.12 -1.60
C LEU A 11 7.77 1.81 -0.71
N LEU A 12 6.58 1.80 -1.31
CA LEU A 12 5.38 1.58 -0.54
C LEU A 12 4.23 1.05 -1.41
N PRO A 13 4.42 -0.13 -2.03
CA PRO A 13 3.43 -0.78 -2.89
C PRO A 13 2.01 -0.71 -2.34
N PRO A 14 1.82 -1.04 -1.06
CA PRO A 14 0.49 -1.05 -0.45
C PRO A 14 0.04 0.34 0.01
N ILE A 15 -0.62 1.05 -0.90
CA ILE A 15 -1.13 2.38 -0.63
C ILE A 15 -2.39 2.32 0.23
N ILE A 16 -3.17 1.26 0.03
CA ILE A 16 -4.41 1.07 0.76
C ILE A 16 -4.16 0.76 2.24
N LEU A 17 -3.19 -0.11 2.48
CA LEU A 17 -2.84 -0.47 3.87
C LEU A 17 -2.26 0.76 4.56
N ASP A 18 -1.26 1.35 3.92
CA ASP A 18 -0.61 2.55 4.43
C ASP A 18 -1.49 3.79 4.22
N ALA A 19 -2.67 3.60 3.62
CA ALA A 19 -3.57 4.72 3.37
C ALA A 19 -4.19 5.18 4.68
N GLY A 20 -4.90 4.28 5.34
CA GLY A 20 -5.50 4.59 6.62
C GLY A 20 -4.78 3.90 7.76
N TYR A 21 -4.03 2.85 7.42
CA TYR A 21 -3.27 2.08 8.40
C TYR A 21 -4.17 1.18 9.24
N PHE A 22 -5.48 1.38 9.13
CA PHE A 22 -6.44 0.58 9.87
C PHE A 22 -6.99 -0.55 8.99
N LEU A 23 -6.68 -0.49 7.70
CA LEU A 23 -7.14 -1.51 6.75
C LEU A 23 -6.81 -2.92 7.26
N PRO A 24 -5.54 -3.17 7.65
CA PRO A 24 -5.11 -4.48 8.13
C PRO A 24 -5.79 -4.87 9.44
N LEU A 25 -6.92 -5.57 9.34
CA LEU A 25 -7.65 -6.01 10.52
C LEU A 25 -7.04 -7.27 11.10
N ARG A 26 -7.20 -8.39 10.41
CA ARG A 26 -6.65 -9.67 10.85
C ARG A 26 -5.20 -9.82 10.42
N HSL A 27 -4.57 -8.65 10.03
CA HSL A 27 -3.20 -8.61 9.58
C HSL A 27 -2.32 -7.75 10.47
O HSL A 27 -2.37 -7.65 11.68
CB HSL A 27 -3.00 -7.99 8.22
CG HSL A 27 -1.62 -7.36 8.35
OD HSL A 27 -1.45 -7.07 9.71
H HSL A 27 -5.14 -7.80 10.07
HA HSL A 27 -2.73 -9.62 9.60
HB2 HSL A 27 -3.03 -8.77 7.40
HB3 HSL A 27 -3.77 -7.20 8.01
HG2 HSL A 27 -0.82 -8.11 8.09
HG3 HSL A 27 -1.49 -6.43 7.75
N PHE A 1 7.41 4.28 -11.39
CA PHE A 1 6.16 3.49 -11.52
C PHE A 1 4.95 4.38 -11.78
N LEU A 2 4.20 4.06 -12.82
CA LEU A 2 3.03 4.83 -13.19
C LEU A 2 1.87 4.54 -12.24
N GLN A 3 0.92 5.48 -12.18
CA GLN A 3 -0.24 5.33 -11.32
C GLN A 3 -1.27 6.42 -11.61
N SER A 4 -1.20 7.53 -10.89
CA SER A 4 -2.12 8.64 -11.09
C SER A 4 -1.59 9.93 -10.48
N ASP A 5 -0.28 9.96 -10.23
CA ASP A 5 0.36 11.13 -9.65
C ASP A 5 1.88 11.00 -9.73
N VAL A 6 2.36 9.81 -9.37
CA VAL A 6 3.78 9.49 -9.38
C VAL A 6 4.45 9.88 -8.07
N PHE A 7 4.23 11.13 -7.63
CA PHE A 7 4.81 11.60 -6.37
C PHE A 7 4.15 10.92 -5.18
N PHE A 8 2.88 10.56 -5.36
CA PHE A 8 2.11 9.90 -4.32
C PHE A 8 2.57 8.45 -4.13
N LEU A 9 2.46 7.67 -5.21
CA LEU A 9 2.89 6.28 -5.19
C LEU A 9 4.39 6.21 -4.99
N PHE A 10 5.02 7.37 -5.02
CA PHE A 10 6.46 7.48 -4.86
C PHE A 10 6.84 7.40 -3.38
N LEU A 11 6.00 8.00 -2.53
CA LEU A 11 6.24 8.00 -1.09
C LEU A 11 6.14 6.59 -0.53
N LEU A 12 5.14 5.85 -1.00
CA LEU A 12 4.92 4.49 -0.55
C LEU A 12 4.10 3.69 -1.57
N PRO A 13 4.67 2.59 -2.13
CA PRO A 13 3.98 1.77 -3.12
C PRO A 13 2.64 1.19 -2.64
N PRO A 14 2.49 0.87 -1.35
CA PRO A 14 1.26 0.31 -0.82
C PRO A 14 0.32 1.37 -0.27
N ILE A 15 -0.68 1.72 -1.07
CA ILE A 15 -1.66 2.73 -0.69
C ILE A 15 -2.64 2.22 0.35
N ILE A 16 -3.07 0.97 0.20
CA ILE A 16 -4.04 0.37 1.12
C ILE A 16 -3.42 0.08 2.48
N LEU A 17 -2.20 -0.44 2.49
CA LEU A 17 -1.51 -0.76 3.75
C LEU A 17 -1.12 0.51 4.50
N ASP A 18 -1.40 1.65 3.91
CA ASP A 18 -1.08 2.93 4.52
C ASP A 18 -2.14 3.97 4.15
N ALA A 19 -3.29 3.48 3.70
CA ALA A 19 -4.40 4.35 3.35
C ALA A 19 -5.14 4.74 4.62
N GLY A 20 -5.28 3.74 5.50
CA GLY A 20 -5.95 3.96 6.77
C GLY A 20 -5.18 3.35 7.92
N TYR A 21 -4.00 2.78 7.62
CA TYR A 21 -3.12 2.14 8.60
C TYR A 21 -3.83 1.06 9.39
N PHE A 22 -4.86 1.45 10.12
CA PHE A 22 -5.63 0.52 10.93
C PHE A 22 -6.89 0.06 10.19
N LEU A 23 -6.86 0.14 8.86
CA LEU A 23 -7.99 -0.26 8.05
C LEU A 23 -7.87 -1.72 7.60
N PRO A 24 -6.70 -2.11 7.04
CA PRO A 24 -6.48 -3.48 6.58
C PRO A 24 -6.67 -4.51 7.69
N LEU A 25 -6.05 -5.68 7.53
CA LEU A 25 -6.16 -6.75 8.52
C LEU A 25 -7.55 -7.37 8.51
N ARG A 26 -7.86 -8.05 7.42
CA ARG A 26 -9.17 -8.70 7.27
C ARG A 26 -10.29 -7.66 7.24
N HSL A 27 -10.16 -6.68 6.27
CA HSL A 27 -11.14 -5.62 6.12
C HSL A 27 -11.80 -5.65 4.75
O HSL A 27 -12.16 -6.62 4.14
CB HSL A 27 -10.54 -4.22 6.17
CG HSL A 27 -11.43 -3.46 5.22
OD HSL A 27 -11.94 -4.39 4.30
H HSL A 27 -9.34 -6.74 5.67
HA HSL A 27 -11.97 -5.70 6.85
HB2 HSL A 27 -10.60 -3.80 7.22
HB3 HSL A 27 -9.48 -4.22 5.82
HG2 HSL A 27 -12.34 -3.03 5.75
HG3 HSL A 27 -10.91 -2.65 4.66
N PHE A 1 14.31 1.00 -6.33
CA PHE A 1 14.36 0.66 -4.89
C PHE A 1 14.56 -0.83 -4.68
N LEU A 2 15.23 -1.19 -3.59
CA LEU A 2 15.51 -2.58 -3.26
C LEU A 2 15.86 -2.73 -1.79
N GLN A 3 14.84 -2.66 -0.93
CA GLN A 3 15.06 -2.79 0.50
C GLN A 3 13.73 -2.90 1.25
N SER A 4 12.73 -2.15 0.80
CA SER A 4 11.41 -2.18 1.42
C SER A 4 10.68 -3.47 1.07
N ASP A 5 11.26 -4.60 1.49
CA ASP A 5 10.69 -5.92 1.23
C ASP A 5 10.93 -6.33 -0.22
N VAL A 6 10.40 -5.54 -1.15
CA VAL A 6 10.55 -5.78 -2.59
C VAL A 6 9.42 -6.67 -3.11
N PHE A 7 9.04 -7.68 -2.34
CA PHE A 7 7.96 -8.59 -2.74
C PHE A 7 6.63 -7.85 -2.82
N PHE A 8 6.52 -6.77 -2.04
CA PHE A 8 5.31 -5.96 -2.02
C PHE A 8 5.12 -5.21 -3.33
N LEU A 9 6.09 -4.33 -3.62
CA LEU A 9 6.06 -3.54 -4.85
C LEU A 9 6.16 -4.48 -6.04
N PHE A 10 6.65 -5.67 -5.76
CA PHE A 10 6.84 -6.70 -6.75
C PHE A 10 5.50 -7.31 -7.16
N LEU A 11 4.80 -7.90 -6.19
CA LEU A 11 3.51 -8.51 -6.48
C LEU A 11 2.49 -7.46 -6.92
N LEU A 12 2.19 -6.53 -6.02
CA LEU A 12 1.24 -5.47 -6.32
C LEU A 12 1.40 -4.31 -5.34
N PRO A 13 1.39 -3.06 -5.84
CA PRO A 13 1.53 -1.87 -5.01
C PRO A 13 0.32 -1.65 -4.11
N PRO A 14 0.47 -1.84 -2.78
CA PRO A 14 -0.63 -1.67 -1.84
C PRO A 14 -1.07 -0.21 -1.72
N ILE A 15 -0.54 0.52 -0.73
CA ILE A 15 -0.89 1.92 -0.51
C ILE A 15 -2.22 2.07 0.22
N ILE A 16 -3.17 1.18 -0.07
CA ILE A 16 -4.48 1.20 0.55
C ILE A 16 -4.42 0.74 2.00
N LEU A 17 -3.54 -0.22 2.28
CA LEU A 17 -3.38 -0.73 3.64
C LEU A 17 -2.83 0.39 4.52
N ASP A 18 -1.66 0.88 4.15
CA ASP A 18 -1.01 1.97 4.88
C ASP A 18 -1.69 3.31 4.56
N ALA A 19 -2.77 3.27 3.77
CA ALA A 19 -3.48 4.49 3.42
C ALA A 19 -4.22 5.02 4.65
N GLY A 20 -5.03 4.15 5.24
CA GLY A 20 -5.75 4.53 6.45
C GLY A 20 -5.04 4.02 7.68
N TYR A 21 -4.16 3.04 7.47
CA TYR A 21 -3.38 2.43 8.55
C TYR A 21 -4.22 1.47 9.39
N PHE A 22 -5.54 1.54 9.23
CA PHE A 22 -6.45 0.67 9.97
C PHE A 22 -6.89 -0.51 9.12
N LEU A 23 -6.55 -0.47 7.83
CA LEU A 23 -6.91 -1.53 6.90
C LEU A 23 -6.20 -2.84 7.26
N PRO A 24 -4.87 -2.79 7.48
CA PRO A 24 -4.08 -3.98 7.83
C PRO A 24 -4.73 -4.81 8.94
N LEU A 25 -5.51 -5.81 8.53
CA LEU A 25 -6.18 -6.68 9.49
C LEU A 25 -5.45 -8.03 9.53
N ARG A 26 -5.18 -8.56 8.33
CA ARG A 26 -4.49 -9.83 8.20
C ARG A 26 -2.99 -9.59 8.13
N HSL A 27 -2.59 -8.27 8.36
CA HSL A 27 -1.20 -7.85 8.33
C HSL A 27 -0.74 -7.31 9.68
O HSL A 27 -1.00 -7.74 10.77
CB HSL A 27 -0.93 -6.71 7.38
CG HSL A 27 0.18 -5.96 8.10
OD HSL A 27 0.04 -6.24 9.47
H HSL A 27 -3.34 -7.61 8.56
HA HSL A 27 -0.52 -8.71 8.11
HB2 HSL A 27 -0.58 -7.08 6.38
HB3 HSL A 27 -1.83 -6.06 7.26
HG2 HSL A 27 1.19 -6.35 7.82
HG3 HSL A 27 0.13 -4.85 7.96
N PHE A 1 -0.29 5.94 -5.25
CA PHE A 1 -1.23 4.92 -5.79
C PHE A 1 -0.80 4.42 -7.16
N LEU A 2 -0.83 3.12 -7.36
CA LEU A 2 -0.43 2.52 -8.63
C LEU A 2 -1.47 2.79 -9.70
N GLN A 3 -1.19 2.36 -10.92
CA GLN A 3 -2.11 2.56 -12.04
C GLN A 3 -1.69 1.76 -13.27
N SER A 4 -0.39 1.68 -13.52
CA SER A 4 0.11 0.94 -14.67
C SER A 4 1.60 0.67 -14.55
N ASP A 5 2.06 0.41 -13.33
CA ASP A 5 3.46 0.11 -13.08
C ASP A 5 3.62 -0.54 -11.72
N VAL A 6 3.16 0.17 -10.69
CA VAL A 6 3.23 -0.28 -9.29
C VAL A 6 4.66 -0.67 -8.90
N PHE A 7 5.27 -1.55 -9.67
CA PHE A 7 6.63 -1.99 -9.40
C PHE A 7 7.64 -0.91 -9.76
N PHE A 8 7.16 0.22 -10.29
CA PHE A 8 8.04 1.31 -10.65
C PHE A 8 7.30 2.63 -10.88
N LEU A 9 6.05 2.71 -10.43
CA LEU A 9 5.29 3.94 -10.58
C LEU A 9 5.86 4.99 -9.66
N PHE A 10 6.41 4.53 -8.53
CA PHE A 10 7.02 5.40 -7.54
C PHE A 10 6.01 6.31 -6.84
N LEU A 11 4.73 6.13 -7.14
CA LEU A 11 3.68 6.94 -6.52
C LEU A 11 3.54 6.61 -5.04
N LEU A 12 3.13 5.38 -4.75
CA LEU A 12 2.95 4.93 -3.39
C LEU A 12 2.94 3.40 -3.33
N PRO A 13 4.12 2.79 -3.09
CA PRO A 13 4.27 1.33 -3.02
C PRO A 13 3.12 0.63 -2.32
N PRO A 14 2.66 1.14 -1.17
CA PRO A 14 1.59 0.52 -0.42
C PRO A 14 0.18 0.95 -0.85
N ILE A 15 -0.38 1.98 -0.21
CA ILE A 15 -1.73 2.47 -0.53
C ILE A 15 -2.80 1.72 0.27
N ILE A 16 -2.61 0.41 0.42
CA ILE A 16 -3.54 -0.42 1.17
C ILE A 16 -3.32 -0.26 2.66
N LEU A 17 -2.08 -0.51 3.09
CA LEU A 17 -1.73 -0.38 4.50
C LEU A 17 -1.78 1.09 4.89
N ASP A 18 -1.20 1.93 4.04
CA ASP A 18 -1.18 3.37 4.25
C ASP A 18 -2.56 3.99 4.01
N ALA A 19 -3.53 3.17 3.63
CA ALA A 19 -4.88 3.66 3.37
C ALA A 19 -5.57 4.01 4.68
N GLY A 20 -5.44 3.10 5.64
CA GLY A 20 -6.02 3.30 6.96
C GLY A 20 -4.99 3.13 8.05
N TYR A 21 -3.98 2.30 7.76
CA TYR A 21 -2.88 2.04 8.69
C TYR A 21 -3.28 1.04 9.77
N PHE A 22 -4.59 0.76 9.90
CA PHE A 22 -5.07 -0.21 10.86
C PHE A 22 -5.24 -1.57 10.20
N LEU A 23 -4.31 -1.86 9.29
CA LEU A 23 -4.33 -3.11 8.53
C LEU A 23 -5.55 -3.16 7.62
N PRO A 24 -5.83 -2.07 6.90
CA PRO A 24 -6.96 -1.99 5.97
C PRO A 24 -7.18 -3.29 5.19
N LEU A 25 -6.26 -3.59 4.27
CA LEU A 25 -6.36 -4.79 3.45
C LEU A 25 -7.68 -4.81 2.69
N ARG A 26 -7.96 -3.75 1.98
CA ARG A 26 -9.19 -3.65 1.19
C ARG A 26 -10.41 -3.62 2.12
N HSL A 27 -10.32 -2.79 3.22
CA HSL A 27 -11.38 -2.65 4.18
C HSL A 27 -11.92 -1.23 4.25
O HSL A 27 -12.11 -0.48 3.32
CB HSL A 27 -10.96 -2.92 5.61
CG HSL A 27 -11.86 -1.98 6.40
OD HSL A 27 -12.17 -0.91 5.52
H HSL A 27 -9.43 -2.26 3.32
HA HSL A 27 -12.26 -3.29 3.93
HB2 HSL A 27 -11.16 -4.00 5.90
HB3 HSL A 27 -9.88 -2.67 5.78
HG2 HSL A 27 -12.85 -2.46 6.64
HG3 HSL A 27 -11.38 -1.56 7.31
N PHE A 1 2.67 -3.29 -2.62
CA PHE A 1 2.76 -4.75 -2.91
C PHE A 1 3.19 -4.98 -4.36
N LEU A 2 4.08 -5.95 -4.56
CA LEU A 2 4.56 -6.29 -5.89
C LEU A 2 3.50 -7.02 -6.69
N GLN A 3 2.47 -6.29 -7.12
CA GLN A 3 1.39 -6.86 -7.90
C GLN A 3 0.53 -5.76 -8.51
N SER A 4 1.17 -4.67 -8.87
CA SER A 4 0.51 -3.52 -9.47
C SER A 4 1.54 -2.62 -10.12
N ASP A 5 1.85 -2.90 -11.38
CA ASP A 5 2.86 -2.14 -12.12
C ASP A 5 4.26 -2.49 -11.64
N VAL A 6 4.51 -2.25 -10.35
CA VAL A 6 5.82 -2.55 -9.76
C VAL A 6 6.91 -1.63 -10.29
N PHE A 7 7.06 -1.59 -11.60
CA PHE A 7 8.07 -0.75 -12.25
C PHE A 7 7.70 0.73 -12.16
N PHE A 8 6.63 1.04 -11.43
CA PHE A 8 6.18 2.42 -11.26
C PHE A 8 5.26 2.57 -10.05
N LEU A 9 5.03 1.47 -9.33
CA LEU A 9 4.21 1.50 -8.13
C LEU A 9 4.93 2.27 -7.02
N PHE A 10 6.15 2.68 -7.32
CA PHE A 10 6.99 3.41 -6.38
C PHE A 10 6.43 4.81 -6.09
N LEU A 11 5.46 5.24 -6.88
CA LEU A 11 4.85 6.55 -6.68
C LEU A 11 4.11 6.57 -5.34
N LEU A 12 3.56 5.41 -4.99
CA LEU A 12 2.81 5.28 -3.75
C LEU A 12 2.71 3.81 -3.33
N PRO A 13 3.86 3.22 -2.94
CA PRO A 13 3.92 1.82 -2.53
C PRO A 13 2.91 1.43 -1.45
N PRO A 14 2.63 2.30 -0.48
CA PRO A 14 1.71 1.99 0.60
C PRO A 14 0.27 2.38 0.29
N ILE A 15 -0.40 1.56 -0.53
CA ILE A 15 -1.78 1.80 -0.91
C ILE A 15 -2.74 1.41 0.22
N ILE A 16 -2.95 0.11 0.36
CA ILE A 16 -3.86 -0.44 1.37
C ILE A 16 -3.25 -0.34 2.77
N LEU A 17 -1.93 -0.40 2.86
CA LEU A 17 -1.26 -0.30 4.14
C LEU A 17 -1.50 1.08 4.74
N ASP A 18 -0.97 2.09 4.06
CA ASP A 18 -1.15 3.48 4.47
C ASP A 18 -2.54 4.00 4.11
N ALA A 19 -3.42 3.10 3.65
CA ALA A 19 -4.77 3.50 3.29
C ALA A 19 -5.55 3.83 4.55
N GLY A 20 -5.50 2.89 5.50
CA GLY A 20 -6.15 3.06 6.78
C GLY A 20 -5.14 2.94 7.90
N TYR A 21 -4.09 2.17 7.64
CA TYR A 21 -3.00 1.95 8.59
C TYR A 21 -3.38 0.94 9.69
N PHE A 22 -4.68 0.80 9.95
CA PHE A 22 -5.15 -0.15 10.95
C PHE A 22 -5.48 -1.48 10.28
N LEU A 23 -4.52 -1.95 9.48
CA LEU A 23 -4.68 -3.19 8.74
C LEU A 23 -5.93 -3.14 7.88
N PRO A 24 -5.96 -2.19 6.92
CA PRO A 24 -7.08 -1.98 6.01
C PRO A 24 -7.26 -3.14 5.01
N LEU A 25 -6.29 -4.05 5.00
CA LEU A 25 -6.34 -5.20 4.10
C LEU A 25 -7.55 -6.07 4.40
N ARG A 26 -7.62 -6.55 5.64
CA ARG A 26 -8.73 -7.40 6.06
C ARG A 26 -9.90 -6.57 6.56
N HSL A 27 -10.10 -5.37 5.90
CA HSL A 27 -11.16 -4.47 6.26
C HSL A 27 -12.13 -4.24 5.11
O HSL A 27 -12.55 -5.07 4.32
CB HSL A 27 -10.70 -3.05 6.59
CG HSL A 27 -11.87 -2.21 6.10
OD HSL A 27 -12.49 -2.95 5.07
H HSL A 27 -9.45 -5.15 5.15
HA HSL A 27 -11.79 -4.86 7.10
HB2 HSL A 27 -10.55 -2.93 7.70
HB3 HSL A 27 -9.76 -2.80 6.03
HG2 HSL A 27 -12.64 -2.08 6.89
HG3 HSL A 27 -11.56 -1.22 5.68
N PHE A 1 12.19 11.98 2.15
CA PHE A 1 11.93 13.29 2.78
C PHE A 1 10.56 13.32 3.47
N LEU A 2 10.37 14.28 4.36
CA LEU A 2 9.12 14.41 5.09
C LEU A 2 8.02 14.97 4.20
N GLN A 3 6.79 14.51 4.42
CA GLN A 3 5.65 14.96 3.64
C GLN A 3 4.34 14.48 4.25
N SER A 4 4.17 14.74 5.54
CA SER A 4 2.98 14.33 6.28
C SER A 4 2.99 12.84 6.61
N ASP A 5 4.07 12.17 6.22
CA ASP A 5 4.22 10.75 6.46
C ASP A 5 5.68 10.34 6.33
N VAL A 6 6.35 10.93 5.33
CA VAL A 6 7.77 10.65 5.08
C VAL A 6 7.96 9.43 4.18
N PHE A 7 7.20 8.36 4.45
CA PHE A 7 7.30 7.13 3.67
C PHE A 7 6.80 7.35 2.24
N PHE A 8 5.85 8.26 2.09
CA PHE A 8 5.28 8.60 0.79
C PHE A 8 6.32 9.29 -0.07
N LEU A 9 6.78 10.45 0.40
CA LEU A 9 7.79 11.23 -0.30
C LEU A 9 9.12 10.48 -0.29
N PHE A 10 9.13 9.34 0.38
CA PHE A 10 10.32 8.52 0.52
C PHE A 10 10.60 7.73 -0.75
N LEU A 11 9.57 7.27 -1.43
CA LEU A 11 9.75 6.50 -2.67
C LEU A 11 8.42 6.18 -3.34
N LEU A 12 7.43 5.77 -2.56
CA LEU A 12 6.13 5.41 -3.11
C LEU A 12 5.04 5.46 -2.04
N PRO A 13 3.91 6.14 -2.33
CA PRO A 13 2.80 6.27 -1.39
C PRO A 13 2.25 4.91 -0.95
N PRO A 14 2.35 4.57 0.36
CA PRO A 14 1.85 3.31 0.88
C PRO A 14 0.32 3.23 0.80
N ILE A 15 -0.18 2.85 -0.36
CA ILE A 15 -1.62 2.73 -0.58
C ILE A 15 -2.23 1.59 0.21
N ILE A 16 -1.45 0.53 0.38
CA ILE A 16 -1.90 -0.65 1.12
C ILE A 16 -1.89 -0.40 2.62
N LEU A 17 -0.74 0.01 3.14
CA LEU A 17 -0.60 0.28 4.57
C LEU A 17 -1.43 1.49 4.97
N ASP A 18 -1.23 2.59 4.26
CA ASP A 18 -1.96 3.83 4.52
C ASP A 18 -3.40 3.75 4.03
N ALA A 19 -3.82 2.58 3.54
CA ALA A 19 -5.18 2.42 3.07
C ALA A 19 -6.11 2.46 4.26
N GLY A 20 -5.86 1.56 5.20
CA GLY A 20 -6.62 1.53 6.43
C GLY A 20 -5.69 1.42 7.62
N TYR A 21 -4.51 2.00 7.45
CA TYR A 21 -3.48 1.98 8.48
C TYR A 21 -2.95 0.56 8.61
N PHE A 22 -3.79 -0.29 9.14
CA PHE A 22 -3.46 -1.70 9.33
C PHE A 22 -4.71 -2.58 9.27
N LEU A 23 -5.87 -1.96 9.06
CA LEU A 23 -7.12 -2.70 9.02
C LEU A 23 -8.16 -2.02 8.12
N PRO A 24 -8.66 -0.84 8.52
CA PRO A 24 -9.68 -0.09 7.77
C PRO A 24 -9.53 -0.19 6.24
N LEU A 25 -10.51 0.37 5.53
CA LEU A 25 -10.53 0.36 4.06
C LEU A 25 -11.19 -0.90 3.52
N ARG A 26 -11.17 -1.95 4.33
CA ARG A 26 -11.76 -3.22 3.95
C ARG A 26 -12.25 -3.93 5.20
N HSL A 27 -12.98 -3.14 6.06
CA HSL A 27 -13.52 -3.62 7.30
C HSL A 27 -15.03 -3.52 7.36
O HSL A 27 -15.81 -3.77 6.47
CB HSL A 27 -13.07 -2.80 8.51
CG HSL A 27 -14.30 -2.87 9.41
OD HSL A 27 -15.40 -3.10 8.57
H HSL A 27 -13.11 -2.16 5.77
HA HSL A 27 -13.28 -4.70 7.48
HB2 HSL A 27 -12.18 -3.28 9.01
HB3 HSL A 27 -12.85 -1.75 8.21
HG2 HSL A 27 -14.25 -3.77 10.09
HG3 HSL A 27 -14.47 -1.94 10.00
N PHE A 1 -13.07 -3.94 -8.34
CA PHE A 1 -12.53 -2.91 -7.41
C PHE A 1 -11.44 -2.08 -8.10
N LEU A 2 -11.11 -0.95 -7.50
CA LEU A 2 -10.09 -0.06 -8.05
C LEU A 2 -9.67 0.98 -7.01
N GLN A 3 -8.36 1.07 -6.78
CA GLN A 3 -7.82 2.01 -5.81
C GLN A 3 -6.30 2.08 -5.92
N SER A 4 -5.77 1.79 -7.09
CA SER A 4 -4.33 1.82 -7.30
C SER A 4 -3.99 1.73 -8.79
N ASP A 5 -4.86 2.31 -9.63
CA ASP A 5 -4.67 2.30 -11.07
C ASP A 5 -5.02 0.95 -11.69
N VAL A 6 -5.32 -0.04 -10.85
CA VAL A 6 -5.70 -1.38 -11.30
C VAL A 6 -4.47 -2.28 -11.46
N PHE A 7 -3.41 -1.75 -12.08
CA PHE A 7 -2.19 -2.51 -12.28
C PHE A 7 -1.50 -2.78 -10.96
N PHE A 8 -1.55 -1.79 -10.08
CA PHE A 8 -0.95 -1.90 -8.75
C PHE A 8 -1.76 -2.82 -7.87
N LEU A 9 -3.08 -2.57 -7.82
CA LEU A 9 -4.00 -3.39 -7.04
C LEU A 9 -4.04 -4.80 -7.61
N PHE A 10 -3.33 -4.96 -8.71
CA PHE A 10 -3.25 -6.22 -9.42
C PHE A 10 -2.34 -7.21 -8.68
N LEU A 11 -1.03 -6.98 -8.71
CA LEU A 11 -0.10 -7.87 -8.02
C LEU A 11 -0.28 -7.79 -6.52
N LEU A 12 0.07 -6.64 -5.94
CA LEU A 12 -0.04 -6.43 -4.52
C LEU A 12 0.00 -4.94 -4.18
N PRO A 13 -1.18 -4.31 -4.00
CA PRO A 13 -1.26 -2.88 -3.68
C PRO A 13 -0.73 -2.55 -2.29
N PRO A 14 0.43 -1.87 -2.22
CA PRO A 14 1.04 -1.50 -0.94
C PRO A 14 0.33 -0.32 -0.28
N ILE A 15 -0.55 0.35 -1.03
CA ILE A 15 -1.27 1.49 -0.50
C ILE A 15 -2.29 1.02 0.53
N ILE A 16 -3.59 1.04 0.19
CA ILE A 16 -4.67 0.58 1.09
C ILE A 16 -4.26 0.56 2.56
N LEU A 17 -3.26 -0.25 2.86
CA LEU A 17 -2.76 -0.40 4.23
C LEU A 17 -2.15 0.91 4.74
N ASP A 18 -1.22 1.48 3.97
CA ASP A 18 -0.58 2.72 4.37
C ASP A 18 -1.52 3.92 4.20
N ALA A 19 -2.64 3.69 3.53
CA ALA A 19 -3.62 4.74 3.31
C ALA A 19 -4.43 5.00 4.57
N GLY A 20 -5.06 3.95 5.08
CA GLY A 20 -5.85 4.08 6.30
C GLY A 20 -5.09 3.61 7.52
N TYR A 21 -4.12 2.72 7.31
CA TYR A 21 -3.29 2.18 8.39
C TYR A 21 -4.05 1.11 9.18
N PHE A 22 -5.33 1.34 9.44
CA PHE A 22 -6.14 0.40 10.18
C PHE A 22 -6.90 -0.55 9.24
N LEU A 23 -6.83 -0.26 7.94
CA LEU A 23 -7.50 -1.09 6.95
C LEU A 23 -7.06 -2.55 7.04
N PRO A 24 -5.74 -2.80 7.18
CA PRO A 24 -5.19 -4.16 7.27
C PRO A 24 -5.95 -5.02 8.27
N LEU A 25 -6.94 -5.77 7.78
CA LEU A 25 -7.74 -6.65 8.63
C LEU A 25 -7.24 -8.09 8.51
N ARG A 26 -7.49 -8.71 7.37
CA ARG A 26 -7.07 -10.09 7.13
C ARG A 26 -5.69 -10.11 6.48
N HSL A 27 -4.92 -8.97 6.67
CA HSL A 27 -3.59 -8.83 6.11
C HSL A 27 -2.53 -8.66 7.19
O HSL A 27 -2.49 -9.21 8.26
CB HSL A 27 -3.40 -7.60 5.24
CG HSL A 27 -1.94 -7.27 5.49
OD HSL A 27 -1.63 -7.76 6.77
H HSL A 27 -5.35 -8.22 7.22
HA HSL A 27 -3.28 -9.74 5.54
HB2 HSL A 27 -3.58 -7.84 4.16
HB3 HSL A 27 -4.06 -6.77 5.58
HG2 HSL A 27 -1.27 -7.82 4.79
HG3 HSL A 27 -1.73 -6.17 5.47
N PHE A 1 -2.66 11.83 -0.96
CA PHE A 1 -2.56 11.90 -2.44
C PHE A 1 -1.48 10.96 -2.97
N LEU A 2 -0.22 11.35 -2.76
CA LEU A 2 0.91 10.56 -3.22
C LEU A 2 2.20 11.05 -2.58
N GLN A 3 2.96 10.11 -2.00
CA GLN A 3 4.22 10.46 -1.35
C GLN A 3 5.26 10.87 -2.39
N SER A 4 5.36 10.06 -3.43
CA SER A 4 6.30 10.31 -4.52
C SER A 4 5.93 9.46 -5.72
N ASP A 5 4.65 9.53 -6.10
CA ASP A 5 4.12 8.78 -7.23
C ASP A 5 3.66 7.38 -6.80
N VAL A 6 4.21 6.87 -5.69
CA VAL A 6 3.83 5.55 -5.18
C VAL A 6 4.31 4.43 -6.10
N PHE A 7 3.92 4.51 -7.37
CA PHE A 7 4.31 3.51 -8.37
C PHE A 7 5.78 3.64 -8.73
N PHE A 8 6.46 4.58 -8.08
CA PHE A 8 7.88 4.84 -8.30
C PHE A 8 8.44 5.72 -7.19
N LEU A 9 7.70 5.81 -6.08
CA LEU A 9 8.13 6.59 -4.93
C LEU A 9 9.35 5.92 -4.32
N PHE A 10 9.54 4.65 -4.67
CA PHE A 10 10.67 3.88 -4.17
C PHE A 10 10.81 4.04 -2.66
N LEU A 11 9.75 3.71 -1.95
CA LEU A 11 9.73 3.83 -0.49
C LEU A 11 8.50 3.17 0.12
N LEU A 12 7.47 2.97 -0.70
CA LEU A 12 6.23 2.39 -0.20
C LEU A 12 5.45 1.72 -1.33
N PRO A 13 5.64 0.39 -1.51
CA PRO A 13 4.96 -0.36 -2.58
C PRO A 13 3.44 -0.42 -2.44
N PRO A 14 2.87 -0.30 -1.22
CA PRO A 14 1.43 -0.36 -1.04
C PRO A 14 0.78 1.02 -1.06
N ILE A 15 -0.46 1.08 -0.60
CA ILE A 15 -1.21 2.32 -0.57
C ILE A 15 -2.46 2.18 0.27
N ILE A 16 -3.14 1.05 0.09
CA ILE A 16 -4.36 0.76 0.82
C ILE A 16 -4.09 0.49 2.29
N LEU A 17 -3.06 -0.31 2.56
CA LEU A 17 -2.70 -0.62 3.94
C LEU A 17 -2.23 0.66 4.63
N ASP A 18 -1.29 1.34 3.99
CA ASP A 18 -0.76 2.59 4.51
C ASP A 18 -1.74 3.75 4.27
N ALA A 19 -2.90 3.44 3.68
CA ALA A 19 -3.91 4.46 3.40
C ALA A 19 -4.56 4.89 4.71
N GLY A 20 -5.22 3.94 5.36
CA GLY A 20 -5.85 4.21 6.63
C GLY A 20 -5.02 3.68 7.79
N TYR A 21 -4.16 2.71 7.48
CA TYR A 21 -3.28 2.09 8.47
C TYR A 21 -4.05 1.12 9.36
N PHE A 22 -5.28 1.49 9.73
CA PHE A 22 -6.12 0.64 10.57
C PHE A 22 -7.01 -0.25 9.72
N LEU A 23 -6.86 -0.15 8.40
CA LEU A 23 -7.64 -0.96 7.48
C LEU A 23 -7.09 -2.39 7.37
N PRO A 24 -5.76 -2.54 7.23
CA PRO A 24 -5.13 -3.85 7.12
C PRO A 24 -5.70 -4.88 8.09
N LEU A 25 -5.45 -4.69 9.39
CA LEU A 25 -5.95 -5.61 10.40
C LEU A 25 -5.38 -7.01 10.15
N ARG A 26 -4.05 -7.11 10.19
CA ARG A 26 -3.37 -8.38 9.96
C ARG A 26 -3.52 -8.83 8.52
N HSL A 27 -3.28 -7.86 7.57
CA HSL A 27 -3.38 -8.11 6.14
C HSL A 27 -2.06 -7.92 5.42
O HSL A 27 -0.95 -8.23 5.82
CB HSL A 27 -4.31 -7.17 5.40
CG HSL A 27 -3.65 -7.09 4.03
OD HSL A 27 -2.29 -7.34 4.24
H HSL A 27 -3.00 -6.93 7.91
HA HSL A 27 -3.67 -9.17 5.94
HB2 HSL A 27 -5.35 -7.60 5.34
HB3 HSL A 27 -4.33 -6.16 5.89
HG2 HSL A 27 -4.01 -7.91 3.36
HG3 HSL A 27 -3.77 -6.09 3.54
N PHE A 1 -3.54 1.29 -10.45
CA PHE A 1 -2.53 2.37 -10.60
C PHE A 1 -1.20 1.82 -11.11
N LEU A 2 -0.14 2.60 -10.92
CA LEU A 2 1.20 2.21 -11.37
C LEU A 2 2.26 3.06 -10.68
N GLN A 3 2.81 2.53 -9.59
CA GLN A 3 3.85 3.24 -8.84
C GLN A 3 5.21 3.09 -9.52
N SER A 4 5.19 2.86 -10.82
CA SER A 4 6.42 2.69 -11.60
C SER A 4 7.07 1.34 -11.31
N ASP A 5 6.25 0.30 -11.33
CA ASP A 5 6.74 -1.05 -11.08
C ASP A 5 5.73 -2.07 -11.59
N VAL A 6 4.53 -2.03 -11.01
CA VAL A 6 3.44 -2.94 -11.38
C VAL A 6 3.52 -4.26 -10.61
N PHE A 7 4.74 -4.76 -10.41
CA PHE A 7 4.93 -6.02 -9.69
C PHE A 7 4.51 -5.87 -8.23
N PHE A 8 4.61 -4.65 -7.72
CA PHE A 8 4.23 -4.35 -6.35
C PHE A 8 2.72 -4.45 -6.16
N LEU A 9 1.99 -3.62 -6.90
CA LEU A 9 0.53 -3.62 -6.85
C LEU A 9 0.00 -4.93 -7.43
N PHE A 10 0.91 -5.73 -7.95
CA PHE A 10 0.58 -7.00 -8.56
C PHE A 10 0.31 -8.08 -7.50
N LEU A 11 1.31 -8.35 -6.67
CA LEU A 11 1.17 -9.35 -5.61
C LEU A 11 0.12 -8.90 -4.59
N LEU A 12 0.29 -7.69 -4.11
CA LEU A 12 -0.61 -7.12 -3.11
C LEU A 12 -0.46 -5.60 -3.06
N PRO A 13 -1.56 -4.87 -3.31
CA PRO A 13 -1.55 -3.40 -3.28
C PRO A 13 -0.97 -2.86 -1.98
N PRO A 14 0.18 -2.16 -2.05
CA PRO A 14 0.83 -1.60 -0.85
C PRO A 14 0.08 -0.40 -0.27
N ILE A 15 -0.99 0.02 -0.95
CA ILE A 15 -1.77 1.15 -0.47
C ILE A 15 -2.56 0.75 0.78
N ILE A 16 -3.89 0.60 0.66
CA ILE A 16 -4.76 0.17 1.77
C ILE A 16 -4.14 0.45 3.15
N LEU A 17 -3.03 -0.22 3.41
CA LEU A 17 -2.32 -0.08 4.68
C LEU A 17 -1.75 1.33 4.84
N ASP A 18 -1.05 1.79 3.83
CA ASP A 18 -0.45 3.12 3.85
C ASP A 18 -1.53 4.20 3.77
N ALA A 19 -2.76 3.78 3.45
CA ALA A 19 -3.87 4.69 3.34
C ALA A 19 -4.40 5.07 4.73
N GLY A 20 -4.88 4.08 5.45
CA GLY A 20 -5.41 4.32 6.79
C GLY A 20 -4.56 3.67 7.86
N TYR A 21 -3.84 2.62 7.50
CA TYR A 21 -2.98 1.90 8.44
C TYR A 21 -3.80 0.98 9.36
N PHE A 22 -5.11 1.16 9.35
CA PHE A 22 -6.00 0.35 10.17
C PHE A 22 -7.04 -0.37 9.30
N LEU A 23 -6.93 -0.21 7.98
CA LEU A 23 -7.85 -0.83 7.04
C LEU A 23 -7.55 -2.31 6.89
N PRO A 24 -6.28 -2.70 6.72
CA PRO A 24 -5.88 -4.10 6.57
C PRO A 24 -5.97 -4.87 7.88
N LEU A 25 -4.92 -4.82 8.69
CA LEU A 25 -4.89 -5.54 9.97
C LEU A 25 -5.33 -6.98 9.78
N ARG A 26 -4.73 -7.64 8.81
CA ARG A 26 -5.06 -9.04 8.51
C ARG A 26 -6.46 -9.15 7.92
N HSL A 27 -6.75 -8.22 6.93
CA HSL A 27 -8.04 -8.18 6.26
C HSL A 27 -7.92 -8.46 4.77
O HSL A 27 -7.21 -9.26 4.21
CB HSL A 27 -8.72 -6.83 6.32
CG HSL A 27 -9.46 -6.79 4.99
OD HSL A 27 -8.76 -7.62 4.11
H HSL A 27 -6.01 -7.56 6.68
HA HSL A 27 -8.74 -8.97 6.65
HB2 HSL A 27 -9.45 -6.78 7.19
HB3 HSL A 27 -7.98 -6.00 6.40
HG2 HSL A 27 -10.49 -7.24 5.08
HG3 HSL A 27 -9.52 -5.77 4.55
N PHE A 1 18.38 6.69 -0.73
CA PHE A 1 17.23 6.38 0.17
C PHE A 1 16.32 7.59 0.34
N LEU A 2 15.05 7.34 0.63
CA LEU A 2 14.08 8.41 0.82
C LEU A 2 14.01 9.31 -0.42
N GLN A 3 13.47 8.77 -1.50
CA GLN A 3 13.34 9.53 -2.75
C GLN A 3 12.15 10.49 -2.70
N SER A 4 11.71 10.82 -1.49
CA SER A 4 10.58 11.72 -1.31
C SER A 4 9.27 11.01 -1.61
N ASP A 5 9.14 9.80 -1.07
CA ASP A 5 7.94 9.00 -1.27
C ASP A 5 7.82 7.95 -0.17
N VAL A 6 8.82 7.07 -0.11
CA VAL A 6 8.86 6.00 0.89
C VAL A 6 8.14 4.73 0.42
N PHE A 7 6.98 4.91 -0.22
CA PHE A 7 6.19 3.80 -0.72
C PHE A 7 6.88 3.12 -1.90
N PHE A 8 7.55 3.94 -2.70
CA PHE A 8 8.27 3.45 -3.89
C PHE A 8 9.48 2.61 -3.49
N LEU A 9 10.32 3.18 -2.64
CA LEU A 9 11.51 2.49 -2.15
C LEU A 9 11.09 1.34 -1.26
N PHE A 10 9.78 1.26 -1.03
CA PHE A 10 9.18 0.24 -0.22
C PHE A 10 9.09 -1.07 -0.98
N LEU A 11 9.48 -1.04 -2.26
CA LEU A 11 9.44 -2.23 -3.13
C LEU A 11 8.06 -2.42 -3.74
N LEU A 12 7.05 -1.82 -3.12
CA LEU A 12 5.69 -1.97 -3.61
C LEU A 12 4.75 -0.97 -2.92
N PRO A 13 3.79 -0.39 -3.66
CA PRO A 13 2.85 0.57 -3.10
C PRO A 13 1.79 -0.09 -2.21
N PRO A 14 1.87 0.13 -0.88
CA PRO A 14 0.92 -0.46 0.07
C PRO A 14 -0.46 0.18 -0.02
N ILE A 15 -0.52 1.38 -0.63
CA ILE A 15 -1.75 2.15 -0.82
C ILE A 15 -2.75 1.95 0.31
N ILE A 16 -3.19 0.73 0.44
CA ILE A 16 -4.15 0.33 1.47
C ILE A 16 -3.55 0.45 2.86
N LEU A 17 -2.34 -0.09 3.04
CA LEU A 17 -1.66 -0.02 4.33
C LEU A 17 -1.36 1.44 4.66
N ASP A 18 -0.75 2.12 3.69
CA ASP A 18 -0.42 3.54 3.86
C ASP A 18 -1.68 4.39 3.74
N ALA A 19 -2.81 3.76 3.40
CA ALA A 19 -4.07 4.47 3.27
C ALA A 19 -4.60 4.84 4.64
N GLY A 20 -5.10 3.83 5.35
CA GLY A 20 -5.61 4.03 6.69
C GLY A 20 -4.76 3.30 7.72
N TYR A 21 -4.00 2.32 7.25
CA TYR A 21 -3.13 1.52 8.13
C TYR A 21 -3.93 0.56 9.01
N PHE A 22 -5.01 1.05 9.60
CA PHE A 22 -5.86 0.22 10.45
C PHE A 22 -7.02 -0.39 9.68
N LEU A 23 -7.26 0.11 8.46
CA LEU A 23 -8.34 -0.42 7.63
C LEU A 23 -8.31 -1.95 7.57
N PRO A 24 -7.12 -2.54 7.40
CA PRO A 24 -6.97 -4.00 7.33
C PRO A 24 -7.32 -4.68 8.65
N LEU A 25 -7.13 -3.96 9.75
CA LEU A 25 -7.44 -4.49 11.07
C LEU A 25 -8.94 -4.47 11.35
N ARG A 26 -9.70 -3.84 10.47
CA ARG A 26 -11.15 -3.76 10.61
C ARG A 26 -11.80 -3.70 9.24
N HSL A 27 -11.59 -4.80 8.45
CA HSL A 27 -12.12 -4.92 7.11
C HSL A 27 -13.09 -6.09 6.96
O HSL A 27 -14.21 -6.16 7.40
CB HSL A 27 -11.06 -5.21 6.06
CG HSL A 27 -11.19 -6.72 5.88
OD HSL A 27 -12.49 -7.06 6.26
H HSL A 27 -11.02 -5.56 8.85
HA HSL A 27 -12.70 -4.02 6.81
HB2 HSL A 27 -11.28 -4.66 5.09
HB3 HSL A 27 -10.04 -4.94 6.43
HG2 HSL A 27 -11.11 -7.00 4.80
HG3 HSL A 27 -10.47 -7.31 6.49
N PHE A 1 5.95 11.72 1.06
CA PHE A 1 5.46 11.58 2.45
C PHE A 1 6.62 11.48 3.44
N LEU A 2 6.30 11.25 4.71
CA LEU A 2 7.32 11.14 5.75
C LEU A 2 6.73 10.54 7.03
N GLN A 3 6.22 9.32 6.92
CA GLN A 3 5.63 8.64 8.06
C GLN A 3 5.35 7.18 7.74
N SER A 4 4.84 6.92 6.54
CA SER A 4 4.54 5.56 6.11
C SER A 4 5.81 4.81 5.74
N ASP A 5 6.74 4.71 6.68
CA ASP A 5 8.01 4.01 6.45
C ASP A 5 8.92 4.78 5.51
N VAL A 6 8.37 5.23 4.37
CA VAL A 6 9.11 5.98 3.37
C VAL A 6 9.83 5.03 2.40
N PHE A 7 10.61 4.10 2.96
CA PHE A 7 11.33 3.13 2.14
C PHE A 7 10.33 2.17 1.49
N PHE A 8 9.17 2.03 2.12
CA PHE A 8 8.11 1.16 1.62
C PHE A 8 7.49 1.76 0.36
N LEU A 9 7.10 3.03 0.46
CA LEU A 9 6.52 3.74 -0.68
C LEU A 9 7.58 3.88 -1.77
N PHE A 10 8.78 3.46 -1.43
CA PHE A 10 9.92 3.49 -2.30
C PHE A 10 9.86 2.36 -3.32
N LEU A 11 9.93 1.13 -2.83
CA LEU A 11 9.87 -0.04 -3.70
C LEU A 11 8.51 -0.14 -4.36
N LEU A 12 7.47 0.04 -3.56
CA LEU A 12 6.11 -0.05 -4.05
C LEU A 12 5.15 0.66 -3.09
N PRO A 13 4.39 1.66 -3.57
CA PRO A 13 3.44 2.40 -2.73
C PRO A 13 2.43 1.50 -2.03
N PRO A 14 2.41 1.51 -0.68
CA PRO A 14 1.48 0.72 0.11
C PRO A 14 0.13 1.40 0.24
N ILE A 15 -0.78 1.07 -0.66
CA ILE A 15 -2.11 1.65 -0.67
C ILE A 15 -2.93 1.18 0.52
N ILE A 16 -2.80 -0.10 0.84
CA ILE A 16 -3.52 -0.70 1.96
C ILE A 16 -2.96 -0.22 3.29
N LEU A 17 -1.65 -0.25 3.43
CA LEU A 17 -1.00 0.20 4.65
C LEU A 17 -1.22 1.69 4.81
N ASP A 18 -0.93 2.43 3.75
CA ASP A 18 -1.10 3.87 3.73
C ASP A 18 -2.59 4.24 3.59
N ALA A 19 -3.44 3.23 3.43
CA ALA A 19 -4.87 3.47 3.30
C ALA A 19 -5.45 3.85 4.65
N GLY A 20 -5.49 2.87 5.53
CA GLY A 20 -5.98 3.07 6.88
C GLY A 20 -4.94 2.72 7.92
N TYR A 21 -3.96 1.90 7.50
CA TYR A 21 -2.86 1.45 8.36
C TYR A 21 -3.30 0.36 9.34
N PHE A 22 -4.56 0.41 9.78
CA PHE A 22 -5.06 -0.59 10.71
C PHE A 22 -5.69 -1.74 9.94
N LEU A 23 -4.86 -2.41 9.15
CA LEU A 23 -5.30 -3.52 8.32
C LEU A 23 -6.62 -3.20 7.62
N PRO A 24 -6.64 -2.11 6.87
CA PRO A 24 -7.83 -1.64 6.14
C PRO A 24 -8.13 -2.49 4.90
N LEU A 25 -9.35 -2.37 4.39
CA LEU A 25 -9.79 -3.12 3.22
C LEU A 25 -11.30 -3.01 3.06
N ARG A 26 -11.98 -2.94 4.20
CA ARG A 26 -13.42 -2.81 4.23
C ARG A 26 -13.79 -2.00 5.46
N HSL A 27 -12.90 -0.99 5.76
CA HSL A 27 -13.03 -0.11 6.89
C HSL A 27 -13.17 1.35 6.46
O HSL A 27 -13.81 1.78 5.53
CB HSL A 27 -11.82 -0.10 7.80
CG HSL A 27 -11.79 1.35 8.27
OD HSL A 27 -12.44 2.11 7.29
H HSL A 27 -12.08 -0.91 5.13
HA HSL A 27 -13.95 -0.32 7.48
HB2 HSL A 27 -11.96 -0.81 8.67
HB3 HSL A 27 -10.89 -0.36 7.23
HG2 HSL A 27 -12.40 1.48 9.20
HG3 HSL A 27 -10.76 1.75 8.42
N PHE A 1 -6.01 -6.50 -13.06
CA PHE A 1 -5.13 -5.43 -12.51
C PHE A 1 -3.68 -5.64 -12.89
N LEU A 2 -2.93 -4.55 -13.00
CA LEU A 2 -1.52 -4.62 -13.37
C LEU A 2 -0.81 -3.30 -13.09
N GLN A 3 -1.47 -2.19 -13.42
CA GLN A 3 -0.91 -0.86 -13.21
C GLN A 3 0.20 -0.56 -14.23
N SER A 4 -0.20 -0.43 -15.48
CA SER A 4 0.74 -0.14 -16.56
C SER A 4 1.61 -1.35 -16.88
N ASP A 5 2.37 -1.79 -15.88
CA ASP A 5 3.24 -2.95 -16.05
C ASP A 5 3.63 -3.59 -14.71
N VAL A 6 2.95 -3.20 -13.63
CA VAL A 6 3.23 -3.74 -12.30
C VAL A 6 4.39 -3.02 -11.62
N PHE A 7 5.48 -2.80 -12.36
CA PHE A 7 6.65 -2.12 -11.80
C PHE A 7 6.33 -0.68 -11.45
N PHE A 8 5.32 -0.12 -12.11
CA PHE A 8 4.89 1.24 -11.87
C PHE A 8 4.26 1.38 -10.49
N LEU A 9 3.19 0.62 -10.28
CA LEU A 9 2.50 0.61 -8.99
C LEU A 9 3.44 0.09 -7.91
N PHE A 10 4.51 -0.53 -8.38
CA PHE A 10 5.52 -1.11 -7.52
C PHE A 10 6.33 -0.02 -6.80
N LEU A 11 6.17 1.23 -7.24
CA LEU A 11 6.87 2.35 -6.62
C LEU A 11 6.39 2.52 -5.19
N LEU A 12 5.12 2.19 -4.96
CA LEU A 12 4.51 2.33 -3.65
C LEU A 12 3.26 1.45 -3.57
N PRO A 13 3.45 0.14 -3.36
CA PRO A 13 2.35 -0.83 -3.28
C PRO A 13 1.46 -0.70 -2.05
N PRO A 14 1.97 -0.18 -0.92
CA PRO A 14 1.16 -0.07 0.29
C PRO A 14 0.39 1.24 0.37
N ILE A 15 -0.32 1.56 -0.72
CA ILE A 15 -1.12 2.78 -0.78
C ILE A 15 -2.43 2.61 0.00
N ILE A 16 -3.03 1.45 -0.15
CA ILE A 16 -4.29 1.12 0.51
C ILE A 16 -4.10 0.83 2.00
N LEU A 17 -3.17 -0.09 2.30
CA LEU A 17 -2.92 -0.46 3.69
C LEU A 17 -2.34 0.74 4.45
N ASP A 18 -1.28 1.33 3.91
CA ASP A 18 -0.66 2.49 4.52
C ASP A 18 -1.50 3.75 4.30
N ALA A 19 -2.68 3.60 3.71
CA ALA A 19 -3.56 4.75 3.47
C ALA A 19 -4.11 5.24 4.80
N GLY A 20 -4.84 4.37 5.48
CA GLY A 20 -5.39 4.71 6.77
C GLY A 20 -4.68 3.96 7.88
N TYR A 21 -3.98 2.88 7.50
CA TYR A 21 -3.24 2.05 8.44
C TYR A 21 -4.20 1.19 9.28
N PHE A 22 -5.48 1.51 9.23
CA PHE A 22 -6.49 0.77 9.98
C PHE A 22 -7.17 -0.26 9.07
N LEU A 23 -6.51 -0.59 7.96
CA LEU A 23 -7.04 -1.55 7.01
C LEU A 23 -6.76 -2.98 7.49
N PRO A 24 -5.49 -3.30 7.78
CA PRO A 24 -5.10 -4.65 8.23
C PRO A 24 -5.97 -5.14 9.39
N LEU A 25 -5.78 -4.56 10.57
CA LEU A 25 -6.55 -4.96 11.74
C LEU A 25 -6.29 -6.42 12.09
N ARG A 26 -5.03 -6.75 12.30
CA ARG A 26 -4.65 -8.12 12.65
C ARG A 26 -5.01 -9.07 11.51
N HSL A 27 -4.64 -8.66 10.25
CA HSL A 27 -4.91 -9.45 9.06
C HSL A 27 -3.63 -9.86 8.34
O HSL A 27 -2.59 -10.22 8.84
CB HSL A 27 -5.69 -8.72 7.99
CG HSL A 27 -5.14 -9.34 6.71
OD HSL A 27 -3.84 -9.77 7.02
H HSL A 27 -4.17 -7.76 10.18
HA HSL A 27 -5.43 -10.41 9.32
HB2 HSL A 27 -6.80 -8.92 8.08
HB3 HSL A 27 -5.49 -7.62 8.03
HG2 HSL A 27 -5.70 -10.26 6.43
HG3 HSL A 27 -5.09 -8.62 5.85
N PHE A 1 8.64 15.07 -8.91
CA PHE A 1 9.44 13.99 -9.54
C PHE A 1 8.59 13.15 -10.49
N LEU A 2 9.24 12.23 -11.18
CA LEU A 2 8.55 11.36 -12.13
C LEU A 2 9.41 10.14 -12.45
N GLN A 3 9.42 9.16 -11.55
CA GLN A 3 10.20 7.94 -11.76
C GLN A 3 9.85 6.88 -10.73
N SER A 4 9.67 7.28 -9.49
CA SER A 4 9.32 6.35 -8.43
C SER A 4 7.86 5.92 -8.57
N ASP A 5 7.55 5.30 -9.71
CA ASP A 5 6.19 4.85 -10.00
C ASP A 5 5.29 6.04 -10.30
N VAL A 6 5.19 6.96 -9.34
CA VAL A 6 4.37 8.15 -9.47
C VAL A 6 2.91 7.79 -9.34
N PHE A 7 2.42 7.01 -10.30
CA PHE A 7 1.05 6.55 -10.31
C PHE A 7 0.86 5.37 -9.36
N PHE A 8 1.58 5.36 -8.24
CA PHE A 8 1.47 4.27 -7.28
C PHE A 8 2.19 4.58 -5.97
N LEU A 9 3.21 5.44 -6.02
CA LEU A 9 3.93 5.80 -4.81
C LEU A 9 2.95 6.36 -3.80
N PHE A 10 2.13 7.30 -4.28
CA PHE A 10 1.09 7.89 -3.46
C PHE A 10 1.59 8.23 -2.06
N LEU A 11 2.84 8.70 -1.98
CA LEU A 11 3.47 9.05 -0.69
C LEU A 11 4.15 7.84 -0.08
N LEU A 12 3.63 6.66 -0.36
CA LEU A 12 4.16 5.42 0.19
C LEU A 12 3.73 4.23 -0.68
N PRO A 13 4.66 3.34 -1.02
CA PRO A 13 4.40 2.16 -1.87
C PRO A 13 3.05 1.49 -1.59
N PRO A 14 2.71 1.27 -0.31
CA PRO A 14 1.47 0.62 0.06
C PRO A 14 0.33 1.61 0.23
N ILE A 15 -0.51 1.68 -0.79
CA ILE A 15 -1.65 2.59 -0.80
C ILE A 15 -2.73 2.13 0.17
N ILE A 16 -3.03 0.83 0.11
CA ILE A 16 -4.07 0.25 0.93
C ILE A 16 -3.63 0.09 2.38
N LEU A 17 -2.40 -0.37 2.60
CA LEU A 17 -1.89 -0.54 3.96
C LEU A 17 -1.76 0.83 4.63
N ASP A 18 -1.01 1.71 3.99
CA ASP A 18 -0.81 3.07 4.49
C ASP A 18 -2.04 3.95 4.25
N ALA A 19 -3.11 3.35 3.72
CA ALA A 19 -4.33 4.10 3.46
C ALA A 19 -5.00 4.45 4.79
N GLY A 20 -5.63 3.46 5.40
CA GLY A 20 -6.27 3.67 6.68
C GLY A 20 -5.34 3.27 7.81
N TYR A 21 -4.26 2.55 7.46
CA TYR A 21 -3.28 2.08 8.43
C TYR A 21 -3.86 0.99 9.31
N PHE A 22 -4.93 1.33 10.03
CA PHE A 22 -5.58 0.38 10.92
C PHE A 22 -6.78 -0.28 10.23
N LEU A 23 -7.11 0.19 9.02
CA LEU A 23 -8.24 -0.36 8.28
C LEU A 23 -7.92 -1.76 7.75
N PRO A 24 -6.72 -1.96 7.18
CA PRO A 24 -6.31 -3.27 6.64
C PRO A 24 -6.25 -4.34 7.73
N LEU A 25 -5.35 -5.31 7.56
CA LEU A 25 -5.18 -6.40 8.52
C LEU A 25 -6.24 -7.47 8.30
N ARG A 26 -6.07 -8.25 7.24
CA ARG A 26 -7.00 -9.32 6.92
C ARG A 26 -8.37 -8.75 6.52
N HSL A 27 -8.34 -7.87 5.45
CA HSL A 27 -9.55 -7.25 4.95
C HSL A 27 -9.83 -7.63 3.50
O HSL A 27 -9.70 -8.71 2.98
CB HSL A 27 -9.48 -5.73 4.90
CG HSL A 27 -10.32 -5.41 3.67
OD HSL A 27 -10.27 -6.53 2.84
H HSL A 27 -7.43 -7.69 5.03
HA HSL A 27 -10.45 -7.56 5.51
HB2 HSL A 27 -9.92 -5.27 5.83
HB3 HSL A 27 -8.42 -5.38 4.75
HG2 HSL A 27 -11.41 -5.29 3.95
HG3 HSL A 27 -9.97 -4.52 3.10
N PHE A 1 10.57 6.18 -1.42
CA PHE A 1 11.70 6.66 -0.58
C PHE A 1 11.18 7.36 0.67
N LEU A 2 11.73 6.96 1.81
CA LEU A 2 11.39 7.52 3.11
C LEU A 2 9.88 7.69 3.31
N GLN A 3 9.44 7.45 4.54
CA GLN A 3 8.03 7.56 4.89
C GLN A 3 7.85 7.44 6.40
N SER A 4 7.87 6.20 6.86
CA SER A 4 7.72 5.90 8.27
C SER A 4 8.03 4.44 8.50
N ASP A 5 7.53 3.63 7.58
CA ASP A 5 7.75 2.19 7.62
C ASP A 5 9.10 1.84 6.98
N VAL A 6 9.29 2.34 5.77
CA VAL A 6 10.52 2.10 5.01
C VAL A 6 10.52 0.72 4.36
N PHE A 7 10.26 -0.32 5.15
CA PHE A 7 10.23 -1.68 4.65
C PHE A 7 9.00 -1.88 3.75
N PHE A 8 7.96 -1.11 4.04
CA PHE A 8 6.72 -1.17 3.28
C PHE A 8 6.92 -0.61 1.88
N LEU A 9 7.32 0.65 1.81
CA LEU A 9 7.59 1.31 0.55
C LEU A 9 8.78 0.67 -0.14
N PHE A 10 9.40 -0.26 0.56
CA PHE A 10 10.55 -0.98 0.08
C PHE A 10 10.15 -2.04 -0.95
N LEU A 11 9.38 -3.02 -0.51
CA LEU A 11 8.92 -4.08 -1.40
C LEU A 11 7.99 -3.52 -2.47
N LEU A 12 6.94 -2.85 -2.03
CA LEU A 12 5.96 -2.27 -2.93
C LEU A 12 5.14 -1.19 -2.22
N PRO A 13 4.81 -0.09 -2.92
CA PRO A 13 4.04 1.01 -2.34
C PRO A 13 2.68 0.56 -1.80
N PRO A 14 2.52 0.57 -0.46
CA PRO A 14 1.27 0.17 0.20
C PRO A 14 0.24 1.29 0.20
N ILE A 15 -0.54 1.38 -0.87
CA ILE A 15 -1.56 2.41 -0.98
C ILE A 15 -2.72 2.15 -0.04
N ILE A 16 -3.08 0.87 0.10
CA ILE A 16 -4.18 0.47 0.96
C ILE A 16 -3.75 0.39 2.42
N LEU A 17 -2.57 -0.20 2.66
CA LEU A 17 -2.06 -0.32 4.03
C LEU A 17 -1.80 1.06 4.60
N ASP A 18 -0.95 1.81 3.92
CA ASP A 18 -0.61 3.17 4.33
C ASP A 18 -1.77 4.14 4.05
N ALA A 19 -2.89 3.61 3.55
CA ALA A 19 -4.05 4.44 3.25
C ALA A 19 -4.70 4.87 4.55
N GLY A 20 -5.02 3.88 5.38
CA GLY A 20 -5.64 4.15 6.66
C GLY A 20 -4.87 3.47 7.80
N TYR A 21 -3.93 2.60 7.44
CA TYR A 21 -3.11 1.88 8.42
C TYR A 21 -3.94 0.87 9.22
N PHE A 22 -5.04 1.33 9.82
CA PHE A 22 -5.89 0.46 10.62
C PHE A 22 -7.01 -0.15 9.79
N LEU A 23 -6.94 0.02 8.47
CA LEU A 23 -7.96 -0.53 7.58
C LEU A 23 -7.83 -2.05 7.49
N PRO A 24 -6.60 -2.57 7.30
CA PRO A 24 -6.37 -4.02 7.21
C PRO A 24 -7.12 -4.81 8.27
N LEU A 25 -7.36 -4.16 9.41
CA LEU A 25 -8.10 -4.80 10.51
C LEU A 25 -9.59 -4.72 10.25
N ARG A 26 -10.08 -3.50 10.04
CA ARG A 26 -11.50 -3.28 9.76
C ARG A 26 -11.78 -3.40 8.27
N HSL A 27 -11.06 -4.37 7.61
CA HSL A 27 -11.20 -4.62 6.19
C HSL A 27 -11.72 -6.02 5.90
O HSL A 27 -12.85 -6.43 6.06
CB HSL A 27 -9.90 -4.56 5.41
CG HSL A 27 -9.52 -6.03 5.32
OD HSL A 27 -10.73 -6.76 5.41
H HSL A 27 -10.42 -4.93 8.18
HA HSL A 27 -11.95 -3.93 5.73
HB2 HSL A 27 -10.06 -4.11 4.39
HB3 HSL A 27 -9.12 -3.99 5.98
HG2 HSL A 27 -9.11 -6.27 4.30
HG3 HSL A 27 -8.84 -6.38 6.12
N PHE A 1 8.40 8.07 -10.58
CA PHE A 1 9.01 8.88 -11.68
C PHE A 1 8.40 8.50 -13.03
N LEU A 2 9.00 7.49 -13.68
CA LEU A 2 8.53 7.04 -14.97
C LEU A 2 9.16 5.70 -15.33
N GLN A 3 9.23 4.80 -14.36
CA GLN A 3 9.82 3.48 -14.56
C GLN A 3 9.53 2.57 -13.38
N SER A 4 8.25 2.50 -13.02
CA SER A 4 7.80 1.67 -11.91
C SER A 4 6.30 1.50 -11.99
N ASP A 5 5.84 0.84 -13.05
CA ASP A 5 4.41 0.63 -13.28
C ASP A 5 3.76 1.91 -13.80
N VAL A 6 3.85 2.97 -12.99
CA VAL A 6 3.27 4.26 -13.36
C VAL A 6 1.75 4.20 -13.30
N PHE A 7 1.17 3.31 -14.11
CA PHE A 7 -0.27 3.14 -14.15
C PHE A 7 -0.78 2.39 -12.90
N PHE A 8 0.00 2.39 -11.83
CA PHE A 8 -0.39 1.72 -10.60
C PHE A 8 0.49 2.10 -9.41
N LEU A 9 1.65 2.68 -9.69
CA LEU A 9 2.55 3.10 -8.61
C LEU A 9 1.84 4.11 -7.74
N PHE A 10 1.14 5.03 -8.40
CA PHE A 10 0.37 6.05 -7.70
C PHE A 10 1.21 6.74 -6.63
N LEU A 11 2.52 6.81 -6.86
CA LEU A 11 3.46 7.43 -5.93
C LEU A 11 3.91 6.45 -4.86
N LEU A 12 3.12 5.42 -4.62
CA LEU A 12 3.44 4.45 -3.60
C LEU A 12 2.66 3.15 -3.81
N PRO A 13 3.36 2.03 -4.11
CA PRO A 13 2.72 0.74 -4.33
C PRO A 13 1.73 0.36 -3.25
N PRO A 14 2.04 0.63 -1.97
CA PRO A 14 1.16 0.29 -0.86
C PRO A 14 0.20 1.41 -0.49
N ILE A 15 -0.90 1.52 -1.22
CA ILE A 15 -1.90 2.56 -0.96
C ILE A 15 -2.78 2.20 0.24
N ILE A 16 -3.23 0.95 0.27
CA ILE A 16 -4.09 0.47 1.35
C ILE A 16 -3.30 0.27 2.64
N LEU A 17 -2.08 -0.24 2.50
CA LEU A 17 -1.20 -0.48 3.65
C LEU A 17 -0.74 0.82 4.29
N ASP A 18 -1.14 1.93 3.69
CA ASP A 18 -0.78 3.24 4.18
C ASP A 18 -1.90 4.24 3.87
N ALA A 19 -3.08 3.71 3.55
CA ALA A 19 -4.24 4.53 3.28
C ALA A 19 -4.87 4.94 4.60
N GLY A 20 -5.02 3.95 5.47
CA GLY A 20 -5.59 4.20 6.78
C GLY A 20 -4.91 3.40 7.88
N TYR A 21 -3.90 2.60 7.51
CA TYR A 21 -3.13 1.76 8.44
C TYR A 21 -4.01 0.79 9.24
N PHE A 22 -5.05 1.30 9.88
CA PHE A 22 -5.93 0.46 10.68
C PHE A 22 -7.12 -0.03 9.88
N LEU A 23 -7.06 0.13 8.55
CA LEU A 23 -8.14 -0.31 7.68
C LEU A 23 -8.16 -1.83 7.59
N PRO A 24 -6.99 -2.46 7.34
CA PRO A 24 -6.88 -3.92 7.25
C PRO A 24 -7.56 -4.64 8.41
N LEU A 25 -7.66 -3.95 9.54
CA LEU A 25 -8.29 -4.52 10.72
C LEU A 25 -9.79 -4.71 10.51
N ARG A 26 -10.49 -3.62 10.26
CA ARG A 26 -11.93 -3.66 10.03
C ARG A 26 -12.25 -3.93 8.57
N HSL A 27 -11.50 -4.94 7.98
CA HSL A 27 -11.68 -5.33 6.59
C HSL A 27 -12.13 -6.77 6.45
O HSL A 27 -12.92 -7.36 7.14
CB HSL A 27 -10.40 -5.28 5.77
CG HSL A 27 -10.63 -6.41 4.78
OD HSL A 27 -11.49 -7.33 5.41
H HSL A 27 -10.82 -5.41 8.57
HA HSL A 27 -12.47 -4.72 6.09
HB2 HSL A 27 -10.30 -4.30 5.24
HB3 HSL A 27 -9.51 -5.48 6.40
HG2 HSL A 27 -11.17 -6.05 3.87
HG3 HSL A 27 -9.69 -6.95 4.49
N PHE A 1 10.74 -2.34 -11.61
CA PHE A 1 9.86 -3.51 -11.77
C PHE A 1 8.43 -3.19 -11.37
N LEU A 2 7.47 -3.89 -11.97
CA LEU A 2 6.06 -3.68 -11.67
C LEU A 2 5.70 -4.24 -10.30
N GLN A 3 6.51 -5.18 -9.81
CA GLN A 3 6.28 -5.79 -8.51
C GLN A 3 4.91 -6.48 -8.45
N SER A 4 4.34 -6.76 -9.61
CA SER A 4 3.04 -7.42 -9.70
C SER A 4 1.90 -6.45 -9.34
N ASP A 5 2.24 -5.28 -8.82
CA ASP A 5 1.24 -4.29 -8.45
C ASP A 5 0.75 -3.54 -9.69
N VAL A 6 1.67 -2.81 -10.32
CA VAL A 6 1.38 -2.03 -11.52
C VAL A 6 0.28 -0.97 -11.30
N PHE A 7 -0.80 -1.36 -10.64
CA PHE A 7 -1.90 -0.44 -10.36
C PHE A 7 -1.50 0.58 -9.31
N PHE A 8 -0.43 0.32 -8.58
CA PHE A 8 0.04 1.24 -7.55
C PHE A 8 1.49 0.97 -7.15
N LEU A 9 2.23 0.30 -8.02
CA LEU A 9 3.64 0.03 -7.77
C LEU A 9 4.41 1.34 -7.76
N PHE A 10 3.78 2.34 -8.36
CA PHE A 10 4.35 3.68 -8.48
C PHE A 10 4.41 4.41 -7.14
N LEU A 11 3.25 4.74 -6.59
CA LEU A 11 3.21 5.47 -5.32
C LEU A 11 3.79 4.63 -4.19
N LEU A 12 3.05 3.61 -3.78
CA LEU A 12 3.48 2.75 -2.69
C LEU A 12 2.72 1.42 -2.73
N PRO A 13 3.42 0.29 -2.86
CA PRO A 13 2.79 -1.03 -2.91
C PRO A 13 1.59 -1.15 -1.97
N PRO A 14 1.76 -0.74 -0.70
CA PRO A 14 0.70 -0.80 0.29
C PRO A 14 -0.10 0.51 0.36
N ILE A 15 -0.95 0.73 -0.65
CA ILE A 15 -1.77 1.93 -0.71
C ILE A 15 -2.90 1.87 0.31
N ILE A 16 -3.56 0.72 0.36
CA ILE A 16 -4.69 0.51 1.27
C ILE A 16 -4.22 0.40 2.72
N LEU A 17 -3.13 -0.34 2.93
CA LEU A 17 -2.58 -0.50 4.27
C LEU A 17 -2.10 0.85 4.79
N ASP A 18 -1.21 1.45 4.03
CA ASP A 18 -0.66 2.76 4.37
C ASP A 18 -1.68 3.87 4.10
N ALA A 19 -2.87 3.50 3.63
CA ALA A 19 -3.91 4.48 3.35
C ALA A 19 -4.49 5.02 4.66
N GLY A 20 -5.00 4.10 5.47
CA GLY A 20 -5.56 4.47 6.75
C GLY A 20 -4.84 3.79 7.90
N TYR A 21 -3.87 2.93 7.57
CA TYR A 21 -3.09 2.19 8.57
C TYR A 21 -3.93 1.13 9.27
N PHE A 22 -5.16 1.46 9.64
CA PHE A 22 -6.04 0.51 10.31
C PHE A 22 -6.96 -0.19 9.32
N LEU A 23 -6.63 -0.07 8.03
CA LEU A 23 -7.42 -0.69 6.97
C LEU A 23 -7.05 -2.17 6.77
N PRO A 24 -5.75 -2.52 6.86
CA PRO A 24 -5.28 -3.89 6.68
C PRO A 24 -6.16 -4.91 7.41
N LEU A 25 -6.83 -4.48 8.48
CA LEU A 25 -7.69 -5.36 9.24
C LEU A 25 -8.83 -5.91 8.38
N ARG A 26 -9.05 -5.28 7.23
CA ARG A 26 -10.09 -5.69 6.31
C ARG A 26 -9.64 -5.47 4.87
N HSL A 27 -8.37 -5.90 4.57
CA HSL A 27 -7.78 -5.77 3.27
C HSL A 27 -7.44 -7.11 2.64
O HSL A 27 -8.09 -8.13 2.69
CB HSL A 27 -6.45 -5.04 3.26
CG HSL A 27 -5.71 -5.73 2.12
OD HSL A 27 -6.26 -7.02 2.01
H HSL A 27 -7.85 -6.34 5.34
HA HSL A 27 -8.47 -5.28 2.53
HB2 HSL A 27 -6.59 -3.94 3.05
HB3 HSL A 27 -5.90 -5.18 4.23
HG2 HSL A 27 -5.92 -5.23 1.14
HG3 HSL A 27 -4.61 -5.82 2.28
N PHE A 1 4.49 -8.36 -8.56
CA PHE A 1 3.54 -9.45 -8.89
C PHE A 1 3.07 -9.38 -10.33
N LEU A 2 3.44 -8.30 -11.01
CA LEU A 2 3.07 -8.08 -12.41
C LEU A 2 1.62 -7.66 -12.55
N GLN A 3 0.71 -8.32 -11.83
CA GLN A 3 -0.70 -8.00 -11.88
C GLN A 3 -0.97 -6.67 -11.19
N SER A 4 0.01 -6.20 -10.42
CA SER A 4 -0.12 -4.94 -9.70
C SER A 4 0.12 -3.73 -10.61
N ASP A 5 -0.15 -3.88 -11.91
CA ASP A 5 0.04 -2.79 -12.87
C ASP A 5 1.50 -2.66 -13.30
N VAL A 6 2.43 -3.10 -12.44
CA VAL A 6 3.86 -3.05 -12.71
C VAL A 6 4.42 -1.65 -12.42
N PHE A 7 3.81 -0.63 -13.02
CA PHE A 7 4.26 0.75 -12.80
C PHE A 7 3.98 1.17 -11.37
N PHE A 8 2.87 0.70 -10.83
CA PHE A 8 2.47 1.01 -9.46
C PHE A 8 3.27 0.20 -8.45
N LEU A 9 3.42 -1.10 -8.72
CA LEU A 9 4.19 -1.98 -7.84
C LEU A 9 5.64 -1.52 -7.81
N PHE A 10 5.91 -0.51 -8.62
CA PHE A 10 7.21 0.09 -8.74
C PHE A 10 7.51 0.97 -7.52
N LEU A 11 6.77 2.08 -7.40
CA LEU A 11 6.96 2.99 -6.27
C LEU A 11 6.52 2.35 -4.96
N LEU A 12 5.22 2.17 -4.80
CA LEU A 12 4.67 1.60 -3.58
C LEU A 12 3.25 1.07 -3.84
N PRO A 13 3.13 -0.25 -4.12
CA PRO A 13 1.83 -0.88 -4.40
C PRO A 13 0.87 -0.92 -3.21
N PRO A 14 1.35 -0.96 -1.96
CA PRO A 14 0.48 -1.02 -0.79
C PRO A 14 0.08 0.35 -0.27
N ILE A 15 -0.56 1.13 -1.13
CA ILE A 15 -1.01 2.48 -0.76
C ILE A 15 -2.26 2.42 0.10
N ILE A 16 -3.10 1.43 -0.17
CA ILE A 16 -4.35 1.24 0.56
C ILE A 16 -4.11 0.82 2.00
N LEU A 17 -3.12 -0.04 2.21
CA LEU A 17 -2.80 -0.49 3.56
C LEU A 17 -2.31 0.70 4.39
N ASP A 18 -1.21 1.29 3.93
CA ASP A 18 -0.65 2.46 4.59
C ASP A 18 -1.49 3.71 4.35
N ALA A 19 -2.62 3.56 3.65
CA ALA A 19 -3.48 4.69 3.36
C ALA A 19 -4.17 5.15 4.64
N GLY A 20 -4.94 4.23 5.24
CA GLY A 20 -5.62 4.53 6.48
C GLY A 20 -4.92 3.88 7.65
N TYR A 21 -4.12 2.85 7.35
CA TYR A 21 -3.37 2.11 8.36
C TYR A 21 -4.28 1.21 9.20
N PHE A 22 -5.59 1.41 9.09
CA PHE A 22 -6.54 0.60 9.82
C PHE A 22 -7.04 -0.57 8.97
N LEU A 23 -6.58 -0.63 7.73
CA LEU A 23 -6.96 -1.69 6.81
C LEU A 23 -6.68 -3.05 7.43
N PRO A 24 -5.45 -3.28 7.93
CA PRO A 24 -5.06 -4.55 8.57
C PRO A 24 -5.94 -4.89 9.76
N LEU A 25 -6.25 -3.87 10.56
CA LEU A 25 -7.08 -4.05 11.75
C LEU A 25 -8.49 -4.50 11.36
N ARG A 26 -9.14 -3.73 10.51
CA ARG A 26 -10.49 -4.05 10.06
C ARG A 26 -10.45 -4.96 8.83
N HSL A 27 -9.62 -6.06 8.94
CA HSL A 27 -9.47 -7.02 7.87
C HSL A 27 -9.93 -8.41 8.28
O HSL A 27 -11.06 -8.81 8.41
CB HSL A 27 -8.04 -7.25 7.44
CG HSL A 27 -7.65 -8.46 8.26
OD HSL A 27 -8.84 -9.18 8.49
H HSL A 27 -9.12 -6.16 9.83
HA HSL A 27 -10.10 -6.76 6.98
HB2 HSL A 27 -7.97 -7.47 6.33
HB3 HSL A 27 -7.39 -6.37 7.69
HG2 HSL A 27 -6.99 -9.16 7.68
HG3 HSL A 27 -7.19 -8.22 9.25
N PHE A 1 16.94 7.17 -0.65
CA PHE A 1 17.04 5.79 -1.18
C PHE A 1 15.75 5.00 -0.93
N LEU A 2 15.33 4.21 -1.91
CA LEU A 2 14.11 3.42 -1.79
C LEU A 2 12.93 4.27 -1.37
N GLN A 3 12.64 5.31 -2.15
CA GLN A 3 11.54 6.21 -1.86
C GLN A 3 11.85 7.11 -0.67
N SER A 4 13.14 7.36 -0.45
CA SER A 4 13.59 8.20 0.65
C SER A 4 13.01 7.70 1.98
N ASP A 5 13.05 6.39 2.18
CA ASP A 5 12.54 5.79 3.41
C ASP A 5 13.08 4.37 3.58
N VAL A 6 12.84 3.53 2.58
CA VAL A 6 13.27 2.14 2.58
C VAL A 6 12.53 1.37 3.66
N PHE A 7 12.66 1.80 4.90
CA PHE A 7 11.95 1.16 6.00
C PHE A 7 10.47 1.53 5.92
N PHE A 8 9.89 1.37 4.73
CA PHE A 8 8.49 1.70 4.50
C PHE A 8 7.99 1.13 3.18
N LEU A 9 8.88 1.02 2.18
CA LEU A 9 8.49 0.48 0.90
C LEU A 9 7.94 -0.93 1.12
N PHE A 10 8.54 -1.62 2.08
CA PHE A 10 8.10 -2.96 2.44
C PHE A 10 7.89 -3.84 1.22
N LEU A 11 8.80 -3.72 0.25
CA LEU A 11 8.72 -4.49 -1.00
C LEU A 11 7.84 -3.79 -2.03
N LEU A 12 6.85 -3.06 -1.54
CA LEU A 12 5.93 -2.36 -2.41
C LEU A 12 5.22 -1.25 -1.66
N PRO A 13 5.12 -0.04 -2.24
CA PRO A 13 4.46 1.10 -1.61
C PRO A 13 3.05 0.75 -1.12
N PRO A 14 2.85 0.66 0.21
CA PRO A 14 1.55 0.34 0.79
C PRO A 14 0.57 1.51 0.67
N ILE A 15 -0.05 1.63 -0.49
CA ILE A 15 -1.02 2.70 -0.73
C ILE A 15 -2.32 2.43 -0.01
N ILE A 16 -2.78 1.19 -0.12
CA ILE A 16 -4.02 0.76 0.48
C ILE A 16 -3.87 0.47 1.97
N LEU A 17 -2.81 -0.24 2.34
CA LEU A 17 -2.56 -0.56 3.74
C LEU A 17 -2.25 0.72 4.51
N ASP A 18 -1.23 1.44 4.04
CA ASP A 18 -0.83 2.69 4.67
C ASP A 18 -1.81 3.81 4.34
N ALA A 19 -2.91 3.48 3.67
CA ALA A 19 -3.92 4.48 3.32
C ALA A 19 -4.70 4.88 4.57
N GLY A 20 -5.13 3.88 5.32
CA GLY A 20 -5.86 4.12 6.54
C GLY A 20 -5.16 3.51 7.74
N TYR A 21 -4.03 2.84 7.49
CA TYR A 21 -3.21 2.18 8.51
C TYR A 21 -3.99 1.15 9.33
N PHE A 22 -5.16 1.53 9.85
CA PHE A 22 -5.96 0.60 10.65
C PHE A 22 -6.95 -0.17 9.77
N LEU A 23 -6.78 -0.05 8.45
CA LEU A 23 -7.65 -0.74 7.50
C LEU A 23 -7.39 -2.25 7.55
N PRO A 24 -6.11 -2.67 7.44
CA PRO A 24 -5.74 -4.10 7.47
C PRO A 24 -6.12 -4.76 8.78
N LEU A 25 -7.40 -5.10 8.93
CA LEU A 25 -7.88 -5.75 10.14
C LEU A 25 -7.86 -7.27 10.02
N ARG A 26 -8.66 -7.78 9.09
CA ARG A 26 -8.73 -9.22 8.86
C ARG A 26 -7.65 -9.68 7.89
N HSL A 27 -6.63 -8.78 7.68
CA HSL A 27 -5.52 -9.05 6.79
C HSL A 27 -4.19 -9.06 7.51
O HSL A 27 -3.94 -9.52 8.61
CB HSL A 27 -5.32 -8.00 5.71
CG HSL A 27 -3.81 -8.04 5.51
OD HSL A 27 -3.26 -8.48 6.73
H HSL A 27 -6.69 -7.89 8.20
HA HSL A 27 -5.61 -10.05 6.30
HB2 HSL A 27 -5.86 -8.28 4.76
HB3 HSL A 27 -5.64 -6.99 6.07
HG2 HSL A 27 -3.52 -8.82 4.76
HG3 HSL A 27 -3.36 -7.05 5.25
N PHE A 1 1.68 5.52 -13.49
CA PHE A 1 3.15 5.52 -13.74
C PHE A 1 3.57 4.43 -14.71
N LEU A 2 2.63 3.57 -15.05
CA LEU A 2 2.89 2.48 -15.98
C LEU A 2 3.88 1.49 -15.38
N GLN A 3 3.40 0.31 -15.02
CA GLN A 3 4.25 -0.73 -14.44
C GLN A 3 3.53 -2.06 -14.38
N SER A 4 2.60 -2.16 -13.46
CA SER A 4 1.81 -3.36 -13.26
C SER A 4 0.69 -3.07 -12.27
N ASP A 5 1.00 -2.23 -11.30
CA ASP A 5 0.03 -1.86 -10.29
C ASP A 5 -0.96 -0.84 -10.86
N VAL A 6 -0.43 0.28 -11.34
CA VAL A 6 -1.24 1.35 -11.93
C VAL A 6 -2.21 1.97 -10.91
N PHE A 7 -2.99 1.13 -10.23
CA PHE A 7 -3.93 1.59 -9.22
C PHE A 7 -3.22 2.06 -7.96
N PHE A 8 -1.89 1.98 -7.97
CA PHE A 8 -1.10 2.39 -6.83
C PHE A 8 0.35 2.65 -7.22
N LEU A 9 0.60 2.75 -8.53
CA LEU A 9 1.93 3.05 -9.02
C LEU A 9 2.28 4.48 -8.62
N PHE A 10 1.27 5.19 -8.14
CA PHE A 10 1.41 6.57 -7.71
C PHE A 10 2.04 6.67 -6.33
N LEU A 11 1.23 6.53 -5.29
CA LEU A 11 1.72 6.61 -3.91
C LEU A 11 2.61 5.42 -3.58
N LEU A 12 2.01 4.24 -3.55
CA LEU A 12 2.74 3.02 -3.24
C LEU A 12 1.98 1.79 -3.74
N PRO A 13 2.70 0.69 -4.04
CA PRO A 13 2.11 -0.55 -4.55
C PRO A 13 0.75 -0.88 -3.93
N PRO A 14 0.66 -0.91 -2.60
CA PRO A 14 -0.57 -1.23 -1.93
C PRO A 14 -1.52 -0.04 -1.78
N ILE A 15 -1.08 0.99 -1.05
CA ILE A 15 -1.89 2.20 -0.86
C ILE A 15 -2.95 2.02 0.24
N ILE A 16 -3.55 0.83 0.28
CA ILE A 16 -4.60 0.54 1.26
C ILE A 16 -4.02 0.38 2.67
N LEU A 17 -2.86 -0.25 2.77
CA LEU A 17 -2.22 -0.44 4.06
C LEU A 17 -1.84 0.92 4.64
N ASP A 18 -0.99 1.63 3.91
CA ASP A 18 -0.54 2.96 4.30
C ASP A 18 -1.63 4.01 4.07
N ALA A 19 -2.82 3.58 3.64
CA ALA A 19 -3.92 4.50 3.42
C ALA A 19 -4.45 5.02 4.75
N GLY A 20 -5.08 4.12 5.49
CA GLY A 20 -5.60 4.47 6.80
C GLY A 20 -4.78 3.81 7.89
N TYR A 21 -4.00 2.81 7.51
CA TYR A 21 -3.14 2.06 8.44
C TYR A 21 -3.95 1.11 9.32
N PHE A 22 -5.28 1.31 9.37
CA PHE A 22 -6.14 0.46 10.18
C PHE A 22 -6.98 -0.47 9.29
N LEU A 23 -7.15 -0.08 8.03
CA LEU A 23 -7.93 -0.87 7.07
C LEU A 23 -7.51 -2.34 7.10
N PRO A 24 -6.20 -2.64 7.15
CA PRO A 24 -5.70 -4.02 7.18
C PRO A 24 -6.15 -4.78 8.42
N LEU A 25 -7.43 -5.12 8.47
CA LEU A 25 -7.99 -5.86 9.59
C LEU A 25 -7.62 -7.33 9.50
N ARG A 26 -8.15 -8.01 8.48
CA ARG A 26 -7.86 -9.42 8.27
C ARG A 26 -6.60 -9.60 7.44
N HSL A 27 -5.56 -8.75 7.75
CA HSL A 27 -4.29 -8.78 7.06
C HSL A 27 -3.14 -9.11 7.99
O HSL A 27 -2.88 -10.19 8.47
CB HSL A 27 -3.88 -7.44 6.46
CG HSL A 27 -2.95 -6.89 7.53
OD HSL A 27 -2.42 -8.00 8.22
H HSL A 27 -5.74 -8.07 8.50
HA HSL A 27 -4.27 -9.56 6.26
HB2 HSL A 27 -3.33 -7.58 5.48
HB3 HSL A 27 -4.76 -6.77 6.32
HG2 HSL A 27 -2.06 -6.37 7.08
HG3 HSL A 27 -3.45 -6.23 8.27
N PHE A 1 -0.86 14.44 -1.63
CA PHE A 1 0.17 14.36 -0.57
C PHE A 1 1.49 13.81 -1.12
N LEU A 2 2.47 13.66 -0.24
CA LEU A 2 3.78 13.15 -0.62
C LEU A 2 4.59 12.73 0.60
N GLN A 3 5.72 12.07 0.36
CA GLN A 3 6.59 11.62 1.44
C GLN A 3 7.93 11.13 0.90
N SER A 4 7.98 9.87 0.49
CA SER A 4 9.21 9.29 -0.05
C SER A 4 9.43 9.72 -1.50
N ASP A 5 9.41 11.04 -1.73
CA ASP A 5 9.62 11.58 -3.07
C ASP A 5 8.38 11.42 -3.95
N VAL A 6 7.65 10.31 -3.77
CA VAL A 6 6.45 10.02 -4.55
C VAL A 6 6.83 9.46 -5.91
N PHE A 7 7.62 10.20 -6.67
CA PHE A 7 8.06 9.75 -7.98
C PHE A 7 9.11 8.65 -7.86
N PHE A 8 8.94 7.79 -6.85
CA PHE A 8 9.86 6.68 -6.62
C PHE A 8 9.25 5.66 -5.65
N LEU A 9 8.33 6.12 -4.80
CA LEU A 9 7.64 5.23 -3.86
C LEU A 9 6.83 4.20 -4.64
N PHE A 10 6.89 4.34 -5.96
CA PHE A 10 6.19 3.48 -6.89
C PHE A 10 6.78 2.07 -6.89
N LEU A 11 7.93 1.90 -6.24
CA LEU A 11 8.57 0.59 -6.17
C LEU A 11 7.68 -0.38 -5.39
N LEU A 12 6.95 0.16 -4.43
CA LEU A 12 6.06 -0.64 -3.60
C LEU A 12 5.01 0.27 -2.94
N PRO A 13 4.12 0.85 -3.76
CA PRO A 13 3.08 1.77 -3.28
C PRO A 13 2.11 1.13 -2.29
N PRO A 14 2.22 1.52 -1.01
CA PRO A 14 1.33 1.02 0.05
C PRO A 14 -0.01 1.74 0.02
N ILE A 15 -0.93 1.24 -0.80
CA ILE A 15 -2.24 1.85 -0.95
C ILE A 15 -3.12 1.65 0.29
N ILE A 16 -3.43 0.40 0.59
CA ILE A 16 -4.28 0.06 1.72
C ILE A 16 -3.55 0.23 3.05
N LEU A 17 -2.27 -0.16 3.07
CA LEU A 17 -1.47 -0.04 4.28
C LEU A 17 -1.32 1.43 4.65
N ASP A 18 -0.71 2.18 3.75
CA ASP A 18 -0.50 3.61 3.95
C ASP A 18 -1.80 4.39 3.76
N ALA A 19 -2.90 3.68 3.47
CA ALA A 19 -4.19 4.33 3.29
C ALA A 19 -4.66 4.82 4.65
N GLY A 20 -5.05 3.87 5.49
CA GLY A 20 -5.48 4.19 6.84
C GLY A 20 -4.69 3.40 7.87
N TYR A 21 -3.88 2.46 7.38
CA TYR A 21 -3.05 1.62 8.24
C TYR A 21 -3.88 0.62 9.06
N PHE A 22 -4.85 1.12 9.81
CA PHE A 22 -5.69 0.26 10.63
C PHE A 22 -7.00 -0.12 9.92
N LEU A 23 -7.04 0.06 8.60
CA LEU A 23 -8.24 -0.27 7.83
C LEU A 23 -8.27 -1.77 7.52
N PRO A 24 -7.15 -2.33 7.03
CA PRO A 24 -7.07 -3.77 6.71
C PRO A 24 -7.56 -4.64 7.85
N LEU A 25 -7.79 -5.92 7.55
CA LEU A 25 -8.27 -6.88 8.55
C LEU A 25 -9.78 -6.78 8.75
N ARG A 26 -10.38 -5.73 8.18
CA ARG A 26 -11.82 -5.52 8.28
C ARG A 26 -12.29 -4.75 7.06
N HSL A 27 -11.59 -5.01 5.91
CA HSL A 27 -11.88 -4.38 4.65
C HSL A 27 -12.29 -5.37 3.57
O HSL A 27 -13.01 -6.33 3.71
CB HSL A 27 -10.68 -3.67 4.03
CG HSL A 27 -10.93 -3.87 2.54
OD HSL A 27 -11.71 -5.02 2.42
H HSL A 27 -10.82 -5.69 5.99
HA HSL A 27 -12.74 -3.66 4.73
HB2 HSL A 27 -10.68 -2.57 4.31
HB3 HSL A 27 -9.72 -4.15 4.35
HG2 HSL A 27 -11.55 -3.03 2.12
HG3 HSL A 27 -9.99 -4.00 1.95
N PHE A 1 -4.20 8.92 -9.37
CA PHE A 1 -3.73 7.51 -9.34
C PHE A 1 -2.84 7.20 -10.53
N LEU A 2 -2.13 6.08 -10.43
CA LEU A 2 -1.23 5.65 -11.50
C LEU A 2 -0.10 6.66 -11.71
N GLN A 3 1.13 6.15 -11.79
CA GLN A 3 2.30 7.00 -12.00
C GLN A 3 3.55 6.16 -12.24
N SER A 4 3.69 5.08 -11.47
CA SER A 4 4.84 4.19 -11.59
C SER A 4 4.71 3.26 -12.80
N ASP A 5 4.44 3.83 -13.97
CA ASP A 5 4.30 3.06 -15.20
C ASP A 5 2.96 2.32 -15.26
N VAL A 6 2.41 1.96 -14.10
CA VAL A 6 1.14 1.24 -14.01
C VAL A 6 1.36 -0.27 -13.96
N PHE A 7 2.28 -0.76 -14.79
CA PHE A 7 2.59 -2.18 -14.84
C PHE A 7 3.29 -2.63 -13.55
N PHE A 8 4.02 -1.69 -12.94
CA PHE A 8 4.73 -1.96 -11.71
C PHE A 8 3.78 -2.19 -10.55
N LEU A 9 2.95 -1.19 -10.28
CA LEU A 9 1.96 -1.28 -9.22
C LEU A 9 0.90 -2.31 -9.58
N PHE A 10 1.06 -2.88 -10.76
CA PHE A 10 0.14 -3.88 -11.29
C PHE A 10 0.31 -5.22 -10.57
N LEU A 11 1.54 -5.53 -10.16
CA LEU A 11 1.80 -6.78 -9.46
C LEU A 11 1.12 -6.79 -8.10
N LEU A 12 1.26 -5.68 -7.38
CA LEU A 12 0.68 -5.55 -6.06
C LEU A 12 0.57 -4.08 -5.68
N PRO A 13 -0.52 -3.42 -6.07
CA PRO A 13 -0.74 -1.99 -5.78
C PRO A 13 -0.91 -1.70 -4.29
N PRO A 14 0.08 -1.03 -3.69
CA PRO A 14 0.05 -0.66 -2.26
C PRO A 14 -0.88 0.53 -2.04
N ILE A 15 -0.56 1.39 -1.06
CA ILE A 15 -1.37 2.58 -0.74
C ILE A 15 -2.49 2.27 0.23
N ILE A 16 -3.10 1.11 0.05
CA ILE A 16 -4.22 0.70 0.85
C ILE A 16 -3.84 0.37 2.29
N LEU A 17 -2.70 -0.26 2.48
CA LEU A 17 -2.23 -0.57 3.82
C LEU A 17 -1.93 0.71 4.57
N ASP A 18 -1.06 1.53 3.97
CA ASP A 18 -0.68 2.81 4.54
C ASP A 18 -1.78 3.85 4.32
N ALA A 19 -2.88 3.45 3.68
CA ALA A 19 -3.99 4.37 3.43
C ALA A 19 -4.72 4.66 4.73
N GLY A 20 -5.50 3.69 5.19
CA GLY A 20 -6.22 3.85 6.43
C GLY A 20 -5.36 3.42 7.61
N TYR A 21 -4.30 2.65 7.31
CA TYR A 21 -3.37 2.16 8.32
C TYR A 21 -4.04 1.11 9.22
N PHE A 22 -5.15 1.49 9.85
CA PHE A 22 -5.88 0.57 10.72
C PHE A 22 -6.98 -0.15 9.95
N LEU A 23 -6.91 -0.11 8.62
CA LEU A 23 -7.91 -0.76 7.79
C LEU A 23 -7.58 -2.25 7.63
N PRO A 24 -6.31 -2.59 7.32
CA PRO A 24 -5.88 -3.98 7.15
C PRO A 24 -5.82 -4.72 8.48
N LEU A 25 -6.88 -5.46 8.80
CA LEU A 25 -6.92 -6.21 10.04
C LEU A 25 -6.21 -7.55 9.88
N ARG A 26 -6.83 -8.46 9.15
CA ARG A 26 -6.25 -9.78 8.91
C ARG A 26 -5.39 -9.76 7.66
N HSL A 27 -4.93 -8.51 7.27
CA HSL A 27 -4.10 -8.31 6.11
C HSL A 27 -2.73 -7.73 6.47
O HSL A 27 -2.04 -8.03 7.42
CB HSL A 27 -4.65 -7.30 5.12
CG HSL A 27 -3.39 -6.67 4.57
OD HSL A 27 -2.40 -6.81 5.56
H HSL A 27 -5.20 -7.72 7.87
HA HSL A 27 -3.88 -9.26 5.58
HB2 HSL A 27 -5.24 -7.81 4.31
HB3 HSL A 27 -5.28 -6.54 5.63
HG2 HSL A 27 -3.00 -7.23 3.67
HG3 HSL A 27 -3.49 -5.58 4.32
N PHE A 1 0.51 0.00 -15.10
CA PHE A 1 -0.73 -0.76 -14.81
C PHE A 1 -0.48 -1.88 -13.82
N LEU A 2 0.17 -2.95 -14.28
CA LEU A 2 0.48 -4.09 -13.43
C LEU A 2 1.43 -5.06 -14.14
N GLN A 3 2.71 -4.73 -14.14
CA GLN A 3 3.71 -5.58 -14.78
C GLN A 3 5.12 -5.15 -14.41
N SER A 4 5.49 -5.41 -13.16
CA SER A 4 6.80 -5.06 -12.65
C SER A 4 7.03 -5.78 -11.33
N ASP A 5 6.75 -7.08 -11.32
CA ASP A 5 6.90 -7.89 -10.12
C ASP A 5 5.75 -7.63 -9.14
N VAL A 6 5.60 -6.38 -8.74
CA VAL A 6 4.54 -5.99 -7.81
C VAL A 6 4.81 -6.51 -6.39
N PHE A 7 5.16 -7.78 -6.28
CA PHE A 7 5.44 -8.40 -4.99
C PHE A 7 6.78 -7.96 -4.42
N PHE A 8 7.49 -7.10 -5.15
CA PHE A 8 8.79 -6.61 -4.70
C PHE A 8 9.25 -5.40 -5.51
N LEU A 9 8.35 -4.80 -6.28
CA LEU A 9 8.68 -3.63 -7.06
C LEU A 9 8.98 -2.49 -6.11
N PHE A 10 8.20 -2.44 -5.04
CA PHE A 10 8.35 -1.41 -4.01
C PHE A 10 7.91 -0.03 -4.51
N LEU A 11 7.41 0.04 -5.74
CA LEU A 11 6.95 1.31 -6.30
C LEU A 11 5.69 1.79 -5.57
N LEU A 12 4.68 0.93 -5.57
CA LEU A 12 3.42 1.24 -4.92
C LEU A 12 2.63 -0.05 -4.61
N PRO A 13 3.26 -1.03 -3.95
CA PRO A 13 2.60 -2.30 -3.60
C PRO A 13 1.39 -2.11 -2.71
N PRO A 14 1.53 -1.33 -1.62
CA PRO A 14 0.44 -1.10 -0.69
C PRO A 14 -0.46 0.08 -1.08
N ILE A 15 -0.21 1.26 -0.49
CA ILE A 15 -1.01 2.45 -0.78
C ILE A 15 -2.31 2.44 0.00
N ILE A 16 -3.08 1.37 -0.18
CA ILE A 16 -4.35 1.22 0.49
C ILE A 16 -4.17 0.73 1.93
N LEU A 17 -3.13 -0.07 2.13
CA LEU A 17 -2.83 -0.59 3.46
C LEU A 17 -2.40 0.56 4.36
N ASP A 18 -1.29 1.19 3.99
CA ASP A 18 -0.77 2.34 4.73
C ASP A 18 -1.58 3.59 4.44
N ALA A 19 -2.70 3.45 3.72
CA ALA A 19 -3.55 4.59 3.41
C ALA A 19 -4.24 5.07 4.68
N GLY A 20 -5.03 4.18 5.26
CA GLY A 20 -5.72 4.50 6.49
C GLY A 20 -5.02 3.86 7.68
N TYR A 21 -4.15 2.88 7.38
CA TYR A 21 -3.39 2.15 8.40
C TYR A 21 -4.29 1.26 9.26
N PHE A 22 -5.60 1.44 9.15
CA PHE A 22 -6.55 0.63 9.90
C PHE A 22 -7.02 -0.55 9.06
N LEU A 23 -6.70 -0.51 7.77
CA LEU A 23 -7.07 -1.58 6.84
C LEU A 23 -6.61 -2.94 7.36
N PRO A 24 -5.37 -3.02 7.90
CA PRO A 24 -4.81 -4.28 8.43
C PRO A 24 -5.69 -4.90 9.52
N LEU A 25 -6.81 -5.47 9.11
CA LEU A 25 -7.72 -6.12 10.04
C LEU A 25 -7.47 -7.62 10.07
N ARG A 26 -7.40 -8.21 8.88
CA ARG A 26 -7.15 -9.63 8.74
C ARG A 26 -5.64 -9.88 8.71
N HSL A 27 -4.87 -8.90 9.31
CA HSL A 27 -3.43 -8.97 9.38
C HSL A 27 -2.93 -9.04 10.82
O HSL A 27 -2.99 -9.98 11.57
CB HSL A 27 -2.73 -7.75 8.82
CG HSL A 27 -2.41 -6.95 10.07
OD HSL A 27 -2.37 -7.86 11.13
H HSL A 27 -5.38 -8.12 9.72
HA HSL A 27 -3.03 -9.90 8.89
HB2 HSL A 27 -1.78 -8.04 8.27
HB3 HSL A 27 -3.40 -7.17 8.13
HG2 HSL A 27 -1.39 -6.49 10.01
HG3 HSL A 27 -3.18 -6.16 10.30
N PHE A 1 15.45 2.39 -5.82
CA PHE A 1 15.29 3.87 -5.80
C PHE A 1 14.55 4.34 -4.56
N LEU A 2 14.04 3.39 -3.80
CA LEU A 2 13.29 3.70 -2.59
C LEU A 2 12.01 4.46 -2.91
N GLN A 3 11.04 4.37 -2.01
CA GLN A 3 9.76 5.06 -2.20
C GLN A 3 8.93 5.02 -0.92
N SER A 4 8.52 3.81 -0.52
CA SER A 4 7.72 3.63 0.68
C SER A 4 8.57 3.67 1.95
N ASP A 5 9.74 4.31 1.87
CA ASP A 5 10.64 4.41 3.02
C ASP A 5 11.40 3.11 3.27
N VAL A 6 11.12 2.08 2.47
CA VAL A 6 11.78 0.78 2.62
C VAL A 6 11.10 -0.04 3.71
N PHE A 7 10.98 0.54 4.90
CA PHE A 7 10.34 -0.12 6.03
C PHE A 7 8.82 -0.08 5.89
N PHE A 8 8.34 -0.15 4.65
CA PHE A 8 6.90 -0.12 4.39
C PHE A 8 6.58 -0.48 2.94
N LEU A 9 7.58 -0.43 2.06
CA LEU A 9 7.36 -0.78 0.66
C LEU A 9 6.87 -2.21 0.58
N PHE A 10 7.38 -3.04 1.49
CA PHE A 10 6.98 -4.44 1.58
C PHE A 10 6.97 -5.10 0.21
N LEU A 11 7.93 -4.75 -0.64
CA LEU A 11 8.03 -5.30 -1.99
C LEU A 11 7.16 -4.54 -2.97
N LEU A 12 6.10 -3.93 -2.45
CA LEU A 12 5.17 -3.20 -3.28
C LEU A 12 4.39 -2.19 -2.45
N PRO A 13 4.28 -0.94 -2.92
CA PRO A 13 3.57 0.11 -2.19
C PRO A 13 2.14 -0.27 -1.84
N PRO A 14 1.81 -0.29 -0.54
CA PRO A 14 0.49 -0.63 -0.05
C PRO A 14 -0.38 0.61 0.09
N ILE A 15 -1.32 0.75 -0.82
CA ILE A 15 -2.23 1.89 -0.83
C ILE A 15 -3.19 1.85 0.35
N ILE A 16 -3.69 0.65 0.60
CA ILE A 16 -4.66 0.42 1.67
C ILE A 16 -4.02 0.46 3.05
N LEU A 17 -2.89 -0.22 3.22
CA LEU A 17 -2.20 -0.21 4.51
C LEU A 17 -1.68 1.19 4.77
N ASP A 18 -1.00 1.74 3.78
CA ASP A 18 -0.46 3.09 3.87
C ASP A 18 -1.59 4.13 3.76
N ALA A 19 -2.81 3.66 3.50
CA ALA A 19 -3.95 4.55 3.39
C ALA A 19 -4.34 5.07 4.77
N GLY A 20 -4.89 4.16 5.58
CA GLY A 20 -5.28 4.51 6.92
C GLY A 20 -4.50 3.72 7.96
N TYR A 21 -3.85 2.64 7.52
CA TYR A 21 -3.06 1.78 8.40
C TYR A 21 -3.94 0.85 9.23
N PHE A 22 -5.09 1.36 9.66
CA PHE A 22 -6.02 0.56 10.45
C PHE A 22 -7.11 -0.04 9.58
N LEU A 23 -6.79 -0.28 8.31
CA LEU A 23 -7.75 -0.86 7.37
C LEU A 23 -7.50 -2.35 7.15
N PRO A 24 -6.26 -2.74 6.79
CA PRO A 24 -5.90 -4.14 6.55
C PRO A 24 -5.70 -4.92 7.84
N LEU A 25 -5.28 -4.23 8.90
CA LEU A 25 -5.04 -4.87 10.19
C LEU A 25 -6.34 -5.37 10.79
N ARG A 26 -7.27 -4.45 11.04
CA ARG A 26 -8.56 -4.80 11.61
C ARG A 26 -9.58 -5.09 10.52
N HSL A 27 -9.16 -5.98 9.55
CA HSL A 27 -10.01 -6.37 8.43
C HSL A 27 -10.30 -7.86 8.43
O HSL A 27 -11.05 -8.46 9.16
CB HSL A 27 -9.38 -6.15 7.06
CG HSL A 27 -8.79 -7.51 6.76
OD HSL A 27 -9.58 -8.44 7.46
H HSL A 27 -8.22 -6.36 9.65
HA HSL A 27 -11.00 -5.87 8.47
HB2 HSL A 27 -10.16 -5.86 6.31
HB3 HSL A 27 -8.57 -5.37 7.11
HG2 HSL A 27 -8.92 -7.77 5.67
HG3 HSL A 27 -7.73 -7.63 7.08
N PHE A 1 -8.02 2.97 -4.12
CA PHE A 1 -8.60 2.60 -5.43
C PHE A 1 -8.40 3.70 -6.46
N LEU A 2 -7.99 3.31 -7.67
CA LEU A 2 -7.75 4.26 -8.75
C LEU A 2 -7.69 3.54 -10.09
N GLN A 3 -7.63 4.33 -11.17
CA GLN A 3 -7.58 3.78 -12.52
C GLN A 3 -8.63 2.71 -12.72
N SER A 4 -9.72 2.82 -11.97
CA SER A 4 -10.83 1.86 -12.04
C SER A 4 -10.33 0.43 -12.09
N ASP A 5 -9.38 0.12 -11.22
CA ASP A 5 -8.82 -1.21 -11.13
C ASP A 5 -8.05 -1.36 -9.82
N VAL A 6 -6.99 -0.58 -9.68
CA VAL A 6 -6.13 -0.60 -8.49
C VAL A 6 -5.30 -1.88 -8.44
N PHE A 7 -5.87 -3.00 -8.88
CA PHE A 7 -5.17 -4.27 -8.91
C PHE A 7 -4.18 -4.31 -10.08
N PHE A 8 -3.87 -3.15 -10.64
CA PHE A 8 -2.94 -3.07 -11.76
C PHE A 8 -2.42 -1.65 -11.96
N LEU A 9 -2.84 -0.72 -11.11
CA LEU A 9 -2.37 0.65 -11.20
C LEU A 9 -0.89 0.67 -10.91
N PHE A 10 -0.52 -0.06 -9.86
CA PHE A 10 0.88 -0.17 -9.45
C PHE A 10 1.46 1.18 -9.03
N LEU A 11 0.60 2.20 -8.94
CA LEU A 11 1.05 3.53 -8.53
C LEU A 11 1.45 3.54 -7.06
N LEU A 12 0.87 2.64 -6.29
CA LEU A 12 1.15 2.57 -4.87
C LEU A 12 0.78 1.21 -4.30
N PRO A 13 1.62 0.19 -4.55
CA PRO A 13 1.40 -1.17 -4.06
C PRO A 13 0.85 -1.22 -2.64
N PRO A 14 1.46 -0.45 -1.72
CA PRO A 14 1.03 -0.42 -0.33
C PRO A 14 -0.04 0.64 -0.07
N ILE A 15 -1.16 0.50 -0.77
CA ILE A 15 -2.28 1.42 -0.62
C ILE A 15 -3.08 1.12 0.64
N ILE A 16 -3.12 -0.15 0.99
CA ILE A 16 -3.85 -0.63 2.15
C ILE A 16 -3.20 -0.17 3.45
N LEU A 17 -1.88 -0.34 3.55
CA LEU A 17 -1.17 0.09 4.75
C LEU A 17 -1.24 1.61 4.86
N ASP A 18 -0.95 2.26 3.74
CA ASP A 18 -1.00 3.72 3.67
C ASP A 18 -2.45 4.20 3.58
N ALA A 19 -3.39 3.27 3.47
CA ALA A 19 -4.81 3.62 3.39
C ALA A 19 -5.31 4.07 4.75
N GLY A 20 -5.41 3.12 5.66
CA GLY A 20 -5.85 3.41 7.01
C GLY A 20 -4.80 3.02 8.03
N TYR A 21 -3.90 2.12 7.61
CA TYR A 21 -2.81 1.63 8.44
C TYR A 21 -3.30 0.63 9.49
N PHE A 22 -4.62 0.53 9.67
CA PHE A 22 -5.19 -0.41 10.61
C PHE A 22 -5.56 -1.69 9.88
N LEU A 23 -4.62 -2.16 9.05
CA LEU A 23 -4.81 -3.36 8.25
C LEU A 23 -6.09 -3.26 7.42
N PRO A 24 -6.25 -2.17 6.66
CA PRO A 24 -7.43 -1.94 5.80
C PRO A 24 -7.50 -2.92 4.64
N LEU A 25 -7.50 -4.22 4.96
CA LEU A 25 -7.58 -5.26 3.94
C LEU A 25 -8.99 -5.81 3.84
N ARG A 26 -9.43 -6.48 4.90
CA ARG A 26 -10.78 -7.06 4.93
C ARG A 26 -11.79 -6.04 5.45
N HSL A 27 -11.64 -4.76 4.94
CA HSL A 27 -12.51 -3.66 5.32
C HSL A 27 -13.29 -3.11 4.15
O HSL A 27 -14.24 -3.62 3.58
CB HSL A 27 -11.79 -2.45 5.86
CG HSL A 27 -11.70 -1.56 4.63
OD HSL A 27 -12.77 -1.92 3.81
H HSL A 27 -10.88 -4.61 4.27
HA HSL A 27 -13.29 -3.99 6.05
HB2 HSL A 27 -12.38 -1.95 6.69
HB3 HSL A 27 -10.76 -2.72 6.24
HG2 HSL A 27 -11.86 -0.48 4.90
HG3 HSL A 27 -10.75 -1.68 4.05
#